data_8WH0
#
_entry.id   8WH0
#
_cell.length_a   1.00
_cell.length_b   1.00
_cell.length_c   1.00
_cell.angle_alpha   90.00
_cell.angle_beta   90.00
_cell.angle_gamma   90.00
#
_symmetry.space_group_name_H-M   'P 1'
#
loop_
_entity.id
_entity.type
_entity.pdbx_description
1 polymer 'Uncoating factor OPG117'
2 polymer "DNA (5'-D(P*CP*CP*CP*CP*C)-3')"
3 non-polymer 'MAGNESIUM ION'
4 non-polymer 'PHOSPHOAMINOPHOSPHONIC ACID-ADENYLATE ESTER'
#
loop_
_entity_poly.entity_id
_entity_poly.type
_entity_poly.pdbx_seq_one_letter_code
_entity_poly.pdbx_strand_id
1 'polypeptide(L)'
;MDAAIRGNDVIFVLKTIGVPSACRQNEDPRFVEAFKCDELERYIDNNPECTLFESLRDEEAYSIVRIFMDVDLDACLDEI
DYLTAIQDFIIEVSNCVARFAFTECGAIHENVIKSMRSNFSLTKSTNRDKTSFHIIFLDTYTTMDTLIAMKRTLLELSRS
SENPLTRSIDTAVYRRKTTLRVVGTRKNPNCDTIHVMQPPHDNIEDYLFTYVDMNNNSYYFSLQRRLEDLVPDKLWEPGF
ISFEDAIKRVSKIFINSIINFNDLDENNFTTVPLVIDYVTPCALCKKRSHKHPHQLSLENGAIRIYKTGNPHSCKVKIVP
LDGNKLFNIAQRILDTNSVLLTERGDHIVWINNSWKFNSEEPLITKLILSIRHQLPKEYSSELLCPRKRKTVEANIRDML
VDSVETDTYPDKLPFKNGVLDLVDGMFYSGDDAKKYTCTVSTGFKFDDTKFVEDSPEMEELMNIINDIQPLTDENKKNRE
LYEKTLSSCLCGATKGCLTFFFGETATGKSTTKRLLKSAIGDLFVETGQTILTDVLDKGPNPFIANMHLKRSVFCSELPD
FACSGSKKIRSDNIKKLTEPCVIGRPCFSNKINNRNHATIIIDTNYKPVFDRIDNALMRRIAVVRFRTHFSQPSGREAAE
NNDAYDKVKLLDEGLDGKIQNNRYRFAFLYLLVKWYKKYHIPIMKLYPTPEEIPDFAFYLKIGTLLVSSSVKHIPLMTDL
SKKGYILYDNVVTLPLTTFQQKISKYFNSRLFGHDIESFINRHKKFANVSDEYLQYIFIEDISSP
;
A,B,C,D,E,F
2 'polydeoxyribonucleotide' (DC)(DC)(DC)(DC)(DC) T
#
loop_
_chem_comp.id
_chem_comp.type
_chem_comp.name
_chem_comp.formula
ANP non-polymer 'PHOSPHOAMINOPHOSPHONIC ACID-ADENYLATE ESTER' 'C10 H17 N6 O12 P3'
DC DNA linking 2'-DEOXYCYTIDINE-5'-MONOPHOSPHATE 'C9 H14 N3 O7 P'
MG non-polymer 'MAGNESIUM ION' 'Mg 2'
#
# COMPACT_ATOMS: atom_id res chain seq x y z
N GLY A 323 5.24 44.87 -37.05
CA GLY A 323 4.27 44.75 -35.98
C GLY A 323 4.28 43.40 -35.30
N ASN A 324 5.32 43.14 -34.51
CA ASN A 324 5.47 41.87 -33.80
C ASN A 324 5.51 40.70 -34.78
N LYS A 325 6.58 40.68 -35.57
CA LYS A 325 6.85 39.63 -36.55
C LYS A 325 6.52 38.24 -36.03
N LEU A 326 6.86 37.95 -34.77
CA LEU A 326 6.63 36.61 -34.24
C LEU A 326 5.14 36.33 -34.08
N PHE A 327 4.36 37.34 -33.69
CA PHE A 327 2.91 37.16 -33.65
C PHE A 327 2.35 36.92 -35.04
N ASN A 328 2.89 37.59 -36.06
CA ASN A 328 2.43 37.36 -37.42
C ASN A 328 2.75 35.94 -37.87
N ILE A 329 3.94 35.44 -37.50
CA ILE A 329 4.29 34.06 -37.83
C ILE A 329 3.32 33.09 -37.17
N ALA A 330 3.02 33.33 -35.89
CA ALA A 330 2.05 32.47 -35.20
C ALA A 330 0.69 32.53 -35.87
N GLN A 331 0.27 33.72 -36.29
CA GLN A 331 -1.02 33.87 -36.97
C GLN A 331 -1.06 33.07 -38.27
N ARG A 332 0.01 33.14 -39.06
CA ARG A 332 0.05 32.37 -40.29
C ARG A 332 0.01 30.87 -40.02
N ILE A 333 0.79 30.40 -39.03
CA ILE A 333 0.79 28.98 -38.71
C ILE A 333 -0.61 28.55 -38.27
N LEU A 334 -1.29 29.37 -37.48
CA LEU A 334 -2.66 29.06 -37.10
C LEU A 334 -3.59 29.01 -38.30
N ASP A 335 -3.39 29.93 -39.25
CA ASP A 335 -4.22 29.94 -40.46
C ASP A 335 -4.02 28.69 -41.30
N THR A 336 -2.83 28.09 -41.24
CA THR A 336 -2.64 26.83 -41.97
C THR A 336 -3.46 25.69 -41.41
N ASN A 337 -3.89 25.77 -40.14
CA ASN A 337 -4.71 24.74 -39.52
C ASN A 337 -3.92 23.46 -39.25
N SER A 338 -2.64 23.61 -38.91
CA SER A 338 -1.76 22.47 -38.66
C SER A 338 -1.62 22.14 -37.18
N VAL A 339 -2.21 22.93 -36.29
CA VAL A 339 -2.22 22.64 -34.86
C VAL A 339 -3.65 22.75 -34.36
N LEU A 340 -4.11 21.72 -33.64
CA LEU A 340 -5.46 21.69 -33.12
C LEU A 340 -5.43 21.31 -31.65
N LEU A 341 -6.42 21.81 -30.91
CA LEU A 341 -6.62 21.46 -29.51
C LEU A 341 -7.81 20.52 -29.41
N THR A 342 -7.59 19.36 -28.80
CA THR A 342 -8.61 18.33 -28.72
C THR A 342 -9.32 18.40 -27.37
N GLU A 343 -10.44 17.68 -27.28
CA GLU A 343 -11.29 17.73 -26.11
C GLU A 343 -10.66 17.09 -24.88
N ARG A 344 -9.58 16.35 -25.03
CA ARG A 344 -8.84 15.82 -23.89
C ARG A 344 -7.73 16.74 -23.41
N GLY A 345 -7.53 17.89 -24.07
CA GLY A 345 -6.48 18.81 -23.68
C GLY A 345 -5.17 18.62 -24.41
N ASP A 346 -5.12 17.78 -25.43
CA ASP A 346 -3.89 17.55 -26.18
C ASP A 346 -3.81 18.47 -27.39
N HIS A 347 -2.60 18.84 -27.76
CA HIS A 347 -2.33 19.58 -28.98
C HIS A 347 -1.82 18.61 -30.04
N ILE A 348 -2.56 18.48 -31.13
CA ILE A 348 -2.18 17.61 -32.23
C ILE A 348 -1.62 18.46 -33.36
N VAL A 349 -0.50 18.04 -33.92
CA VAL A 349 0.17 18.75 -35.01
C VAL A 349 0.17 17.85 -36.23
N TRP A 350 0.19 18.47 -37.40
CA TRP A 350 0.17 17.77 -38.68
C TRP A 350 1.57 17.83 -39.27
N ILE A 351 2.36 16.78 -39.05
CA ILE A 351 3.73 16.70 -39.52
C ILE A 351 3.89 15.41 -40.32
N ASN A 352 4.44 15.54 -41.53
CA ASN A 352 4.80 14.38 -42.35
C ASN A 352 3.57 13.54 -42.72
N ASN A 353 2.43 14.19 -42.94
CA ASN A 353 1.23 13.53 -43.43
C ASN A 353 0.58 12.66 -42.34
N SER A 354 0.61 13.12 -41.10
CA SER A 354 -0.13 12.43 -40.04
C SER A 354 -0.32 13.37 -38.86
N TRP A 355 -1.40 13.16 -38.13
CA TRP A 355 -1.64 13.89 -36.89
C TRP A 355 -0.92 13.20 -35.74
N LYS A 356 -0.14 13.96 -34.99
CA LYS A 356 0.66 13.41 -33.91
C LYS A 356 0.51 14.26 -32.66
N PHE A 357 0.65 13.62 -31.51
CA PHE A 357 0.68 14.32 -30.23
C PHE A 357 1.56 13.55 -29.26
N ASN A 358 2.05 14.27 -28.25
CA ASN A 358 2.87 13.67 -27.21
C ASN A 358 2.60 14.43 -25.92
N SER A 359 1.86 13.82 -25.01
CA SER A 359 1.50 14.52 -23.76
C SER A 359 2.74 14.86 -22.95
N GLU A 360 3.68 13.93 -22.84
CA GLU A 360 4.90 14.17 -22.08
C GLU A 360 5.81 15.20 -22.72
N GLU A 361 5.65 15.46 -24.02
CA GLU A 361 6.53 16.41 -24.71
C GLU A 361 5.79 16.99 -25.91
N PRO A 362 5.30 18.22 -25.83
CA PRO A 362 4.57 18.80 -26.97
C PRO A 362 5.45 18.90 -28.20
N LEU A 363 4.82 18.77 -29.38
CA LEU A 363 5.51 18.76 -30.66
C LEU A 363 5.25 20.02 -31.47
N ILE A 364 4.90 21.12 -30.80
CA ILE A 364 4.56 22.35 -31.52
C ILE A 364 5.80 22.99 -32.14
N THR A 365 6.92 23.01 -31.41
CA THR A 365 8.13 23.60 -31.96
C THR A 365 8.69 22.76 -33.10
N LYS A 366 8.48 21.44 -33.05
CA LYS A 366 8.81 20.62 -34.20
C LYS A 366 8.02 21.04 -35.43
N LEU A 367 6.72 21.30 -35.25
CA LEU A 367 5.91 21.79 -36.35
C LEU A 367 6.41 23.15 -36.85
N ILE A 368 6.78 24.04 -35.94
CA ILE A 368 7.26 25.35 -36.36
C ILE A 368 8.50 25.22 -37.23
N LEU A 369 9.46 24.41 -36.76
CA LEU A 369 10.69 24.20 -37.53
C LEU A 369 10.40 23.56 -38.88
N SER A 370 9.51 22.57 -38.91
CA SER A 370 9.22 21.88 -40.17
C SER A 370 8.49 22.78 -41.15
N ILE A 371 7.59 23.64 -40.65
CA ILE A 371 6.77 24.49 -41.50
C ILE A 371 7.47 25.78 -41.91
N ARG A 372 8.62 26.08 -41.32
CA ARG A 372 9.33 27.30 -41.71
C ARG A 372 9.52 27.43 -43.21
N HIS A 373 9.42 26.36 -43.98
CA HIS A 373 9.66 26.41 -45.42
C HIS A 373 8.47 26.96 -46.21
N GLN A 374 7.29 27.02 -45.61
CA GLN A 374 6.09 27.49 -46.31
C GLN A 374 5.84 28.98 -46.12
N LEU A 375 6.71 29.69 -45.42
CA LEU A 375 6.54 31.10 -45.10
C LEU A 375 7.48 31.96 -45.93
N PRO A 376 7.24 33.28 -45.95
CA PRO A 376 8.14 34.18 -46.69
C PRO A 376 9.60 34.02 -46.28
N LYS A 377 10.51 34.58 -47.08
CA LYS A 377 11.93 34.38 -46.82
C LYS A 377 12.36 35.01 -45.50
N GLU A 378 11.86 36.21 -45.20
CA GLU A 378 12.28 36.89 -43.98
C GLU A 378 11.72 36.23 -42.74
N TYR A 379 10.55 35.59 -42.85
CA TYR A 379 9.96 34.92 -41.69
C TYR A 379 10.66 33.60 -41.39
N SER A 380 11.19 32.92 -42.41
CA SER A 380 11.81 31.63 -42.20
C SER A 380 13.11 31.73 -41.39
N SER A 381 13.86 32.81 -41.57
CA SER A 381 15.14 32.94 -40.88
C SER A 381 14.99 33.21 -39.39
N GLU A 382 13.80 33.64 -38.95
CA GLU A 382 13.57 33.83 -37.52
C GLU A 382 13.39 32.52 -36.78
N LEU A 383 13.00 31.46 -37.48
CA LEU A 383 12.61 30.21 -36.84
C LEU A 383 13.79 29.24 -36.65
N LEU A 384 15.01 29.69 -36.91
CA LEU A 384 16.19 28.87 -36.66
C LEU A 384 16.72 29.03 -35.25
N CYS A 385 16.18 29.95 -34.46
CA CYS A 385 16.51 30.15 -33.06
C CYS A 385 15.48 29.47 -32.17
N PRO A 386 15.89 28.58 -31.27
CA PRO A 386 14.91 27.93 -30.39
C PRO A 386 14.12 28.89 -29.52
N ARG A 387 14.71 30.01 -29.09
CA ARG A 387 13.99 30.96 -28.26
C ARG A 387 12.79 31.55 -29.01
N LYS A 388 12.99 31.91 -30.28
CA LYS A 388 11.91 32.48 -31.06
C LYS A 388 10.85 31.44 -31.38
N ARG A 389 11.26 30.19 -31.58
CA ARG A 389 10.28 29.12 -31.74
C ARG A 389 9.43 28.97 -30.48
N LYS A 390 10.06 29.10 -29.31
CA LYS A 390 9.30 29.02 -28.06
C LYS A 390 8.34 30.20 -27.91
N THR A 391 8.76 31.39 -28.32
CA THR A 391 7.86 32.54 -28.31
C THR A 391 6.66 32.32 -29.22
N VAL A 392 6.92 31.82 -30.43
CA VAL A 392 5.83 31.54 -31.37
C VAL A 392 4.90 30.47 -30.81
N GLU A 393 5.47 29.47 -30.13
CA GLU A 393 4.65 28.44 -29.52
C GLU A 393 3.76 29.00 -28.42
N ALA A 394 4.29 29.93 -27.61
CA ALA A 394 3.46 30.58 -26.60
C ALA A 394 2.31 31.34 -27.25
N ASN A 395 2.60 32.08 -28.32
CA ASN A 395 1.53 32.79 -29.03
C ASN A 395 0.48 31.82 -29.54
N ILE A 396 0.91 30.71 -30.15
CA ILE A 396 -0.03 29.72 -30.69
C ILE A 396 -0.87 29.13 -29.57
N ARG A 397 -0.26 28.83 -28.43
CA ARG A 397 -1.01 28.26 -27.31
C ARG A 397 -2.06 29.23 -26.80
N ASP A 398 -1.73 30.54 -26.76
CA ASP A 398 -2.72 31.52 -26.36
C ASP A 398 -3.80 31.71 -27.42
N MET A 399 -3.51 31.41 -28.69
CA MET A 399 -4.51 31.60 -29.74
C MET A 399 -5.56 30.48 -29.77
N LEU A 400 -5.22 29.27 -29.35
CA LEU A 400 -6.10 28.11 -29.47
C LEU A 400 -7.03 28.09 -28.27
N VAL A 401 -8.30 28.42 -28.48
CA VAL A 401 -9.29 28.52 -27.42
C VAL A 401 -10.33 27.40 -27.51
N ASP A 402 -10.87 27.16 -28.70
CA ASP A 402 -11.90 26.16 -28.89
C ASP A 402 -11.29 24.79 -29.19
N SER A 403 -12.07 23.75 -28.93
CA SER A 403 -11.66 22.37 -29.10
C SER A 403 -12.29 21.77 -30.36
N VAL A 404 -11.76 20.62 -30.78
CA VAL A 404 -12.27 19.88 -31.92
C VAL A 404 -12.43 18.42 -31.53
N GLU A 405 -13.23 17.70 -32.32
CA GLU A 405 -13.43 16.27 -32.14
C GLU A 405 -12.60 15.51 -33.16
N THR A 406 -12.07 14.37 -32.75
CA THR A 406 -11.15 13.59 -33.58
C THR A 406 -11.62 12.14 -33.66
N ASP A 407 -11.17 11.47 -34.71
CA ASP A 407 -11.41 10.03 -34.90
C ASP A 407 -12.90 9.72 -34.96
N THR A 408 -13.56 10.33 -35.95
CA THR A 408 -15.00 10.15 -36.13
C THR A 408 -15.34 9.37 -37.39
N TYR A 409 -14.35 8.94 -38.17
CA TYR A 409 -14.60 8.16 -39.38
C TYR A 409 -14.18 6.72 -39.14
N PRO A 410 -15.12 5.76 -39.02
CA PRO A 410 -14.73 4.38 -38.73
C PRO A 410 -14.16 3.62 -39.92
N ASP A 411 -14.32 4.11 -41.15
CA ASP A 411 -13.90 3.39 -42.33
C ASP A 411 -12.66 4.00 -42.98
N LYS A 412 -11.79 4.60 -42.17
CA LYS A 412 -10.52 5.15 -42.63
C LYS A 412 -9.39 4.47 -41.86
N LEU A 413 -8.37 4.02 -42.58
CA LEU A 413 -7.22 3.37 -41.97
C LEU A 413 -6.02 4.30 -42.02
N PRO A 414 -5.58 4.86 -40.89
CA PRO A 414 -4.49 5.84 -40.92
C PRO A 414 -3.13 5.16 -40.93
N PHE A 415 -2.27 5.59 -41.84
CA PHE A 415 -0.88 5.18 -41.92
C PHE A 415 0.03 6.36 -41.56
N LYS A 416 1.33 6.14 -41.62
CA LYS A 416 2.29 7.19 -41.28
C LYS A 416 2.40 8.25 -42.36
N ASN A 417 1.91 7.98 -43.57
CA ASN A 417 2.04 8.92 -44.68
C ASN A 417 0.73 9.15 -45.40
N GLY A 418 -0.40 8.77 -44.83
CA GLY A 418 -1.68 8.98 -45.48
C GLY A 418 -2.77 8.13 -44.83
N VAL A 419 -3.94 8.17 -45.46
CA VAL A 419 -5.11 7.46 -44.99
C VAL A 419 -5.66 6.61 -46.12
N LEU A 420 -6.03 5.37 -45.80
CA LEU A 420 -6.62 4.45 -46.77
C LEU A 420 -8.13 4.43 -46.59
N ASP A 421 -8.85 4.56 -47.69
CA ASP A 421 -10.32 4.50 -47.68
C ASP A 421 -10.73 3.04 -47.83
N LEU A 422 -11.36 2.50 -46.78
CA LEU A 422 -11.69 1.07 -46.79
C LEU A 422 -12.84 0.76 -47.73
N VAL A 423 -13.81 1.68 -47.85
CA VAL A 423 -14.93 1.45 -48.75
C VAL A 423 -14.48 1.52 -50.20
N ASP A 424 -13.62 2.48 -50.53
CA ASP A 424 -13.19 2.72 -51.91
C ASP A 424 -11.88 2.04 -52.26
N GLY A 425 -10.92 2.03 -51.35
CA GLY A 425 -9.59 1.53 -51.64
C GLY A 425 -8.59 2.60 -52.04
N MET A 426 -9.02 3.84 -52.15
CA MET A 426 -8.12 4.93 -52.52
C MET A 426 -7.24 5.32 -51.34
N PHE A 427 -5.99 5.68 -51.64
CA PHE A 427 -5.04 6.15 -50.64
C PHE A 427 -4.87 7.65 -50.80
N TYR A 428 -4.99 8.38 -49.69
CA TYR A 428 -4.92 9.83 -49.69
C TYR A 428 -3.68 10.31 -48.94
N SER A 429 -3.14 11.43 -49.41
CA SER A 429 -2.02 12.11 -48.77
C SER A 429 -2.29 13.61 -48.73
N GLY A 430 -1.41 14.32 -48.04
CA GLY A 430 -1.51 15.77 -48.02
C GLY A 430 -2.80 16.23 -47.35
N ASP A 431 -3.47 17.20 -47.98
CA ASP A 431 -4.70 17.74 -47.43
C ASP A 431 -5.88 16.78 -47.57
N ASP A 432 -5.80 15.82 -48.47
CA ASP A 432 -6.86 14.83 -48.60
C ASP A 432 -6.98 13.99 -47.33
N ALA A 433 -5.85 13.57 -46.78
CA ALA A 433 -5.85 12.79 -45.54
C ALA A 433 -6.02 13.65 -44.31
N LYS A 434 -5.83 14.97 -44.42
CA LYS A 434 -5.91 15.85 -43.26
C LYS A 434 -7.34 16.03 -42.77
N LYS A 435 -8.33 15.91 -43.67
CA LYS A 435 -9.71 16.16 -43.27
C LYS A 435 -10.15 15.21 -42.17
N TYR A 436 -9.79 13.93 -42.27
CA TYR A 436 -10.05 12.98 -41.21
C TYR A 436 -9.01 13.16 -40.12
N THR A 437 -9.42 13.70 -38.97
CA THR A 437 -8.51 13.96 -37.87
C THR A 437 -8.25 12.64 -37.13
N CYS A 438 -7.51 11.76 -37.80
CA CYS A 438 -7.12 10.47 -37.26
C CYS A 438 -5.87 10.66 -36.40
N THR A 439 -6.01 10.51 -35.09
CA THR A 439 -4.90 10.75 -34.17
C THR A 439 -4.09 9.50 -33.88
N VAL A 440 -4.43 8.37 -34.51
CA VAL A 440 -3.68 7.13 -34.38
C VAL A 440 -3.32 6.65 -35.77
N SER A 441 -2.33 5.77 -35.84
CA SER A 441 -1.88 5.23 -37.12
C SER A 441 -1.17 3.91 -36.88
N THR A 442 -0.93 3.18 -37.97
CA THR A 442 -0.22 1.91 -37.88
C THR A 442 1.21 2.10 -37.38
N GLY A 443 1.84 3.21 -37.76
CA GLY A 443 3.21 3.49 -37.41
C GLY A 443 4.21 3.23 -38.52
N PHE A 444 3.76 2.67 -39.64
CA PHE A 444 4.62 2.44 -40.79
C PHE A 444 3.99 3.03 -42.04
N LYS A 445 4.82 3.28 -43.03
CA LYS A 445 4.37 3.91 -44.27
C LYS A 445 3.65 2.91 -45.16
N PHE A 446 2.58 3.36 -45.79
CA PHE A 446 1.83 2.53 -46.73
C PHE A 446 2.59 2.39 -48.03
N ASP A 447 2.83 1.15 -48.45
CA ASP A 447 3.57 0.85 -49.67
C ASP A 447 2.60 0.26 -50.68
N ASP A 448 2.26 1.05 -51.71
CA ASP A 448 1.32 0.60 -52.73
C ASP A 448 1.94 -0.38 -53.71
N THR A 449 3.26 -0.52 -53.72
CA THR A 449 3.89 -1.52 -54.57
C THR A 449 3.71 -2.93 -54.01
N LYS A 450 3.58 -3.04 -52.69
CA LYS A 450 3.41 -4.33 -52.02
C LYS A 450 1.95 -4.65 -51.69
N PHE A 451 1.05 -3.67 -51.82
CA PHE A 451 -0.36 -3.87 -51.53
C PHE A 451 -1.07 -4.43 -52.78
N VAL A 452 -0.65 -5.63 -53.18
CA VAL A 452 -1.08 -6.25 -54.42
C VAL A 452 -1.59 -7.65 -54.14
N GLU A 453 -2.39 -8.17 -55.08
CA GLU A 453 -3.03 -9.46 -54.90
C GLU A 453 -2.14 -10.62 -55.32
N ASP A 454 -1.25 -10.41 -56.29
CA ASP A 454 -0.43 -11.48 -56.86
C ASP A 454 1.01 -11.27 -56.45
N SER A 455 1.59 -12.27 -55.78
CA SER A 455 2.97 -12.19 -55.31
C SER A 455 3.36 -13.52 -54.66
N PRO A 456 4.65 -13.83 -54.59
CA PRO A 456 5.06 -15.04 -53.85
C PRO A 456 4.68 -14.99 -52.38
N GLU A 457 4.80 -13.80 -51.77
CA GLU A 457 4.36 -13.65 -50.39
C GLU A 457 2.89 -13.98 -50.24
N MET A 458 2.08 -13.53 -51.20
CA MET A 458 0.65 -13.83 -51.16
C MET A 458 0.40 -15.33 -51.23
N GLU A 459 1.13 -16.03 -52.09
CA GLU A 459 0.93 -17.49 -52.21
C GLU A 459 1.33 -18.19 -50.91
N GLU A 460 2.47 -17.83 -50.34
CA GLU A 460 2.87 -18.45 -49.07
C GLU A 460 1.86 -18.17 -47.97
N LEU A 461 1.38 -16.92 -47.89
CA LEU A 461 0.42 -16.58 -46.85
C LEU A 461 -0.92 -17.29 -47.06
N MET A 462 -1.33 -17.45 -48.32
CA MET A 462 -2.55 -18.19 -48.61
C MET A 462 -2.42 -19.65 -48.18
N ASN A 463 -1.27 -20.26 -48.44
CA ASN A 463 -1.05 -21.63 -47.98
C ASN A 463 -1.10 -21.72 -46.47
N ILE A 464 -0.43 -20.78 -45.79
CA ILE A 464 -0.42 -20.80 -44.32
C ILE A 464 -1.84 -20.66 -43.78
N ILE A 465 -2.61 -19.71 -44.31
CA ILE A 465 -3.96 -19.46 -43.82
C ILE A 465 -4.85 -20.68 -44.07
N ASN A 466 -4.78 -21.25 -45.27
CA ASN A 466 -5.58 -22.44 -45.55
C ASN A 466 -5.15 -23.62 -44.70
N ASP A 467 -3.90 -23.66 -44.25
CA ASP A 467 -3.49 -24.68 -43.29
C ASP A 467 -4.15 -24.45 -41.94
N ILE A 468 -4.07 -23.22 -41.41
CA ILE A 468 -4.60 -22.94 -40.08
C ILE A 468 -6.12 -23.14 -40.06
N GLN A 469 -6.82 -22.63 -41.07
CA GLN A 469 -8.27 -22.76 -41.17
C GLN A 469 -8.62 -23.38 -42.52
N PRO A 470 -8.76 -24.70 -42.57
CA PRO A 470 -8.99 -25.37 -43.86
C PRO A 470 -10.30 -24.92 -44.51
N LEU A 471 -10.31 -24.96 -45.84
CA LEU A 471 -11.48 -24.59 -46.63
C LEU A 471 -12.37 -25.79 -46.94
N THR A 472 -12.77 -26.53 -45.90
CA THR A 472 -13.63 -27.68 -46.05
C THR A 472 -15.08 -27.27 -45.77
N ASP A 473 -15.99 -28.24 -45.84
CA ASP A 473 -17.39 -27.97 -45.56
C ASP A 473 -17.72 -28.04 -44.08
N GLU A 474 -16.94 -28.78 -43.29
CA GLU A 474 -17.12 -28.82 -41.85
C GLU A 474 -16.57 -27.58 -41.15
N ASN A 475 -15.74 -26.79 -41.84
CA ASN A 475 -15.13 -25.60 -41.27
C ASN A 475 -15.63 -24.32 -41.92
N LYS A 476 -16.71 -24.38 -42.71
CA LYS A 476 -17.17 -23.21 -43.43
C LYS A 476 -17.60 -22.10 -42.47
N LYS A 477 -18.49 -22.42 -41.52
CA LYS A 477 -18.95 -21.41 -40.59
C LYS A 477 -17.82 -20.90 -39.70
N ASN A 478 -16.99 -21.82 -39.21
CA ASN A 478 -15.86 -21.42 -38.38
C ASN A 478 -14.89 -20.54 -39.16
N ARG A 479 -14.60 -20.91 -40.40
CA ARG A 479 -13.69 -20.12 -41.23
C ARG A 479 -14.27 -18.74 -41.51
N GLU A 480 -15.58 -18.66 -41.77
CA GLU A 480 -16.21 -17.37 -42.00
C GLU A 480 -16.14 -16.49 -40.75
N LEU A 481 -16.41 -17.07 -39.58
CA LEU A 481 -16.31 -16.29 -38.35
C LEU A 481 -14.88 -15.82 -38.12
N TYR A 482 -13.90 -16.67 -38.41
CA TYR A 482 -12.49 -16.31 -38.30
C TYR A 482 -12.18 -15.11 -39.20
N GLU A 483 -12.60 -15.17 -40.47
CA GLU A 483 -12.34 -14.08 -41.40
C GLU A 483 -13.01 -12.79 -40.93
N LYS A 484 -14.27 -12.89 -40.50
CA LYS A 484 -15.01 -11.70 -40.09
C LYS A 484 -14.39 -11.06 -38.85
N THR A 485 -14.00 -11.87 -37.87
CA THR A 485 -13.37 -11.34 -36.67
C THR A 485 -12.05 -10.66 -37.00
N LEU A 486 -11.26 -11.26 -37.89
CA LEU A 486 -9.98 -10.66 -38.23
C LEU A 486 -10.16 -9.37 -39.03
N SER A 487 -11.15 -9.33 -39.93
CA SER A 487 -11.37 -8.13 -40.72
C SER A 487 -11.98 -7.00 -39.90
N SER A 488 -12.69 -7.32 -38.82
CA SER A 488 -13.27 -6.28 -37.98
C SER A 488 -12.20 -5.47 -37.25
N CYS A 489 -10.95 -5.92 -37.23
CA CYS A 489 -9.89 -5.17 -36.57
C CYS A 489 -9.49 -3.92 -37.33
N LEU A 490 -10.01 -3.71 -38.54
CA LEU A 490 -9.76 -2.49 -39.29
C LEU A 490 -10.76 -1.38 -39.00
N CYS A 491 -11.89 -1.72 -38.37
CA CYS A 491 -12.95 -0.74 -38.15
C CYS A 491 -12.69 0.10 -36.91
N GLY A 492 -12.89 1.41 -37.04
CA GLY A 492 -12.76 2.31 -35.92
C GLY A 492 -14.08 2.56 -35.21
N ALA A 493 -14.71 1.51 -34.72
CA ALA A 493 -16.01 1.60 -34.06
C ALA A 493 -16.02 0.66 -32.86
N THR A 494 -17.14 0.67 -32.14
CA THR A 494 -17.30 -0.18 -30.97
C THR A 494 -17.97 -1.49 -31.37
N LYS A 495 -17.35 -2.60 -31.01
CA LYS A 495 -17.89 -3.93 -31.28
C LYS A 495 -18.58 -4.48 -30.03
N GLY A 496 -19.61 -5.28 -30.25
CA GLY A 496 -20.44 -5.78 -29.18
C GLY A 496 -20.14 -7.18 -28.68
N CYS A 497 -19.04 -7.81 -29.13
CA CYS A 497 -18.72 -9.16 -28.71
C CYS A 497 -17.22 -9.26 -28.42
N LEU A 498 -16.90 -10.12 -27.47
CA LEU A 498 -15.53 -10.55 -27.22
C LEU A 498 -15.34 -11.94 -27.79
N THR A 499 -14.19 -12.18 -28.44
CA THR A 499 -13.97 -13.43 -29.15
C THR A 499 -12.88 -14.24 -28.47
N PHE A 500 -13.06 -15.55 -28.44
CA PHE A 500 -12.08 -16.49 -27.91
C PHE A 500 -11.52 -17.33 -29.05
N PHE A 501 -10.21 -17.25 -29.25
CA PHE A 501 -9.49 -18.17 -30.12
C PHE A 501 -9.15 -19.39 -29.27
N PHE A 502 -9.92 -20.46 -29.43
CA PHE A 502 -9.82 -21.63 -28.58
C PHE A 502 -9.19 -22.79 -29.35
N GLY A 503 -8.20 -23.42 -28.75
CA GLY A 503 -7.63 -24.58 -29.39
C GLY A 503 -6.65 -25.29 -28.48
N GLU A 504 -6.18 -26.45 -28.96
CA GLU A 504 -5.12 -27.18 -28.31
C GLU A 504 -3.78 -26.55 -28.63
N THR A 505 -2.71 -27.13 -28.11
CA THR A 505 -1.38 -26.59 -28.32
C THR A 505 -0.94 -26.79 -29.78
N ALA A 506 -0.20 -25.81 -30.29
CA ALA A 506 0.40 -25.89 -31.62
C ALA A 506 -0.66 -26.00 -32.71
N THR A 507 -1.60 -25.06 -32.71
CA THR A 507 -2.67 -25.03 -33.70
C THR A 507 -2.70 -23.76 -34.53
N GLY A 508 -1.83 -22.79 -34.24
CA GLY A 508 -1.72 -21.60 -35.06
C GLY A 508 -2.34 -20.34 -34.51
N LYS A 509 -2.71 -20.31 -33.23
CA LYS A 509 -3.34 -19.13 -32.67
C LYS A 509 -2.35 -17.97 -32.53
N SER A 510 -1.17 -18.26 -31.99
CA SER A 510 -0.14 -17.22 -31.88
C SER A 510 0.34 -16.77 -33.25
N THR A 511 0.39 -17.68 -34.22
CA THR A 511 0.76 -17.29 -35.58
C THR A 511 -0.22 -16.26 -36.14
N THR A 512 -1.52 -16.51 -35.95
CA THR A 512 -2.52 -15.54 -36.38
C THR A 512 -2.37 -14.21 -35.65
N LYS A 513 -2.15 -14.27 -34.33
CA LYS A 513 -1.96 -13.05 -33.56
C LYS A 513 -0.79 -12.22 -34.09
N ARG A 514 0.34 -12.88 -34.36
CA ARG A 514 1.52 -12.17 -34.83
C ARG A 514 1.35 -11.67 -36.26
N LEU A 515 0.64 -12.41 -37.10
CA LEU A 515 0.32 -11.92 -38.44
C LEU A 515 -0.52 -10.65 -38.37
N LEU A 516 -1.54 -10.64 -37.51
CA LEU A 516 -2.37 -9.44 -37.37
C LEU A 516 -1.56 -8.28 -36.83
N LYS A 517 -0.70 -8.53 -35.84
CA LYS A 517 0.14 -7.46 -35.31
C LYS A 517 1.03 -6.88 -36.39
N SER A 518 1.65 -7.74 -37.20
CA SER A 518 2.47 -7.26 -38.31
C SER A 518 1.65 -6.43 -39.29
N ALA A 519 0.42 -6.87 -39.58
CA ALA A 519 -0.38 -6.19 -40.58
C ALA A 519 -0.83 -4.80 -40.11
N ILE A 520 -1.22 -4.66 -38.84
CA ILE A 520 -1.86 -3.41 -38.41
C ILE A 520 -0.97 -2.59 -37.47
N GLY A 521 0.28 -2.98 -37.26
CA GLY A 521 1.21 -2.07 -36.60
C GLY A 521 0.75 -1.61 -35.23
N ASP A 522 0.73 -0.30 -35.03
CA ASP A 522 0.47 0.32 -33.74
C ASP A 522 -1.01 0.36 -33.37
N LEU A 523 -1.91 -0.04 -34.26
CA LEU A 523 -3.32 -0.14 -33.90
C LEU A 523 -3.62 -1.40 -33.10
N PHE A 524 -2.63 -2.26 -32.91
CA PHE A 524 -2.73 -3.50 -32.17
C PHE A 524 -2.12 -3.31 -30.78
N VAL A 525 -2.73 -3.92 -29.77
CA VAL A 525 -2.18 -3.83 -28.41
C VAL A 525 -2.42 -5.16 -27.69
N GLU A 526 -1.50 -5.48 -26.79
CA GLU A 526 -1.61 -6.64 -25.90
C GLU A 526 -1.79 -6.16 -24.47
N THR A 527 -2.69 -6.81 -23.75
CA THR A 527 -2.94 -6.47 -22.36
C THR A 527 -2.83 -7.71 -21.49
N GLY A 528 -2.93 -7.50 -20.18
CA GLY A 528 -2.92 -8.61 -19.23
C GLY A 528 -4.32 -9.07 -18.87
N GLN A 529 -4.38 -10.21 -18.17
CA GLN A 529 -5.66 -10.80 -17.80
C GLN A 529 -6.37 -10.01 -16.70
N THR A 530 -5.72 -9.03 -16.09
CA THR A 530 -6.35 -8.25 -15.04
C THR A 530 -7.55 -7.45 -15.54
N ILE A 531 -7.66 -7.24 -16.86
CA ILE A 531 -8.83 -6.57 -17.41
C ILE A 531 -10.03 -7.49 -17.51
N LEU A 532 -9.86 -8.77 -17.20
CA LEU A 532 -10.95 -9.74 -17.19
C LEU A 532 -11.30 -10.25 -15.80
N THR A 533 -10.41 -10.08 -14.82
CA THR A 533 -10.60 -10.63 -13.49
C THR A 533 -10.52 -9.61 -12.37
N ASP A 534 -9.98 -8.42 -12.61
CA ASP A 534 -9.82 -7.40 -11.60
C ASP A 534 -10.84 -6.28 -11.82
N VAL A 535 -10.86 -5.33 -10.90
CA VAL A 535 -11.75 -4.18 -10.97
C VAL A 535 -11.04 -3.08 -11.78
N LEU A 536 -11.75 -2.55 -12.77
CA LEU A 536 -11.13 -1.62 -13.71
C LEU A 536 -10.92 -0.23 -13.13
N ASP A 537 -11.75 0.19 -12.17
CA ASP A 537 -11.67 1.56 -11.67
C ASP A 537 -10.54 1.71 -10.65
N LYS A 538 -10.68 1.06 -9.51
CA LYS A 538 -9.64 1.02 -8.46
C LYS A 538 -8.81 2.28 -8.42
N GLY A 539 -7.50 2.15 -8.64
CA GLY A 539 -6.62 3.28 -8.75
C GLY A 539 -6.05 3.40 -10.15
N PRO A 540 -4.77 3.73 -10.26
CA PRO A 540 -4.13 3.78 -11.58
C PRO A 540 -4.17 2.42 -12.25
N ASN A 541 -4.34 2.44 -13.58
CA ASN A 541 -4.47 1.21 -14.33
C ASN A 541 -4.08 1.43 -15.80
N PRO A 542 -2.78 1.41 -16.12
CA PRO A 542 -2.38 1.56 -17.53
C PRO A 542 -2.86 0.44 -18.43
N PHE A 543 -3.11 -0.76 -17.88
CA PHE A 543 -3.52 -1.88 -18.71
C PHE A 543 -4.88 -1.67 -19.34
N ILE A 544 -5.69 -0.74 -18.83
CA ILE A 544 -6.95 -0.40 -19.45
C ILE A 544 -6.91 0.97 -20.12
N ALA A 545 -6.08 1.89 -19.64
CA ALA A 545 -5.94 3.19 -20.28
C ALA A 545 -5.12 3.14 -21.55
N ASN A 546 -4.39 2.04 -21.78
CA ASN A 546 -3.59 1.91 -23.00
C ASN A 546 -4.39 1.41 -24.18
N MET A 547 -5.66 1.05 -23.98
CA MET A 547 -6.53 0.59 -25.06
C MET A 547 -7.25 1.74 -25.77
N HIS A 548 -7.04 2.97 -25.33
CA HIS A 548 -7.74 4.13 -25.88
C HIS A 548 -7.48 4.27 -27.38
N LEU A 549 -8.55 4.11 -28.18
CA LEU A 549 -8.54 4.27 -29.63
C LEU A 549 -7.85 3.14 -30.36
N LYS A 550 -7.40 2.10 -29.66
CA LYS A 550 -6.86 0.92 -30.32
C LYS A 550 -7.97 0.16 -31.05
N ARG A 551 -7.59 -0.49 -32.15
CA ARG A 551 -8.55 -1.23 -32.96
C ARG A 551 -8.49 -2.73 -32.74
N SER A 552 -7.48 -3.21 -32.00
CA SER A 552 -7.41 -4.63 -31.65
C SER A 552 -6.70 -4.76 -30.31
N VAL A 553 -7.31 -5.52 -29.40
CA VAL A 553 -6.74 -5.81 -28.08
C VAL A 553 -6.68 -7.32 -27.92
N PHE A 554 -5.51 -7.82 -27.52
CA PHE A 554 -5.27 -9.24 -27.35
C PHE A 554 -4.94 -9.55 -25.90
N CYS A 555 -5.60 -10.58 -25.37
CA CYS A 555 -5.29 -11.16 -24.07
C CYS A 555 -4.93 -12.63 -24.29
N SER A 556 -3.85 -13.08 -23.66
CA SER A 556 -3.32 -14.41 -23.89
C SER A 556 -3.21 -15.18 -22.59
N GLU A 557 -3.12 -16.50 -22.72
CA GLU A 557 -2.80 -17.40 -21.61
C GLU A 557 -3.86 -17.29 -20.50
N LEU A 558 -5.06 -17.70 -20.84
CA LEU A 558 -6.13 -17.76 -19.84
C LEU A 558 -5.74 -18.73 -18.73
N PRO A 559 -5.75 -18.30 -17.47
CA PRO A 559 -5.45 -19.22 -16.37
C PRO A 559 -6.61 -20.14 -16.07
N ASP A 560 -6.69 -21.29 -16.77
CA ASP A 560 -7.83 -22.18 -16.67
C ASP A 560 -8.27 -22.37 -15.23
N PHE A 561 -9.58 -22.55 -15.02
CA PHE A 561 -10.18 -22.50 -13.70
C PHE A 561 -10.69 -23.86 -13.23
N ALA A 562 -10.36 -24.94 -13.94
CA ALA A 562 -10.67 -26.27 -13.45
C ALA A 562 -9.93 -26.54 -12.14
N CYS A 563 -8.66 -26.14 -12.06
CA CYS A 563 -7.95 -26.16 -10.80
C CYS A 563 -8.55 -25.14 -9.84
N SER A 564 -8.66 -25.52 -8.57
CA SER A 564 -9.32 -24.68 -7.59
C SER A 564 -8.49 -23.43 -7.32
N GLY A 565 -9.18 -22.40 -6.79
CA GLY A 565 -8.56 -21.16 -6.40
C GLY A 565 -8.42 -20.14 -7.52
N SER A 566 -8.62 -20.53 -8.77
CA SER A 566 -8.46 -19.59 -9.87
C SER A 566 -9.59 -18.57 -9.87
N LYS A 567 -9.23 -17.31 -10.12
CA LYS A 567 -10.21 -16.25 -10.21
C LYS A 567 -11.02 -16.39 -11.49
N LYS A 568 -12.34 -16.30 -11.38
CA LYS A 568 -13.21 -16.41 -12.53
C LYS A 568 -13.23 -15.10 -13.31
N ILE A 569 -13.79 -15.16 -14.52
CA ILE A 569 -13.99 -13.96 -15.33
C ILE A 569 -15.23 -13.23 -14.82
N ARG A 570 -15.10 -11.92 -14.63
CA ARG A 570 -16.20 -11.10 -14.16
C ARG A 570 -17.09 -10.71 -15.34
N SER A 571 -18.35 -11.14 -15.29
CA SER A 571 -19.29 -10.82 -16.36
C SER A 571 -19.50 -9.32 -16.49
N ASP A 572 -19.49 -8.61 -15.36
CA ASP A 572 -19.61 -7.15 -15.42
C ASP A 572 -18.42 -6.52 -16.13
N ASN A 573 -17.24 -7.14 -16.01
CA ASN A 573 -16.10 -6.68 -16.79
C ASN A 573 -16.36 -6.85 -18.29
N ILE A 574 -16.96 -7.96 -18.69
CA ILE A 574 -17.34 -8.15 -20.09
C ILE A 574 -18.29 -7.05 -20.53
N LYS A 575 -19.31 -6.78 -19.72
CA LYS A 575 -20.29 -5.77 -20.08
C LYS A 575 -19.66 -4.39 -20.19
N LYS A 576 -18.73 -4.07 -19.30
CA LYS A 576 -18.05 -2.79 -19.36
C LYS A 576 -17.12 -2.70 -20.55
N LEU A 577 -16.47 -3.80 -20.93
CA LEU A 577 -15.58 -3.82 -22.08
C LEU A 577 -16.32 -3.83 -23.41
N THR A 578 -17.63 -4.10 -23.40
CA THR A 578 -18.42 -4.04 -24.62
C THR A 578 -19.05 -2.66 -24.85
N GLU A 579 -18.81 -1.67 -23.96
CA GLU A 579 -19.44 -0.37 -24.07
C GLU A 579 -18.54 0.64 -24.79
N PRO A 580 -19.13 1.67 -25.41
CA PRO A 580 -18.33 2.62 -26.19
C PRO A 580 -17.27 3.36 -25.40
N CYS A 581 -17.44 3.51 -24.09
CA CYS A 581 -16.44 4.16 -23.25
C CYS A 581 -16.10 3.25 -22.08
N VAL A 582 -14.82 3.23 -21.72
CA VAL A 582 -14.33 2.40 -20.61
C VAL A 582 -13.69 3.33 -19.58
N ILE A 583 -14.02 3.12 -18.32
CA ILE A 583 -13.57 4.00 -17.25
C ILE A 583 -12.27 3.47 -16.66
N GLY A 584 -11.24 4.32 -16.64
CA GLY A 584 -9.93 3.97 -16.11
C GLY A 584 -8.91 5.03 -16.46
N ARG A 585 -7.90 5.22 -15.62
CA ARG A 585 -6.94 6.28 -15.84
C ARG A 585 -5.51 5.75 -15.72
N PRO A 586 -4.56 6.41 -16.39
CA PRO A 586 -3.15 6.03 -16.25
C PRO A 586 -2.50 6.68 -15.04
N CYS A 587 -1.19 6.48 -14.90
CA CYS A 587 -0.45 7.13 -13.83
C CYS A 587 -0.32 8.63 -14.12
N PHE A 588 -0.53 9.44 -13.09
CA PHE A 588 -0.37 10.89 -13.19
C PHE A 588 -1.37 11.52 -14.16
N SER A 589 -2.58 10.97 -14.23
CA SER A 589 -3.57 11.43 -15.20
C SER A 589 -4.92 11.61 -14.53
N ASN A 590 -5.68 12.60 -15.02
CA ASN A 590 -7.05 12.84 -14.60
C ASN A 590 -8.07 12.37 -15.63
N LYS A 591 -7.62 11.92 -16.79
CA LYS A 591 -8.52 11.45 -17.85
C LYS A 591 -8.98 10.05 -17.51
N ILE A 592 -10.26 9.91 -17.15
CA ILE A 592 -10.78 8.66 -16.60
C ILE A 592 -11.59 7.85 -17.60
N ASN A 593 -11.89 8.39 -18.78
CA ASN A 593 -12.69 7.71 -19.78
C ASN A 593 -11.89 7.53 -21.05
N ASN A 594 -11.95 6.33 -21.62
CA ASN A 594 -11.22 5.98 -22.82
C ASN A 594 -12.19 5.50 -23.89
N ARG A 595 -11.95 5.95 -25.12
CA ARG A 595 -12.80 5.59 -26.26
C ARG A 595 -12.48 4.16 -26.70
N ASN A 596 -13.52 3.36 -26.89
CA ASN A 596 -13.39 1.93 -27.13
C ASN A 596 -13.69 1.63 -28.60
N HIS A 597 -12.65 1.31 -29.36
CA HIS A 597 -12.77 0.96 -30.77
C HIS A 597 -12.25 -0.45 -31.07
N ALA A 598 -11.96 -1.24 -30.04
CA ALA A 598 -11.11 -2.42 -30.18
C ALA A 598 -11.92 -3.69 -30.36
N THR A 599 -11.38 -4.60 -31.18
CA THR A 599 -11.81 -5.99 -31.21
C THR A 599 -11.00 -6.76 -30.19
N ILE A 600 -11.67 -7.35 -29.21
CA ILE A 600 -11.01 -8.00 -28.09
C ILE A 600 -10.99 -9.50 -28.33
N ILE A 601 -9.78 -10.07 -28.37
CA ILE A 601 -9.58 -11.49 -28.65
C ILE A 601 -8.75 -12.09 -27.53
N ILE A 602 -9.19 -13.25 -27.03
CA ILE A 602 -8.51 -13.97 -25.96
C ILE A 602 -8.07 -15.32 -26.51
N ASP A 603 -6.77 -15.59 -26.42
CA ASP A 603 -6.19 -16.86 -26.87
C ASP A 603 -6.22 -17.86 -25.72
N THR A 604 -6.79 -19.04 -25.96
CA THR A 604 -6.98 -19.98 -24.87
C THR A 604 -6.86 -21.42 -25.35
N ASN A 605 -6.33 -22.26 -24.45
CA ASN A 605 -6.42 -23.70 -24.56
C ASN A 605 -7.60 -24.27 -23.78
N TYR A 606 -8.29 -23.45 -22.99
CA TYR A 606 -9.37 -23.88 -22.13
C TYR A 606 -10.59 -22.99 -22.34
N LYS A 607 -11.77 -23.56 -22.12
CA LYS A 607 -13.00 -22.80 -22.26
C LYS A 607 -13.16 -21.85 -21.07
N PRO A 608 -13.80 -20.70 -21.28
CA PRO A 608 -13.92 -19.73 -20.19
C PRO A 608 -14.95 -20.16 -19.15
N VAL A 609 -14.74 -19.68 -17.93
CA VAL A 609 -15.64 -19.92 -16.82
C VAL A 609 -15.93 -18.57 -16.15
N PHE A 610 -17.21 -18.24 -16.01
CA PHE A 610 -17.63 -16.95 -15.48
C PHE A 610 -18.28 -17.12 -14.12
N ASP A 611 -18.15 -16.09 -13.27
CA ASP A 611 -18.71 -16.16 -11.93
C ASP A 611 -20.23 -16.26 -11.97
N ARG A 612 -20.89 -15.49 -12.83
CA ARG A 612 -22.34 -15.51 -12.96
C ARG A 612 -22.72 -15.58 -14.43
N ILE A 613 -23.79 -16.32 -14.72
CA ILE A 613 -24.27 -16.52 -16.08
C ILE A 613 -25.68 -15.94 -16.20
N ASP A 614 -25.89 -15.12 -17.24
CA ASP A 614 -27.19 -14.56 -17.52
C ASP A 614 -27.29 -14.25 -19.01
N ASN A 615 -28.49 -13.88 -19.45
CA ASN A 615 -28.71 -13.64 -20.87
C ASN A 615 -27.94 -12.42 -21.38
N ALA A 616 -27.54 -11.51 -20.50
CA ALA A 616 -26.74 -10.37 -20.94
C ALA A 616 -25.33 -10.81 -21.33
N LEU A 617 -24.76 -11.75 -20.58
CA LEU A 617 -23.43 -12.25 -20.90
C LEU A 617 -23.46 -13.18 -22.11
N MET A 618 -24.49 -14.01 -22.22
CA MET A 618 -24.61 -14.91 -23.36
C MET A 618 -24.89 -14.19 -24.66
N ARG A 619 -24.90 -12.85 -24.65
CA ARG A 619 -25.09 -12.03 -25.84
C ARG A 619 -23.79 -11.43 -26.35
N ARG A 620 -22.67 -11.65 -25.66
CA ARG A 620 -21.43 -10.95 -25.95
C ARG A 620 -20.24 -11.90 -26.09
N ILE A 621 -20.47 -13.17 -26.40
CA ILE A 621 -19.41 -14.16 -26.43
C ILE A 621 -19.46 -14.92 -27.76
N ALA A 622 -18.31 -14.97 -28.44
CA ALA A 622 -18.15 -15.76 -29.66
C ALA A 622 -16.87 -16.57 -29.56
N VAL A 623 -16.85 -17.73 -30.23
CA VAL A 623 -15.73 -18.67 -30.14
C VAL A 623 -15.32 -19.08 -31.54
N VAL A 624 -14.02 -18.99 -31.82
CA VAL A 624 -13.41 -19.57 -33.01
C VAL A 624 -12.46 -20.66 -32.56
N ARG A 625 -12.53 -21.82 -33.22
CA ARG A 625 -11.74 -22.98 -32.84
C ARG A 625 -10.65 -23.27 -33.85
N PHE A 626 -9.50 -23.72 -33.35
CA PHE A 626 -8.34 -24.08 -34.17
C PHE A 626 -8.11 -25.57 -34.00
N ARG A 627 -8.10 -26.31 -35.12
CA ARG A 627 -8.10 -27.76 -35.06
C ARG A 627 -7.05 -28.41 -35.95
N THR A 628 -6.01 -27.67 -36.36
CA THR A 628 -4.93 -28.21 -37.16
C THR A 628 -3.64 -28.21 -36.34
N HIS A 629 -3.02 -29.38 -36.24
CA HIS A 629 -1.81 -29.54 -35.44
C HIS A 629 -0.58 -29.47 -36.32
N PHE A 630 0.42 -28.71 -35.87
CA PHE A 630 1.72 -28.61 -36.52
C PHE A 630 2.75 -29.23 -35.58
N SER A 631 3.31 -30.37 -35.98
CA SER A 631 4.15 -31.16 -35.10
C SER A 631 5.48 -31.46 -35.75
N GLN A 632 6.45 -31.84 -34.92
CA GLN A 632 7.68 -32.43 -35.40
C GLN A 632 7.44 -33.88 -35.80
N PRO A 633 8.30 -34.44 -36.65
CA PRO A 633 8.06 -35.82 -37.12
C PRO A 633 7.95 -36.83 -36.00
N SER A 634 8.65 -36.63 -34.88
CA SER A 634 8.61 -37.59 -33.80
C SER A 634 7.22 -37.70 -33.19
N GLY A 635 6.55 -36.58 -32.98
CA GLY A 635 5.25 -36.54 -32.33
C GLY A 635 4.05 -36.63 -33.24
N ARG A 636 4.24 -36.85 -34.54
CA ARG A 636 3.10 -36.85 -35.47
C ARG A 636 2.14 -37.98 -35.15
N GLU A 637 2.65 -39.20 -35.01
CA GLU A 637 1.77 -40.36 -34.89
C GLU A 637 0.81 -40.21 -33.72
N ALA A 638 1.33 -39.87 -32.54
CA ALA A 638 0.46 -39.67 -31.39
C ALA A 638 -0.56 -38.57 -31.67
N ALA A 639 -0.13 -37.48 -32.32
CA ALA A 639 -1.06 -36.40 -32.65
C ALA A 639 -2.18 -36.88 -33.56
N GLU A 640 -1.94 -37.94 -34.33
CA GLU A 640 -2.97 -38.49 -35.20
C GLU A 640 -4.01 -39.29 -34.44
N ASN A 641 -3.77 -39.60 -33.17
CA ASN A 641 -4.72 -40.33 -32.34
C ASN A 641 -5.35 -39.43 -31.29
N ASN A 642 -5.32 -38.12 -31.50
CA ASN A 642 -5.94 -37.15 -30.61
C ASN A 642 -7.18 -36.58 -31.28
N ASP A 643 -8.29 -36.55 -30.55
CA ASP A 643 -9.54 -36.05 -31.11
C ASP A 643 -9.64 -34.53 -31.07
N ALA A 644 -8.68 -33.85 -30.45
CA ALA A 644 -8.64 -32.39 -30.49
C ALA A 644 -8.20 -31.86 -31.84
N TYR A 645 -7.74 -32.73 -32.74
CA TYR A 645 -7.22 -32.32 -34.04
C TYR A 645 -7.99 -33.02 -35.15
N ASP A 646 -8.22 -32.29 -36.24
CA ASP A 646 -8.78 -32.85 -37.46
C ASP A 646 -7.74 -33.02 -38.55
N LYS A 647 -6.55 -32.46 -38.38
CA LYS A 647 -5.52 -32.46 -39.41
C LYS A 647 -4.16 -32.29 -38.75
N VAL A 648 -3.18 -33.05 -39.21
CA VAL A 648 -1.82 -33.01 -38.69
C VAL A 648 -0.89 -32.62 -39.83
N LYS A 649 -0.07 -31.60 -39.59
CA LYS A 649 0.88 -31.10 -40.58
C LYS A 649 2.27 -31.07 -39.99
N LEU A 650 3.24 -30.73 -40.83
CA LEU A 650 4.65 -30.69 -40.44
C LEU A 650 5.04 -29.28 -40.04
N LEU A 651 5.67 -29.15 -38.88
CA LEU A 651 6.10 -27.85 -38.40
C LEU A 651 7.17 -27.25 -39.30
N ASP A 652 7.05 -25.95 -39.56
CA ASP A 652 8.03 -25.18 -40.31
C ASP A 652 8.76 -24.27 -39.35
N GLU A 653 10.07 -24.49 -39.19
CA GLU A 653 10.84 -23.79 -38.17
C GLU A 653 11.29 -22.40 -38.60
N GLY A 654 11.12 -22.04 -39.88
CA GLY A 654 11.49 -20.72 -40.33
C GLY A 654 10.36 -19.71 -40.38
N LEU A 655 9.14 -20.12 -40.02
CA LEU A 655 8.00 -19.22 -40.17
C LEU A 655 7.99 -18.13 -39.11
N ASP A 656 8.39 -18.46 -37.87
CA ASP A 656 8.37 -17.48 -36.80
C ASP A 656 9.27 -16.30 -37.12
N GLY A 657 10.49 -16.58 -37.58
CA GLY A 657 11.40 -15.50 -37.95
C GLY A 657 10.92 -14.72 -39.15
N LYS A 658 10.32 -15.41 -40.12
CA LYS A 658 9.81 -14.73 -41.30
C LYS A 658 8.70 -13.75 -40.93
N ILE A 659 7.80 -14.16 -40.04
CA ILE A 659 6.74 -13.26 -39.60
C ILE A 659 7.31 -12.12 -38.77
N GLN A 660 8.28 -12.42 -37.90
CA GLN A 660 8.90 -11.38 -37.09
C GLN A 660 9.55 -10.31 -37.94
N ASN A 661 9.88 -10.61 -39.19
CA ASN A 661 10.52 -9.66 -40.08
C ASN A 661 9.52 -8.86 -40.92
N ASN A 662 8.22 -9.06 -40.70
CA ASN A 662 7.18 -8.33 -41.45
C ASN A 662 7.22 -8.70 -42.94
N ARG A 663 7.36 -10.00 -43.21
CA ARG A 663 7.37 -10.47 -44.59
C ARG A 663 5.98 -10.51 -45.21
N TYR A 664 4.95 -10.77 -44.41
CA TYR A 664 3.58 -10.88 -44.91
C TYR A 664 2.72 -9.69 -44.49
N ARG A 665 3.35 -8.55 -44.20
CA ARG A 665 2.61 -7.40 -43.69
C ARG A 665 1.56 -6.94 -44.69
N PHE A 666 1.98 -6.67 -45.93
CA PHE A 666 1.05 -6.10 -46.90
C PHE A 666 0.17 -7.16 -47.56
N ALA A 667 0.64 -8.40 -47.66
CA ALA A 667 -0.23 -9.47 -48.14
C ALA A 667 -1.39 -9.70 -47.17
N PHE A 668 -1.08 -9.76 -45.87
CA PHE A 668 -2.15 -9.92 -44.88
C PHE A 668 -3.03 -8.69 -44.81
N LEU A 669 -2.45 -7.49 -44.99
CA LEU A 669 -3.27 -6.29 -45.05
C LEU A 669 -4.26 -6.35 -46.23
N TYR A 670 -3.78 -6.78 -47.39
CA TYR A 670 -4.66 -6.94 -48.55
C TYR A 670 -5.76 -7.95 -48.28
N LEU A 671 -5.41 -9.07 -47.66
CA LEU A 671 -6.41 -10.07 -47.32
C LEU A 671 -7.46 -9.50 -46.35
N LEU A 672 -7.01 -8.75 -45.35
CA LEU A 672 -7.94 -8.16 -44.39
C LEU A 672 -8.87 -7.17 -45.06
N VAL A 673 -8.35 -6.35 -45.97
CA VAL A 673 -9.21 -5.39 -46.68
C VAL A 673 -10.23 -6.13 -47.54
N LYS A 674 -9.80 -7.19 -48.21
CA LYS A 674 -10.74 -7.98 -49.01
C LYS A 674 -11.85 -8.57 -48.14
N TRP A 675 -11.49 -9.12 -46.97
CA TRP A 675 -12.49 -9.67 -46.08
C TRP A 675 -13.40 -8.59 -45.53
N TYR A 676 -12.85 -7.40 -45.26
CA TYR A 676 -13.68 -6.29 -44.80
C TYR A 676 -14.72 -5.93 -45.84
N LYS A 677 -14.33 -5.89 -47.12
CA LYS A 677 -15.30 -5.68 -48.18
C LYS A 677 -16.33 -6.81 -48.20
N LYS A 678 -15.88 -8.06 -48.06
CA LYS A 678 -16.78 -9.19 -48.18
C LYS A 678 -17.83 -9.22 -47.08
N TYR A 679 -17.44 -8.93 -45.84
CA TYR A 679 -18.31 -9.07 -44.69
C TYR A 679 -18.94 -7.76 -44.25
N HIS A 680 -18.76 -6.69 -45.02
CA HIS A 680 -19.32 -5.39 -44.68
C HIS A 680 -20.56 -5.08 -45.49
N ILE A 681 -21.42 -6.07 -45.69
CA ILE A 681 -22.80 -5.78 -46.10
C ILE A 681 -23.24 -4.64 -45.20
N PRO A 682 -24.13 -3.76 -45.64
CA PRO A 682 -24.09 -2.35 -45.18
C PRO A 682 -23.57 -2.17 -43.77
N ILE A 683 -24.01 -2.98 -42.83
CA ILE A 683 -23.54 -2.94 -41.44
C ILE A 683 -22.78 -4.22 -41.14
N MET A 684 -21.60 -4.08 -40.54
CA MET A 684 -20.85 -5.21 -40.02
C MET A 684 -21.14 -5.34 -38.53
N LYS A 685 -21.66 -6.49 -38.13
CA LYS A 685 -22.01 -6.75 -36.73
C LYS A 685 -21.45 -8.09 -36.30
N LEU A 686 -20.91 -8.15 -35.09
CA LEU A 686 -20.40 -9.39 -34.52
C LEU A 686 -21.50 -10.05 -33.71
N TYR A 687 -21.79 -11.31 -34.02
CA TYR A 687 -22.86 -12.03 -33.35
C TYR A 687 -22.27 -13.08 -32.41
N PRO A 688 -22.97 -13.40 -31.32
CA PRO A 688 -22.46 -14.39 -30.37
C PRO A 688 -22.68 -15.81 -30.84
N THR A 689 -21.94 -16.73 -30.21
CA THR A 689 -22.07 -18.17 -30.43
C THR A 689 -22.22 -18.86 -29.08
N PRO A 690 -23.40 -18.74 -28.45
CA PRO A 690 -23.57 -19.31 -27.11
C PRO A 690 -23.48 -20.83 -27.06
N GLU A 691 -23.72 -21.53 -28.18
CA GLU A 691 -23.70 -22.99 -28.17
C GLU A 691 -22.28 -23.55 -28.11
N GLU A 692 -21.26 -22.72 -28.22
CA GLU A 692 -19.87 -23.17 -28.18
C GLU A 692 -19.26 -23.11 -26.79
N ILE A 693 -19.99 -22.62 -25.80
CA ILE A 693 -19.50 -22.52 -24.43
C ILE A 693 -20.21 -23.59 -23.59
N PRO A 694 -19.50 -24.55 -23.02
CA PRO A 694 -20.19 -25.56 -22.18
C PRO A 694 -20.93 -24.95 -21.00
N ASP A 695 -20.38 -23.89 -20.40
CA ASP A 695 -21.03 -23.25 -19.26
C ASP A 695 -22.47 -22.90 -19.59
N PHE A 696 -22.70 -22.26 -20.74
CA PHE A 696 -24.03 -21.84 -21.14
C PHE A 696 -24.98 -23.00 -21.39
N ALA A 697 -24.46 -24.19 -21.67
CA ALA A 697 -25.27 -25.30 -22.15
C ALA A 697 -26.59 -25.40 -21.37
N PHE A 698 -26.50 -25.66 -20.06
CA PHE A 698 -27.68 -25.81 -19.23
C PHE A 698 -28.74 -24.78 -19.56
N TYR A 699 -28.38 -23.50 -19.47
CA TYR A 699 -29.38 -22.45 -19.66
C TYR A 699 -30.06 -22.59 -21.02
N LEU A 700 -29.28 -22.79 -22.07
CA LEU A 700 -29.87 -22.98 -23.39
C LEU A 700 -30.90 -24.09 -23.35
N LYS A 701 -30.54 -25.23 -22.77
CA LYS A 701 -31.49 -26.34 -22.67
C LYS A 701 -32.73 -25.92 -21.93
N ILE A 702 -32.57 -25.19 -20.82
CA ILE A 702 -33.73 -24.70 -20.08
C ILE A 702 -34.60 -23.85 -20.99
N GLY A 703 -33.99 -22.99 -21.80
CA GLY A 703 -34.75 -22.14 -22.69
C GLY A 703 -35.58 -22.92 -23.70
N THR A 704 -35.24 -24.18 -23.93
CA THR A 704 -36.00 -25.03 -24.85
C THR A 704 -37.01 -25.92 -24.14
N LEU A 705 -37.03 -25.93 -22.82
CA LEU A 705 -37.91 -26.82 -22.06
C LEU A 705 -39.13 -26.11 -21.48
N LEU A 706 -38.96 -24.88 -20.98
CA LEU A 706 -39.98 -24.21 -20.19
C LEU A 706 -40.50 -22.98 -20.92
N VAL A 707 -41.77 -22.66 -20.68
CA VAL A 707 -42.41 -21.46 -21.17
C VAL A 707 -43.04 -20.73 -19.98
N SER A 708 -42.80 -19.43 -19.88
CA SER A 708 -43.40 -18.63 -18.82
C SER A 708 -44.91 -18.68 -18.91
N SER A 709 -45.57 -18.89 -17.78
CA SER A 709 -47.03 -19.00 -17.76
C SER A 709 -47.67 -17.67 -18.11
N SER A 710 -48.68 -17.72 -18.98
CA SER A 710 -49.40 -16.53 -19.41
C SER A 710 -50.90 -16.79 -19.32
N VAL A 711 -51.68 -15.76 -19.64
CA VAL A 711 -53.13 -15.87 -19.59
C VAL A 711 -53.66 -16.90 -20.56
N LYS A 712 -52.93 -17.17 -21.64
CA LYS A 712 -53.37 -18.14 -22.64
C LYS A 712 -53.37 -19.56 -22.11
N HIS A 713 -52.73 -19.83 -20.98
CA HIS A 713 -52.67 -21.16 -20.40
C HIS A 713 -53.78 -21.43 -19.40
N ILE A 714 -54.60 -20.43 -19.08
CA ILE A 714 -55.67 -20.64 -18.10
C ILE A 714 -56.66 -21.71 -18.56
N PRO A 715 -57.21 -21.67 -19.77
CA PRO A 715 -58.11 -22.75 -20.20
C PRO A 715 -57.46 -24.13 -20.14
N LEU A 716 -56.18 -24.22 -20.51
CA LEU A 716 -55.51 -25.51 -20.51
C LEU A 716 -55.51 -26.15 -19.13
N MET A 717 -55.69 -25.35 -18.06
CA MET A 717 -55.82 -25.91 -16.73
C MET A 717 -56.80 -27.07 -16.70
N THR A 718 -57.78 -27.07 -17.60
CA THR A 718 -58.75 -28.17 -17.68
C THR A 718 -58.06 -29.53 -17.56
N ASP A 719 -56.97 -29.72 -18.31
CA ASP A 719 -56.18 -30.94 -18.20
C ASP A 719 -54.91 -30.75 -17.39
N LEU A 720 -54.52 -29.52 -17.09
CA LEU A 720 -53.28 -29.28 -16.37
C LEU A 720 -53.30 -29.97 -15.01
N SER A 721 -54.48 -30.06 -14.38
CA SER A 721 -54.58 -30.76 -13.11
C SER A 721 -54.16 -32.21 -13.25
N LYS A 722 -54.55 -32.86 -14.36
CA LYS A 722 -54.15 -34.24 -14.58
C LYS A 722 -52.64 -34.36 -14.73
N LYS A 723 -51.97 -33.27 -15.10
CA LYS A 723 -50.52 -33.27 -15.26
C LYS A 723 -49.79 -32.82 -14.00
N GLY A 724 -50.50 -32.49 -12.93
CA GLY A 724 -49.90 -32.04 -11.70
C GLY A 724 -49.91 -30.54 -11.48
N TYR A 725 -50.56 -29.78 -12.37
CA TYR A 725 -50.60 -28.34 -12.24
C TYR A 725 -51.74 -27.91 -11.32
N ILE A 726 -51.46 -26.95 -10.45
CA ILE A 726 -52.43 -26.41 -9.51
C ILE A 726 -52.49 -24.91 -9.69
N LEU A 727 -53.67 -24.40 -10.04
CA LEU A 727 -53.83 -22.98 -10.29
C LEU A 727 -53.86 -22.20 -8.97
N TYR A 728 -53.50 -20.91 -9.06
CA TYR A 728 -53.52 -20.03 -7.90
C TYR A 728 -53.45 -18.58 -8.35
N ASP A 729 -54.41 -17.77 -7.91
CA ASP A 729 -54.47 -16.35 -8.29
C ASP A 729 -54.54 -16.21 -9.81
N ASN A 730 -55.24 -17.13 -10.47
CA ASN A 730 -55.43 -17.12 -11.92
C ASN A 730 -54.12 -17.36 -12.67
N VAL A 731 -53.09 -17.84 -11.99
CA VAL A 731 -51.79 -18.10 -12.60
C VAL A 731 -51.43 -19.56 -12.39
N VAL A 732 -51.13 -20.25 -13.48
CA VAL A 732 -50.75 -21.66 -13.40
C VAL A 732 -49.37 -21.77 -12.75
N THR A 733 -49.26 -22.64 -11.76
CA THR A 733 -47.99 -22.84 -11.05
C THR A 733 -47.81 -24.32 -10.79
N LEU A 734 -46.56 -24.71 -10.51
CA LEU A 734 -46.21 -26.07 -10.15
C LEU A 734 -45.41 -26.03 -8.84
N PRO A 735 -45.81 -26.79 -7.83
CA PRO A 735 -45.07 -26.77 -6.56
C PRO A 735 -43.62 -27.20 -6.75
N LEU A 736 -42.82 -26.92 -5.72
CA LEU A 736 -41.39 -27.21 -5.80
C LEU A 736 -41.13 -28.69 -5.97
N THR A 737 -41.84 -29.54 -5.23
CA THR A 737 -41.64 -30.98 -5.36
C THR A 737 -42.01 -31.46 -6.76
N THR A 738 -43.15 -31.00 -7.28
CA THR A 738 -43.55 -31.38 -8.63
C THR A 738 -42.55 -30.89 -9.67
N PHE A 739 -42.05 -29.67 -9.50
CA PHE A 739 -41.06 -29.14 -10.43
C PHE A 739 -39.79 -29.98 -10.41
N GLN A 740 -39.32 -30.34 -9.21
CA GLN A 740 -38.14 -31.17 -9.11
C GLN A 740 -38.36 -32.52 -9.76
N GLN A 741 -39.53 -33.13 -9.54
CA GLN A 741 -39.83 -34.43 -10.14
C GLN A 741 -39.84 -34.32 -11.67
N LYS A 742 -40.41 -33.25 -12.21
CA LYS A 742 -40.49 -33.10 -13.66
C LYS A 742 -39.15 -32.73 -14.28
N ILE A 743 -38.28 -32.03 -13.53
CA ILE A 743 -37.01 -31.60 -14.08
C ILE A 743 -35.90 -32.61 -13.88
N SER A 744 -36.08 -33.58 -12.97
CA SER A 744 -35.11 -34.65 -12.85
C SER A 744 -35.12 -35.58 -14.05
N LYS A 745 -36.12 -35.48 -14.92
CA LYS A 745 -36.22 -36.33 -16.10
C LYS A 745 -35.44 -35.78 -17.30
N TYR A 746 -34.86 -34.59 -17.18
CA TYR A 746 -34.11 -33.99 -18.28
C TYR A 746 -32.64 -33.78 -17.99
N PHE A 747 -32.25 -33.66 -16.73
CA PHE A 747 -30.85 -33.45 -16.37
C PHE A 747 -30.46 -34.40 -15.24
N ASN A 748 -29.23 -34.90 -15.29
CA ASN A 748 -28.71 -35.74 -14.23
C ASN A 748 -28.56 -34.93 -12.96
N SER A 749 -28.97 -35.51 -11.82
CA SER A 749 -28.94 -34.77 -10.57
C SER A 749 -27.52 -34.36 -10.19
N ARG A 750 -26.56 -35.27 -10.35
CA ARG A 750 -25.18 -34.94 -10.00
C ARG A 750 -24.55 -34.00 -11.02
N LEU A 751 -24.78 -34.25 -12.31
CA LEU A 751 -24.13 -33.46 -13.34
C LEU A 751 -24.56 -32.00 -13.28
N PHE A 752 -25.86 -31.75 -13.07
CA PHE A 752 -26.39 -30.40 -13.11
C PHE A 752 -27.01 -29.99 -11.79
N GLY A 753 -26.32 -30.28 -10.69
CA GLY A 753 -26.82 -29.93 -9.37
C GLY A 753 -26.82 -28.44 -9.09
N HIS A 754 -25.63 -27.82 -9.19
CA HIS A 754 -25.52 -26.40 -8.87
C HIS A 754 -26.39 -25.55 -9.78
N ASP A 755 -26.39 -25.85 -11.08
CA ASP A 755 -27.19 -25.07 -12.02
C ASP A 755 -28.68 -25.19 -11.73
N ILE A 756 -29.16 -26.42 -11.48
CA ILE A 756 -30.58 -26.62 -11.18
C ILE A 756 -30.96 -25.91 -9.90
N GLU A 757 -30.13 -26.02 -8.86
CA GLU A 757 -30.43 -25.34 -7.60
C GLU A 757 -30.45 -23.83 -7.79
N SER A 758 -29.51 -23.29 -8.56
CA SER A 758 -29.48 -21.86 -8.81
C SER A 758 -30.73 -21.40 -9.55
N PHE A 759 -31.15 -22.17 -10.56
CA PHE A 759 -32.38 -21.83 -11.28
C PHE A 759 -33.58 -21.84 -10.35
N ILE A 760 -33.70 -22.88 -9.52
CA ILE A 760 -34.82 -22.97 -8.60
C ILE A 760 -34.83 -21.78 -7.65
N ASN A 761 -33.69 -21.46 -7.07
CA ASN A 761 -33.63 -20.34 -6.13
C ASN A 761 -33.95 -19.02 -6.83
N ARG A 762 -33.41 -18.81 -8.03
CA ARG A 762 -33.62 -17.55 -8.73
C ARG A 762 -35.08 -17.35 -9.11
N HIS A 763 -35.73 -18.39 -9.61
CA HIS A 763 -37.08 -18.25 -10.15
C HIS A 763 -38.16 -18.85 -9.24
N LYS A 764 -37.81 -19.29 -8.04
CA LYS A 764 -38.81 -19.81 -7.13
C LYS A 764 -39.67 -18.68 -6.56
N LYS A 765 -40.96 -18.97 -6.40
CA LYS A 765 -41.90 -18.03 -5.81
C LYS A 765 -42.29 -18.50 -4.41
N PHE A 766 -43.20 -17.76 -3.78
CA PHE A 766 -43.65 -18.07 -2.43
C PHE A 766 -45.14 -17.80 -2.32
N ALA A 767 -45.75 -18.40 -1.30
CA ALA A 767 -47.17 -18.23 -1.06
C ALA A 767 -47.58 -18.83 0.28
N ASP A 771 -44.12 -23.95 1.48
CA ASP A 771 -44.91 -23.73 0.29
C ASP A 771 -44.19 -22.79 -0.68
N GLU A 772 -43.78 -23.32 -1.82
CA GLU A 772 -43.09 -22.55 -2.85
C GLU A 772 -43.71 -22.87 -4.21
N TYR A 773 -43.62 -21.89 -5.12
CA TYR A 773 -44.24 -22.02 -6.43
C TYR A 773 -43.28 -21.54 -7.51
N LEU A 774 -43.51 -22.04 -8.73
CA LEU A 774 -42.74 -21.64 -9.89
C LEU A 774 -43.70 -21.38 -11.04
N GLN A 775 -43.48 -20.26 -11.74
CA GLN A 775 -44.35 -19.85 -12.85
C GLN A 775 -43.70 -20.27 -14.16
N TYR A 776 -43.79 -21.57 -14.46
CA TYR A 776 -43.26 -22.12 -15.70
C TYR A 776 -44.03 -23.37 -16.05
N ILE A 777 -44.23 -23.59 -17.35
CA ILE A 777 -44.94 -24.77 -17.86
C ILE A 777 -44.03 -25.48 -18.85
N PHE A 778 -43.94 -26.80 -18.70
CA PHE A 778 -43.15 -27.59 -19.64
C PHE A 778 -43.86 -27.64 -20.99
N ILE A 779 -43.11 -27.36 -22.07
CA ILE A 779 -43.71 -27.33 -23.40
C ILE A 779 -44.28 -28.69 -23.78
N GLU A 780 -43.70 -29.76 -23.23
CA GLU A 780 -44.17 -31.11 -23.57
C GLU A 780 -45.62 -31.31 -23.13
N ASP A 781 -45.98 -30.78 -21.96
CA ASP A 781 -47.35 -30.93 -21.48
C ASP A 781 -48.35 -30.28 -22.44
N ILE A 782 -48.02 -29.11 -22.95
CA ILE A 782 -48.87 -28.40 -23.89
C ILE A 782 -48.99 -29.21 -25.19
N GLY B 323 24.81 32.51 -41.05
CA GLY B 323 23.39 32.21 -41.03
C GLY B 323 23.01 31.22 -39.95
N ASN B 324 23.02 31.68 -38.69
CA ASN B 324 22.73 30.84 -37.53
C ASN B 324 23.72 29.67 -37.45
N LYS B 325 24.97 30.05 -37.19
CA LYS B 325 26.06 29.09 -36.96
C LYS B 325 25.61 27.87 -36.16
N LEU B 326 24.87 28.08 -35.08
CA LEU B 326 24.50 26.96 -34.21
C LEU B 326 23.54 26.01 -34.91
N PHE B 327 22.61 26.55 -35.70
CA PHE B 327 21.71 25.70 -36.47
C PHE B 327 22.49 24.90 -37.52
N ASN B 328 23.49 25.51 -38.15
CA ASN B 328 24.33 24.79 -39.09
C ASN B 328 25.08 23.66 -38.39
N ILE B 329 25.58 23.91 -37.19
CA ILE B 329 26.25 22.85 -36.43
C ILE B 329 25.28 21.71 -36.14
N ALA B 330 24.06 22.05 -35.74
CA ALA B 330 23.07 21.01 -35.47
C ALA B 330 22.77 20.20 -36.72
N GLN B 331 22.65 20.87 -37.87
CA GLN B 331 22.43 20.16 -39.13
C GLN B 331 23.59 19.22 -39.45
N ARG B 332 24.81 19.69 -39.26
CA ARG B 332 25.98 18.85 -39.53
C ARG B 332 26.00 17.62 -38.63
N ILE B 333 25.67 17.80 -37.35
CA ILE B 333 25.64 16.67 -36.43
C ILE B 333 24.54 15.70 -36.82
N LEU B 334 23.38 16.23 -37.25
CA LEU B 334 22.29 15.36 -37.68
C LEU B 334 22.66 14.56 -38.92
N ASP B 335 23.45 15.15 -39.82
CA ASP B 335 23.80 14.46 -41.06
C ASP B 335 24.69 13.25 -40.82
N THR B 336 25.34 13.14 -39.65
CA THR B 336 26.16 11.97 -39.36
C THR B 336 25.35 10.79 -38.88
N ASN B 337 24.09 11.00 -38.47
CA ASN B 337 23.22 9.93 -38.00
C ASN B 337 23.66 9.36 -36.66
N SER B 338 24.26 10.20 -35.80
CA SER B 338 24.74 9.77 -34.50
C SER B 338 23.73 9.99 -33.39
N VAL B 339 22.57 10.56 -33.69
CA VAL B 339 21.48 10.72 -32.73
C VAL B 339 20.23 10.16 -33.37
N LEU B 340 19.55 9.26 -32.66
CA LEU B 340 18.32 8.66 -33.16
C LEU B 340 17.24 8.68 -32.09
N LEU B 341 15.99 8.73 -32.54
CA LEU B 341 14.83 8.64 -31.69
C LEU B 341 14.21 7.26 -31.84
N THR B 342 13.94 6.60 -30.71
CA THR B 342 13.45 5.23 -30.73
C THR B 342 11.96 5.21 -30.41
N GLU B 343 11.34 4.07 -30.72
CA GLU B 343 9.89 3.93 -30.55
C GLU B 343 9.47 3.95 -29.09
N ARG B 344 10.40 3.79 -28.16
CA ARG B 344 10.11 3.93 -26.74
C ARG B 344 10.31 5.35 -26.23
N GLY B 345 10.66 6.29 -27.11
CA GLY B 345 10.82 7.68 -26.73
C GLY B 345 12.19 8.07 -26.23
N ASP B 346 13.20 7.23 -26.43
CA ASP B 346 14.54 7.55 -25.99
C ASP B 346 15.34 8.18 -27.13
N HIS B 347 16.41 8.87 -26.76
CA HIS B 347 17.37 9.43 -27.69
C HIS B 347 18.68 8.68 -27.52
N ILE B 348 19.07 7.93 -28.54
CA ILE B 348 20.27 7.12 -28.50
C ILE B 348 21.37 7.85 -29.27
N VAL B 349 22.55 7.94 -28.67
CA VAL B 349 23.70 8.61 -29.27
C VAL B 349 24.81 7.60 -29.47
N TRP B 350 25.69 7.89 -30.42
CA TRP B 350 26.79 7.01 -30.80
C TRP B 350 28.09 7.64 -30.29
N ILE B 351 28.52 7.21 -29.10
CA ILE B 351 29.73 7.71 -28.46
C ILE B 351 30.63 6.53 -28.17
N ASN B 352 31.89 6.62 -28.61
CA ASN B 352 32.91 5.61 -28.29
C ASN B 352 32.55 4.24 -28.83
N ASN B 353 31.93 4.21 -30.02
CA ASN B 353 31.70 2.97 -30.75
C ASN B 353 30.59 2.13 -30.12
N SER B 354 29.61 2.75 -29.49
CA SER B 354 28.44 2.03 -29.00
C SER B 354 27.25 2.98 -28.92
N TRP B 355 26.06 2.42 -29.03
CA TRP B 355 24.81 3.17 -28.89
C TRP B 355 24.45 3.25 -27.42
N LYS B 356 24.27 4.47 -26.92
CA LYS B 356 24.01 4.68 -25.50
C LYS B 356 22.80 5.60 -25.34
N PHE B 357 22.10 5.43 -24.22
CA PHE B 357 21.00 6.31 -23.88
C PHE B 357 20.84 6.34 -22.36
N ASN B 358 20.24 7.43 -21.89
CA ASN B 358 19.92 7.61 -20.46
C ASN B 358 18.56 8.28 -20.39
N SER B 359 17.54 7.53 -19.95
CA SER B 359 16.18 8.03 -20.00
C SER B 359 16.00 9.29 -19.17
N GLU B 360 16.56 9.31 -17.95
CA GLU B 360 16.36 10.42 -17.04
C GLU B 360 17.42 11.51 -17.17
N GLU B 361 18.36 11.36 -18.10
CA GLU B 361 19.41 12.37 -18.30
C GLU B 361 20.02 12.18 -19.69
N PRO B 362 19.38 12.70 -20.74
CA PRO B 362 19.88 12.47 -22.10
C PRO B 362 21.37 12.75 -22.27
N LEU B 363 21.98 12.16 -23.29
CA LEU B 363 23.41 12.25 -23.52
C LEU B 363 23.75 13.05 -24.78
N ILE B 364 22.85 13.94 -25.21
CA ILE B 364 23.05 14.63 -26.47
C ILE B 364 24.20 15.64 -26.38
N THR B 365 24.30 16.34 -25.25
CA THR B 365 25.39 17.32 -25.10
C THR B 365 26.74 16.63 -24.96
N LYS B 366 26.77 15.45 -24.34
CA LYS B 366 27.99 14.65 -24.33
C LYS B 366 28.43 14.33 -25.75
N LEU B 367 27.49 13.93 -26.60
CA LEU B 367 27.80 13.64 -27.99
C LEU B 367 28.28 14.89 -28.73
N ILE B 368 27.65 16.04 -28.47
CA ILE B 368 28.07 17.26 -29.13
C ILE B 368 29.52 17.58 -28.77
N LEU B 369 29.85 17.49 -27.48
CA LEU B 369 31.22 17.77 -27.05
C LEU B 369 32.21 16.77 -27.65
N SER B 370 31.83 15.49 -27.70
CA SER B 370 32.74 14.48 -28.24
C SER B 370 32.95 14.66 -29.74
N ILE B 371 31.89 14.99 -30.47
CA ILE B 371 31.96 15.09 -31.93
C ILE B 371 32.48 16.42 -32.42
N ARG B 372 32.67 17.40 -31.52
CA ARG B 372 33.20 18.69 -31.95
C ARG B 372 34.46 18.59 -32.79
N HIS B 373 35.16 17.46 -32.79
CA HIS B 373 36.44 17.35 -33.48
C HIS B 373 36.31 17.00 -34.95
N GLN B 374 35.13 16.64 -35.43
CA GLN B 374 34.91 16.37 -36.85
C GLN B 374 34.38 17.58 -37.61
N LEU B 375 34.27 18.72 -36.96
CA LEU B 375 33.72 19.93 -37.55
C LEU B 375 34.83 20.91 -37.92
N PRO B 376 34.55 21.82 -38.85
CA PRO B 376 35.54 22.86 -39.19
C PRO B 376 36.08 23.56 -37.96
N LYS B 377 37.23 24.22 -38.08
CA LYS B 377 37.84 24.85 -36.93
C LYS B 377 36.96 25.96 -36.35
N GLU B 378 36.32 26.74 -37.22
CA GLU B 378 35.46 27.83 -36.75
C GLU B 378 34.19 27.34 -36.07
N TYR B 379 33.87 26.06 -36.19
CA TYR B 379 32.71 25.48 -35.51
C TYR B 379 33.07 24.83 -34.19
N SER B 380 34.31 24.36 -34.04
CA SER B 380 34.68 23.60 -32.84
C SER B 380 34.68 24.47 -31.60
N SER B 381 35.12 25.72 -31.72
CA SER B 381 35.23 26.58 -30.55
C SER B 381 33.85 26.94 -29.98
N GLU B 382 32.81 26.94 -30.82
CA GLU B 382 31.48 27.25 -30.33
C GLU B 382 30.96 26.22 -29.34
N LEU B 383 31.49 25.00 -29.39
CA LEU B 383 30.97 23.90 -28.60
C LEU B 383 31.64 23.77 -27.23
N LEU B 384 32.52 24.69 -26.88
CA LEU B 384 33.14 24.68 -25.55
C LEU B 384 32.28 25.35 -24.49
N CYS B 385 31.23 26.05 -24.88
CA CYS B 385 30.30 26.70 -23.96
C CYS B 385 29.10 25.79 -23.71
N PRO B 386 28.77 25.49 -22.45
CA PRO B 386 27.59 24.65 -22.19
C PRO B 386 26.28 25.23 -22.72
N ARG B 387 26.12 26.55 -22.70
CA ARG B 387 24.88 27.16 -23.20
C ARG B 387 24.72 26.94 -24.70
N LYS B 388 25.80 27.11 -25.46
CA LYS B 388 25.72 26.86 -26.89
C LYS B 388 25.44 25.40 -27.18
N ARG B 389 26.01 24.49 -26.39
CA ARG B 389 25.70 23.08 -26.54
C ARG B 389 24.23 22.81 -26.28
N LYS B 390 23.65 23.47 -25.28
CA LYS B 390 22.22 23.29 -25.00
C LYS B 390 21.37 23.82 -26.15
N THR B 391 21.79 24.94 -26.76
CA THR B 391 21.07 25.46 -27.92
C THR B 391 21.12 24.47 -29.09
N VAL B 392 22.30 23.91 -29.35
CA VAL B 392 22.43 22.91 -30.41
C VAL B 392 21.57 21.69 -30.10
N GLU B 393 21.51 21.31 -28.82
CA GLU B 393 20.67 20.17 -28.44
C GLU B 393 19.20 20.45 -28.69
N ALA B 394 18.74 21.67 -28.39
CA ALA B 394 17.36 22.03 -28.68
C ALA B 394 17.09 21.95 -30.18
N ASN B 395 18.02 22.46 -31.00
CA ASN B 395 17.85 22.34 -32.45
C ASN B 395 17.73 20.88 -32.88
N ILE B 396 18.63 20.03 -32.37
CA ILE B 396 18.61 18.62 -32.76
C ILE B 396 17.30 17.97 -32.34
N ARG B 397 16.84 18.24 -31.12
CA ARG B 397 15.60 17.63 -30.65
C ARG B 397 14.41 18.11 -31.46
N ASP B 398 14.46 19.33 -31.99
CA ASP B 398 13.39 19.77 -32.88
C ASP B 398 13.48 19.12 -34.26
N MET B 399 14.69 18.76 -34.70
CA MET B 399 14.82 18.16 -36.04
C MET B 399 14.39 16.71 -36.09
N LEU B 400 14.46 15.97 -34.98
CA LEU B 400 14.18 14.53 -34.98
C LEU B 400 12.69 14.32 -34.81
N VAL B 401 12.02 13.92 -35.89
CA VAL B 401 10.58 13.73 -35.90
C VAL B 401 10.20 12.25 -35.95
N ASP B 402 10.92 11.46 -36.73
CA ASP B 402 10.59 10.06 -36.96
C ASP B 402 11.37 9.14 -36.02
N SER B 403 10.74 8.03 -35.67
CA SER B 403 11.36 6.99 -34.86
C SER B 403 12.00 5.93 -35.74
N VAL B 404 12.84 5.10 -35.11
CA VAL B 404 13.53 4.02 -35.80
C VAL B 404 13.41 2.75 -34.96
N GLU B 405 13.60 1.62 -35.63
CA GLU B 405 13.65 0.32 -34.96
C GLU B 405 15.08 0.03 -34.52
N THR B 406 15.21 -0.70 -33.41
CA THR B 406 16.51 -1.05 -32.85
C THR B 406 16.52 -2.52 -32.45
N ASP B 407 17.71 -3.10 -32.43
CA ASP B 407 17.92 -4.46 -31.92
C ASP B 407 17.19 -5.50 -32.78
N THR B 408 17.40 -5.44 -34.09
CA THR B 408 16.72 -6.33 -35.01
C THR B 408 17.62 -7.44 -35.55
N TYR B 409 18.92 -7.42 -35.24
CA TYR B 409 19.83 -8.46 -35.70
C TYR B 409 20.09 -9.44 -34.57
N PRO B 410 19.66 -10.70 -34.68
CA PRO B 410 19.89 -11.65 -33.58
C PRO B 410 21.28 -12.25 -33.55
N ASP B 411 22.03 -12.20 -34.65
CA ASP B 411 23.34 -12.84 -34.73
C ASP B 411 24.49 -11.84 -34.55
N LYS B 412 24.25 -10.72 -33.88
CA LYS B 412 25.27 -9.73 -33.59
C LYS B 412 25.44 -9.63 -32.08
N LEU B 413 26.68 -9.68 -31.61
CA LEU B 413 26.96 -9.55 -30.18
C LEU B 413 27.57 -8.18 -29.91
N PRO B 414 26.88 -7.28 -29.24
CA PRO B 414 27.42 -5.93 -29.04
C PRO B 414 28.33 -5.79 -27.83
N PHE B 415 29.49 -5.17 -28.02
CA PHE B 415 30.44 -4.85 -26.97
C PHE B 415 30.48 -3.34 -26.76
N LYS B 416 31.37 -2.90 -25.89
CA LYS B 416 31.53 -1.47 -25.64
C LYS B 416 32.26 -0.74 -26.75
N ASN B 417 33.04 -1.45 -27.57
CA ASN B 417 33.83 -0.82 -28.62
C ASN B 417 33.56 -1.41 -30.00
N GLY B 418 32.51 -2.20 -30.16
CA GLY B 418 32.20 -2.75 -31.47
C GLY B 418 31.16 -3.85 -31.37
N VAL B 419 30.92 -4.50 -32.50
CA VAL B 419 29.96 -5.58 -32.61
C VAL B 419 30.66 -6.79 -33.22
N LEU B 420 30.46 -7.95 -32.61
CA LEU B 420 31.01 -9.20 -33.10
C LEU B 420 29.97 -9.92 -33.96
N ASP B 421 30.38 -10.32 -35.16
CA ASP B 421 29.53 -11.11 -36.04
C ASP B 421 29.65 -12.58 -35.66
N LEU B 422 28.53 -13.22 -35.37
CA LEU B 422 28.55 -14.59 -34.87
C LEU B 422 28.57 -15.63 -35.98
N VAL B 423 27.91 -15.36 -37.10
CA VAL B 423 27.96 -16.31 -38.22
C VAL B 423 29.35 -16.31 -38.83
N ASP B 424 30.00 -15.15 -38.91
CA ASP B 424 31.28 -15.00 -39.58
C ASP B 424 32.47 -15.01 -38.61
N GLY B 425 32.36 -14.32 -37.49
CA GLY B 425 33.44 -14.25 -36.52
C GLY B 425 34.26 -12.97 -36.57
N MET B 426 33.92 -12.03 -37.44
CA MET B 426 34.66 -10.79 -37.55
C MET B 426 34.17 -9.78 -36.52
N PHE B 427 35.09 -8.93 -36.06
CA PHE B 427 34.77 -7.85 -35.13
C PHE B 427 34.77 -6.53 -35.88
N TYR B 428 33.67 -5.80 -35.79
CA TYR B 428 33.49 -4.54 -36.49
C TYR B 428 33.53 -3.37 -35.51
N SER B 429 34.08 -2.26 -35.99
CA SER B 429 34.19 -1.03 -35.20
C SER B 429 33.83 0.15 -36.08
N GLY B 430 33.44 1.25 -35.44
CA GLY B 430 33.13 2.45 -36.19
C GLY B 430 31.84 2.33 -36.97
N ASP B 431 31.85 2.82 -38.21
CA ASP B 431 30.66 2.82 -39.03
C ASP B 431 30.19 1.41 -39.37
N ASP B 432 31.08 0.41 -39.30
CA ASP B 432 30.68 -0.95 -39.58
C ASP B 432 29.77 -1.50 -38.47
N ALA B 433 30.10 -1.20 -37.22
CA ALA B 433 29.25 -1.61 -36.10
C ALA B 433 28.04 -0.71 -35.92
N LYS B 434 28.02 0.44 -36.59
CA LYS B 434 26.94 1.41 -36.45
C LYS B 434 25.67 1.00 -37.19
N LYS B 435 25.80 0.17 -38.23
CA LYS B 435 24.62 -0.23 -39.00
C LYS B 435 23.63 -0.98 -38.13
N TYR B 436 24.11 -1.88 -37.28
CA TYR B 436 23.26 -2.61 -36.35
C TYR B 436 23.01 -1.74 -35.13
N THR B 437 21.76 -1.31 -34.96
CA THR B 437 21.41 -0.41 -33.86
C THR B 437 21.15 -1.23 -32.60
N CYS B 438 22.23 -1.78 -32.07
CA CYS B 438 22.20 -2.52 -30.81
C CYS B 438 22.26 -1.53 -29.66
N THR B 439 21.21 -1.46 -28.85
CA THR B 439 21.17 -0.56 -27.71
C THR B 439 21.55 -1.24 -26.40
N VAL B 440 21.99 -2.50 -26.46
CA VAL B 440 22.50 -3.21 -25.30
C VAL B 440 23.92 -3.69 -25.63
N SER B 441 24.68 -3.98 -24.59
CA SER B 441 26.05 -4.43 -24.79
C SER B 441 26.51 -5.17 -23.53
N THR B 442 27.63 -5.89 -23.67
CA THR B 442 28.21 -6.59 -22.53
C THR B 442 28.65 -5.62 -21.44
N GLY B 443 29.07 -4.41 -21.82
CA GLY B 443 29.54 -3.42 -20.89
C GLY B 443 31.05 -3.32 -20.78
N PHE B 444 31.79 -4.20 -21.45
CA PHE B 444 33.24 -4.18 -21.43
C PHE B 444 33.76 -4.24 -22.85
N LYS B 445 35.06 -3.99 -23.00
CA LYS B 445 35.69 -3.91 -24.31
C LYS B 445 36.11 -5.29 -24.79
N PHE B 446 36.00 -5.50 -26.10
CA PHE B 446 36.44 -6.73 -26.73
C PHE B 446 37.95 -6.69 -26.94
N ASP B 447 38.65 -7.70 -26.41
CA ASP B 447 40.09 -7.81 -26.54
C ASP B 447 40.40 -8.96 -27.49
N ASP B 448 40.98 -8.64 -28.64
CA ASP B 448 41.27 -9.66 -29.65
C ASP B 448 42.53 -10.45 -29.35
N THR B 449 43.37 -10.00 -28.43
CA THR B 449 44.55 -10.76 -28.04
C THR B 449 44.25 -11.82 -26.99
N LYS B 450 43.07 -11.79 -26.36
CA LYS B 450 42.65 -12.82 -25.43
C LYS B 450 41.56 -13.71 -25.98
N PHE B 451 40.84 -13.27 -27.02
CA PHE B 451 39.83 -14.08 -27.69
C PHE B 451 40.54 -15.09 -28.60
N VAL B 452 41.28 -16.00 -27.99
CA VAL B 452 42.12 -16.95 -28.69
C VAL B 452 41.83 -18.35 -28.18
N GLU B 453 42.22 -19.34 -28.98
CA GLU B 453 41.93 -20.73 -28.65
C GLU B 453 42.96 -21.32 -27.69
N ASP B 454 44.23 -20.93 -27.82
CA ASP B 454 45.32 -21.50 -27.04
C ASP B 454 45.76 -20.51 -25.97
N SER B 455 45.73 -20.95 -24.71
CA SER B 455 46.14 -20.12 -23.59
C SER B 455 46.09 -20.94 -22.30
N PRO B 456 46.86 -20.57 -21.27
CA PRO B 456 46.69 -21.26 -19.97
C PRO B 456 45.27 -21.16 -19.45
N GLU B 457 44.64 -20.00 -19.63
CA GLU B 457 43.24 -19.85 -19.21
C GLU B 457 42.35 -20.84 -19.93
N MET B 458 42.61 -21.07 -21.22
CA MET B 458 41.80 -22.04 -21.96
C MET B 458 41.97 -23.44 -21.41
N GLU B 459 43.19 -23.83 -21.06
CA GLU B 459 43.41 -25.16 -20.50
C GLU B 459 42.68 -25.32 -19.16
N GLU B 460 42.81 -24.31 -18.29
CA GLU B 460 42.13 -24.38 -17.00
C GLU B 460 40.62 -24.43 -17.18
N LEU B 461 40.08 -23.62 -18.10
CA LEU B 461 38.64 -23.60 -18.33
C LEU B 461 38.17 -24.93 -18.90
N MET B 462 38.93 -25.53 -19.81
CA MET B 462 38.54 -26.82 -20.35
C MET B 462 38.52 -27.89 -19.26
N ASN B 463 39.53 -27.88 -18.37
CA ASN B 463 39.53 -28.83 -17.28
C ASN B 463 38.33 -28.63 -16.37
N ILE B 464 38.01 -27.37 -16.04
CA ILE B 464 36.86 -27.09 -15.18
C ILE B 464 35.57 -27.58 -15.83
N ILE B 465 35.40 -27.27 -17.11
CA ILE B 465 34.16 -27.64 -17.80
C ILE B 465 34.02 -29.15 -17.89
N ASN B 466 35.11 -29.86 -18.23
CA ASN B 466 35.05 -31.31 -18.27
C ASN B 466 34.86 -31.91 -16.88
N ASP B 467 35.23 -31.18 -15.83
CA ASP B 467 34.91 -31.62 -14.47
C ASP B 467 33.41 -31.52 -14.22
N ILE B 468 32.82 -30.37 -14.55
CA ILE B 468 31.40 -30.16 -14.24
C ILE B 468 30.51 -31.06 -15.08
N GLN B 469 30.84 -31.23 -16.37
CA GLN B 469 30.07 -32.07 -17.29
C GLN B 469 31.01 -33.05 -17.97
N PRO B 470 31.20 -34.23 -17.41
CA PRO B 470 32.17 -35.18 -17.98
C PRO B 470 31.82 -35.56 -19.41
N LEU B 471 32.86 -35.86 -20.19
CA LEU B 471 32.72 -36.27 -21.58
C LEU B 471 32.43 -37.75 -21.76
N THR B 472 31.99 -38.44 -20.71
CA THR B 472 31.66 -39.85 -20.82
C THR B 472 30.52 -40.05 -21.80
N ASP B 473 30.28 -41.31 -22.17
CA ASP B 473 29.21 -41.61 -23.10
C ASP B 473 27.83 -41.47 -22.45
N GLU B 474 27.70 -41.94 -21.21
CA GLU B 474 26.42 -41.83 -20.51
C GLU B 474 26.02 -40.39 -20.24
N ASN B 475 26.94 -39.44 -20.36
CA ASN B 475 26.64 -38.03 -20.21
C ASN B 475 26.62 -37.30 -21.56
N LYS B 476 26.63 -38.02 -22.67
CA LYS B 476 26.75 -37.39 -23.97
C LYS B 476 25.60 -36.43 -24.24
N LYS B 477 24.39 -36.95 -24.38
CA LYS B 477 23.25 -36.10 -24.72
C LYS B 477 23.13 -34.95 -23.73
N ASN B 478 23.13 -35.26 -22.43
CA ASN B 478 23.06 -34.21 -21.42
C ASN B 478 24.12 -33.15 -21.68
N ARG B 479 25.37 -33.58 -21.87
CA ARG B 479 26.44 -32.62 -22.12
C ARG B 479 26.07 -31.71 -23.28
N GLU B 480 25.62 -32.31 -24.39
CA GLU B 480 25.24 -31.50 -25.55
C GLU B 480 24.24 -30.43 -25.15
N LEU B 481 23.16 -30.83 -24.46
CA LEU B 481 22.17 -29.86 -24.04
C LEU B 481 22.83 -28.72 -23.28
N TYR B 482 23.68 -29.07 -22.30
CA TYR B 482 24.46 -28.08 -21.57
C TYR B 482 25.02 -27.06 -22.56
N GLU B 483 25.89 -27.54 -23.45
CA GLU B 483 26.53 -26.63 -24.41
C GLU B 483 25.47 -25.81 -25.14
N LYS B 484 24.48 -26.50 -25.71
CA LYS B 484 23.48 -25.79 -26.50
C LYS B 484 22.87 -24.66 -25.69
N THR B 485 22.41 -24.95 -24.47
CA THR B 485 21.76 -23.93 -23.69
C THR B 485 22.67 -22.72 -23.52
N LEU B 486 23.93 -22.97 -23.14
CA LEU B 486 24.83 -21.86 -22.90
C LEU B 486 25.03 -21.05 -24.17
N SER B 487 25.19 -21.72 -25.31
CA SER B 487 25.42 -20.98 -26.54
C SER B 487 24.20 -20.16 -26.92
N SER B 488 23.01 -20.64 -26.58
CA SER B 488 21.82 -19.86 -26.90
C SER B 488 21.76 -18.55 -26.13
N CYS B 489 22.61 -18.38 -25.11
CA CYS B 489 22.67 -17.10 -24.41
C CYS B 489 23.29 -16.00 -25.25
N LEU B 490 23.85 -16.33 -26.41
CA LEU B 490 24.38 -15.31 -27.31
C LEU B 490 23.33 -14.80 -28.31
N CYS B 491 22.30 -15.58 -28.59
CA CYS B 491 21.32 -15.21 -29.61
C CYS B 491 20.39 -14.13 -29.08
N GLY B 492 20.16 -13.11 -29.91
CA GLY B 492 19.21 -12.06 -29.58
C GLY B 492 17.84 -12.32 -30.16
N ALA B 493 17.20 -13.40 -29.73
CA ALA B 493 15.89 -13.79 -30.24
C ALA B 493 15.07 -14.40 -29.10
N THR B 494 13.85 -14.78 -29.42
CA THR B 494 12.96 -15.42 -28.44
C THR B 494 13.19 -16.93 -28.46
N LYS B 495 13.25 -17.52 -27.26
CA LYS B 495 13.46 -18.94 -27.09
C LYS B 495 12.20 -19.58 -26.52
N GLY B 496 11.88 -20.78 -27.01
CA GLY B 496 10.65 -21.45 -26.67
C GLY B 496 10.67 -22.36 -25.46
N CYS B 497 11.80 -22.47 -24.76
CA CYS B 497 11.89 -23.37 -23.61
C CYS B 497 12.55 -22.66 -22.44
N LEU B 498 12.14 -23.05 -21.23
CA LEU B 498 12.80 -22.68 -19.99
C LEU B 498 13.59 -23.89 -19.50
N THR B 499 14.83 -23.65 -19.04
CA THR B 499 15.71 -24.75 -18.68
C THR B 499 15.96 -24.75 -17.18
N PHE B 500 16.04 -25.95 -16.61
CA PHE B 500 16.33 -26.15 -15.19
C PHE B 500 17.70 -26.79 -15.06
N PHE B 501 18.60 -26.13 -14.34
CA PHE B 501 19.87 -26.72 -13.92
C PHE B 501 19.59 -27.45 -12.61
N PHE B 502 19.45 -28.77 -12.68
CA PHE B 502 19.05 -29.57 -11.53
C PHE B 502 20.25 -30.34 -11.00
N GLY B 503 20.47 -30.24 -9.69
CA GLY B 503 21.54 -31.02 -9.10
C GLY B 503 21.53 -30.93 -7.59
N GLU B 504 22.37 -31.77 -6.98
CA GLU B 504 22.56 -31.74 -5.55
C GLU B 504 23.53 -30.62 -5.18
N THR B 505 23.85 -30.52 -3.90
CA THR B 505 24.70 -29.43 -3.43
C THR B 505 26.14 -29.60 -3.89
N ALA B 506 26.77 -28.49 -4.25
CA ALA B 506 28.18 -28.46 -4.64
C ALA B 506 28.43 -29.31 -5.89
N THR B 507 27.71 -28.98 -6.95
CA THR B 507 27.84 -29.68 -8.22
C THR B 507 28.28 -28.77 -9.37
N GLY B 508 28.53 -27.49 -9.12
CA GLY B 508 29.03 -26.59 -10.14
C GLY B 508 27.99 -25.74 -10.83
N LYS B 509 26.75 -25.70 -10.33
CA LYS B 509 25.70 -24.91 -10.99
C LYS B 509 25.99 -23.42 -10.85
N SER B 510 26.31 -22.97 -9.64
CA SER B 510 26.65 -21.56 -9.44
C SER B 510 27.95 -21.19 -10.13
N THR B 511 28.89 -22.14 -10.23
CA THR B 511 30.11 -21.89 -10.99
C THR B 511 29.80 -21.60 -12.45
N THR B 512 28.91 -22.41 -13.05
CA THR B 512 28.50 -22.16 -14.43
C THR B 512 27.80 -20.82 -14.57
N LYS B 513 26.90 -20.50 -13.64
CA LYS B 513 26.20 -19.23 -13.69
C LYS B 513 27.18 -18.06 -13.65
N ARG B 514 28.17 -18.12 -12.77
CA ARG B 514 29.12 -17.03 -12.64
C ARG B 514 30.09 -16.97 -13.80
N LEU B 515 30.46 -18.11 -14.38
CA LEU B 515 31.24 -18.10 -15.62
C LEU B 515 30.47 -17.41 -16.75
N LEU B 516 29.18 -17.72 -16.90
CA LEU B 516 28.38 -17.07 -17.92
C LEU B 516 28.25 -15.57 -17.65
N LYS B 517 28.05 -15.20 -16.39
CA LYS B 517 27.99 -13.79 -16.03
C LYS B 517 29.27 -13.07 -16.43
N SER B 518 30.42 -13.65 -16.11
CA SER B 518 31.69 -13.07 -16.50
C SER B 518 31.80 -12.95 -18.02
N ALA B 519 31.38 -13.98 -18.75
CA ALA B 519 31.56 -14.01 -20.19
C ALA B 519 30.70 -12.97 -20.90
N ILE B 520 29.46 -12.76 -20.44
CA ILE B 520 28.52 -11.93 -21.20
C ILE B 520 28.16 -10.62 -20.52
N GLY B 521 28.75 -10.31 -19.36
CA GLY B 521 28.63 -8.95 -18.84
C GLY B 521 27.20 -8.53 -18.57
N ASP B 522 26.82 -7.39 -19.16
CA ASP B 522 25.53 -6.75 -18.89
C ASP B 522 24.37 -7.39 -19.65
N LEU B 523 24.64 -8.31 -20.56
CA LEU B 523 23.56 -9.05 -21.22
C LEU B 523 22.98 -10.14 -20.32
N PHE B 524 23.46 -10.24 -19.09
CA PHE B 524 23.04 -11.25 -18.12
C PHE B 524 22.29 -10.56 -17.00
N VAL B 525 21.15 -11.14 -16.60
CA VAL B 525 20.35 -10.56 -15.52
C VAL B 525 19.90 -11.64 -14.56
N GLU B 526 19.66 -11.23 -13.32
CA GLU B 526 19.23 -12.09 -12.23
C GLU B 526 17.95 -11.52 -11.63
N THR B 527 16.92 -12.36 -11.50
CA THR B 527 15.63 -11.93 -10.98
C THR B 527 15.19 -12.89 -9.88
N GLY B 528 14.04 -12.57 -9.27
CA GLY B 528 13.49 -13.39 -8.22
C GLY B 528 12.54 -14.46 -8.73
N GLN B 529 12.12 -15.31 -7.80
CA GLN B 529 11.22 -16.41 -8.14
C GLN B 529 9.78 -15.96 -8.35
N THR B 530 9.46 -14.70 -8.08
CA THR B 530 8.08 -14.24 -8.24
C THR B 530 7.61 -14.38 -9.67
N ILE B 531 8.49 -14.13 -10.64
CA ILE B 531 8.14 -14.28 -12.04
C ILE B 531 7.67 -15.69 -12.38
N LEU B 532 7.86 -16.64 -11.48
CA LEU B 532 7.40 -18.01 -11.68
C LEU B 532 6.13 -18.33 -10.90
N THR B 533 5.83 -17.60 -9.83
CA THR B 533 4.75 -17.96 -8.94
C THR B 533 3.73 -16.85 -8.71
N ASP B 534 3.92 -15.68 -9.31
CA ASP B 534 3.02 -14.54 -9.12
C ASP B 534 2.50 -14.05 -10.46
N VAL B 535 1.33 -13.43 -10.43
CA VAL B 535 0.78 -12.81 -11.64
C VAL B 535 1.68 -11.67 -12.07
N LEU B 536 2.01 -11.64 -13.35
CA LEU B 536 3.02 -10.70 -13.83
C LEU B 536 2.45 -9.30 -14.07
N ASP B 537 1.16 -9.18 -14.37
CA ASP B 537 0.59 -7.86 -14.66
C ASP B 537 0.40 -7.06 -13.38
N LYS B 538 -0.50 -7.51 -12.50
CA LYS B 538 -0.69 -6.95 -11.18
C LYS B 538 -0.45 -5.44 -11.15
N GLY B 539 0.39 -5.00 -10.22
CA GLY B 539 0.84 -3.62 -10.18
C GLY B 539 2.22 -3.49 -10.79
N PRO B 540 3.01 -2.54 -10.31
CA PRO B 540 4.38 -2.42 -10.80
C PRO B 540 5.17 -3.69 -10.51
N ASN B 541 6.04 -4.06 -11.44
CA ASN B 541 6.81 -5.31 -11.34
C ASN B 541 8.17 -5.11 -11.99
N PRO B 542 9.11 -4.50 -11.26
CA PRO B 542 10.45 -4.31 -11.84
C PRO B 542 11.17 -5.60 -12.18
N PHE B 543 10.83 -6.71 -11.53
CA PHE B 543 11.51 -7.97 -11.80
C PHE B 543 11.24 -8.46 -13.22
N ILE B 544 10.09 -8.13 -13.79
CA ILE B 544 9.79 -8.46 -15.17
C ILE B 544 10.25 -7.38 -16.13
N ALA B 545 10.09 -6.11 -15.74
CA ALA B 545 10.50 -5.00 -16.60
C ALA B 545 12.01 -4.87 -16.74
N ASN B 546 12.78 -5.53 -15.87
CA ASN B 546 14.23 -5.46 -15.95
C ASN B 546 14.83 -6.46 -16.93
N MET B 547 14.01 -7.36 -17.49
CA MET B 547 14.49 -8.35 -18.43
C MET B 547 14.39 -7.90 -19.88
N HIS B 548 14.00 -6.65 -20.12
CA HIS B 548 13.82 -6.13 -21.47
C HIS B 548 15.12 -6.19 -22.27
N LEU B 549 15.14 -7.01 -23.31
CA LEU B 549 16.25 -7.15 -24.25
C LEU B 549 17.46 -7.87 -23.67
N LYS B 550 17.36 -8.42 -22.47
CA LYS B 550 18.43 -9.25 -21.93
C LYS B 550 18.46 -10.61 -22.63
N ARG B 551 19.67 -11.14 -22.82
CA ARG B 551 19.84 -12.41 -23.52
C ARG B 551 19.98 -13.59 -22.57
N SER B 552 20.04 -13.37 -21.27
CA SER B 552 20.07 -14.45 -20.30
C SER B 552 19.45 -13.99 -19.00
N VAL B 553 18.49 -14.76 -18.49
CA VAL B 553 17.83 -14.47 -17.22
C VAL B 553 17.99 -15.70 -16.33
N PHE B 554 18.51 -15.48 -15.12
CA PHE B 554 18.74 -16.55 -14.16
C PHE B 554 17.84 -16.38 -12.95
N CYS B 555 17.25 -17.49 -12.51
CA CYS B 555 16.50 -17.56 -11.27
C CYS B 555 17.07 -18.69 -10.42
N SER B 556 17.05 -18.51 -9.11
CA SER B 556 17.67 -19.46 -8.20
C SER B 556 16.71 -19.83 -7.08
N GLU B 557 17.01 -20.98 -6.45
CA GLU B 557 16.31 -21.48 -5.26
C GLU B 557 15.26 -22.52 -5.62
N LEU B 558 14.05 -22.09 -5.98
CA LEU B 558 12.94 -23.00 -6.15
C LEU B 558 12.68 -23.77 -4.87
N PRO B 559 12.14 -23.13 -3.83
CA PRO B 559 11.83 -23.84 -2.58
C PRO B 559 11.11 -25.16 -2.84
N ASP B 560 11.55 -26.22 -2.18
CA ASP B 560 10.98 -27.54 -2.40
C ASP B 560 9.47 -27.52 -2.19
N PHE B 561 8.74 -28.08 -3.15
CA PHE B 561 7.28 -28.15 -3.08
C PHE B 561 6.80 -29.44 -2.42
N ALA B 562 7.68 -30.39 -2.14
CA ALA B 562 7.26 -31.62 -1.48
C ALA B 562 6.67 -31.33 -0.10
N CYS B 563 7.40 -30.58 0.72
CA CYS B 563 6.90 -30.14 2.02
C CYS B 563 5.88 -29.03 1.77
N SER B 564 4.60 -29.40 1.79
CA SER B 564 3.54 -28.47 1.44
C SER B 564 3.64 -27.20 2.29
N GLY B 565 3.46 -26.06 1.63
CA GLY B 565 3.62 -24.77 2.28
C GLY B 565 4.27 -23.76 1.37
N SER B 566 4.65 -24.22 0.17
CA SER B 566 5.26 -23.37 -0.84
C SER B 566 4.38 -23.34 -2.08
N LYS B 567 4.21 -22.14 -2.64
CA LYS B 567 3.39 -21.98 -3.83
C LYS B 567 3.99 -22.75 -5.01
N LYS B 568 3.11 -23.29 -5.84
CA LYS B 568 3.53 -24.04 -7.01
C LYS B 568 3.81 -23.10 -8.18
N ILE B 569 4.49 -23.63 -9.19
CA ILE B 569 4.80 -22.86 -10.39
C ILE B 569 3.55 -22.75 -11.25
N ARG B 570 3.27 -21.55 -11.74
CA ARG B 570 2.10 -21.30 -12.59
C ARG B 570 2.46 -21.59 -14.03
N SER B 571 1.78 -22.57 -14.63
CA SER B 571 1.99 -22.87 -16.04
C SER B 571 1.64 -21.68 -16.92
N ASP B 572 0.74 -20.82 -16.45
CA ASP B 572 0.45 -19.58 -17.16
C ASP B 572 1.70 -18.71 -17.30
N ASN B 573 2.48 -18.60 -16.22
CA ASN B 573 3.73 -17.85 -16.28
C ASN B 573 4.71 -18.49 -17.24
N ILE B 574 4.78 -19.83 -17.24
CA ILE B 574 5.64 -20.52 -18.19
C ILE B 574 5.26 -20.16 -19.62
N LYS B 575 3.96 -20.18 -19.92
CA LYS B 575 3.52 -19.84 -21.26
C LYS B 575 3.78 -18.39 -21.61
N LYS B 576 3.65 -17.48 -20.63
CA LYS B 576 3.86 -16.07 -20.91
C LYS B 576 5.33 -15.70 -21.08
N LEU B 577 6.23 -16.44 -20.42
CA LEU B 577 7.65 -16.16 -20.53
C LEU B 577 8.27 -16.69 -21.82
N THR B 578 7.51 -17.44 -22.62
CA THR B 578 7.99 -17.99 -23.87
C THR B 578 7.57 -17.16 -25.07
N GLU B 579 6.81 -16.10 -24.86
CA GLU B 579 6.29 -15.27 -25.94
C GLU B 579 7.24 -14.12 -26.26
N PRO B 580 7.22 -13.64 -27.51
CA PRO B 580 8.15 -12.57 -27.89
C PRO B 580 7.99 -11.28 -27.09
N CYS B 581 6.82 -11.02 -26.52
CA CYS B 581 6.59 -9.82 -25.72
C CYS B 581 6.01 -10.22 -24.37
N VAL B 582 6.48 -9.56 -23.32
CA VAL B 582 6.03 -9.84 -21.96
C VAL B 582 5.38 -8.58 -21.40
N ILE B 583 4.25 -8.75 -20.73
CA ILE B 583 3.45 -7.63 -20.22
C ILE B 583 3.85 -7.37 -18.77
N GLY B 584 4.19 -6.12 -18.47
CA GLY B 584 4.60 -5.72 -17.14
C GLY B 584 5.27 -4.37 -17.17
N ARG B 585 5.09 -3.57 -16.13
CA ARG B 585 5.59 -2.20 -16.09
C ARG B 585 6.43 -1.97 -14.84
N PRO B 586 7.37 -1.03 -14.88
CA PRO B 586 8.14 -0.68 -13.69
C PRO B 586 7.34 0.24 -12.77
N CYS B 587 7.98 0.72 -11.70
CA CYS B 587 7.36 1.68 -10.80
C CYS B 587 7.34 3.05 -11.46
N PHE B 588 6.18 3.72 -11.41
CA PHE B 588 6.02 5.08 -11.93
C PHE B 588 6.03 5.12 -13.45
N SER B 589 5.65 4.04 -14.10
CA SER B 589 5.73 3.95 -15.55
C SER B 589 4.40 3.50 -16.14
N ASN B 590 4.16 3.90 -17.39
CA ASN B 590 2.99 3.46 -18.13
C ASN B 590 3.32 2.45 -19.22
N LYS B 591 4.60 2.17 -19.49
CA LYS B 591 4.97 1.19 -20.49
C LYS B 591 4.74 -0.21 -19.93
N ILE B 592 4.08 -1.07 -20.71
CA ILE B 592 3.63 -2.35 -20.19
C ILE B 592 4.05 -3.51 -21.10
N ASN B 593 4.92 -3.25 -22.07
CA ASN B 593 5.37 -4.29 -22.99
C ASN B 593 6.88 -4.28 -23.08
N ASN B 594 7.49 -5.45 -22.88
CA ASN B 594 8.93 -5.63 -22.92
C ASN B 594 9.29 -6.69 -23.94
N ARG B 595 10.43 -6.48 -24.62
CA ARG B 595 10.90 -7.41 -25.64
C ARG B 595 11.67 -8.55 -24.98
N ASN B 596 11.35 -9.78 -25.35
CA ASN B 596 11.87 -10.97 -24.69
C ASN B 596 12.89 -11.63 -25.60
N HIS B 597 14.17 -11.53 -25.22
CA HIS B 597 15.28 -12.17 -25.93
C HIS B 597 16.03 -13.16 -25.06
N ALA B 598 15.47 -13.55 -23.91
CA ALA B 598 16.24 -14.17 -22.84
C ALA B 598 16.16 -15.68 -22.87
N THR B 599 17.30 -16.31 -22.63
CA THR B 599 17.35 -17.71 -22.23
C THR B 599 17.15 -17.78 -20.72
N ILE B 600 16.10 -18.46 -20.28
CA ILE B 600 15.71 -18.46 -18.88
C ILE B 600 16.17 -19.78 -18.25
N ILE B 601 17.01 -19.66 -17.22
CA ILE B 601 17.58 -20.82 -16.54
C ILE B 601 17.28 -20.71 -15.06
N ILE B 602 16.88 -21.83 -14.46
CA ILE B 602 16.53 -21.90 -13.04
C ILE B 602 17.44 -22.91 -12.37
N ASP B 603 18.27 -22.45 -11.44
CA ASP B 603 19.10 -23.32 -10.63
C ASP B 603 18.26 -23.99 -9.53
N THR B 604 18.42 -25.29 -9.34
CA THR B 604 17.54 -25.98 -8.41
C THR B 604 18.17 -27.26 -7.88
N ASN B 605 17.93 -27.52 -6.59
CA ASN B 605 18.20 -28.80 -5.97
C ASN B 605 16.99 -29.73 -5.98
N TYR B 606 15.82 -29.23 -6.38
CA TYR B 606 14.59 -29.99 -6.39
C TYR B 606 13.90 -29.82 -7.75
N LYS B 607 13.19 -30.85 -8.16
CA LYS B 607 12.47 -30.80 -9.43
C LYS B 607 11.24 -29.88 -9.29
N PRO B 608 10.85 -29.23 -10.38
CA PRO B 608 9.72 -28.29 -10.31
C PRO B 608 8.39 -29.01 -10.18
N VAL B 609 7.43 -28.33 -9.56
CA VAL B 609 6.06 -28.80 -9.42
C VAL B 609 5.14 -27.69 -9.90
N PHE B 610 4.19 -28.05 -10.76
CA PHE B 610 3.32 -27.08 -11.42
C PHE B 610 1.89 -27.25 -10.95
N ASP B 611 1.14 -26.14 -10.95
CA ASP B 611 -0.26 -26.19 -10.52
C ASP B 611 -1.10 -27.05 -11.45
N ARG B 612 -0.90 -26.91 -12.76
CA ARG B 612 -1.66 -27.67 -13.75
C ARG B 612 -0.72 -28.19 -14.82
N ILE B 613 -1.03 -29.36 -15.36
CA ILE B 613 -0.21 -30.04 -16.36
C ILE B 613 -1.04 -30.27 -17.60
N ASP B 614 -0.53 -29.85 -18.75
CA ASP B 614 -1.18 -30.09 -20.03
C ASP B 614 -0.10 -30.19 -21.11
N ASN B 615 -0.52 -30.48 -22.34
CA ASN B 615 0.42 -30.65 -23.43
C ASN B 615 1.17 -29.36 -23.74
N ALA B 616 0.57 -28.21 -23.46
CA ALA B 616 1.23 -26.94 -23.74
C ALA B 616 2.39 -26.69 -22.78
N LEU B 617 2.28 -27.16 -21.54
CA LEU B 617 3.38 -26.98 -20.59
C LEU B 617 4.54 -27.93 -20.89
N MET B 618 4.23 -29.18 -21.26
CA MET B 618 5.28 -30.15 -21.56
C MET B 618 6.06 -29.79 -22.81
N ARG B 619 5.58 -28.83 -23.60
CA ARG B 619 6.27 -28.37 -24.79
C ARG B 619 7.36 -27.34 -24.50
N ARG B 620 7.50 -26.89 -23.25
CA ARG B 620 8.32 -25.72 -22.95
C ARG B 620 9.27 -25.93 -21.78
N ILE B 621 9.59 -27.18 -21.43
CA ILE B 621 10.41 -27.48 -20.26
C ILE B 621 11.58 -28.35 -20.67
N ALA B 622 12.79 -27.98 -20.23
CA ALA B 622 14.00 -28.76 -20.44
C ALA B 622 14.79 -28.83 -19.15
N VAL B 623 15.60 -29.88 -19.02
CA VAL B 623 16.35 -30.14 -17.79
C VAL B 623 17.77 -30.55 -18.13
N VAL B 624 18.75 -29.92 -17.48
CA VAL B 624 20.14 -30.35 -17.50
C VAL B 624 20.53 -30.72 -16.07
N ARG B 625 21.13 -31.90 -15.91
CA ARG B 625 21.45 -32.42 -14.59
C ARG B 625 22.94 -32.30 -14.29
N PHE B 626 23.27 -32.15 -13.01
CA PHE B 626 24.63 -31.99 -12.53
C PHE B 626 24.92 -33.11 -11.53
N ARG B 627 25.94 -33.92 -11.82
CA ARG B 627 26.18 -35.12 -11.03
C ARG B 627 27.64 -35.30 -10.61
N THR B 628 28.40 -34.21 -10.53
CA THR B 628 29.78 -34.26 -10.05
C THR B 628 29.88 -33.45 -8.77
N HIS B 629 30.38 -34.08 -7.71
CA HIS B 629 30.52 -33.44 -6.42
C HIS B 629 31.93 -32.92 -6.23
N PHE B 630 32.04 -31.74 -5.63
CA PHE B 630 33.32 -31.14 -5.25
C PHE B 630 33.30 -30.95 -3.74
N SER B 631 34.08 -31.76 -3.03
CA SER B 631 34.05 -31.79 -1.58
C SER B 631 35.46 -31.65 -1.01
N GLN B 632 35.52 -31.20 0.23
CA GLN B 632 36.76 -31.27 0.99
C GLN B 632 37.03 -32.73 1.36
N PRO B 633 38.29 -33.07 1.64
CA PRO B 633 38.62 -34.49 1.89
C PRO B 633 37.78 -35.12 2.99
N SER B 634 37.50 -34.38 4.06
CA SER B 634 36.76 -34.94 5.19
C SER B 634 35.46 -35.59 4.73
N GLY B 635 34.69 -34.90 3.90
CA GLY B 635 33.42 -35.39 3.41
C GLY B 635 33.49 -36.24 2.17
N ARG B 636 34.68 -36.59 1.69
CA ARG B 636 34.78 -37.36 0.45
C ARG B 636 34.07 -38.70 0.57
N GLU B 637 34.32 -39.42 1.66
CA GLU B 637 33.79 -40.79 1.78
C GLU B 637 32.27 -40.80 1.70
N ALA B 638 31.61 -39.98 2.51
CA ALA B 638 30.15 -39.92 2.46
C ALA B 638 29.65 -39.52 1.09
N ALA B 639 30.46 -38.77 0.34
CA ALA B 639 30.03 -38.38 -1.00
C ALA B 639 30.12 -39.54 -1.98
N GLU B 640 31.04 -40.48 -1.74
CA GLU B 640 31.19 -41.63 -2.63
C GLU B 640 30.11 -42.68 -2.43
N ASN B 641 29.31 -42.57 -1.36
CA ASN B 641 28.22 -43.49 -1.09
C ASN B 641 26.87 -42.83 -1.25
N ASN B 642 26.80 -41.79 -2.08
CA ASN B 642 25.56 -41.07 -2.36
C ASN B 642 25.15 -41.31 -3.81
N ASP B 643 23.88 -41.66 -4.01
CA ASP B 643 23.38 -41.98 -5.35
C ASP B 643 23.17 -40.76 -6.22
N ALA B 644 23.23 -39.55 -5.66
CA ALA B 644 23.03 -38.33 -6.42
C ALA B 644 24.29 -37.86 -7.13
N TYR B 645 25.41 -38.56 -6.96
CA TYR B 645 26.68 -38.17 -7.55
C TYR B 645 27.24 -39.32 -8.38
N ASP B 646 27.80 -38.98 -9.54
CA ASP B 646 28.49 -39.95 -10.38
C ASP B 646 30.00 -39.82 -10.30
N LYS B 647 30.52 -38.87 -9.53
CA LYS B 647 31.94 -38.60 -9.46
C LYS B 647 32.19 -37.65 -8.31
N VAL B 648 33.31 -37.84 -7.61
CA VAL B 648 33.71 -36.99 -6.49
C VAL B 648 35.08 -36.41 -6.81
N LYS B 649 35.21 -35.09 -6.64
CA LYS B 649 36.45 -34.38 -6.92
C LYS B 649 36.77 -33.49 -5.74
N LEU B 650 38.00 -32.95 -5.75
CA LEU B 650 38.49 -32.13 -4.65
C LEU B 650 38.11 -30.67 -4.89
N LEU B 651 37.57 -30.03 -3.86
CA LEU B 651 37.21 -28.62 -3.94
C LEU B 651 38.46 -27.76 -4.10
N ASP B 652 38.33 -26.68 -4.87
CA ASP B 652 39.40 -25.74 -5.14
C ASP B 652 39.01 -24.40 -4.55
N GLU B 653 39.73 -23.97 -3.51
CA GLU B 653 39.33 -22.80 -2.75
C GLU B 653 39.62 -21.49 -3.46
N GLY B 654 40.48 -21.50 -4.48
CA GLY B 654 40.83 -20.30 -5.21
C GLY B 654 40.05 -20.06 -6.49
N LEU B 655 39.13 -20.96 -6.85
CA LEU B 655 38.41 -20.80 -8.11
C LEU B 655 37.42 -19.64 -8.05
N ASP B 656 36.75 -19.45 -6.92
CA ASP B 656 35.76 -18.39 -6.81
C ASP B 656 36.38 -17.03 -7.04
N GLY B 657 37.54 -16.78 -6.42
CA GLY B 657 38.22 -15.51 -6.63
C GLY B 657 38.71 -15.33 -8.05
N LYS B 658 39.17 -16.41 -8.67
CA LYS B 658 39.62 -16.34 -10.06
C LYS B 658 38.46 -15.95 -10.97
N ILE B 659 37.30 -16.56 -10.77
CA ILE B 659 36.14 -16.23 -11.59
C ILE B 659 35.68 -14.79 -11.32
N GLN B 660 35.66 -14.39 -10.05
CA GLN B 660 35.25 -13.03 -9.71
C GLN B 660 36.17 -11.98 -10.32
N ASN B 661 37.39 -12.37 -10.71
CA ASN B 661 38.34 -11.45 -11.31
C ASN B 661 38.29 -11.44 -12.83
N ASN B 662 37.37 -12.19 -13.44
CA ASN B 662 37.20 -12.21 -14.89
C ASN B 662 38.40 -12.85 -15.58
N ARG B 663 38.95 -13.90 -14.98
CA ARG B 663 40.10 -14.58 -15.56
C ARG B 663 39.72 -15.40 -16.79
N TYR B 664 38.53 -15.99 -16.81
CA TYR B 664 38.10 -16.86 -17.90
C TYR B 664 37.07 -16.19 -18.78
N ARG B 665 36.98 -14.86 -18.74
CA ARG B 665 35.96 -14.15 -19.49
C ARG B 665 36.06 -14.42 -20.98
N PHE B 666 37.25 -14.20 -21.57
CA PHE B 666 37.39 -14.34 -23.01
C PHE B 666 37.56 -15.79 -23.44
N ALA B 667 38.13 -16.64 -22.60
CA ALA B 667 38.17 -18.06 -22.91
C ALA B 667 36.76 -18.65 -22.97
N PHE B 668 35.93 -18.31 -21.99
CA PHE B 668 34.55 -18.79 -22.00
C PHE B 668 33.76 -18.17 -23.15
N LEU B 669 34.04 -16.90 -23.47
CA LEU B 669 33.40 -16.29 -24.64
C LEU B 669 33.76 -17.03 -25.93
N TYR B 670 35.04 -17.39 -26.08
CA TYR B 670 35.46 -18.16 -27.24
C TYR B 670 34.77 -19.51 -27.29
N LEU B 671 34.68 -20.19 -26.14
CA LEU B 671 33.98 -21.47 -26.11
C LEU B 671 32.52 -21.33 -26.50
N LEU B 672 31.85 -20.28 -25.98
CA LEU B 672 30.44 -20.07 -26.31
C LEU B 672 30.26 -19.79 -27.80
N VAL B 673 31.16 -19.03 -28.40
CA VAL B 673 31.04 -18.76 -29.83
C VAL B 673 31.25 -20.04 -30.63
N LYS B 674 32.21 -20.86 -30.21
CA LYS B 674 32.42 -22.14 -30.88
C LYS B 674 31.17 -23.01 -30.80
N TRP B 675 30.57 -23.10 -29.61
CA TRP B 675 29.35 -23.90 -29.47
C TRP B 675 28.21 -23.32 -30.28
N TYR B 676 28.12 -21.99 -30.35
CA TYR B 676 27.08 -21.36 -31.15
C TYR B 676 27.20 -21.75 -32.61
N LYS B 677 28.44 -21.75 -33.13
CA LYS B 677 28.64 -22.24 -34.50
C LYS B 677 28.27 -23.71 -34.61
N LYS B 678 28.62 -24.52 -33.60
CA LYS B 678 28.40 -25.95 -33.68
C LYS B 678 26.91 -26.31 -33.71
N TYR B 679 26.11 -25.63 -32.88
CA TYR B 679 24.71 -25.99 -32.70
C TYR B 679 23.76 -25.11 -33.49
N HIS B 680 24.28 -24.26 -34.37
CA HIS B 680 23.44 -23.38 -35.20
C HIS B 680 23.33 -23.86 -36.62
N ILE B 681 23.15 -25.17 -36.82
CA ILE B 681 22.62 -25.67 -38.09
C ILE B 681 21.48 -24.72 -38.42
N PRO B 682 21.18 -24.48 -39.70
CA PRO B 682 20.62 -23.16 -40.11
C PRO B 682 19.77 -22.48 -39.05
N ILE B 683 18.87 -23.23 -38.41
CA ILE B 683 18.04 -22.71 -37.32
C ILE B 683 18.45 -23.39 -36.03
N MET B 684 18.64 -22.61 -34.97
CA MET B 684 18.87 -23.15 -33.64
C MET B 684 17.57 -23.08 -32.84
N LYS B 685 17.13 -24.23 -32.34
CA LYS B 685 15.90 -24.33 -31.57
C LYS B 685 16.19 -25.06 -30.27
N LEU B 686 15.47 -24.68 -29.22
CA LEU B 686 15.53 -25.36 -27.94
C LEU B 686 14.37 -26.34 -27.85
N TYR B 687 14.66 -27.58 -27.48
CA TYR B 687 13.63 -28.60 -27.44
C TYR B 687 13.36 -29.05 -26.01
N PRO B 688 12.14 -29.48 -25.72
CA PRO B 688 11.81 -29.92 -24.35
C PRO B 688 12.31 -31.32 -24.06
N THR B 689 12.45 -31.60 -22.76
CA THR B 689 12.86 -32.91 -22.26
C THR B 689 11.85 -33.36 -21.22
N PRO B 690 10.63 -33.68 -21.63
CA PRO B 690 9.59 -34.04 -20.67
C PRO B 690 9.87 -35.32 -19.90
N GLU B 691 10.77 -36.18 -20.39
CA GLU B 691 11.06 -37.43 -19.72
C GLU B 691 11.83 -37.25 -18.42
N GLU B 692 12.34 -36.05 -18.15
CA GLU B 692 13.14 -35.79 -16.96
C GLU B 692 12.34 -35.17 -15.83
N ILE B 693 11.02 -35.03 -15.99
CA ILE B 693 10.17 -34.41 -14.98
C ILE B 693 9.30 -35.49 -14.35
N PRO B 694 9.49 -35.82 -13.08
CA PRO B 694 8.59 -36.78 -12.42
C PRO B 694 7.14 -36.31 -12.40
N ASP B 695 6.92 -35.00 -12.32
CA ASP B 695 5.55 -34.47 -12.28
C ASP B 695 4.79 -34.85 -13.55
N PHE B 696 5.48 -35.03 -14.69
CA PHE B 696 4.79 -35.28 -15.99
C PHE B 696 4.79 -36.75 -16.40
N ALA B 697 4.97 -37.68 -15.47
CA ALA B 697 5.15 -39.11 -15.83
C ALA B 697 3.84 -39.81 -16.21
N PHE B 698 2.77 -39.55 -15.47
CA PHE B 698 1.45 -40.16 -15.76
C PHE B 698 0.95 -39.78 -17.13
N TYR B 699 1.19 -38.53 -17.55
CA TYR B 699 0.63 -38.06 -18.80
C TYR B 699 1.29 -38.73 -20.00
N LEU B 700 2.61 -38.92 -19.95
CA LEU B 700 3.28 -39.65 -21.03
C LEU B 700 2.79 -41.09 -21.12
N LYS B 701 2.64 -41.74 -19.96
CA LYS B 701 2.13 -43.11 -19.95
C LYS B 701 0.73 -43.18 -20.54
N ILE B 702 -0.13 -42.23 -20.16
CA ILE B 702 -1.49 -42.21 -20.70
C ILE B 702 -1.47 -42.01 -22.20
N GLY B 703 -0.64 -41.06 -22.67
CA GLY B 703 -0.54 -40.82 -24.10
C GLY B 703 -0.07 -42.03 -24.86
N THR B 704 0.82 -42.83 -24.27
CA THR B 704 1.28 -44.05 -24.90
C THR B 704 0.32 -45.23 -24.71
N LEU B 705 -0.65 -45.10 -23.82
CA LEU B 705 -1.54 -46.21 -23.48
C LEU B 705 -2.88 -46.18 -24.19
N LEU B 706 -3.40 -45.01 -24.54
CA LEU B 706 -4.76 -44.87 -25.02
C LEU B 706 -4.79 -44.18 -26.38
N VAL B 707 -5.89 -44.39 -27.10
CA VAL B 707 -6.17 -43.71 -28.36
C VAL B 707 -7.59 -43.16 -28.31
N SER B 708 -7.83 -42.10 -29.06
CA SER B 708 -9.16 -41.50 -29.15
C SER B 708 -10.01 -42.32 -30.11
N SER B 709 -11.15 -42.82 -29.63
CA SER B 709 -12.04 -43.59 -30.47
C SER B 709 -12.52 -42.75 -31.65
N SER B 710 -12.46 -43.32 -32.84
CA SER B 710 -12.81 -42.62 -34.07
C SER B 710 -13.64 -43.54 -34.95
N VAL B 711 -13.99 -43.04 -36.14
CA VAL B 711 -14.80 -43.83 -37.08
C VAL B 711 -14.03 -45.01 -37.61
N LYS B 712 -12.69 -44.99 -37.56
CA LYS B 712 -11.91 -46.10 -38.08
C LYS B 712 -12.00 -47.35 -37.24
N HIS B 713 -12.53 -47.26 -36.02
CA HIS B 713 -12.65 -48.40 -35.13
C HIS B 713 -14.02 -49.05 -35.15
N ILE B 714 -14.94 -48.56 -36.01
CA ILE B 714 -16.31 -49.09 -36.01
C ILE B 714 -16.34 -50.58 -36.30
N PRO B 715 -15.69 -51.10 -37.34
CA PRO B 715 -15.69 -52.56 -37.54
C PRO B 715 -15.12 -53.32 -36.37
N LEU B 716 -14.06 -52.78 -35.75
CA LEU B 716 -13.44 -53.45 -34.61
C LEU B 716 -14.43 -53.75 -33.50
N MET B 717 -15.60 -53.10 -33.51
CA MET B 717 -16.60 -53.37 -32.50
C MET B 717 -16.95 -54.85 -32.45
N THR B 718 -16.83 -55.56 -33.58
CA THR B 718 -17.12 -56.98 -33.59
C THR B 718 -16.37 -57.70 -32.48
N ASP B 719 -15.12 -57.30 -32.23
CA ASP B 719 -14.37 -57.78 -31.08
C ASP B 719 -14.45 -56.83 -29.89
N LEU B 720 -14.65 -55.53 -30.13
CA LEU B 720 -14.63 -54.57 -29.04
C LEU B 720 -15.74 -54.85 -28.03
N SER B 721 -16.92 -55.22 -28.51
CA SER B 721 -18.01 -55.56 -27.61
C SER B 721 -17.61 -56.65 -26.63
N LYS B 722 -16.71 -57.55 -27.04
CA LYS B 722 -16.26 -58.61 -26.14
C LYS B 722 -15.49 -58.02 -24.97
N LYS B 723 -14.66 -57.01 -25.22
CA LYS B 723 -13.79 -56.45 -24.18
C LYS B 723 -14.52 -55.54 -23.21
N GLY B 724 -15.77 -55.17 -23.49
CA GLY B 724 -16.54 -54.31 -22.61
C GLY B 724 -16.93 -52.97 -23.20
N TYR B 725 -16.61 -52.69 -24.46
CA TYR B 725 -17.02 -51.44 -25.08
C TYR B 725 -18.46 -51.52 -25.56
N ILE B 726 -19.15 -50.38 -25.51
CA ILE B 726 -20.53 -50.26 -25.95
C ILE B 726 -20.58 -49.23 -27.07
N LEU B 727 -21.16 -49.62 -28.20
CA LEU B 727 -21.34 -48.70 -29.31
C LEU B 727 -22.39 -47.65 -28.96
N TYR B 728 -22.17 -46.43 -29.45
CA TYR B 728 -23.07 -45.32 -29.15
C TYR B 728 -22.88 -44.25 -30.21
N ASP B 729 -23.94 -43.93 -30.95
CA ASP B 729 -23.89 -42.93 -32.00
C ASP B 729 -22.98 -43.38 -33.14
N VAL B 731 -20.31 -44.30 -31.95
CA VAL B 731 -18.90 -44.18 -31.59
C VAL B 731 -18.57 -45.08 -30.41
N VAL B 732 -17.45 -45.79 -30.50
CA VAL B 732 -17.05 -46.69 -29.43
C VAL B 732 -16.73 -45.88 -28.18
N THR B 733 -17.32 -46.27 -27.06
CA THR B 733 -17.15 -45.57 -25.79
C THR B 733 -16.80 -46.59 -24.70
N LEU B 734 -16.55 -46.08 -23.50
CA LEU B 734 -16.24 -46.91 -22.35
C LEU B 734 -16.98 -46.37 -21.13
N PRO B 735 -17.78 -47.19 -20.45
CA PRO B 735 -18.40 -46.75 -19.21
C PRO B 735 -17.33 -46.42 -18.17
N LEU B 736 -17.67 -45.47 -17.29
CA LEU B 736 -16.70 -44.99 -16.32
C LEU B 736 -16.15 -46.14 -15.47
N THR B 737 -17.02 -47.04 -15.03
CA THR B 737 -16.56 -48.17 -14.22
C THR B 737 -15.60 -49.06 -15.00
N THR B 738 -15.93 -49.35 -16.26
CA THR B 738 -15.04 -50.17 -17.07
C THR B 738 -13.68 -49.49 -17.28
N PHE B 739 -13.70 -48.18 -17.52
CA PHE B 739 -12.44 -47.46 -17.68
C PHE B 739 -11.62 -47.49 -16.39
N GLN B 740 -12.27 -47.33 -15.24
CA GLN B 740 -11.55 -47.41 -13.97
C GLN B 740 -10.93 -48.79 -13.78
N GLN B 741 -11.69 -49.84 -14.10
CA GLN B 741 -11.16 -51.19 -13.95
C GLN B 741 -9.97 -51.42 -14.88
N LYS B 742 -10.05 -50.91 -16.11
CA LYS B 742 -8.96 -51.12 -17.07
C LYS B 742 -7.75 -50.26 -16.73
N ILE B 743 -7.95 -49.11 -16.10
CA ILE B 743 -6.85 -48.21 -15.78
C ILE B 743 -6.18 -48.55 -14.46
N SER B 744 -6.88 -49.24 -13.55
CA SER B 744 -6.24 -49.66 -12.30
C SER B 744 -5.14 -50.69 -12.54
N LYS B 745 -5.16 -51.37 -13.69
CA LYS B 745 -4.14 -52.38 -13.97
C LYS B 745 -2.78 -51.74 -14.24
N TYR B 746 -2.77 -50.57 -14.89
CA TYR B 746 -1.51 -49.94 -15.26
C TYR B 746 -0.96 -48.99 -14.20
N PHE B 747 -1.82 -48.45 -13.33
CA PHE B 747 -1.38 -47.49 -12.33
C PHE B 747 -1.84 -47.93 -10.95
N ASN B 748 -1.06 -47.56 -9.94
CA ASN B 748 -1.43 -47.80 -8.56
C ASN B 748 -2.40 -46.71 -8.11
N SER B 749 -3.63 -47.10 -7.79
CA SER B 749 -4.66 -46.12 -7.46
C SER B 749 -4.26 -45.27 -6.26
N ARG B 750 -3.66 -45.89 -5.24
CA ARG B 750 -3.28 -45.14 -4.05
C ARG B 750 -2.24 -44.07 -4.38
N LEU B 751 -1.25 -44.42 -5.19
CA LEU B 751 -0.18 -43.49 -5.54
C LEU B 751 -0.50 -42.61 -6.74
N PHE B 752 -1.59 -42.89 -7.46
CA PHE B 752 -1.93 -42.15 -8.67
C PHE B 752 -3.39 -41.70 -8.69
N GLY B 753 -4.10 -41.79 -7.56
CA GLY B 753 -5.52 -41.51 -7.57
C GLY B 753 -5.86 -40.11 -8.06
N HIS B 754 -5.10 -39.11 -7.61
CA HIS B 754 -5.42 -37.73 -7.99
C HIS B 754 -5.30 -37.54 -9.50
N ASP B 755 -4.22 -38.04 -10.10
CA ASP B 755 -4.04 -37.86 -11.54
C ASP B 755 -5.12 -38.59 -12.33
N ILE B 756 -5.47 -39.81 -11.92
CA ILE B 756 -6.52 -40.56 -12.62
C ILE B 756 -7.85 -39.82 -12.52
N GLU B 757 -8.20 -39.34 -11.32
CA GLU B 757 -9.44 -38.61 -11.16
C GLU B 757 -9.47 -37.35 -12.00
N SER B 758 -8.35 -36.61 -12.02
CA SER B 758 -8.30 -35.40 -12.82
C SER B 758 -8.48 -35.72 -14.30
N PHE B 759 -7.81 -36.76 -14.80
CA PHE B 759 -7.98 -37.15 -16.19
C PHE B 759 -9.42 -37.53 -16.50
N ILE B 760 -10.02 -38.33 -15.61
CA ILE B 760 -11.39 -38.80 -15.85
C ILE B 760 -12.36 -37.63 -15.90
N ASN B 761 -12.26 -36.71 -14.94
CA ASN B 761 -13.17 -35.58 -14.91
C ASN B 761 -12.85 -34.55 -15.99
N ARG B 762 -11.64 -34.58 -16.54
CA ARG B 762 -11.31 -33.71 -17.67
C ARG B 762 -11.85 -34.26 -18.98
N HIS B 763 -11.93 -35.58 -19.11
CA HIS B 763 -12.31 -36.19 -20.39
C HIS B 763 -13.65 -36.95 -20.34
N LYS B 764 -14.37 -36.92 -19.23
CA LYS B 764 -15.60 -37.70 -19.13
C LYS B 764 -16.71 -37.06 -19.94
N LYS B 765 -17.65 -37.90 -20.37
CA LYS B 765 -18.81 -37.48 -21.13
C LYS B 765 -20.07 -38.09 -20.52
N PHE B 766 -21.21 -37.46 -20.81
CA PHE B 766 -22.50 -37.89 -20.29
C PHE B 766 -23.41 -38.30 -21.43
N ALA B 767 -24.26 -39.29 -21.16
CA ALA B 767 -25.20 -39.79 -22.16
C ALA B 767 -26.60 -39.88 -21.57
N ASP B 771 -24.84 -41.50 -15.20
CA ASP B 771 -24.28 -42.19 -16.36
C ASP B 771 -23.24 -41.31 -17.05
N GLU B 772 -22.08 -41.90 -17.36
CA GLU B 772 -21.02 -41.19 -18.03
C GLU B 772 -20.21 -42.17 -18.88
N TYR B 773 -19.47 -41.62 -19.83
CA TYR B 773 -18.69 -42.43 -20.75
C TYR B 773 -17.38 -41.71 -21.08
N LEU B 774 -16.41 -42.49 -21.55
CA LEU B 774 -15.13 -41.97 -22.00
C LEU B 774 -14.87 -42.46 -23.43
N GLN B 775 -14.50 -41.53 -24.31
CA GLN B 775 -14.28 -41.86 -25.72
C GLN B 775 -12.82 -42.20 -25.97
N TYR B 776 -12.36 -43.25 -25.28
CA TYR B 776 -10.99 -43.71 -25.40
C TYR B 776 -10.96 -45.22 -25.51
N ILE B 777 -9.92 -45.74 -26.16
CA ILE B 777 -9.74 -47.17 -26.35
C ILE B 777 -8.30 -47.54 -26.04
N PHE B 778 -8.11 -48.69 -25.39
CA PHE B 778 -6.78 -49.14 -25.03
C PHE B 778 -6.12 -49.82 -26.22
N ILE B 779 -4.88 -49.42 -26.52
CA ILE B 779 -4.18 -49.97 -27.67
C ILE B 779 -3.96 -51.47 -27.51
N GLU B 780 -3.87 -51.96 -26.28
CA GLU B 780 -3.69 -53.38 -26.05
C GLU B 780 -4.90 -54.17 -26.57
N ASP B 781 -6.10 -53.61 -26.42
CA ASP B 781 -7.31 -54.30 -26.83
C ASP B 781 -7.45 -54.43 -28.34
N ILE B 782 -6.61 -53.75 -29.11
CA ILE B 782 -6.64 -53.85 -30.57
C ILE B 782 -5.56 -54.80 -31.05
N GLY C 323 2.11 55.97 -16.32
CA GLY C 323 3.07 55.21 -15.54
C GLY C 323 2.65 53.77 -15.31
N ASN C 324 3.56 52.84 -15.58
CA ASN C 324 3.30 51.41 -15.45
C ASN C 324 2.11 50.99 -16.33
N LYS C 325 2.36 51.08 -17.64
CA LYS C 325 1.33 50.75 -18.63
C LYS C 325 0.71 49.39 -18.36
N LEU C 326 1.52 48.41 -17.95
CA LEU C 326 1.00 47.07 -17.75
C LEU C 326 0.03 47.01 -16.57
N PHE C 327 0.32 47.77 -15.50
CA PHE C 327 -0.62 47.83 -14.38
C PHE C 327 -1.93 48.47 -14.81
N ASN C 328 -1.88 49.51 -15.65
CA ASN C 328 -3.10 50.13 -16.16
C ASN C 328 -3.90 49.16 -17.01
N ILE C 329 -3.21 48.37 -17.84
CA ILE C 329 -3.90 47.37 -18.66
C ILE C 329 -4.58 46.34 -17.76
N ALA C 330 -3.89 45.88 -16.72
CA ALA C 330 -4.49 44.93 -15.79
C ALA C 330 -5.70 45.55 -15.10
N GLN C 331 -5.61 46.83 -14.74
CA GLN C 331 -6.74 47.51 -14.10
C GLN C 331 -7.94 47.55 -15.04
N ARG C 332 -7.71 47.89 -16.32
CA ARG C 332 -8.82 47.93 -17.27
C ARG C 332 -9.46 46.56 -17.43
N ILE C 333 -8.63 45.52 -17.56
CA ILE C 333 -9.17 44.18 -17.72
C ILE C 333 -9.97 43.77 -16.50
N LEU C 334 -9.48 44.13 -15.30
CA LEU C 334 -10.25 43.85 -14.08
C LEU C 334 -11.56 44.63 -14.07
N ASP C 335 -11.55 45.84 -14.63
CA ASP C 335 -12.78 46.64 -14.68
C ASP C 335 -13.81 46.02 -15.61
N THR C 336 -13.36 45.37 -16.69
CA THR C 336 -14.31 44.72 -17.59
C THR C 336 -15.09 43.61 -16.90
N ASN C 337 -14.57 43.06 -15.79
CA ASN C 337 -15.24 42.02 -15.03
C ASN C 337 -15.24 40.68 -15.74
N SER C 338 -14.21 40.42 -16.55
CA SER C 338 -14.11 39.17 -17.30
C SER C 338 -13.30 38.09 -16.58
N VAL C 339 -12.66 38.41 -15.46
CA VAL C 339 -11.91 37.46 -14.67
C VAL C 339 -12.44 37.51 -13.24
N LEU C 340 -12.77 36.35 -12.69
CA LEU C 340 -13.28 36.28 -11.32
C LEU C 340 -12.60 35.15 -10.57
N LEU C 341 -12.55 35.30 -9.26
CA LEU C 341 -12.03 34.28 -8.35
C LEU C 341 -13.20 33.64 -7.62
N THR C 342 -13.26 32.31 -7.65
CA THR C 342 -14.36 31.59 -7.03
C THR C 342 -14.01 31.21 -5.60
N GLU C 343 -14.98 30.64 -4.89
CA GLU C 343 -14.79 30.29 -3.49
C GLU C 343 -13.69 29.23 -3.34
N ARG C 344 -13.66 28.25 -4.25
CA ARG C 344 -12.60 27.23 -4.19
C ARG C 344 -11.24 27.80 -4.54
N GLY C 345 -11.19 28.98 -5.14
CA GLY C 345 -9.94 29.53 -5.65
C GLY C 345 -9.73 29.40 -7.13
N ASP C 346 -10.73 28.92 -7.88
CA ASP C 346 -10.62 28.86 -9.33
C ASP C 346 -10.63 30.26 -9.92
N HIS C 347 -9.99 30.39 -11.08
CA HIS C 347 -10.02 31.62 -11.86
C HIS C 347 -10.89 31.36 -13.09
N ILE C 348 -12.03 32.02 -13.15
CA ILE C 348 -12.98 31.86 -14.24
C ILE C 348 -12.86 33.08 -15.15
N VAL C 349 -12.76 32.84 -16.45
CA VAL C 349 -12.67 33.89 -17.45
C VAL C 349 -13.84 33.77 -18.41
N TRP C 350 -14.19 34.90 -19.02
CA TRP C 350 -15.31 34.99 -19.94
C TRP C 350 -14.75 35.15 -21.35
N ILE C 351 -14.71 34.07 -22.11
CA ILE C 351 -14.21 34.05 -23.48
C ILE C 351 -15.26 33.43 -24.39
N ASN C 352 -15.49 34.05 -25.53
CA ASN C 352 -16.34 33.47 -26.57
C ASN C 352 -17.72 33.10 -26.04
N ASN C 353 -18.30 33.99 -25.22
CA ASN C 353 -19.69 33.85 -24.77
C ASN C 353 -19.86 32.70 -23.77
N SER C 354 -18.87 32.50 -22.90
CA SER C 354 -19.00 31.47 -21.89
C SER C 354 -17.99 31.71 -20.78
N TRP C 355 -18.31 31.23 -19.58
CA TRP C 355 -17.38 31.21 -18.46
C TRP C 355 -16.60 29.91 -18.50
N LYS C 356 -15.28 30.00 -18.33
CA LYS C 356 -14.41 28.85 -18.44
C LYS C 356 -13.38 28.86 -17.31
N PHE C 357 -13.11 27.69 -16.75
CA PHE C 357 -12.00 27.53 -15.82
C PHE C 357 -11.30 26.21 -16.12
N ASN C 358 -9.98 26.23 -16.07
CA ASN C 358 -9.15 25.04 -16.27
C ASN C 358 -8.09 25.04 -15.17
N SER C 359 -8.31 24.20 -14.14
CA SER C 359 -7.44 24.23 -12.97
C SER C 359 -5.98 23.98 -13.35
N GLU C 360 -5.73 22.91 -14.10
CA GLU C 360 -4.38 22.57 -14.52
C GLU C 360 -3.97 23.27 -15.81
N GLU C 361 -4.65 24.34 -16.18
CA GLU C 361 -4.30 25.08 -17.38
C GLU C 361 -4.96 26.46 -17.34
N PRO C 362 -4.37 27.42 -16.63
CA PRO C 362 -5.01 28.73 -16.51
C PRO C 362 -5.25 29.39 -17.87
N LEU C 363 -6.34 30.17 -17.93
CA LEU C 363 -6.77 30.79 -19.18
C LEU C 363 -6.74 32.32 -19.11
N ILE C 364 -5.94 32.89 -18.22
CA ILE C 364 -5.92 34.34 -18.08
C ILE C 364 -5.21 34.99 -19.26
N THR C 365 -4.12 34.39 -19.73
CA THR C 365 -3.41 34.97 -20.88
C THR C 365 -4.20 34.83 -22.16
N LYS C 366 -4.96 33.74 -22.31
CA LYS C 366 -5.89 33.64 -23.43
C LYS C 366 -6.90 34.77 -23.41
N LEU C 367 -7.43 35.09 -22.22
CA LEU C 367 -8.36 36.20 -22.10
C LEU C 367 -7.69 37.52 -22.45
N ILE C 368 -6.45 37.73 -21.98
CA ILE C 368 -5.75 38.97 -22.30
C ILE C 368 -5.60 39.13 -23.80
N LEU C 369 -5.17 38.06 -24.47
CA LEU C 369 -4.98 38.11 -25.92
C LEU C 369 -6.30 38.35 -26.64
N SER C 370 -7.38 37.73 -26.17
CA SER C 370 -8.66 37.88 -26.85
C SER C 370 -9.29 39.24 -26.60
N ILE C 371 -9.03 39.83 -25.43
CA ILE C 371 -9.64 41.10 -25.05
C ILE C 371 -8.82 42.31 -25.47
N ARG C 372 -7.60 42.10 -25.95
CA ARG C 372 -6.79 43.22 -26.42
C ARG C 372 -7.54 44.18 -27.34
N HIS C 373 -8.61 43.72 -27.99
CA HIS C 373 -9.30 44.57 -28.96
C HIS C 373 -10.12 45.68 -28.30
N GLN C 374 -10.65 45.45 -27.10
CA GLN C 374 -11.46 46.48 -26.45
C GLN C 374 -10.60 47.61 -25.89
N LEU C 375 -9.34 47.33 -25.57
CA LEU C 375 -8.48 48.34 -24.99
C LEU C 375 -8.10 49.40 -26.03
N PRO C 376 -7.67 50.57 -25.58
CA PRO C 376 -7.21 51.61 -26.52
C PRO C 376 -6.14 51.11 -27.48
N LYS C 377 -5.85 51.88 -28.52
CA LYS C 377 -4.93 51.42 -29.55
C LYS C 377 -3.53 51.20 -28.99
N GLU C 378 -3.06 52.10 -28.12
CA GLU C 378 -1.69 51.98 -27.62
C GLU C 378 -1.54 50.79 -26.69
N TYR C 379 -2.59 50.44 -25.94
CA TYR C 379 -2.50 49.34 -25.00
C TYR C 379 -2.54 47.97 -25.68
N SER C 380 -3.16 47.88 -26.86
CA SER C 380 -3.34 46.59 -27.51
C SER C 380 -2.04 46.06 -28.10
N SER C 381 -1.15 46.94 -28.56
CA SER C 381 0.08 46.48 -29.19
C SER C 381 1.04 45.85 -28.20
N GLU C 382 0.92 46.17 -26.91
CA GLU C 382 1.78 45.55 -25.91
C GLU C 382 1.37 44.12 -25.58
N LEU C 383 0.13 43.75 -25.89
CA LEU C 383 -0.38 42.43 -25.53
C LEU C 383 -0.01 41.35 -26.53
N LEU C 384 0.72 41.69 -27.59
CA LEU C 384 1.20 40.69 -28.53
C LEU C 384 2.45 39.98 -28.05
N CYS C 385 3.05 40.42 -26.95
CA CYS C 385 4.23 39.79 -26.38
C CYS C 385 3.82 38.84 -25.27
N PRO C 386 4.19 37.56 -25.33
CA PRO C 386 3.81 36.64 -24.24
C PRO C 386 4.35 37.06 -22.88
N ARG C 387 5.54 37.68 -22.84
CA ARG C 387 6.10 38.12 -21.56
C ARG C 387 5.28 39.24 -20.94
N LYS C 388 4.85 40.21 -21.76
CA LYS C 388 3.97 41.26 -21.25
C LYS C 388 2.66 40.69 -20.76
N ARG C 389 2.12 39.71 -21.47
CA ARG C 389 0.89 39.06 -21.03
C ARG C 389 1.08 38.35 -19.70
N LYS C 390 2.24 37.72 -19.50
CA LYS C 390 2.51 37.08 -18.21
C LYS C 390 2.60 38.11 -17.10
N THR C 391 3.22 39.26 -17.36
CA THR C 391 3.27 40.33 -16.36
C THR C 391 1.87 40.82 -16.01
N VAL C 392 1.04 41.04 -17.03
CA VAL C 392 -0.33 41.48 -16.79
C VAL C 392 -1.10 40.44 -15.99
N GLU C 393 -0.85 39.15 -16.27
CA GLU C 393 -1.52 38.09 -15.53
C GLU C 393 -1.10 38.11 -14.05
N ALA C 394 0.19 38.31 -13.79
CA ALA C 394 0.64 38.42 -12.40
C ALA C 394 -0.05 39.58 -11.69
N ASN C 395 -0.12 40.73 -12.35
CA ASN C 395 -0.83 41.87 -11.77
C ASN C 395 -2.28 41.52 -11.49
N ILE C 396 -2.95 40.89 -12.45
CA ILE C 396 -4.38 40.61 -12.33
C ILE C 396 -4.63 39.66 -11.16
N ARG C 397 -3.85 38.60 -11.05
CA ARG C 397 -4.09 37.65 -9.97
C ARG C 397 -3.60 38.16 -8.62
N ASP C 398 -2.74 39.18 -8.58
CA ASP C 398 -2.50 39.86 -7.31
C ASP C 398 -3.64 40.81 -6.95
N MET C 399 -4.35 41.34 -7.96
CA MET C 399 -5.46 42.25 -7.69
C MET C 399 -6.72 41.56 -7.22
N LEU C 400 -6.85 40.25 -7.42
CA LEU C 400 -8.09 39.53 -7.15
C LEU C 400 -8.05 38.98 -5.73
N VAL C 401 -8.68 39.70 -4.80
CA VAL C 401 -8.67 39.33 -3.40
C VAL C 401 -10.00 38.77 -2.92
N ASP C 402 -11.12 39.24 -3.47
CA ASP C 402 -12.44 38.83 -3.01
C ASP C 402 -13.05 37.80 -3.94
N SER C 403 -13.66 36.77 -3.36
CA SER C 403 -14.31 35.72 -4.12
C SER C 403 -15.74 36.12 -4.46
N VAL C 404 -16.33 35.38 -5.40
CA VAL C 404 -17.70 35.60 -5.84
C VAL C 404 -18.43 34.26 -5.86
N GLU C 405 -19.74 34.34 -5.99
CA GLU C 405 -20.61 33.17 -6.04
C GLU C 405 -20.92 32.82 -7.49
N THR C 406 -20.88 31.53 -7.81
CA THR C 406 -21.09 31.05 -9.16
C THR C 406 -22.10 29.90 -9.16
N ASP C 407 -22.82 29.76 -10.27
CA ASP C 407 -23.75 28.66 -10.47
C ASP C 407 -24.85 28.65 -9.40
N THR C 408 -25.62 29.73 -9.37
CA THR C 408 -26.69 29.91 -8.40
C THR C 408 -28.08 29.87 -9.01
N TYR C 409 -28.19 29.81 -10.34
CA TYR C 409 -29.49 29.71 -10.99
C TYR C 409 -29.70 28.28 -11.46
N PRO C 410 -30.59 27.50 -10.84
CA PRO C 410 -30.80 26.12 -11.28
C PRO C 410 -31.70 25.98 -12.50
N ASP C 411 -32.26 27.08 -13.01
CA ASP C 411 -33.18 27.02 -14.14
C ASP C 411 -32.56 27.58 -15.42
N LYS C 412 -31.25 27.72 -15.47
CA LYS C 412 -30.54 28.18 -16.65
C LYS C 412 -29.70 27.03 -17.21
N LEU C 413 -29.83 26.79 -18.50
CA LEU C 413 -29.05 25.75 -19.16
C LEU C 413 -27.93 26.39 -19.97
N PRO C 414 -26.67 26.21 -19.59
CA PRO C 414 -25.58 26.88 -20.31
C PRO C 414 -25.10 26.12 -21.54
N PHE C 415 -24.96 26.83 -22.65
CA PHE C 415 -24.40 26.30 -23.88
C PHE C 415 -23.04 26.96 -24.15
N LYS C 416 -22.46 26.65 -25.30
CA LYS C 416 -21.17 27.24 -25.66
C LYS C 416 -21.29 28.66 -26.18
N ASN C 417 -22.50 29.14 -26.49
CA ASN C 417 -22.68 30.47 -27.04
C ASN C 417 -23.78 31.25 -26.33
N GLY C 418 -24.23 30.80 -25.18
CA GLY C 418 -25.28 31.49 -24.46
C GLY C 418 -25.90 30.59 -23.42
N VAL C 419 -26.95 31.12 -22.80
CA VAL C 419 -27.70 30.44 -21.75
C VAL C 419 -29.17 30.41 -22.14
N LEU C 420 -29.81 29.27 -21.93
CA LEU C 420 -31.22 29.09 -22.23
C LEU C 420 -32.03 29.14 -20.95
N ASP C 421 -33.10 29.94 -20.97
CA ASP C 421 -34.01 30.04 -19.85
C ASP C 421 -35.03 28.92 -19.95
N LEU C 422 -35.13 28.08 -18.91
CA LEU C 422 -36.04 26.95 -18.92
C LEU C 422 -37.45 27.33 -18.52
N VAL C 423 -37.62 28.40 -17.74
CA VAL C 423 -38.96 28.81 -17.34
C VAL C 423 -39.74 29.37 -18.52
N ASP C 424 -39.07 30.15 -19.37
CA ASP C 424 -39.71 30.81 -20.51
C ASP C 424 -39.29 30.18 -21.83
N GLY C 425 -37.99 30.05 -22.07
CA GLY C 425 -37.51 29.47 -23.31
C GLY C 425 -36.79 30.47 -24.21
N MET C 426 -36.24 31.52 -23.61
CA MET C 426 -35.48 32.52 -24.33
C MET C 426 -34.00 32.24 -24.22
N PHE C 427 -33.29 32.38 -25.34
CA PHE C 427 -31.85 32.14 -25.39
C PHE C 427 -31.11 33.46 -25.31
N TYR C 428 -30.23 33.60 -24.33
CA TYR C 428 -29.46 34.82 -24.12
C TYR C 428 -28.03 34.63 -24.60
N SER C 429 -27.45 35.69 -25.13
CA SER C 429 -26.07 35.69 -25.60
C SER C 429 -25.41 37.00 -25.23
N GLY C 430 -24.08 36.97 -25.16
CA GLY C 430 -23.34 38.18 -24.85
C GLY C 430 -23.43 38.53 -23.38
N ASP C 431 -23.62 39.82 -23.09
CA ASP C 431 -23.72 40.27 -21.72
C ASP C 431 -24.97 39.74 -21.02
N ASP C 432 -26.01 39.39 -21.79
CA ASP C 432 -27.23 38.84 -21.18
C ASP C 432 -26.94 37.51 -20.49
N ALA C 433 -26.17 36.64 -21.15
CA ALA C 433 -25.80 35.36 -20.55
C ALA C 433 -24.73 35.53 -19.47
N LYS C 434 -24.01 36.64 -19.48
CA LYS C 434 -22.92 36.84 -18.53
C LYS C 434 -23.40 37.06 -17.11
N LYS C 435 -24.65 37.50 -16.92
CA LYS C 435 -25.15 37.75 -15.57
C LYS C 435 -25.17 36.46 -14.75
N TYR C 436 -25.64 35.37 -15.35
CA TYR C 436 -25.64 34.07 -14.68
C TYR C 436 -24.24 33.48 -14.81
N THR C 437 -23.54 33.36 -13.69
CA THR C 437 -22.16 32.86 -13.70
C THR C 437 -22.19 31.33 -13.77
N CYS C 438 -22.59 30.83 -14.93
CA CYS C 438 -22.59 29.41 -15.23
C CYS C 438 -21.22 29.03 -15.77
N THR C 439 -20.43 28.31 -14.99
CA THR C 439 -19.06 27.98 -15.35
C THR C 439 -18.93 26.64 -16.05
N VAL C 440 -20.04 25.95 -16.32
CA VAL C 440 -20.04 24.72 -17.09
C VAL C 440 -21.06 24.87 -18.22
N SER C 441 -20.89 24.06 -19.26
CA SER C 441 -21.78 24.14 -20.41
C SER C 441 -21.82 22.79 -21.11
N THR C 442 -22.80 22.65 -22.01
CA THR C 442 -22.93 21.42 -22.79
C THR C 442 -21.71 21.17 -23.65
N GLY C 443 -20.97 22.23 -24.01
CA GLY C 443 -19.80 22.11 -24.85
C GLY C 443 -20.06 22.28 -26.33
N PHE C 444 -21.30 22.42 -26.75
CA PHE C 444 -21.65 22.64 -28.16
C PHE C 444 -22.60 23.81 -28.27
N LYS C 445 -22.73 24.33 -29.50
CA LYS C 445 -23.49 25.55 -29.74
C LYS C 445 -24.98 25.25 -29.82
N PHE C 446 -25.78 26.09 -29.17
CA PHE C 446 -27.22 25.99 -29.27
C PHE C 446 -27.68 26.44 -30.66
N ASP C 447 -28.50 25.62 -31.30
CA ASP C 447 -29.05 25.92 -32.63
C ASP C 447 -30.54 26.15 -32.50
N ASP C 448 -30.99 27.34 -32.91
CA ASP C 448 -32.40 27.68 -32.79
C ASP C 448 -33.25 27.01 -33.85
N THR C 449 -32.69 26.75 -35.03
CA THR C 449 -33.45 26.14 -36.10
C THR C 449 -33.81 24.69 -35.79
N LYS C 450 -32.89 23.97 -35.16
CA LYS C 450 -33.11 22.55 -34.86
C LYS C 450 -33.86 22.31 -33.57
N PHE C 451 -34.05 23.34 -32.75
CA PHE C 451 -34.78 23.21 -31.49
C PHE C 451 -36.28 23.43 -31.73
N VAL C 452 -36.84 22.55 -32.56
CA VAL C 452 -38.22 22.70 -33.04
C VAL C 452 -39.03 21.48 -32.62
N GLU C 453 -40.34 21.71 -32.45
CA GLU C 453 -41.24 20.65 -32.03
C GLU C 453 -41.51 19.66 -33.15
N ASP C 454 -41.59 20.13 -34.39
CA ASP C 454 -41.90 19.28 -35.53
C ASP C 454 -40.66 19.15 -36.41
N SER C 455 -40.33 17.91 -36.78
CA SER C 455 -39.17 17.63 -37.61
C SER C 455 -39.18 16.14 -37.95
N PRO C 456 -38.52 15.75 -39.05
CA PRO C 456 -38.40 14.32 -39.34
C PRO C 456 -37.74 13.53 -38.23
N GLU C 457 -36.73 14.11 -37.58
CA GLU C 457 -36.05 13.41 -36.49
C GLU C 457 -36.97 13.26 -35.28
N MET C 458 -37.88 14.20 -35.07
CA MET C 458 -38.76 14.15 -33.91
C MET C 458 -39.69 12.95 -33.96
N GLU C 459 -40.21 12.63 -35.15
CA GLU C 459 -41.08 11.46 -35.27
C GLU C 459 -40.33 10.17 -34.94
N GLU C 460 -39.11 10.03 -35.46
CA GLU C 460 -38.31 8.84 -35.15
C GLU C 460 -38.01 8.77 -33.66
N LEU C 461 -37.65 9.90 -33.05
CA LEU C 461 -37.37 9.90 -31.62
C LEU C 461 -38.60 9.53 -30.81
N MET C 462 -39.77 10.03 -31.21
CA MET C 462 -41.00 9.68 -30.51
C MET C 462 -41.29 8.19 -30.64
N ASN C 463 -41.08 7.63 -31.83
CA ASN C 463 -41.29 6.19 -32.01
C ASN C 463 -40.34 5.39 -31.13
N ILE C 464 -39.07 5.78 -31.07
CA ILE C 464 -38.09 5.08 -30.25
C ILE C 464 -38.50 5.14 -28.77
N ILE C 465 -38.85 6.33 -28.29
CA ILE C 465 -39.16 6.50 -26.88
C ILE C 465 -40.43 5.74 -26.52
N ASN C 466 -41.43 5.74 -27.41
CA ASN C 466 -42.64 4.97 -27.15
C ASN C 466 -42.36 3.48 -27.17
N ASP C 467 -41.45 3.02 -28.03
CA ASP C 467 -41.05 1.61 -28.02
C ASP C 467 -40.41 1.24 -26.69
N ILE C 468 -39.51 2.08 -26.18
CA ILE C 468 -38.82 1.74 -24.94
C ILE C 468 -39.78 1.79 -23.76
N GLN C 469 -40.60 2.83 -23.68
CA GLN C 469 -41.57 3.00 -22.59
C GLN C 469 -42.95 3.19 -23.20
N PRO C 470 -43.68 2.10 -23.44
CA PRO C 470 -44.97 2.22 -24.13
C PRO C 470 -45.97 3.07 -23.37
N LEU C 471 -46.81 3.79 -24.12
CA LEU C 471 -47.88 4.59 -23.56
C LEU C 471 -49.10 3.70 -23.34
N THR C 472 -49.09 2.99 -22.21
CA THR C 472 -50.19 2.13 -21.82
C THR C 472 -50.55 2.41 -20.37
N ASP C 473 -51.78 2.06 -20.00
CA ASP C 473 -52.24 2.29 -18.64
C ASP C 473 -51.37 1.54 -17.64
N GLU C 474 -51.08 0.26 -17.92
CA GLU C 474 -50.29 -0.54 -17.00
C GLU C 474 -48.91 0.06 -16.79
N ASN C 475 -48.37 0.77 -17.78
CA ASN C 475 -47.07 1.41 -17.69
C ASN C 475 -47.17 2.90 -17.46
N LYS C 476 -48.36 3.42 -17.14
CA LYS C 476 -48.53 4.86 -17.00
C LYS C 476 -47.60 5.43 -15.94
N LYS C 477 -47.82 5.05 -14.67
CA LYS C 477 -47.05 5.64 -13.58
C LYS C 477 -45.56 5.50 -13.83
N ASN C 478 -45.10 4.27 -14.10
CA ASN C 478 -43.68 4.05 -14.36
C ASN C 478 -43.18 5.01 -15.42
N ARG C 479 -43.89 5.09 -16.54
CA ARG C 479 -43.43 5.96 -17.62
C ARG C 479 -43.18 7.38 -17.10
N GLU C 480 -44.14 7.91 -16.33
CA GLU C 480 -43.98 9.26 -15.81
C GLU C 480 -42.67 9.39 -15.05
N LEU C 481 -42.39 8.47 -14.14
CA LEU C 481 -41.14 8.52 -13.41
C LEU C 481 -39.97 8.64 -14.37
N TYR C 482 -39.94 7.74 -15.38
CA TYR C 482 -38.95 7.83 -16.44
C TYR C 482 -38.79 9.28 -16.89
N GLU C 483 -39.86 9.84 -17.43
CA GLU C 483 -39.79 11.22 -17.93
C GLU C 483 -39.24 12.14 -16.86
N LYS C 484 -39.81 12.08 -15.66
CA LYS C 484 -39.38 12.98 -14.60
C LYS C 484 -37.88 12.89 -14.43
N THR C 485 -37.37 11.66 -14.23
CA THR C 485 -35.95 11.50 -13.98
C THR C 485 -35.14 12.15 -15.09
N LEU C 486 -35.52 11.88 -16.34
CA LEU C 486 -34.75 12.43 -17.46
C LEU C 486 -34.77 13.95 -17.43
N SER C 487 -35.94 14.53 -17.20
CA SER C 487 -36.02 15.98 -17.15
C SER C 487 -35.22 16.53 -15.99
N SER C 488 -35.10 15.75 -14.91
CA SER C 488 -34.34 16.22 -13.75
C SER C 488 -32.88 16.42 -14.10
N CYS C 489 -32.41 15.88 -15.22
CA CYS C 489 -31.02 16.09 -15.63
C CYS C 489 -30.77 17.50 -16.10
N LEU C 490 -31.81 18.31 -16.28
CA LEU C 490 -31.63 19.71 -16.68
C LEU C 490 -31.46 20.65 -15.50
N CYS C 491 -31.98 20.30 -14.33
CA CYS C 491 -31.91 21.19 -13.18
C CYS C 491 -30.50 21.26 -12.62
N GLY C 492 -30.03 22.46 -12.34
CA GLY C 492 -28.73 22.66 -11.72
C GLY C 492 -28.82 22.77 -10.22
N ALA C 493 -29.37 21.73 -9.57
CA ALA C 493 -29.58 21.73 -8.13
C ALA C 493 -29.19 20.37 -7.59
N THR C 494 -29.36 20.18 -6.29
CA THR C 494 -29.06 18.92 -5.62
C THR C 494 -30.34 18.10 -5.49
N LYS C 495 -30.27 16.85 -5.92
CA LYS C 495 -31.39 15.93 -5.84
C LYS C 495 -31.22 14.98 -4.66
N GLY C 496 -32.35 14.53 -4.12
CA GLY C 496 -32.35 13.67 -2.95
C GLY C 496 -32.57 12.20 -3.19
N CYS C 497 -32.45 11.71 -4.42
CA CYS C 497 -32.67 10.31 -4.72
C CYS C 497 -31.61 9.79 -5.68
N LEU C 498 -31.36 8.49 -5.61
CA LEU C 498 -30.56 7.78 -6.59
C LEU C 498 -31.45 6.80 -7.33
N THR C 499 -31.47 6.91 -8.65
CA THR C 499 -32.38 6.12 -9.48
C THR C 499 -31.65 4.92 -10.09
N PHE C 500 -32.38 3.81 -10.22
CA PHE C 500 -31.86 2.59 -10.80
C PHE C 500 -32.68 2.25 -12.04
N PHE C 501 -32.02 2.16 -13.18
CA PHE C 501 -32.64 1.70 -14.41
C PHE C 501 -32.53 0.18 -14.44
N PHE C 502 -33.64 -0.51 -14.17
CA PHE C 502 -33.64 -1.95 -14.00
C PHE C 502 -34.44 -2.61 -15.12
N GLY C 503 -33.88 -3.69 -15.66
CA GLY C 503 -34.55 -4.45 -16.70
C GLY C 503 -33.67 -5.60 -17.12
N GLU C 504 -34.22 -6.43 -18.00
CA GLU C 504 -33.48 -7.55 -18.57
C GLU C 504 -32.57 -7.02 -19.68
N THR C 505 -31.96 -7.93 -20.43
CA THR C 505 -31.03 -7.53 -21.48
C THR C 505 -31.78 -7.05 -22.72
N ALA C 506 -31.18 -6.08 -23.40
CA ALA C 506 -31.70 -5.55 -24.66
C ALA C 506 -33.10 -4.95 -24.47
N THR C 507 -33.18 -3.98 -23.55
CA THR C 507 -34.42 -3.30 -23.25
C THR C 507 -34.38 -1.81 -23.49
N GLY C 508 -33.22 -1.26 -23.84
CA GLY C 508 -33.10 0.15 -24.16
C GLY C 508 -32.51 1.05 -23.09
N LYS C 509 -31.93 0.46 -22.04
CA LYS C 509 -31.32 1.28 -20.99
C LYS C 509 -30.10 2.03 -21.52
N SER C 510 -29.20 1.33 -22.21
CA SER C 510 -28.03 1.98 -22.77
C SER C 510 -28.40 2.93 -23.89
N THR C 511 -29.45 2.62 -24.63
CA THR C 511 -29.95 3.55 -25.65
C THR C 511 -30.38 4.86 -25.01
N THR C 512 -31.13 4.77 -23.90
CA THR C 512 -31.55 5.96 -23.18
C THR C 512 -30.35 6.74 -22.66
N LYS C 513 -29.37 6.04 -22.09
CA LYS C 513 -28.19 6.71 -21.56
C LYS C 513 -27.44 7.45 -22.68
N ARG C 514 -27.27 6.81 -23.83
CA ARG C 514 -26.58 7.45 -24.94
C ARG C 514 -27.37 8.63 -25.48
N LEU C 515 -28.69 8.52 -25.55
CA LEU C 515 -29.50 9.64 -25.99
C LEU C 515 -29.36 10.84 -25.06
N LEU C 516 -29.38 10.59 -23.75
CA LEU C 516 -29.22 11.68 -22.80
C LEU C 516 -27.83 12.30 -22.91
N LYS C 517 -26.80 11.47 -23.07
CA LYS C 517 -25.46 12.00 -23.26
C LYS C 517 -25.39 12.89 -24.49
N SER C 518 -25.97 12.44 -25.60
CA SER C 518 -25.99 13.26 -26.81
C SER C 518 -26.73 14.58 -26.58
N ALA C 519 -27.84 14.52 -25.87
CA ALA C 519 -28.65 15.73 -25.66
C ALA C 519 -27.93 16.76 -24.81
N ILE C 520 -27.26 16.34 -23.74
CA ILE C 520 -26.75 17.30 -22.77
C ILE C 520 -25.23 17.44 -22.80
N GLY C 521 -24.55 16.79 -23.74
CA GLY C 521 -23.15 17.13 -23.96
C GLY C 521 -22.29 16.92 -22.74
N ASP C 522 -21.55 17.97 -22.37
CA ASP C 522 -20.54 17.91 -21.31
C ASP C 522 -21.13 17.99 -19.92
N LEU C 523 -22.43 18.22 -19.77
CA LEU C 523 -23.06 18.18 -18.46
C LEU C 523 -23.30 16.75 -17.98
N PHE C 524 -23.07 15.76 -18.84
CA PHE C 524 -23.22 14.35 -18.54
C PHE C 524 -21.84 13.77 -18.24
N VAL C 525 -21.77 12.92 -17.21
CA VAL C 525 -20.51 12.28 -16.85
C VAL C 525 -20.78 10.81 -16.51
N GLU C 526 -19.78 9.98 -16.78
CA GLU C 526 -19.80 8.57 -16.45
C GLU C 526 -18.72 8.29 -15.41
N THR C 527 -19.06 7.49 -14.40
CA THR C 527 -18.10 7.16 -13.36
C THR C 527 -18.11 5.65 -13.10
N GLY C 528 -17.15 5.22 -12.29
CA GLY C 528 -17.05 3.82 -11.92
C GLY C 528 -17.85 3.47 -10.68
N GLN C 529 -17.95 2.18 -10.41
CA GLN C 529 -18.71 1.69 -9.27
C GLN C 529 -18.01 1.96 -7.94
N THR C 530 -16.76 2.45 -7.96
CA THR C 530 -16.08 2.75 -6.71
C THR C 530 -16.86 3.74 -5.86
N ILE C 531 -17.42 4.77 -6.50
CA ILE C 531 -18.21 5.76 -5.79
C ILE C 531 -19.38 5.16 -5.04
N LEU C 532 -19.69 3.87 -5.27
CA LEU C 532 -20.74 3.19 -4.55
C LEU C 532 -20.24 2.15 -3.55
N THR C 533 -18.99 1.71 -3.67
CA THR C 533 -18.51 0.59 -2.87
C THR C 533 -17.10 0.81 -2.33
N ASP C 534 -16.70 2.07 -2.13
CA ASP C 534 -15.38 2.37 -1.63
C ASP C 534 -15.47 3.53 -0.63
N VAL C 535 -14.36 3.77 0.05
CA VAL C 535 -14.26 4.87 1.01
C VAL C 535 -13.96 6.15 0.23
N LEU C 536 -14.89 7.11 0.29
CA LEU C 536 -14.77 8.31 -0.53
C LEU C 536 -13.55 9.14 -0.16
N ASP C 537 -13.14 9.10 1.11
CA ASP C 537 -12.01 9.90 1.56
C ASP C 537 -10.74 9.52 0.83
N LYS C 538 -10.25 8.29 1.05
CA LYS C 538 -9.05 7.77 0.39
C LYS C 538 -8.00 8.84 0.14
N GLY C 539 -7.69 9.08 -1.13
CA GLY C 539 -6.77 10.11 -1.52
C GLY C 539 -7.20 10.79 -2.80
N PRO C 540 -6.23 11.23 -3.63
CA PRO C 540 -6.58 11.84 -4.91
C PRO C 540 -7.55 10.97 -5.71
N ASN C 541 -8.76 11.47 -5.93
CA ASN C 541 -9.84 10.69 -6.54
C ASN C 541 -10.42 11.45 -7.72
N PRO C 542 -9.85 11.28 -8.92
CA PRO C 542 -10.46 11.89 -10.11
C PRO C 542 -11.88 11.41 -10.37
N PHE C 543 -12.21 10.17 -9.99
CA PHE C 543 -13.54 9.63 -10.22
C PHE C 543 -14.62 10.35 -9.43
N ILE C 544 -14.24 11.14 -8.43
CA ILE C 544 -15.17 12.00 -7.72
C ILE C 544 -14.97 13.47 -8.09
N ALA C 545 -13.72 13.87 -8.32
CA ALA C 545 -13.44 15.24 -8.71
C ALA C 545 -14.04 15.59 -10.07
N ASN C 546 -14.34 14.60 -10.89
CA ASN C 546 -14.94 14.86 -12.20
C ASN C 546 -16.45 15.05 -12.14
N MET C 547 -17.05 14.89 -10.96
CA MET C 547 -18.49 15.06 -10.77
C MET C 547 -18.87 16.48 -10.39
N HIS C 548 -17.91 17.39 -10.31
CA HIS C 548 -18.16 18.73 -9.80
C HIS C 548 -18.99 19.53 -10.80
N LEU C 549 -20.17 19.97 -10.36
CA LEU C 549 -21.08 20.80 -11.15
C LEU C 549 -21.75 20.03 -12.28
N LYS C 550 -21.65 18.71 -12.30
CA LYS C 550 -22.31 17.91 -13.32
C LYS C 550 -23.78 17.69 -12.97
N ARG C 551 -24.65 17.81 -13.97
CA ARG C 551 -26.08 17.64 -13.77
C ARG C 551 -26.55 16.21 -14.04
N SER C 552 -25.65 15.30 -14.40
CA SER C 552 -26.02 13.91 -14.63
C SER C 552 -24.78 13.04 -14.48
N VAL C 553 -24.89 12.03 -13.61
CA VAL C 553 -23.81 11.08 -13.36
C VAL C 553 -24.36 9.68 -13.56
N PHE C 554 -23.69 8.88 -14.39
CA PHE C 554 -24.11 7.53 -14.70
C PHE C 554 -23.09 6.51 -14.20
N CYS C 555 -23.59 5.48 -13.54
CA CYS C 555 -22.82 4.28 -13.20
C CYS C 555 -23.51 3.07 -13.80
N SER C 556 -22.73 2.17 -14.38
CA SER C 556 -23.29 1.06 -15.13
C SER C 556 -22.75 -0.27 -14.61
N GLU C 557 -23.51 -1.34 -14.91
CA GLU C 557 -23.07 -2.72 -14.72
C GLU C 557 -22.70 -2.99 -13.25
N LEU C 558 -23.73 -2.94 -12.42
CA LEU C 558 -23.57 -3.32 -11.03
C LEU C 558 -23.09 -4.77 -10.95
N PRO C 559 -22.02 -5.05 -10.20
CA PRO C 559 -21.62 -6.45 -10.01
C PRO C 559 -22.59 -7.18 -9.10
N ASP C 560 -23.68 -7.66 -9.68
CA ASP C 560 -24.80 -8.15 -8.89
C ASP C 560 -24.35 -9.27 -7.94
N PHE C 561 -25.24 -9.62 -7.02
CA PHE C 561 -24.92 -10.49 -5.91
C PHE C 561 -25.70 -11.80 -5.94
N ALA C 562 -26.17 -12.21 -7.12
CA ALA C 562 -26.76 -13.54 -7.25
C ALA C 562 -25.76 -14.61 -6.82
N CYS C 563 -24.52 -14.49 -7.30
CA CYS C 563 -23.42 -15.29 -6.78
C CYS C 563 -22.75 -14.49 -5.66
N SER C 564 -22.96 -14.92 -4.42
CA SER C 564 -22.44 -14.19 -3.28
C SER C 564 -20.92 -14.19 -3.29
N GLY C 565 -20.34 -13.11 -2.77
CA GLY C 565 -18.90 -12.99 -2.71
C GLY C 565 -18.37 -11.65 -3.20
N SER C 566 -19.26 -10.69 -3.40
CA SER C 566 -18.90 -9.37 -3.90
C SER C 566 -19.24 -8.31 -2.87
N LYS C 567 -18.43 -7.24 -2.87
CA LYS C 567 -18.67 -6.15 -1.94
C LYS C 567 -20.03 -5.51 -2.18
N LYS C 568 -20.71 -5.18 -1.09
CA LYS C 568 -22.04 -4.59 -1.15
C LYS C 568 -21.93 -3.07 -1.29
N ILE C 569 -23.08 -2.44 -1.56
CA ILE C 569 -23.15 -0.99 -1.68
C ILE C 569 -23.16 -0.38 -0.28
N ARG C 570 -22.30 0.60 -0.06
CA ARG C 570 -22.17 1.23 1.25
C ARG C 570 -23.23 2.32 1.42
N SER C 571 -24.09 2.17 2.42
CA SER C 571 -25.09 3.18 2.70
C SER C 571 -24.46 4.53 3.03
N ASP C 572 -23.25 4.50 3.61
CA ASP C 572 -22.55 5.76 3.88
C ASP C 572 -22.28 6.53 2.60
N ASN C 573 -21.85 5.82 1.54
CA ASN C 573 -21.65 6.47 0.25
C ASN C 573 -22.98 6.97 -0.32
N ILE C 574 -24.04 6.19 -0.16
CA ILE C 574 -25.35 6.63 -0.64
C ILE C 574 -25.76 7.93 0.01
N LYS C 575 -25.48 8.08 1.32
CA LYS C 575 -25.82 9.32 2.01
C LYS C 575 -24.89 10.45 1.62
N LYS C 576 -23.60 10.17 1.46
CA LYS C 576 -22.66 11.21 1.06
C LYS C 576 -22.95 11.74 -0.34
N LEU C 577 -23.54 10.90 -1.20
CA LEU C 577 -23.83 11.30 -2.57
C LEU C 577 -25.10 12.13 -2.70
N THR C 578 -25.86 12.30 -1.61
CA THR C 578 -27.06 13.13 -1.62
C THR C 578 -26.86 14.45 -0.89
N GLU C 579 -25.64 14.75 -0.45
CA GLU C 579 -25.36 16.00 0.21
C GLU C 579 -24.94 17.06 -0.80
N PRO C 580 -25.14 18.34 -0.46
CA PRO C 580 -24.82 19.41 -1.43
C PRO C 580 -23.35 19.48 -1.81
N CYS C 581 -22.46 18.93 -0.99
CA CYS C 581 -21.03 18.98 -1.27
C CYS C 581 -20.43 17.59 -1.13
N VAL C 582 -19.41 17.31 -1.94
CA VAL C 582 -18.70 16.05 -1.91
C VAL C 582 -17.20 16.34 -1.81
N ILE C 583 -16.47 15.35 -1.31
CA ILE C 583 -15.03 15.49 -1.07
C ILE C 583 -14.28 14.60 -2.04
N GLY C 584 -13.32 15.18 -2.75
CA GLY C 584 -12.53 14.48 -3.73
C GLY C 584 -11.65 15.44 -4.50
N ARG C 585 -10.39 15.08 -4.71
CA ARG C 585 -9.43 16.02 -5.26
C ARG C 585 -8.67 15.40 -6.43
N PRO C 586 -8.34 16.20 -7.45
CA PRO C 586 -7.62 15.66 -8.61
C PRO C 586 -6.12 15.65 -8.41
N CYS C 587 -5.39 15.14 -9.41
CA CYS C 587 -3.94 15.07 -9.34
C CYS C 587 -3.34 16.45 -9.60
N PHE C 588 -2.36 16.83 -8.77
CA PHE C 588 -1.67 18.11 -8.89
C PHE C 588 -2.58 19.30 -8.62
N SER C 589 -3.66 19.10 -7.87
CA SER C 589 -4.58 20.17 -7.51
C SER C 589 -4.96 20.02 -6.05
N ASN C 590 -5.38 21.14 -5.45
CA ASN C 590 -5.86 21.16 -4.07
C ASN C 590 -7.26 21.77 -4.09
N LYS C 591 -8.26 20.94 -4.38
CA LYS C 591 -9.67 21.33 -4.28
C LYS C 591 -10.45 20.07 -3.92
N ILE C 592 -10.65 19.86 -2.62
CA ILE C 592 -11.36 18.67 -2.14
C ILE C 592 -12.86 18.85 -2.10
N ASN C 593 -13.37 20.03 -2.45
CA ASN C 593 -14.78 20.35 -2.34
C ASN C 593 -15.39 20.46 -3.74
N ASN C 594 -16.43 19.67 -3.98
CA ASN C 594 -17.12 19.65 -5.26
C ASN C 594 -18.61 19.85 -5.03
N ARG C 595 -19.20 20.73 -5.84
CA ARG C 595 -20.64 20.98 -5.75
C ARG C 595 -21.41 19.86 -6.43
N ASN C 596 -22.52 19.46 -5.81
CA ASN C 596 -23.30 18.32 -6.26
C ASN C 596 -24.60 18.80 -6.88
N HIS C 597 -24.69 18.71 -8.21
CA HIS C 597 -25.89 19.05 -8.95
C HIS C 597 -26.44 17.87 -9.75
N ALA C 598 -25.92 16.67 -9.52
CA ALA C 598 -26.06 15.56 -10.45
C ALA C 598 -27.23 14.66 -10.10
N THR C 599 -28.03 14.33 -11.11
CA THR C 599 -28.94 13.19 -11.03
C THR C 599 -28.13 11.93 -11.27
N ILE C 600 -28.16 11.01 -10.30
CA ILE C 600 -27.32 9.83 -10.32
C ILE C 600 -28.17 8.64 -10.76
N ILE C 601 -27.78 8.00 -11.86
CA ILE C 601 -28.53 6.89 -12.42
C ILE C 601 -27.61 5.69 -12.58
N ILE C 602 -28.12 4.51 -12.24
CA ILE C 602 -27.36 3.26 -12.28
C ILE C 602 -28.07 2.30 -13.22
N ASP C 603 -27.34 1.79 -14.21
CA ASP C 603 -27.83 0.78 -15.14
C ASP C 603 -27.52 -0.60 -14.56
N THR C 604 -28.56 -1.43 -14.43
CA THR C 604 -28.38 -2.73 -13.81
C THR C 604 -29.34 -3.74 -14.44
N ASN C 605 -28.93 -5.00 -14.40
CA ASN C 605 -29.81 -6.14 -14.67
C ASN C 605 -30.29 -6.82 -13.39
N TYR C 606 -29.78 -6.41 -12.24
CA TYR C 606 -30.08 -7.02 -10.96
C TYR C 606 -30.37 -5.93 -9.93
N LYS C 607 -31.35 -6.18 -9.07
CA LYS C 607 -31.71 -5.22 -8.05
C LYS C 607 -30.57 -5.05 -7.04
N PRO C 608 -30.42 -3.86 -6.48
CA PRO C 608 -29.31 -3.62 -5.54
C PRO C 608 -29.55 -4.30 -4.20
N VAL C 609 -28.44 -4.55 -3.50
CA VAL C 609 -28.46 -5.05 -2.13
C VAL C 609 -27.45 -4.25 -1.33
N PHE C 610 -27.86 -3.81 -0.14
CA PHE C 610 -27.04 -2.99 0.73
C PHE C 610 -26.68 -3.75 2.00
N ASP C 611 -25.62 -3.28 2.66
CA ASP C 611 -25.16 -3.93 3.89
C ASP C 611 -26.12 -3.64 5.05
N ARG C 612 -26.63 -2.42 5.14
CA ARG C 612 -27.51 -2.02 6.23
C ARG C 612 -28.79 -1.41 5.65
N ILE C 613 -29.91 -1.65 6.34
CA ILE C 613 -31.20 -1.13 5.93
C ILE C 613 -31.73 -0.24 7.06
N ASP C 614 -32.07 1.01 6.72
CA ASP C 614 -32.66 1.94 7.67
C ASP C 614 -33.47 2.96 6.89
N ASN C 615 -34.42 3.58 7.59
CA ASN C 615 -35.32 4.52 6.92
C ASN C 615 -34.56 5.68 6.29
N ALA C 616 -33.38 6.03 6.80
CA ALA C 616 -32.58 7.06 6.14
C ALA C 616 -32.14 6.62 4.75
N LEU C 617 -31.70 5.37 4.62
CA LEU C 617 -31.35 4.83 3.31
C LEU C 617 -32.57 4.47 2.49
N MET C 618 -33.64 4.03 3.14
CA MET C 618 -34.85 3.62 2.44
C MET C 618 -35.62 4.79 1.84
N ARG C 619 -35.23 6.02 2.15
CA ARG C 619 -35.96 7.21 1.71
C ARG C 619 -35.35 7.86 0.47
N ARG C 620 -34.29 7.29 -0.10
CA ARG C 620 -33.58 7.93 -1.21
C ARG C 620 -33.23 6.90 -2.28
N ILE C 621 -34.18 6.04 -2.62
CA ILE C 621 -33.99 5.04 -3.66
C ILE C 621 -35.24 4.99 -4.54
N ALA C 622 -35.04 5.06 -5.86
CA ALA C 622 -36.12 4.96 -6.83
C ALA C 622 -35.72 4.01 -7.94
N VAL C 623 -36.73 3.40 -8.56
CA VAL C 623 -36.50 2.35 -9.56
C VAL C 623 -37.43 2.56 -10.74
N VAL C 624 -36.88 2.40 -11.95
CA VAL C 624 -37.65 2.46 -13.20
C VAL C 624 -37.44 1.14 -13.93
N ARG C 625 -38.53 0.60 -14.47
CA ARG C 625 -38.51 -0.71 -15.12
C ARG C 625 -38.46 -0.56 -16.64
N PHE C 626 -37.67 -1.43 -17.28
CA PHE C 626 -37.62 -1.53 -18.73
C PHE C 626 -38.10 -2.94 -19.11
N ARG C 627 -39.13 -3.01 -19.95
CA ARG C 627 -39.75 -4.30 -20.22
C ARG C 627 -40.07 -4.53 -21.70
N THR C 628 -39.40 -3.82 -22.61
CA THR C 628 -39.54 -4.06 -24.04
C THR C 628 -38.27 -4.69 -24.56
N HIS C 629 -38.41 -5.80 -25.29
CA HIS C 629 -37.27 -6.55 -25.81
C HIS C 629 -37.10 -6.27 -27.30
N PHE C 630 -35.87 -5.98 -27.70
CA PHE C 630 -35.50 -5.79 -29.10
C PHE C 630 -34.58 -6.93 -29.49
N SER C 631 -35.04 -7.79 -30.40
CA SER C 631 -34.35 -9.04 -30.72
C SER C 631 -34.28 -9.25 -32.22
N GLN C 632 -33.33 -10.08 -32.63
CA GLN C 632 -33.28 -10.52 -34.01
C GLN C 632 -34.40 -11.51 -34.29
N PRO C 633 -34.77 -11.69 -35.55
CA PRO C 633 -35.90 -12.59 -35.85
C PRO C 633 -35.69 -14.01 -35.36
N SER C 634 -34.45 -14.47 -35.28
CA SER C 634 -34.20 -15.85 -34.84
C SER C 634 -34.62 -16.06 -33.39
N GLY C 635 -34.32 -15.10 -32.53
CA GLY C 635 -34.58 -15.27 -31.11
C GLY C 635 -35.83 -14.59 -30.61
N ARG C 636 -36.73 -14.23 -31.53
CA ARG C 636 -37.95 -13.53 -31.15
C ARG C 636 -38.92 -14.46 -30.43
N GLU C 637 -39.13 -15.66 -30.96
CA GLU C 637 -40.14 -16.56 -30.40
C GLU C 637 -39.87 -16.85 -28.93
N ALA C 638 -38.62 -17.19 -28.61
CA ALA C 638 -38.26 -17.42 -27.21
C ALA C 638 -38.53 -16.19 -26.38
N ALA C 639 -38.19 -15.00 -26.90
CA ALA C 639 -38.45 -13.76 -26.18
C ALA C 639 -39.93 -13.57 -25.90
N GLU C 640 -40.81 -14.22 -26.65
CA GLU C 640 -42.25 -14.09 -26.43
C GLU C 640 -42.76 -15.00 -25.31
N ASN C 641 -41.90 -15.86 -24.76
CA ASN C 641 -42.30 -16.74 -23.67
C ASN C 641 -41.51 -16.45 -22.39
N ASN C 642 -40.93 -15.27 -22.30
CA ASN C 642 -40.21 -14.82 -21.10
C ASN C 642 -41.08 -13.81 -20.36
N ASP C 643 -41.26 -14.03 -19.07
CA ASP C 643 -42.10 -13.13 -18.27
C ASP C 643 -41.41 -11.82 -17.93
N ALA C 644 -40.11 -11.69 -18.24
CA ALA C 644 -39.40 -10.44 -18.00
C ALA C 644 -39.69 -9.38 -19.06
N TYR C 645 -40.41 -9.73 -20.11
CA TYR C 645 -40.72 -8.80 -21.20
C TYR C 645 -42.22 -8.70 -21.36
N ASP C 646 -42.72 -7.47 -21.49
CA ASP C 646 -44.12 -7.22 -21.79
C ASP C 646 -44.37 -7.01 -23.28
N LYS C 647 -43.32 -6.95 -24.09
CA LYS C 647 -43.46 -6.65 -25.52
C LYS C 647 -42.14 -6.97 -26.20
N VAL C 648 -42.23 -7.47 -27.43
CA VAL C 648 -41.05 -7.85 -28.21
C VAL C 648 -41.08 -7.09 -29.53
N LYS C 649 -39.99 -6.39 -29.82
CA LYS C 649 -39.84 -5.60 -31.04
C LYS C 649 -38.75 -6.22 -31.92
N LEU C 650 -38.46 -5.55 -33.03
CA LEU C 650 -37.43 -5.98 -33.97
C LEU C 650 -36.23 -5.06 -33.85
N LEU C 651 -35.05 -5.66 -33.70
CA LEU C 651 -33.84 -4.88 -33.52
C LEU C 651 -33.47 -4.13 -34.79
N ASP C 652 -33.04 -2.89 -34.62
CA ASP C 652 -32.57 -2.04 -35.70
C ASP C 652 -31.07 -1.85 -35.54
N GLU C 653 -30.30 -2.23 -36.56
CA GLU C 653 -28.84 -2.19 -36.48
C GLU C 653 -28.26 -0.83 -36.78
N GLY C 654 -29.04 0.09 -37.36
CA GLY C 654 -28.55 1.42 -37.66
C GLY C 654 -28.76 2.45 -36.58
N LEU C 655 -29.52 2.11 -35.53
CA LEU C 655 -29.81 3.09 -34.49
C LEU C 655 -28.55 3.51 -33.74
N ASP C 656 -27.66 2.55 -33.44
CA ASP C 656 -26.47 2.87 -32.65
C ASP C 656 -25.61 3.92 -33.35
N GLY C 657 -25.32 3.71 -34.63
CA GLY C 657 -24.53 4.68 -35.36
C GLY C 657 -25.23 6.02 -35.53
N LYS C 658 -26.56 5.99 -35.66
CA LYS C 658 -27.31 7.24 -35.76
C LYS C 658 -27.20 8.06 -34.49
N ILE C 659 -27.34 7.41 -33.33
CA ILE C 659 -27.26 8.14 -32.07
C ILE C 659 -25.82 8.59 -31.80
N GLN C 660 -24.84 7.74 -32.13
CA GLN C 660 -23.45 8.10 -31.91
C GLN C 660 -23.04 9.33 -32.72
N ASN C 661 -23.80 9.66 -33.76
CA ASN C 661 -23.51 10.81 -34.62
C ASN C 661 -24.36 12.02 -34.27
N ASN C 662 -25.06 12.00 -33.14
CA ASN C 662 -25.82 13.14 -32.65
C ASN C 662 -26.93 13.54 -33.61
N ARG C 663 -27.69 12.55 -34.07
CA ARG C 663 -28.83 12.82 -34.94
C ARG C 663 -30.02 13.37 -34.16
N TYR C 664 -30.24 12.87 -32.94
CA TYR C 664 -31.39 13.24 -32.12
C TYR C 664 -31.03 14.19 -30.99
N ARG C 665 -29.92 14.92 -31.12
CA ARG C 665 -29.46 15.78 -30.04
C ARG C 665 -30.49 16.85 -29.69
N PHE C 666 -30.93 17.62 -30.70
CA PHE C 666 -31.81 18.75 -30.43
C PHE C 666 -33.26 18.31 -30.27
N ALA C 667 -33.69 17.25 -30.96
CA ALA C 667 -35.04 16.73 -30.74
C ALA C 667 -35.18 16.23 -29.30
N PHE C 668 -34.18 15.48 -28.82
CA PHE C 668 -34.24 15.00 -27.45
C PHE C 668 -34.09 16.14 -26.46
N LEU C 669 -33.30 17.16 -26.79
CA LEU C 669 -33.24 18.34 -25.93
C LEU C 669 -34.59 19.02 -25.81
N TYR C 670 -35.30 19.16 -26.93
CA TYR C 670 -36.64 19.75 -26.90
C TYR C 670 -37.59 18.91 -26.07
N LEU C 671 -37.52 17.59 -26.22
CA LEU C 671 -38.36 16.70 -25.41
C LEU C 671 -38.06 16.86 -23.93
N LEU C 672 -36.78 16.94 -23.57
CA LEU C 672 -36.39 17.11 -22.18
C LEU C 672 -36.91 18.43 -21.62
N VAL C 673 -36.83 19.49 -22.42
CA VAL C 673 -37.33 20.79 -21.96
C VAL C 673 -38.84 20.74 -21.75
N LYS C 674 -39.56 20.09 -22.66
CA LYS C 674 -41.01 19.96 -22.50
C LYS C 674 -41.35 19.18 -21.24
N TRP C 675 -40.65 18.08 -20.98
CA TRP C 675 -40.91 17.32 -19.76
C TRP C 675 -40.54 18.12 -18.52
N TYR C 676 -39.47 18.91 -18.59
CA TYR C 676 -39.09 19.75 -17.47
C TYR C 676 -40.21 20.74 -17.14
N LYS C 677 -40.77 21.37 -18.17
CA LYS C 677 -41.91 22.26 -17.94
C LYS C 677 -43.09 21.50 -17.35
N LYS C 678 -43.36 20.30 -17.87
CA LYS C 678 -44.53 19.55 -17.43
C LYS C 678 -44.43 19.14 -15.96
N TYR C 679 -43.27 18.63 -15.54
CA TYR C 679 -43.10 18.10 -14.20
C TYR C 679 -42.55 19.12 -13.22
N HIS C 680 -42.34 20.36 -13.64
CA HIS C 680 -41.77 21.40 -12.77
C HIS C 680 -42.82 22.37 -12.30
N ILE C 681 -44.00 21.87 -11.90
CA ILE C 681 -44.91 22.67 -11.09
C ILE C 681 -44.05 23.25 -9.97
N PRO C 682 -44.50 24.32 -9.29
CA PRO C 682 -43.55 25.22 -8.60
C PRO C 682 -42.29 24.55 -8.08
N ILE C 683 -42.42 23.38 -7.45
CA ILE C 683 -41.27 22.63 -6.96
C ILE C 683 -41.27 21.25 -7.60
N MET C 684 -40.13 20.87 -8.18
CA MET C 684 -39.91 19.52 -8.67
C MET C 684 -39.13 18.73 -7.64
N LYS C 685 -39.60 17.54 -7.30
CA LYS C 685 -38.98 16.71 -6.28
C LYS C 685 -38.93 15.27 -6.75
N LEU C 686 -37.87 14.57 -6.35
CA LEU C 686 -37.71 13.16 -6.65
C LEU C 686 -38.15 12.34 -5.45
N TYR C 687 -39.00 11.33 -5.69
CA TYR C 687 -39.58 10.57 -4.61
C TYR C 687 -39.11 9.12 -4.65
N PRO C 688 -38.70 8.55 -3.52
CA PRO C 688 -38.27 7.15 -3.49
C PRO C 688 -39.41 6.20 -3.76
N THR C 689 -39.05 4.99 -4.16
CA THR C 689 -39.99 3.89 -4.39
C THR C 689 -39.50 2.66 -3.66
N PRO C 690 -39.60 2.66 -2.32
CA PRO C 690 -39.06 1.53 -1.55
C PRO C 690 -39.77 0.22 -1.81
N GLU C 691 -40.99 0.23 -2.35
CA GLU C 691 -41.72 -1.01 -2.56
C GLU C 691 -41.01 -1.92 -3.57
N GLU C 692 -40.43 -1.33 -4.60
CA GLU C 692 -39.84 -2.13 -5.67
C GLU C 692 -38.68 -2.99 -5.15
N ILE C 693 -37.82 -2.42 -4.32
CA ILE C 693 -36.64 -3.12 -3.84
C ILE C 693 -37.07 -4.27 -2.94
N PRO C 694 -36.66 -5.51 -3.23
CA PRO C 694 -37.02 -6.64 -2.36
C PRO C 694 -36.18 -6.68 -1.10
N ASP C 695 -34.96 -6.14 -1.18
CA ASP C 695 -34.10 -6.08 -0.01
C ASP C 695 -34.77 -5.30 1.11
N PHE C 696 -35.53 -4.26 0.76
CA PHE C 696 -36.25 -3.45 1.74
C PHE C 696 -37.59 -4.06 2.13
N ALA C 697 -37.98 -5.18 1.54
CA ALA C 697 -39.35 -5.65 1.66
C ALA C 697 -39.74 -5.91 3.11
N PHE C 698 -38.94 -6.71 3.83
CA PHE C 698 -39.34 -7.16 5.15
C PHE C 698 -39.59 -5.98 6.08
N TYR C 699 -38.65 -5.04 6.15
CA TYR C 699 -38.82 -3.86 6.99
C TYR C 699 -40.14 -3.18 6.70
N LEU C 700 -40.51 -3.08 5.42
CA LEU C 700 -41.77 -2.43 5.08
C LEU C 700 -42.95 -3.14 5.71
N LYS C 701 -42.95 -4.48 5.68
CA LYS C 701 -44.03 -5.23 6.32
C LYS C 701 -44.15 -4.88 7.79
N ILE C 702 -43.03 -4.52 8.44
CA ILE C 702 -43.07 -4.18 9.85
C ILE C 702 -44.04 -3.03 10.10
N GLY C 703 -44.20 -2.14 9.11
CA GLY C 703 -45.14 -1.05 9.27
C GLY C 703 -46.54 -1.54 9.56
N THR C 704 -46.96 -2.62 8.89
CA THR C 704 -48.25 -3.24 9.15
C THR C 704 -48.14 -4.42 10.12
N LEU C 705 -46.95 -4.67 10.67
CA LEU C 705 -46.75 -5.83 11.55
C LEU C 705 -47.03 -5.48 13.00
N LEU C 706 -46.32 -4.50 13.55
CA LEU C 706 -46.49 -4.11 14.93
C LEU C 706 -46.01 -2.68 15.12
N VAL C 707 -46.48 -2.06 16.21
CA VAL C 707 -46.09 -0.71 16.58
C VAL C 707 -45.60 -0.72 18.02
N SER C 708 -45.10 0.43 18.46
CA SER C 708 -44.58 0.57 19.81
C SER C 708 -45.70 0.95 20.77
N SER C 709 -45.89 0.14 21.81
CA SER C 709 -46.97 0.37 22.75
C SER C 709 -46.75 1.66 23.53
N SER C 710 -47.83 2.38 23.78
CA SER C 710 -47.81 3.62 24.54
C SER C 710 -48.39 3.38 25.93
N VAL C 711 -48.55 4.46 26.70
CA VAL C 711 -49.14 4.39 28.03
C VAL C 711 -50.66 4.29 27.90
N LYS C 712 -51.14 4.25 26.67
CA LYS C 712 -52.57 4.14 26.39
C LYS C 712 -53.02 2.70 26.24
N HIS C 713 -52.14 1.72 26.46
CA HIS C 713 -52.47 0.31 26.33
C HIS C 713 -52.64 -0.36 27.70
N ILE C 714 -52.98 0.42 28.72
CA ILE C 714 -53.18 -0.12 30.06
C ILE C 714 -54.47 -0.93 30.09
N PRO C 715 -55.63 -0.32 29.83
CA PRO C 715 -56.89 -1.09 29.87
C PRO C 715 -56.91 -2.23 28.89
N LEU C 716 -56.28 -2.09 27.73
CA LEU C 716 -56.31 -3.15 26.73
C LEU C 716 -55.75 -4.45 27.29
N MET C 717 -54.88 -4.37 28.30
CA MET C 717 -54.32 -5.57 28.89
C MET C 717 -55.40 -6.50 29.43
N THR C 718 -56.58 -5.96 29.78
CA THR C 718 -57.68 -6.81 30.21
C THR C 718 -57.93 -7.92 29.20
N ASP C 719 -57.85 -7.60 27.91
CA ASP C 719 -57.93 -8.62 26.88
C ASP C 719 -56.55 -9.11 26.45
N LEU C 720 -55.49 -8.35 26.71
CA LEU C 720 -54.15 -8.75 26.29
C LEU C 720 -53.77 -10.08 26.93
N SER C 721 -54.07 -10.26 28.22
CA SER C 721 -53.82 -11.55 28.85
C SER C 721 -54.53 -12.67 28.12
N LYS C 722 -55.76 -12.41 27.66
CA LYS C 722 -56.46 -13.39 26.84
C LYS C 722 -55.72 -13.63 25.52
N LYS C 723 -55.21 -12.55 24.91
CA LYS C 723 -54.49 -12.66 23.66
C LYS C 723 -53.07 -13.19 23.83
N GLY C 724 -52.58 -13.28 25.05
CA GLY C 724 -51.24 -13.80 25.29
C GLY C 724 -50.34 -12.84 26.05
N TYR C 725 -50.48 -11.54 25.76
CA TYR C 725 -49.65 -10.55 26.43
C TYR C 725 -49.96 -10.52 27.93
N ILE C 726 -48.92 -10.35 28.73
CA ILE C 726 -49.04 -10.31 30.18
C ILE C 726 -48.68 -8.90 30.65
N LEU C 727 -49.55 -8.32 31.46
CA LEU C 727 -49.33 -6.96 31.95
C LEU C 727 -48.01 -6.88 32.71
N TYR C 728 -47.18 -5.91 32.35
CA TYR C 728 -45.89 -5.72 32.99
C TYR C 728 -45.49 -4.26 32.87
N ASP C 729 -45.23 -3.61 34.00
CA ASP C 729 -44.87 -2.19 34.03
C ASP C 729 -45.98 -1.32 33.43
N ASN C 730 -47.23 -1.77 33.54
CA ASN C 730 -48.38 -1.02 33.05
C ASN C 730 -48.31 -0.76 31.55
N VAL C 731 -47.45 -1.47 30.84
CA VAL C 731 -47.26 -1.29 29.40
C VAL C 731 -47.32 -2.65 28.74
N VAL C 732 -48.01 -2.73 27.59
CA VAL C 732 -48.15 -3.99 26.89
C VAL C 732 -46.77 -4.49 26.46
N THR C 733 -46.54 -5.78 26.69
CA THR C 733 -45.29 -6.41 26.30
C THR C 733 -45.55 -7.87 25.96
N LEU C 734 -44.64 -8.46 25.19
CA LEU C 734 -44.81 -9.84 24.75
C LEU C 734 -43.54 -10.64 25.04
N PRO C 735 -43.68 -11.94 25.23
CA PRO C 735 -42.49 -12.79 25.44
C PRO C 735 -41.79 -13.10 24.13
N LEU C 736 -40.56 -13.61 24.26
CA LEU C 736 -39.79 -13.97 23.08
C LEU C 736 -40.47 -15.08 22.29
N THR C 737 -40.83 -16.18 22.98
CA THR C 737 -41.53 -17.26 22.31
C THR C 737 -42.89 -16.81 21.80
N THR C 738 -43.62 -16.03 22.61
CA THR C 738 -44.91 -15.50 22.17
C THR C 738 -44.74 -14.58 20.97
N PHE C 739 -43.69 -13.74 20.99
CA PHE C 739 -43.44 -12.87 19.85
C PHE C 739 -43.15 -13.67 18.59
N GLN C 740 -42.35 -14.73 18.72
CA GLN C 740 -42.06 -15.57 17.56
C GLN C 740 -43.32 -16.24 17.03
N GLN C 741 -44.16 -16.74 17.93
CA GLN C 741 -45.40 -17.38 17.51
C GLN C 741 -46.31 -16.38 16.80
N LYS C 742 -46.42 -15.16 17.32
CA LYS C 742 -47.24 -14.15 16.68
C LYS C 742 -46.68 -13.77 15.32
N ILE C 743 -45.35 -13.65 15.21
CA ILE C 743 -44.75 -13.31 13.93
C ILE C 743 -44.98 -14.40 12.91
N SER C 744 -44.98 -15.66 13.35
CA SER C 744 -45.19 -16.77 12.42
C SER C 744 -46.50 -16.62 11.65
N LYS C 745 -47.50 -15.99 12.27
CA LYS C 745 -48.77 -15.79 11.58
C LYS C 745 -48.62 -14.86 10.38
N TYR C 746 -47.95 -13.72 10.59
CA TYR C 746 -47.82 -12.73 9.52
C TYR C 746 -47.03 -13.29 8.33
N PHE C 747 -45.93 -13.98 8.62
CA PHE C 747 -45.09 -14.54 7.56
C PHE C 747 -44.43 -15.81 8.05
N ASN C 748 -44.06 -16.67 7.10
CA ASN C 748 -43.40 -17.92 7.41
C ASN C 748 -41.89 -17.71 7.53
N SER C 749 -41.31 -18.30 8.56
CA SER C 749 -39.87 -18.19 8.79
C SER C 749 -39.05 -18.95 7.75
N ARG C 750 -39.69 -19.78 6.92
CA ARG C 750 -38.93 -20.54 5.93
C ARG C 750 -38.21 -19.63 4.96
N LEU C 751 -38.88 -18.58 4.49
CA LEU C 751 -38.27 -17.61 3.59
C LEU C 751 -37.89 -16.31 4.29
N PHE C 752 -38.25 -16.14 5.57
CA PHE C 752 -37.91 -14.92 6.29
C PHE C 752 -37.49 -15.20 7.73
N GLY C 753 -36.98 -16.39 8.04
CA GLY C 753 -36.60 -16.70 9.40
C GLY C 753 -35.46 -15.83 9.91
N HIS C 754 -34.44 -15.62 9.06
CA HIS C 754 -33.32 -14.79 9.46
C HIS C 754 -33.76 -13.36 9.74
N ASP C 755 -34.68 -12.83 8.93
CA ASP C 755 -35.22 -11.51 9.18
C ASP C 755 -35.97 -11.46 10.50
N ILE C 756 -36.73 -12.52 10.82
CA ILE C 756 -37.45 -12.56 12.08
C ILE C 756 -36.46 -12.55 13.26
N GLU C 757 -35.40 -13.34 13.16
CA GLU C 757 -34.39 -13.35 14.21
C GLU C 757 -33.74 -11.99 14.37
N SER C 758 -33.41 -11.34 13.24
CA SER C 758 -32.80 -10.02 13.31
C SER C 758 -33.74 -9.02 13.98
N PHE C 759 -35.02 -9.05 13.63
CA PHE C 759 -35.99 -8.15 14.25
C PHE C 759 -36.12 -8.42 15.74
N ILE C 760 -36.14 -9.70 16.13
CA ILE C 760 -36.24 -10.03 17.55
C ILE C 760 -35.03 -9.48 18.30
N ASN C 761 -33.84 -9.66 17.74
CA ASN C 761 -32.64 -9.11 18.38
C ASN C 761 -32.70 -7.59 18.45
N ARG C 762 -33.19 -6.94 17.39
CA ARG C 762 -33.23 -5.48 17.36
C ARG C 762 -34.19 -4.93 18.41
N HIS C 763 -35.35 -5.57 18.60
CA HIS C 763 -36.36 -5.09 19.51
C HIS C 763 -36.29 -5.78 20.88
N LYS C 764 -35.24 -6.55 21.14
CA LYS C 764 -35.15 -7.31 22.39
C LYS C 764 -35.13 -6.38 23.59
N LYS C 765 -35.93 -6.73 24.60
CA LYS C 765 -35.96 -6.02 25.87
C LYS C 765 -35.88 -7.04 27.00
N PHE C 766 -34.99 -6.80 27.95
CA PHE C 766 -34.73 -7.73 29.04
C PHE C 766 -35.11 -7.08 30.37
N ALA C 767 -35.76 -7.85 31.23
CA ALA C 767 -36.16 -7.37 32.54
C ALA C 767 -35.34 -8.06 33.64
N ASP C 771 -35.15 -14.05 30.07
CA ASP C 771 -36.19 -13.15 30.56
C ASP C 771 -36.27 -11.90 29.71
N GLU C 772 -36.41 -12.07 28.41
CA GLU C 772 -36.50 -10.97 27.46
C GLU C 772 -37.91 -10.91 26.89
N TYR C 773 -38.49 -9.71 26.91
CA TYR C 773 -39.84 -9.49 26.40
C TYR C 773 -39.84 -8.32 25.43
N LEU C 774 -40.83 -8.31 24.54
CA LEU C 774 -40.97 -7.26 23.54
C LEU C 774 -42.22 -6.45 23.85
N GLN C 775 -42.06 -5.13 23.99
CA GLN C 775 -43.17 -4.22 24.27
C GLN C 775 -43.72 -3.64 22.96
N TYR C 776 -44.12 -4.55 22.07
CA TYR C 776 -44.67 -4.19 20.77
C TYR C 776 -46.08 -4.74 20.65
N ILE C 777 -46.98 -3.93 20.11
CA ILE C 777 -48.39 -4.26 19.99
C ILE C 777 -48.74 -4.44 18.52
N PHE C 778 -49.33 -5.58 18.19
CA PHE C 778 -49.80 -5.82 16.83
C PHE C 778 -51.08 -5.03 16.56
N ILE C 779 -51.20 -4.50 15.34
CA ILE C 779 -52.39 -3.74 14.99
C ILE C 779 -53.64 -4.59 15.09
N GLU C 780 -53.56 -5.83 14.58
CA GLU C 780 -54.72 -6.73 14.67
C GLU C 780 -55.05 -7.06 16.12
N ASP C 781 -54.07 -7.00 17.02
CA ASP C 781 -54.32 -7.34 18.42
C ASP C 781 -55.36 -6.40 19.04
N ILE C 782 -55.27 -5.12 18.75
CA ILE C 782 -56.21 -4.14 19.27
C ILE C 782 -57.63 -4.49 18.84
N GLY D 323 38.70 41.28 -3.54
CA GLY D 323 38.33 40.33 -4.57
C GLY D 323 37.21 39.38 -4.14
N ASN D 324 36.07 39.47 -4.82
CA ASN D 324 34.91 38.65 -4.51
C ASN D 324 34.45 38.89 -3.07
N LYS D 325 33.94 40.11 -2.86
CA LYS D 325 33.45 40.50 -1.54
C LYS D 325 32.48 39.48 -0.97
N LEU D 326 31.61 38.91 -1.81
CA LEU D 326 30.64 37.94 -1.32
C LEU D 326 31.32 36.69 -0.79
N PHE D 327 32.40 36.24 -1.42
CA PHE D 327 33.15 35.11 -0.89
C PHE D 327 33.76 35.44 0.47
N ASN D 328 34.27 36.66 0.62
CA ASN D 328 34.80 37.07 1.92
C ASN D 328 33.71 37.07 2.98
N ILE D 329 32.51 37.55 2.65
CA ILE D 329 31.41 37.54 3.60
C ILE D 329 31.08 36.11 4.00
N ALA D 330 31.02 35.21 3.01
CA ALA D 330 30.74 33.80 3.32
C ALA D 330 31.80 33.21 4.22
N GLN D 331 33.07 33.52 3.96
CA GLN D 331 34.15 33.00 4.79
C GLN D 331 34.05 33.52 6.22
N ARG D 332 33.75 34.81 6.37
CA ARG D 332 33.61 35.38 7.72
C ARG D 332 32.44 34.72 8.46
N ILE D 333 31.32 34.51 7.77
CA ILE D 333 30.17 33.86 8.42
C ILE D 333 30.53 32.43 8.80
N LEU D 334 31.31 31.75 7.96
CA LEU D 334 31.73 30.39 8.27
C LEU D 334 32.69 30.34 9.45
N ASP D 335 33.46 31.41 9.65
CA ASP D 335 34.44 31.42 10.73
C ASP D 335 33.81 31.44 12.12
N THR D 336 32.51 31.74 12.22
CA THR D 336 31.84 31.81 13.52
C THR D 336 31.10 30.53 13.88
N ASN D 337 31.18 29.50 13.04
CA ASN D 337 30.60 28.19 13.34
C ASN D 337 29.10 28.29 13.65
N SER D 338 28.39 29.14 12.91
CA SER D 338 26.95 29.28 13.06
C SER D 338 26.16 28.38 12.12
N VAL D 339 26.83 27.70 11.19
CA VAL D 339 26.18 26.75 10.29
C VAL D 339 26.99 25.45 10.32
N LEU D 340 26.30 24.33 10.47
CA LEU D 340 26.96 23.04 10.54
C LEU D 340 26.23 22.03 9.68
N LEU D 341 26.97 21.05 9.18
CA LEU D 341 26.45 19.94 8.39
C LEU D 341 26.42 18.69 9.26
N THR D 342 25.29 18.00 9.28
CA THR D 342 25.08 16.87 10.17
C THR D 342 25.09 15.56 9.38
N GLU D 343 25.13 14.46 10.13
CA GLU D 343 25.20 13.14 9.53
C GLU D 343 23.94 12.79 8.74
N ARG D 344 22.84 13.47 8.98
CA ARG D 344 21.59 13.19 8.29
C ARG D 344 21.44 14.00 7.00
N GLY D 345 22.44 14.78 6.63
CA GLY D 345 22.38 15.58 5.42
C GLY D 345 21.71 16.93 5.57
N ASP D 346 21.33 17.31 6.77
CA ASP D 346 20.67 18.59 7.01
C ASP D 346 21.64 19.59 7.64
N HIS D 347 21.43 20.87 7.33
CA HIS D 347 22.19 21.94 7.93
C HIS D 347 21.49 22.45 9.18
N ILE D 348 22.28 22.75 10.21
CA ILE D 348 21.77 23.34 11.44
C ILE D 348 22.40 24.72 11.59
N VAL D 349 21.56 25.72 11.82
CA VAL D 349 22.02 27.10 11.97
C VAL D 349 21.75 27.57 13.39
N TRP D 350 22.62 28.44 13.88
CA TRP D 350 22.52 28.96 15.25
C TRP D 350 21.94 30.37 15.16
N ILE D 351 20.62 30.46 15.30
CA ILE D 351 19.90 31.73 15.24
C ILE D 351 18.96 31.80 16.44
N ASN D 352 18.98 32.94 17.14
CA ASN D 352 18.11 33.15 18.29
C ASN D 352 18.52 32.29 19.47
N ASN D 353 19.82 32.08 19.65
CA ASN D 353 20.36 31.28 20.75
C ASN D 353 19.75 29.88 20.76
N SER D 354 19.81 29.21 19.61
CA SER D 354 19.30 27.86 19.50
C SER D 354 19.73 27.27 18.16
N TRP D 355 20.05 25.98 18.17
CA TRP D 355 20.39 25.26 16.94
C TRP D 355 19.09 24.79 16.29
N LYS D 356 18.73 25.41 15.17
CA LYS D 356 17.51 25.09 14.44
C LYS D 356 17.84 24.53 13.07
N PHE D 357 17.01 23.60 12.60
CA PHE D 357 17.19 23.03 11.29
C PHE D 357 15.82 22.72 10.69
N ASN D 358 15.72 22.83 9.37
CA ASN D 358 14.49 22.52 8.66
C ASN D 358 14.83 22.19 7.21
N SER D 359 14.01 21.32 6.62
CA SER D 359 14.19 20.90 5.24
C SER D 359 13.28 21.66 4.28
N GLU D 360 12.42 22.55 4.78
CA GLU D 360 11.56 23.36 3.93
C GLU D 360 11.89 24.85 4.03
N GLU D 361 11.88 25.41 5.23
CA GLU D 361 12.21 26.82 5.38
C GLU D 361 13.71 27.04 5.20
N PRO D 362 14.13 27.98 4.36
CA PRO D 362 15.56 28.27 4.20
C PRO D 362 16.08 29.09 5.37
N LEU D 363 16.87 28.45 6.23
CA LEU D 363 17.38 29.11 7.43
C LEU D 363 18.74 29.76 7.24
N ILE D 364 19.45 29.44 6.16
CA ILE D 364 20.78 30.01 5.96
C ILE D 364 20.69 31.49 5.60
N THR D 365 19.73 31.86 4.74
CA THR D 365 19.57 33.27 4.39
C THR D 365 19.01 34.07 5.56
N LYS D 366 18.15 33.45 6.38
CA LYS D 366 17.72 34.08 7.62
C LYS D 366 18.92 34.38 8.51
N LEU D 367 19.83 33.41 8.66
CA LEU D 367 21.02 33.61 9.46
C LEU D 367 21.91 34.70 8.88
N ILE D 368 22.05 34.74 7.56
CA ILE D 368 22.88 35.77 6.93
C ILE D 368 22.31 37.15 7.23
N LEU D 369 21.00 37.31 7.04
CA LEU D 369 20.38 38.61 7.30
C LEU D 369 20.51 39.00 8.75
N SER D 370 20.31 38.05 9.67
CA SER D 370 20.41 38.37 11.10
C SER D 370 21.84 38.73 11.48
N ILE D 371 22.82 37.99 10.96
CA ILE D 371 24.23 38.16 11.33
C ILE D 371 24.87 39.36 10.66
N ARG D 372 24.23 39.95 9.64
CA ARG D 372 24.81 41.10 8.96
C ARG D 372 25.35 42.16 9.92
N HIS D 373 24.84 42.23 11.15
CA HIS D 373 25.26 43.28 12.07
C HIS D 373 26.63 43.06 12.67
N GLN D 374 27.16 41.83 12.64
CA GLN D 374 28.47 41.53 13.19
C GLN D 374 29.60 41.72 12.19
N LEU D 375 29.31 42.17 10.98
CA LEU D 375 30.31 42.40 9.95
C LEU D 375 30.62 43.88 9.83
N PRO D 376 31.72 44.24 9.16
CA PRO D 376 32.04 45.65 8.95
C PRO D 376 30.93 46.38 8.21
N LYS D 377 31.07 47.70 8.14
CA LYS D 377 30.04 48.52 7.51
C LYS D 377 30.01 48.32 6.00
N GLU D 378 31.18 48.12 5.38
CA GLU D 378 31.25 47.97 3.94
C GLU D 378 30.67 46.65 3.45
N TYR D 379 30.35 45.72 4.35
CA TYR D 379 29.78 44.43 3.98
C TYR D 379 28.30 44.31 4.28
N SER D 380 27.81 45.00 5.31
CA SER D 380 26.41 44.83 5.71
C SER D 380 25.45 45.26 4.62
N SER D 381 25.75 46.36 3.93
CA SER D 381 24.85 46.86 2.90
C SER D 381 24.69 45.90 1.73
N GLU D 382 25.61 44.96 1.56
CA GLU D 382 25.47 43.99 0.49
C GLU D 382 24.42 42.94 0.80
N LEU D 383 24.17 42.67 2.08
CA LEU D 383 23.29 41.58 2.50
C LEU D 383 21.82 41.97 2.50
N LEU D 384 21.48 43.19 2.12
CA LEU D 384 20.08 43.60 2.03
C LEU D 384 19.42 43.13 0.74
N CYS D 385 20.17 42.66 -0.23
CA CYS D 385 19.67 42.13 -1.49
C CYS D 385 19.47 40.63 -1.38
N PRO D 386 18.26 40.12 -1.66
CA PRO D 386 18.06 38.65 -1.60
C PRO D 386 18.96 37.87 -2.53
N ARG D 387 19.28 38.41 -3.72
CA ARG D 387 20.14 37.70 -4.66
C ARG D 387 21.55 37.51 -4.08
N LYS D 388 22.08 38.56 -3.46
CA LYS D 388 23.40 38.45 -2.85
C LYS D 388 23.39 37.49 -1.67
N ARG D 389 22.30 37.47 -0.92
CA ARG D 389 22.15 36.48 0.15
C ARG D 389 22.17 35.07 -0.41
N LYS D 390 21.50 34.87 -1.55
CA LYS D 390 21.51 33.55 -2.20
C LYS D 390 22.93 33.16 -2.63
N THR D 391 23.67 34.12 -3.20
CA THR D 391 25.05 33.85 -3.59
C THR D 391 25.90 33.46 -2.38
N VAL D 392 25.78 34.21 -1.29
CA VAL D 392 26.55 33.90 -0.09
C VAL D 392 26.17 32.53 0.45
N GLU D 393 24.88 32.18 0.39
CA GLU D 393 24.44 30.88 0.85
C GLU D 393 25.03 29.76 -0.02
N ALA D 394 25.11 29.98 -1.33
CA ALA D 394 25.75 28.99 -2.20
C ALA D 394 27.21 28.80 -1.83
N ASN D 395 27.92 29.91 -1.57
CA ASN D 395 29.32 29.79 -1.16
C ASN D 395 29.43 29.01 0.14
N ILE D 396 28.58 29.32 1.12
CA ILE D 396 28.62 28.63 2.40
C ILE D 396 28.36 27.14 2.22
N ARG D 397 27.39 26.79 1.38
CA ARG D 397 27.10 25.39 1.12
C ARG D 397 28.30 24.69 0.49
N ASP D 398 28.99 25.35 -0.43
CA ASP D 398 30.16 24.73 -1.05
C ASP D 398 31.32 24.59 -0.07
N MET D 399 31.38 25.45 0.95
CA MET D 399 32.50 25.39 1.90
C MET D 399 32.39 24.23 2.88
N LEU D 400 31.18 23.77 3.20
CA LEU D 400 30.97 22.78 4.25
C LEU D 400 31.10 21.38 3.67
N VAL D 401 32.18 20.70 4.00
CA VAL D 401 32.47 19.36 3.49
C VAL D 401 32.28 18.29 4.56
N ASP D 402 32.84 18.51 5.75
CA ASP D 402 32.83 17.51 6.80
C ASP D 402 31.61 17.68 7.70
N SER D 403 31.02 16.54 8.08
CA SER D 403 29.86 16.53 8.96
C SER D 403 30.30 16.56 10.43
N VAL D 404 29.33 16.75 11.31
CA VAL D 404 29.57 16.75 12.76
C VAL D 404 28.49 15.93 13.44
N GLU D 405 28.76 15.53 14.67
CA GLU D 405 27.82 14.80 15.50
C GLU D 405 27.10 15.75 16.44
N THR D 406 25.82 15.48 16.68
CA THR D 406 24.99 16.32 17.52
C THR D 406 24.48 15.54 18.72
N ASP D 407 24.23 16.26 19.81
CA ASP D 407 23.65 15.69 21.03
C ASP D 407 24.51 14.56 21.57
N THR D 408 25.76 14.89 21.89
CA THR D 408 26.71 13.92 22.43
C THR D 408 26.96 14.08 23.92
N TYR D 409 26.33 15.06 24.58
CA TYR D 409 26.53 15.28 25.99
C TYR D 409 25.32 14.77 26.76
N PRO D 410 25.45 13.72 27.57
CA PRO D 410 24.28 13.18 28.27
C PRO D 410 23.86 14.01 29.48
N ASP D 411 24.81 14.71 30.10
CA ASP D 411 24.56 15.45 31.34
C ASP D 411 24.33 16.93 31.09
N LYS D 412 23.69 17.28 29.98
CA LYS D 412 23.33 18.66 29.68
C LYS D 412 21.83 18.72 29.39
N LEU D 413 21.13 19.66 30.02
CA LEU D 413 19.70 19.81 29.81
C LEU D 413 19.45 21.05 28.96
N PRO D 414 19.05 20.92 27.71
CA PRO D 414 18.88 22.10 26.85
C PRO D 414 17.53 22.77 27.00
N PHE D 415 17.52 24.02 27.45
CA PHE D 415 16.30 24.80 27.55
C PHE D 415 16.16 25.67 26.29
N LYS D 416 15.18 26.58 26.31
CA LYS D 416 14.97 27.45 25.16
C LYS D 416 16.02 28.55 25.06
N ASN D 417 16.71 28.86 26.15
CA ASN D 417 17.67 29.96 26.19
C ASN D 417 18.96 29.54 26.89
N GLY D 418 19.47 28.36 26.55
CA GLY D 418 20.75 27.93 27.05
C GLY D 418 20.74 26.45 27.36
N VAL D 419 21.81 26.02 28.03
CA VAL D 419 21.98 24.62 28.43
C VAL D 419 22.36 24.61 29.91
N LEU D 420 21.59 23.86 30.71
CA LEU D 420 21.88 23.72 32.12
C LEU D 420 22.81 22.54 32.35
N ASP D 421 23.90 22.79 33.08
CA ASP D 421 24.86 21.75 33.42
C ASP D 421 24.36 21.02 34.67
N LEU D 422 24.08 19.73 34.52
CA LEU D 422 23.53 18.96 35.63
C LEU D 422 24.58 18.64 36.68
N VAL D 423 25.84 18.48 36.27
CA VAL D 423 26.87 18.08 37.22
C VAL D 423 27.13 19.19 38.24
N ASP D 424 27.15 20.44 37.79
CA ASP D 424 27.47 21.57 38.65
C ASP D 424 26.30 22.52 38.87
N GLY D 425 25.22 22.39 38.10
CA GLY D 425 24.07 23.24 38.27
C GLY D 425 24.20 24.63 37.70
N MET D 426 25.23 24.89 36.89
CA MET D 426 25.41 26.19 36.27
C MET D 426 24.63 26.26 34.96
N PHE D 427 24.22 27.47 34.60
CA PHE D 427 23.43 27.71 33.40
C PHE D 427 24.25 28.51 32.40
N TYR D 428 24.23 28.07 31.14
CA TYR D 428 24.97 28.70 30.06
C TYR D 428 24.00 29.33 29.06
N SER D 429 24.33 30.52 28.58
CA SER D 429 23.48 31.26 27.67
C SER D 429 24.31 31.82 26.52
N GLY D 430 23.62 32.10 25.41
CA GLY D 430 24.30 32.69 24.26
C GLY D 430 25.40 31.78 23.74
N ASP D 431 26.58 32.36 23.51
CA ASP D 431 27.70 31.57 23.00
C ASP D 431 28.15 30.50 23.99
N ASP D 432 27.77 30.62 25.26
CA ASP D 432 28.15 29.61 26.24
C ASP D 432 27.51 28.26 25.91
N ALA D 433 26.24 28.27 25.52
CA ALA D 433 25.52 27.05 25.18
C ALA D 433 25.76 26.59 23.74
N LYS D 434 26.53 27.35 22.97
CA LYS D 434 26.74 27.01 21.57
C LYS D 434 27.60 25.75 21.43
N LYS D 435 28.59 25.59 22.31
CA LYS D 435 29.52 24.47 22.18
C LYS D 435 28.81 23.13 22.24
N TYR D 436 27.68 23.06 22.93
CA TYR D 436 26.88 21.84 23.00
C TYR D 436 25.87 21.86 21.85
N THR D 437 26.10 21.00 20.86
CA THR D 437 25.23 20.95 19.68
C THR D 437 23.93 20.23 20.05
N CYS D 438 23.16 20.90 20.91
CA CYS D 438 21.90 20.36 21.40
C CYS D 438 20.77 20.72 20.43
N THR D 439 20.18 19.70 19.81
CA THR D 439 19.12 19.91 18.83
C THR D 439 17.73 19.91 19.46
N VAL D 440 17.55 19.21 20.58
CA VAL D 440 16.26 19.14 21.25
C VAL D 440 16.26 20.11 22.43
N SER D 441 15.08 20.47 22.89
CA SER D 441 14.95 21.42 23.98
C SER D 441 13.63 21.19 24.70
N THR D 442 13.56 21.68 25.94
CA THR D 442 12.33 21.55 26.71
C THR D 442 11.19 22.32 26.07
N GLY D 443 11.46 23.52 25.57
CA GLY D 443 10.44 24.35 24.95
C GLY D 443 10.04 25.57 25.73
N PHE D 444 10.65 25.82 26.90
CA PHE D 444 10.35 26.99 27.71
C PHE D 444 11.63 27.53 28.31
N LYS D 445 11.59 28.81 28.67
CA LYS D 445 12.76 29.46 29.25
C LYS D 445 12.97 29.02 30.69
N PHE D 446 14.22 29.06 31.13
CA PHE D 446 14.58 28.70 32.50
C PHE D 446 14.79 29.98 33.31
N ASP D 447 14.10 30.08 34.43
CA ASP D 447 14.19 31.26 35.30
C ASP D 447 15.01 30.88 36.52
N ASP D 448 16.05 31.68 36.78
CA ASP D 448 16.95 31.36 37.89
C ASP D 448 16.30 31.64 39.24
N THR D 449 15.39 32.61 39.31
CA THR D 449 14.76 32.92 40.59
C THR D 449 13.93 31.75 41.10
N LYS D 450 13.20 31.07 40.22
CA LYS D 450 12.41 29.92 40.63
C LYS D 450 13.29 28.71 40.92
N PHE D 451 14.42 28.58 40.24
CA PHE D 451 15.34 27.47 40.46
C PHE D 451 16.09 27.67 41.76
N VAL D 452 15.40 27.60 42.89
CA VAL D 452 15.98 27.86 44.20
C VAL D 452 15.46 26.82 45.18
N GLU D 453 16.28 26.48 46.17
CA GLU D 453 15.90 25.47 47.14
C GLU D 453 14.70 25.92 47.98
N ASP D 454 14.76 27.14 48.50
CA ASP D 454 13.74 27.65 49.41
C ASP D 454 12.73 28.49 48.63
N SER D 455 11.44 28.20 48.81
CA SER D 455 10.38 28.92 48.14
C SER D 455 9.03 28.46 48.67
N PRO D 456 7.99 29.30 48.59
CA PRO D 456 6.66 28.86 49.05
C PRO D 456 6.15 27.64 48.31
N GLU D 457 6.48 27.49 47.02
CA GLU D 457 6.05 26.31 46.28
C GLU D 457 6.87 25.08 46.68
N MET D 458 8.10 25.29 47.17
CA MET D 458 8.94 24.16 47.55
C MET D 458 8.31 23.37 48.69
N GLU D 459 7.78 24.06 49.69
CA GLU D 459 7.17 23.35 50.83
C GLU D 459 5.96 22.56 50.38
N GLU D 460 5.11 23.14 49.54
CA GLU D 460 3.94 22.43 49.05
C GLU D 460 4.34 21.22 48.22
N LEU D 461 5.34 21.38 47.35
CA LEU D 461 5.80 20.24 46.55
C LEU D 461 6.36 19.14 47.42
N MET D 462 7.15 19.50 48.43
CA MET D 462 7.69 18.49 49.34
C MET D 462 6.59 17.77 50.07
N ASN D 463 5.57 18.50 50.54
CA ASN D 463 4.45 17.86 51.21
C ASN D 463 3.72 16.89 50.28
N ILE D 464 3.47 17.31 49.04
CA ILE D 464 2.77 16.44 48.09
C ILE D 464 3.60 15.19 47.83
N ILE D 465 4.90 15.35 47.60
CA ILE D 465 5.76 14.21 47.31
C ILE D 465 5.80 13.24 48.49
N ASN D 466 5.94 13.77 49.71
CA ASN D 466 5.97 12.92 50.89
C ASN D 466 4.62 12.27 51.15
N ASP D 467 3.53 12.87 50.68
CA ASP D 467 2.23 12.22 50.81
C ASP D 467 2.09 11.08 49.81
N ILE D 468 2.53 11.28 48.57
CA ILE D 468 2.40 10.24 47.56
C ILE D 468 3.29 9.05 47.91
N GLN D 469 4.52 9.31 48.36
CA GLN D 469 5.48 8.26 48.71
C GLN D 469 6.00 8.55 50.10
N PRO D 470 5.31 8.07 51.15
CA PRO D 470 5.71 8.40 52.52
C PRO D 470 7.14 7.95 52.82
N LEU D 471 7.83 8.76 53.62
CA LEU D 471 9.22 8.47 54.01
C LEU D 471 9.27 7.64 55.30
N THR D 472 8.56 6.51 55.30
CA THR D 472 8.59 5.59 56.43
C THR D 472 9.68 4.55 56.20
N ASP D 473 9.78 3.58 57.10
CA ASP D 473 10.76 2.51 56.92
C ASP D 473 10.29 1.50 55.88
N GLU D 474 8.99 1.23 55.83
CA GLU D 474 8.46 0.24 54.89
C GLU D 474 8.62 0.71 53.44
N ASN D 475 8.41 2.00 53.19
CA ASN D 475 8.42 2.55 51.84
C ASN D 475 9.77 3.14 51.46
N LYS D 476 10.83 2.83 52.21
CA LYS D 476 12.14 3.43 51.93
C LYS D 476 12.66 3.01 50.57
N LYS D 477 12.71 1.70 50.30
CA LYS D 477 13.26 1.22 49.04
C LYS D 477 12.40 1.64 47.86
N ASN D 478 11.08 1.54 48.00
CA ASN D 478 10.19 1.98 46.93
C ASN D 478 10.33 3.48 46.68
N ARG D 479 10.47 4.26 47.75
CA ARG D 479 10.66 5.70 47.60
C ARG D 479 11.97 6.01 46.88
N GLU D 480 13.04 5.30 47.22
CA GLU D 480 14.31 5.52 46.54
C GLU D 480 14.22 5.14 45.06
N LEU D 481 13.55 4.04 44.76
CA LEU D 481 13.36 3.66 43.35
C LEU D 481 12.54 4.73 42.62
N TYR D 482 11.51 5.26 43.28
CA TYR D 482 10.72 6.35 42.71
C TYR D 482 11.60 7.54 42.36
N GLU D 483 12.42 7.98 43.31
CA GLU D 483 13.29 9.13 43.08
C GLU D 483 14.28 8.85 41.96
N LYS D 484 14.88 7.65 41.95
CA LYS D 484 15.86 7.31 40.94
C LYS D 484 15.24 7.30 39.54
N THR D 485 14.07 6.67 39.41
CA THR D 485 13.41 6.63 38.12
C THR D 485 13.02 8.02 37.66
N LEU D 486 12.53 8.86 38.56
CA LEU D 486 12.15 10.22 38.17
C LEU D 486 13.36 11.02 37.73
N SER D 487 14.47 10.93 38.47
CA SER D 487 15.66 11.69 38.13
C SER D 487 16.36 11.17 36.88
N SER D 488 16.14 9.90 36.52
CA SER D 488 16.77 9.37 35.31
C SER D 488 16.22 10.00 34.03
N CYS D 489 15.13 10.77 34.12
CA CYS D 489 14.56 11.42 32.96
C CYS D 489 15.35 12.65 32.51
N LEU D 490 16.37 13.04 33.25
CA LEU D 490 17.20 14.17 32.85
C LEU D 490 18.40 13.77 32.01
N CYS D 491 18.97 12.59 32.25
CA CYS D 491 20.19 12.17 31.59
C CYS D 491 19.88 11.60 30.21
N GLY D 492 20.51 12.17 29.19
CA GLY D 492 20.30 11.72 27.82
C GLY D 492 21.20 10.56 27.45
N ALA D 493 20.87 9.37 27.95
CA ALA D 493 21.60 8.15 27.65
C ALA D 493 20.59 7.05 27.40
N THR D 494 21.06 5.82 27.28
CA THR D 494 20.22 4.65 27.06
C THR D 494 20.07 3.88 28.37
N LYS D 495 18.83 3.65 28.77
CA LYS D 495 18.53 2.92 29.98
C LYS D 495 18.15 1.49 29.65
N GLY D 496 18.57 0.55 30.50
CA GLY D 496 18.35 -0.86 30.28
C GLY D 496 17.15 -1.45 30.99
N CYS D 497 16.26 -0.63 31.53
CA CYS D 497 15.08 -1.12 32.23
C CYS D 497 13.86 -0.30 31.84
N LEU D 498 12.70 -0.95 31.87
CA LEU D 498 11.40 -0.30 31.73
C LEU D 498 10.70 -0.34 33.08
N THR D 499 10.16 0.80 33.51
CA THR D 499 9.62 0.93 34.85
C THR D 499 8.10 0.90 34.82
N PHE D 500 7.51 0.18 35.77
CA PHE D 500 6.07 0.11 35.94
C PHE D 500 5.66 0.96 37.13
N PHE D 501 4.77 1.93 36.88
CA PHE D 501 4.10 2.66 37.96
C PHE D 501 2.78 1.95 38.21
N PHE D 502 2.78 1.04 39.18
CA PHE D 502 1.63 0.19 39.45
C PHE D 502 0.90 0.71 40.68
N GLY D 503 -0.42 0.88 40.55
CA GLY D 503 -1.20 1.35 41.68
C GLY D 503 -2.67 1.29 41.38
N GLU D 504 -3.46 1.43 42.44
CA GLU D 504 -4.91 1.45 42.32
C GLU D 504 -5.38 2.82 41.86
N THR D 505 -6.70 2.97 41.72
CA THR D 505 -7.26 4.24 41.26
C THR D 505 -6.99 5.34 42.27
N ALA D 506 -6.74 6.55 41.75
CA ALA D 506 -6.49 7.73 42.57
C ALA D 506 -5.34 7.47 43.55
N THR D 507 -4.17 7.20 42.98
CA THR D 507 -2.99 6.91 43.78
C THR D 507 -1.86 7.92 43.60
N GLY D 508 -2.01 8.88 42.69
CA GLY D 508 -0.99 9.87 42.45
C GLY D 508 -0.09 9.59 41.26
N LYS D 509 -0.36 8.52 40.50
CA LYS D 509 0.45 8.22 39.34
C LYS D 509 0.36 9.32 38.29
N SER D 510 -0.88 9.70 37.94
CA SER D 510 -1.05 10.76 36.95
C SER D 510 -0.58 12.11 37.48
N THR D 511 -0.67 12.33 38.80
CA THR D 511 -0.12 13.56 39.38
C THR D 511 1.38 13.63 39.16
N THR D 512 2.09 12.52 39.43
CA THR D 512 3.53 12.49 39.21
C THR D 512 3.86 12.65 37.73
N LYS D 513 3.09 12.01 36.85
CA LYS D 513 3.34 12.16 35.42
C LYS D 513 3.19 13.61 34.99
N ARG D 514 2.14 14.29 35.47
CA ARG D 514 1.92 15.68 35.10
C ARG D 514 3.01 16.58 35.67
N LEU D 515 3.47 16.30 36.89
CA LEU D 515 4.58 17.06 37.45
C LEU D 515 5.83 16.89 36.59
N LEU D 516 6.13 15.66 36.18
CA LEU D 516 7.31 15.42 35.35
C LEU D 516 7.18 16.12 34.00
N LYS D 517 5.99 16.08 33.40
CA LYS D 517 5.79 16.79 32.14
C LYS D 517 6.00 18.29 32.32
N SER D 518 5.44 18.87 33.38
CA SER D 518 5.66 20.28 33.65
C SER D 518 7.15 20.59 33.80
N ALA D 519 7.89 19.68 34.45
CA ALA D 519 9.30 19.94 34.72
C ALA D 519 10.13 19.87 33.45
N ILE D 520 9.92 18.86 32.61
CA ILE D 520 10.83 18.59 31.50
C ILE D 520 10.25 18.97 30.15
N GLY D 521 9.12 19.68 30.12
CA GLY D 521 8.69 20.30 28.88
C GLY D 521 8.53 19.31 27.74
N ASP D 522 9.12 19.65 26.58
CA ASP D 522 8.90 18.90 25.35
C ASP D 522 9.63 17.56 25.38
N LEU D 523 10.75 17.46 26.09
CA LEU D 523 11.51 16.22 26.15
C LEU D 523 10.67 15.05 26.64
N PHE D 524 9.46 15.30 27.10
CA PHE D 524 8.55 14.28 27.59
C PHE D 524 7.50 13.98 26.53
N VAL D 525 7.28 12.70 26.26
CA VAL D 525 6.29 12.26 25.26
C VAL D 525 5.42 11.18 25.88
N GLU D 526 4.12 11.28 25.64
CA GLU D 526 3.15 10.29 26.09
C GLU D 526 2.62 9.53 24.88
N THR D 527 2.82 8.22 24.88
CA THR D 527 2.39 7.36 23.78
C THR D 527 1.27 6.44 24.26
N GLY D 528 0.75 5.64 23.34
CA GLY D 528 -0.28 4.66 23.64
C GLY D 528 0.29 3.32 24.01
N GLN D 529 -0.60 2.35 24.17
CA GLN D 529 -0.22 1.00 24.53
C GLN D 529 0.33 0.19 23.36
N THR D 530 0.18 0.70 22.14
CA THR D 530 0.59 -0.07 20.96
C THR D 530 2.04 -0.52 21.06
N ILE D 531 2.92 0.34 21.59
CA ILE D 531 4.34 0.01 21.64
C ILE D 531 4.56 -1.29 22.38
N LEU D 532 3.70 -1.63 23.34
CA LEU D 532 3.88 -2.83 24.14
C LEU D 532 3.13 -4.04 23.59
N THR D 533 2.31 -3.89 22.55
CA THR D 533 1.43 -4.97 22.13
C THR D 533 1.42 -5.26 20.64
N ASP D 534 2.18 -4.51 19.83
CA ASP D 534 2.20 -4.75 18.39
C ASP D 534 3.59 -4.48 17.85
N VAL D 535 3.87 -5.07 16.68
CA VAL D 535 5.16 -4.95 16.03
C VAL D 535 5.54 -3.48 15.93
N LEU D 536 6.69 -3.12 16.51
CA LEU D 536 7.10 -1.71 16.53
C LEU D 536 7.36 -1.18 15.14
N ASP D 537 8.05 -1.97 14.30
CA ASP D 537 8.42 -1.50 12.97
C ASP D 537 7.19 -1.22 12.12
N LYS D 538 6.29 -2.20 12.01
CA LYS D 538 5.12 -2.08 11.17
C LYS D 538 5.49 -1.53 9.79
N GLY D 539 4.62 -0.67 9.24
CA GLY D 539 4.93 0.04 8.03
C GLY D 539 5.37 1.46 8.36
N PRO D 540 4.47 2.42 8.19
CA PRO D 540 4.72 3.75 8.75
C PRO D 540 4.43 3.74 10.25
N ASN D 541 5.48 3.74 11.06
CA ASN D 541 5.37 3.59 12.51
C ASN D 541 6.17 4.70 13.19
N PRO D 542 5.61 5.91 13.26
CA PRO D 542 6.32 6.99 13.97
C PRO D 542 6.49 6.71 15.46
N PHE D 543 5.72 5.78 16.02
CA PHE D 543 5.82 5.52 17.45
C PHE D 543 7.23 5.11 17.86
N ILE D 544 7.99 4.52 16.95
CA ILE D 544 9.40 4.21 17.21
C ILE D 544 10.34 5.21 16.55
N ALA D 545 9.88 5.96 15.55
CA ALA D 545 10.68 6.99 14.91
C ALA D 545 10.46 8.37 15.53
N ASN D 546 9.49 8.52 16.44
CA ASN D 546 9.25 9.78 17.12
C ASN D 546 9.85 9.82 18.52
N MET D 547 10.38 8.70 19.01
CA MET D 547 11.04 8.65 20.31
C MET D 547 12.54 8.91 20.21
N HIS D 548 13.03 9.25 19.02
CA HIS D 548 14.45 9.51 18.83
C HIS D 548 14.84 10.79 19.55
N LEU D 549 15.72 10.65 20.55
CA LEU D 549 16.26 11.73 21.39
C LEU D 549 15.29 12.20 22.46
N LYS D 550 14.14 11.56 22.61
CA LYS D 550 13.26 11.87 23.74
C LYS D 550 13.83 11.27 25.02
N ARG D 551 13.65 12.00 26.13
CA ARG D 551 14.22 11.60 27.41
C ARG D 551 13.22 10.90 28.33
N SER D 552 11.92 10.99 28.04
CA SER D 552 10.92 10.33 28.87
C SER D 552 9.73 9.93 28.00
N VAL D 553 9.31 8.67 28.12
CA VAL D 553 8.18 8.13 27.37
C VAL D 553 7.22 7.50 28.36
N PHE D 554 6.00 8.04 28.43
CA PHE D 554 4.96 7.55 29.32
C PHE D 554 3.90 6.78 28.55
N CYS D 555 3.61 5.57 29.01
CA CYS D 555 2.50 4.76 28.51
C CYS D 555 1.41 4.75 29.58
N SER D 556 0.17 4.99 29.16
CA SER D 556 -0.94 5.12 30.09
C SER D 556 -2.09 4.22 29.66
N GLU D 557 -2.93 3.87 30.65
CA GLU D 557 -4.11 3.05 30.42
C GLU D 557 -3.75 1.68 29.84
N LEU D 558 -3.03 0.91 30.64
CA LEU D 558 -2.67 -0.44 30.23
C LEU D 558 -3.94 -1.27 30.04
N PRO D 559 -3.99 -2.15 29.04
CA PRO D 559 -5.20 -2.92 28.77
C PRO D 559 -5.34 -4.15 29.67
N ASP D 560 -5.93 -3.98 30.85
CA ASP D 560 -6.10 -5.08 31.79
C ASP D 560 -6.44 -6.38 31.06
N PHE D 561 -5.69 -7.44 31.38
CA PHE D 561 -5.79 -8.72 30.68
C PHE D 561 -6.67 -9.72 31.43
N ALA D 562 -7.54 -9.24 32.32
CA ALA D 562 -8.44 -10.15 33.03
C ALA D 562 -9.34 -10.90 32.07
N CYS D 563 -9.89 -10.21 31.09
CA CYS D 563 -10.77 -10.83 30.11
C CYS D 563 -9.92 -11.52 29.04
N SER D 564 -10.16 -12.82 28.84
CA SER D 564 -9.40 -13.57 27.85
C SER D 564 -9.56 -12.95 26.47
N GLY D 565 -8.45 -12.86 25.73
CA GLY D 565 -8.43 -12.26 24.41
C GLY D 565 -7.68 -10.95 24.32
N SER D 566 -7.33 -10.36 25.45
CA SER D 566 -6.57 -9.11 25.43
C SER D 566 -5.14 -9.38 24.96
N LYS D 567 -4.65 -8.53 24.07
CA LYS D 567 -3.29 -8.69 23.55
C LYS D 567 -2.29 -8.64 24.69
N LYS D 568 -1.35 -9.58 24.68
CA LYS D 568 -0.35 -9.68 25.75
C LYS D 568 0.82 -8.75 25.45
N ILE D 569 1.76 -8.70 26.39
CA ILE D 569 2.96 -7.87 26.25
C ILE D 569 4.04 -8.69 25.57
N ARG D 570 4.61 -8.15 24.50
CA ARG D 570 5.62 -8.87 23.73
C ARG D 570 6.98 -8.69 24.38
N SER D 571 7.63 -9.80 24.72
CA SER D 571 8.98 -9.73 25.29
C SER D 571 9.97 -9.18 24.28
N ASP D 572 9.81 -9.54 23.01
CA ASP D 572 10.67 -8.99 21.97
C ASP D 572 10.61 -7.48 21.95
N ASN D 573 9.42 -6.91 22.20
CA ASN D 573 9.30 -5.46 22.24
C ASN D 573 10.14 -4.88 23.38
N ILE D 574 10.13 -5.51 24.55
CA ILE D 574 10.95 -5.05 25.66
C ILE D 574 12.42 -5.11 25.29
N LYS D 575 12.85 -6.23 24.71
CA LYS D 575 14.25 -6.39 24.33
C LYS D 575 14.66 -5.33 23.33
N LYS D 576 13.81 -5.04 22.34
CA LYS D 576 14.14 -4.04 21.33
C LYS D 576 14.13 -2.63 21.91
N LEU D 577 13.26 -2.35 22.87
CA LEU D 577 13.20 -1.03 23.49
C LEU D 577 14.34 -0.80 24.48
N THR D 578 14.97 -1.87 24.97
CA THR D 578 16.10 -1.71 25.87
C THR D 578 17.42 -1.45 25.13
N GLU D 579 17.45 -1.61 23.81
CA GLU D 579 18.69 -1.47 23.06
C GLU D 579 19.00 0.00 22.77
N PRO D 580 20.29 0.34 22.63
CA PRO D 580 20.65 1.74 22.34
C PRO D 580 20.15 2.24 21.00
N CYS D 581 19.85 1.34 20.06
CA CYS D 581 19.36 1.73 18.74
C CYS D 581 18.06 0.98 18.46
N VAL D 582 17.12 1.66 17.80
CA VAL D 582 15.82 1.09 17.48
C VAL D 582 15.62 1.13 15.97
N ILE D 583 15.11 0.03 15.43
CA ILE D 583 14.87 -0.11 13.99
C ILE D 583 13.52 0.50 13.64
N GLY D 584 13.29 0.74 12.34
CA GLY D 584 12.02 1.26 11.87
C GLY D 584 12.17 2.54 11.06
N ARG D 585 11.13 2.85 10.28
CA ARG D 585 11.13 4.03 9.44
C ARG D 585 9.84 4.81 9.61
N PRO D 586 9.90 6.13 9.55
CA PRO D 586 8.69 6.95 9.67
C PRO D 586 8.13 7.32 8.29
N CYS D 587 6.94 7.93 8.32
CA CYS D 587 6.33 8.45 7.10
C CYS D 587 7.26 9.49 6.46
N PHE D 588 7.66 9.24 5.22
CA PHE D 588 8.59 10.12 4.52
C PHE D 588 9.93 10.17 5.24
N SER D 589 10.43 9.00 5.62
CA SER D 589 11.70 8.86 6.30
C SER D 589 12.55 7.82 5.59
N ASN D 590 13.87 8.03 5.60
CA ASN D 590 14.81 7.19 4.90
C ASN D 590 15.95 6.77 5.82
N LYS D 591 15.60 6.32 7.02
CA LYS D 591 16.58 5.86 8.00
C LYS D 591 15.99 4.70 8.78
N ILE D 592 16.88 3.88 9.34
CA ILE D 592 16.46 2.71 10.11
C ILE D 592 17.18 2.70 11.45
N ASN D 593 17.64 3.85 11.91
CA ASN D 593 18.38 3.95 13.16
C ASN D 593 17.91 5.17 13.94
N ASN D 594 17.50 4.94 15.19
CA ASN D 594 17.05 6.01 16.07
C ASN D 594 17.78 5.90 17.41
N ARG D 595 18.32 7.03 17.88
CA ARG D 595 19.00 7.04 19.16
C ARG D 595 18.00 6.91 20.30
N ASN D 596 18.23 5.96 21.20
CA ASN D 596 17.34 5.66 22.31
C ASN D 596 17.88 6.34 23.56
N HIS D 597 17.17 7.37 24.03
CA HIS D 597 17.57 8.11 25.23
C HIS D 597 16.44 8.18 26.26
N ALA D 598 15.38 7.41 26.10
CA ALA D 598 14.14 7.62 26.82
C ALA D 598 14.03 6.70 28.03
N THR D 599 13.57 7.26 29.15
CA THR D 599 13.12 6.48 30.28
C THR D 599 11.66 6.10 30.05
N ILE D 600 11.37 4.80 29.97
CA ILE D 600 10.05 4.32 29.59
C ILE D 600 9.32 3.90 30.86
N ILE D 601 8.22 4.60 31.16
CA ILE D 601 7.41 4.34 32.34
C ILE D 601 6.00 4.01 31.89
N ILE D 602 5.46 2.90 32.40
CA ILE D 602 4.12 2.44 32.05
C ILE D 602 3.29 2.46 33.32
N ASP D 603 2.22 3.25 33.31
CA ASP D 603 1.34 3.39 34.46
C ASP D 603 0.16 2.43 34.33
N THR D 604 -0.12 1.69 35.40
CA THR D 604 -1.13 0.65 35.32
C THR D 604 -1.79 0.45 36.67
N ASN D 605 -2.99 -0.14 36.63
CA ASN D 605 -3.75 -0.54 37.81
C ASN D 605 -3.67 -2.03 38.08
N TYR D 606 -3.19 -2.82 37.12
CA TYR D 606 -3.21 -4.27 37.20
C TYR D 606 -1.84 -4.83 36.87
N LYS D 607 -1.60 -6.05 37.35
CA LYS D 607 -0.34 -6.71 37.09
C LYS D 607 -0.18 -6.96 35.59
N PRO D 608 1.02 -6.86 35.04
CA PRO D 608 1.22 -7.13 33.61
C PRO D 608 1.32 -8.63 33.33
N VAL D 609 1.13 -8.96 32.05
CA VAL D 609 1.19 -10.34 31.57
C VAL D 609 2.04 -10.36 30.32
N PHE D 610 2.88 -11.39 30.19
CA PHE D 610 3.86 -11.48 29.13
C PHE D 610 3.63 -12.73 28.28
N ASP D 611 3.85 -12.59 26.97
CA ASP D 611 3.67 -13.73 26.08
C ASP D 611 4.66 -14.85 26.40
N ARG D 612 5.92 -14.49 26.65
CA ARG D 612 6.95 -15.47 26.98
C ARG D 612 7.84 -14.91 28.08
N ILE D 613 8.19 -15.77 29.04
CA ILE D 613 9.01 -15.38 30.19
C ILE D 613 10.33 -16.13 30.11
N ASP D 614 11.43 -15.39 30.14
CA ASP D 614 12.77 -15.97 30.15
C ASP D 614 13.64 -15.17 31.11
N ASN D 615 14.83 -15.70 31.39
CA ASN D 615 15.76 -15.00 32.26
C ASN D 615 16.19 -13.65 31.68
N ALA D 616 16.13 -13.48 30.36
CA ALA D 616 16.50 -12.22 29.75
C ALA D 616 15.43 -11.14 29.95
N LEU D 617 14.16 -11.53 30.02
CA LEU D 617 13.10 -10.55 30.21
C LEU D 617 13.06 -10.05 31.65
N MET D 618 13.30 -10.93 32.63
CA MET D 618 13.29 -10.53 34.03
C MET D 618 14.43 -9.59 34.37
N ARG D 619 15.41 -9.43 33.47
CA ARG D 619 16.54 -8.54 33.67
C ARG D 619 16.25 -7.11 33.23
N ARG D 620 15.03 -6.82 32.75
CA ARG D 620 14.72 -5.52 32.16
C ARG D 620 13.40 -4.94 32.66
N ILE D 621 12.91 -5.37 33.82
CA ILE D 621 11.62 -4.92 34.34
C ILE D 621 11.79 -4.49 35.79
N ALA D 622 11.28 -3.30 36.11
CA ALA D 622 11.25 -2.77 37.46
C ALA D 622 9.85 -2.30 37.79
N VAL D 623 9.53 -2.25 39.08
CA VAL D 623 8.18 -1.92 39.55
C VAL D 623 8.28 -0.89 40.66
N VAL D 624 7.46 0.17 40.55
CA VAL D 624 7.25 1.14 41.62
C VAL D 624 5.76 1.15 41.95
N ARG D 625 5.44 0.92 43.21
CA ARG D 625 4.04 0.79 43.65
C ARG D 625 3.60 2.02 44.41
N PHE D 626 2.42 2.51 44.08
CA PHE D 626 1.79 3.64 44.77
C PHE D 626 0.69 3.10 45.65
N ARG D 627 0.79 3.31 46.96
CA ARG D 627 -0.13 2.73 47.93
C ARG D 627 -0.63 3.77 48.91
N THR D 628 -0.95 4.97 48.42
CA THR D 628 -1.59 6.00 49.23
C THR D 628 -2.81 6.53 48.47
N HIS D 629 -3.95 6.55 49.13
CA HIS D 629 -5.21 6.89 48.49
C HIS D 629 -5.63 8.32 48.83
N PHE D 630 -6.31 8.95 47.88
CA PHE D 630 -6.84 10.30 48.03
C PHE D 630 -8.33 10.24 47.74
N SER D 631 -9.15 10.16 48.79
CA SER D 631 -10.57 9.93 48.66
C SER D 631 -11.37 11.08 49.25
N GLN D 632 -12.54 11.32 48.67
CA GLN D 632 -13.49 12.27 49.23
C GLN D 632 -14.10 11.70 50.50
N PRO D 633 -14.69 12.55 51.34
CA PRO D 633 -15.33 12.04 52.56
C PRO D 633 -16.46 11.06 52.28
N SER D 634 -17.05 11.09 51.08
CA SER D 634 -18.11 10.14 50.75
C SER D 634 -17.60 8.71 50.80
N GLY D 635 -16.41 8.45 50.25
CA GLY D 635 -15.82 7.13 50.23
C GLY D 635 -14.65 6.91 51.16
N ARG D 636 -14.37 7.83 52.09
CA ARG D 636 -13.22 7.67 52.97
C ARG D 636 -13.35 6.43 53.84
N GLU D 637 -14.56 6.15 54.33
CA GLU D 637 -14.75 5.01 55.23
C GLU D 637 -14.37 3.70 54.55
N ALA D 638 -14.79 3.53 53.28
CA ALA D 638 -14.47 2.30 52.56
C ALA D 638 -12.97 2.15 52.39
N ALA D 639 -12.30 3.21 51.91
CA ALA D 639 -10.85 3.15 51.71
C ALA D 639 -10.09 3.01 53.02
N GLU D 640 -10.70 3.34 54.16
CA GLU D 640 -10.01 3.28 55.43
C GLU D 640 -9.56 1.87 55.79
N ASN D 641 -10.14 0.85 55.17
CA ASN D 641 -9.83 -0.54 55.50
C ASN D 641 -9.62 -1.36 54.24
N ASN D 642 -8.89 -0.80 53.27
CA ASN D 642 -8.61 -1.49 52.01
C ASN D 642 -7.13 -1.88 51.97
N ASP D 643 -6.88 -3.12 51.57
CA ASP D 643 -5.50 -3.60 51.44
C ASP D 643 -4.74 -2.89 50.33
N ALA D 644 -5.44 -2.53 49.25
CA ALA D 644 -4.78 -1.83 48.15
C ALA D 644 -4.26 -0.47 48.56
N TYR D 645 -4.70 0.06 49.70
CA TYR D 645 -4.27 1.35 50.21
C TYR D 645 -3.68 1.17 51.60
N ASP D 646 -2.47 1.68 51.80
CA ASP D 646 -1.83 1.67 53.12
C ASP D 646 -2.02 2.97 53.88
N LYS D 647 -2.74 3.93 53.31
CA LYS D 647 -3.01 5.21 53.95
C LYS D 647 -4.00 5.97 53.10
N VAL D 648 -4.83 6.77 53.75
CA VAL D 648 -5.86 7.56 53.09
C VAL D 648 -5.70 9.02 53.50
N LYS D 649 -5.71 9.91 52.53
CA LYS D 649 -5.57 11.33 52.76
C LYS D 649 -6.69 12.09 52.06
N LEU D 650 -7.01 13.27 52.60
CA LEU D 650 -8.08 14.09 52.03
C LEU D 650 -7.72 14.53 50.62
N LEU D 651 -8.67 14.39 49.71
CA LEU D 651 -8.45 14.81 48.33
C LEU D 651 -8.44 16.33 48.23
N ASP D 652 -7.79 16.83 47.19
CA ASP D 652 -7.71 18.26 46.90
C ASP D 652 -8.14 18.50 45.47
N GLU D 653 -8.92 19.56 45.26
CA GLU D 653 -9.49 19.85 43.96
C GLU D 653 -8.68 20.88 43.16
N GLY D 654 -8.04 21.82 43.83
CA GLY D 654 -7.21 22.79 43.13
C GLY D 654 -5.80 22.32 42.83
N LEU D 655 -5.41 21.16 43.35
CA LEU D 655 -4.05 20.68 43.13
C LEU D 655 -3.79 20.41 41.65
N ASP D 656 -4.74 19.75 40.98
CA ASP D 656 -4.55 19.45 39.56
C ASP D 656 -4.45 20.73 38.73
N GLY D 657 -5.33 21.70 39.01
CA GLY D 657 -5.26 22.96 38.29
C GLY D 657 -3.96 23.70 38.52
N LYS D 658 -3.50 23.73 39.77
CA LYS D 658 -2.24 24.39 40.07
C LYS D 658 -1.07 23.70 39.37
N ILE D 659 -1.06 22.37 39.36
CA ILE D 659 0.01 21.63 38.70
C ILE D 659 0.00 21.92 37.20
N GLN D 660 -1.19 21.89 36.59
CA GLN D 660 -1.29 22.18 35.16
C GLN D 660 -0.95 23.62 34.85
N ASN D 661 -0.90 24.49 35.86
CA ASN D 661 -0.56 25.90 35.67
C ASN D 661 0.93 26.17 35.76
N ASN D 662 1.75 25.13 35.92
CA ASN D 662 3.20 25.28 36.03
C ASN D 662 3.61 25.98 37.32
N ARG D 663 2.85 25.75 38.41
CA ARG D 663 3.19 26.37 39.68
C ARG D 663 4.41 25.72 40.32
N TYR D 664 4.58 24.40 40.15
CA TYR D 664 5.67 23.66 40.77
C TYR D 664 6.76 23.27 39.76
N ARG D 665 6.78 23.92 38.60
CA ARG D 665 7.69 23.48 37.54
C ARG D 665 9.14 23.57 37.98
N PHE D 666 9.57 24.74 38.46
CA PHE D 666 10.98 24.90 38.83
C PHE D 666 11.31 24.25 40.16
N ALA D 667 10.36 24.19 41.09
CA ALA D 667 10.60 23.42 42.31
C ALA D 667 10.83 21.95 42.00
N PHE D 668 10.01 21.38 41.12
CA PHE D 668 10.20 20.00 40.72
C PHE D 668 11.50 19.83 39.95
N LEU D 669 11.87 20.81 39.11
CA LEU D 669 13.14 20.72 38.41
C LEU D 669 14.32 20.71 39.38
N TYR D 670 14.26 21.56 40.41
CA TYR D 670 15.31 21.56 41.43
C TYR D 670 15.37 20.23 42.16
N LEU D 671 14.20 19.69 42.52
CA LEU D 671 14.18 18.38 43.18
C LEU D 671 14.75 17.30 42.29
N LEU D 672 14.43 17.33 41.00
CA LEU D 672 14.94 16.34 40.06
C LEU D 672 16.45 16.44 39.93
N VAL D 673 16.99 17.67 39.88
CA VAL D 673 18.43 17.83 39.78
C VAL D 673 19.12 17.35 41.06
N LYS D 674 18.51 17.62 42.22
CA LYS D 674 19.06 17.13 43.47
C LYS D 674 19.09 15.61 43.49
N TRP D 675 17.99 14.98 43.06
CA TRP D 675 17.94 13.52 43.00
C TRP D 675 18.97 12.98 42.01
N TYR D 676 19.15 13.66 40.88
CA TYR D 676 20.15 13.25 39.91
C TYR D 676 21.54 13.26 40.53
N LYS D 677 21.86 14.33 41.27
CA LYS D 677 23.15 14.36 41.97
C LYS D 677 23.26 13.24 42.99
N LYS D 678 22.18 12.98 43.72
CA LYS D 678 22.23 11.98 44.78
C LYS D 678 22.44 10.58 44.24
N TYR D 679 21.63 10.17 43.25
CA TYR D 679 21.64 8.81 42.73
C TYR D 679 22.62 8.63 41.58
N HIS D 680 23.34 9.67 41.19
CA HIS D 680 24.30 9.56 40.10
C HIS D 680 25.73 9.39 40.61
N ILE D 681 25.89 8.61 41.67
CA ILE D 681 27.21 8.14 42.09
C ILE D 681 27.87 7.60 40.83
N PRO D 682 29.20 7.40 40.80
CA PRO D 682 29.94 7.46 39.53
C PRO D 682 29.14 7.01 38.33
N ILE D 683 28.41 5.91 38.44
CA ILE D 683 27.52 5.44 37.39
C ILE D 683 26.11 5.33 37.96
N MET D 684 25.15 5.94 37.29
CA MET D 684 23.74 5.76 37.59
C MET D 684 23.15 4.76 36.60
N LYS D 685 22.58 3.68 37.13
CA LYS D 685 22.04 2.63 36.28
C LYS D 685 20.79 2.05 36.92
N LEU D 686 19.77 1.82 36.09
CA LEU D 686 18.51 1.27 36.58
C LEU D 686 18.64 -0.23 36.76
N TYR D 687 18.05 -0.73 37.85
CA TYR D 687 18.12 -2.16 38.17
C TYR D 687 16.73 -2.79 38.12
N PRO D 688 16.64 -4.04 37.68
CA PRO D 688 15.35 -4.71 37.64
C PRO D 688 14.89 -5.15 39.02
N THR D 689 13.58 -5.33 39.15
CA THR D 689 12.94 -5.78 40.39
C THR D 689 12.04 -6.96 40.06
N PRO D 690 12.61 -8.15 39.87
CA PRO D 690 11.82 -9.30 39.42
C PRO D 690 10.93 -9.90 40.50
N GLU D 691 11.10 -9.53 41.76
CA GLU D 691 10.30 -10.13 42.83
C GLU D 691 8.94 -9.49 43.00
N GLU D 692 8.61 -8.47 42.21
CA GLU D 692 7.33 -7.79 42.34
C GLU D 692 6.27 -8.36 41.40
N ILE D 693 6.63 -8.68 40.16
CA ILE D 693 5.68 -9.17 39.17
C ILE D 693 5.32 -10.62 39.50
N PRO D 694 4.02 -10.94 39.67
CA PRO D 694 3.65 -12.32 40.04
C PRO D 694 4.06 -13.36 39.03
N ASP D 695 4.05 -13.03 37.73
CA ASP D 695 4.35 -14.04 36.72
C ASP D 695 5.75 -14.60 36.89
N PHE D 696 6.73 -13.74 37.16
CA PHE D 696 8.10 -14.18 37.37
C PHE D 696 8.28 -15.00 38.63
N ALA D 697 7.22 -15.20 39.43
CA ALA D 697 7.34 -15.90 40.70
C ALA D 697 7.84 -17.33 40.48
N PHE D 698 7.03 -18.15 39.80
CA PHE D 698 7.37 -19.56 39.63
C PHE D 698 8.78 -19.73 39.09
N TYR D 699 9.10 -19.04 37.99
CA TYR D 699 10.43 -19.13 37.42
C TYR D 699 11.48 -18.81 38.48
N LEU D 700 11.31 -17.70 39.19
CA LEU D 700 12.24 -17.36 40.26
C LEU D 700 12.35 -18.49 41.26
N LYS D 701 11.20 -19.05 41.66
CA LYS D 701 11.22 -20.17 42.60
C LYS D 701 12.07 -21.31 42.07
N ILE D 702 11.98 -21.60 40.77
CA ILE D 702 12.76 -22.69 40.20
C ILE D 702 14.24 -22.43 40.42
N GLY D 703 14.67 -21.17 40.29
CA GLY D 703 16.07 -20.84 40.47
C GLY D 703 16.61 -21.25 41.82
N THR D 704 15.75 -21.44 42.82
CA THR D 704 16.16 -21.88 44.14
C THR D 704 15.62 -23.25 44.50
N LEU D 705 14.88 -23.91 43.61
CA LEU D 705 14.27 -25.19 43.94
C LEU D 705 15.21 -26.37 43.64
N LEU D 706 15.70 -26.48 42.42
CA LEU D 706 16.56 -27.58 42.01
C LEU D 706 17.79 -27.04 41.31
N VAL D 707 18.89 -27.80 41.41
CA VAL D 707 20.18 -27.40 40.85
C VAL D 707 20.55 -28.36 39.73
N SER D 708 21.20 -27.81 38.70
CA SER D 708 21.64 -28.63 37.58
C SER D 708 22.60 -29.71 38.05
N SER D 709 22.37 -30.95 37.62
CA SER D 709 23.25 -32.04 37.97
C SER D 709 24.59 -31.89 37.23
N SER D 710 25.67 -32.30 37.89
CA SER D 710 27.00 -32.17 37.32
C SER D 710 27.92 -33.19 37.99
N VAL D 711 29.14 -33.28 37.48
CA VAL D 711 30.11 -34.23 38.02
C VAL D 711 30.44 -33.89 39.47
N LYS D 712 30.28 -32.63 39.87
CA LYS D 712 30.59 -32.23 41.24
C LYS D 712 29.80 -33.03 42.26
N HIS D 713 28.63 -33.54 41.89
CA HIS D 713 27.83 -34.39 42.76
C HIS D 713 27.84 -35.84 42.30
N ILE D 714 28.85 -36.25 41.53
CA ILE D 714 28.90 -37.62 41.03
C ILE D 714 28.92 -38.63 42.17
N PRO D 715 29.77 -38.49 43.20
CA PRO D 715 29.71 -39.43 44.32
C PRO D 715 28.37 -39.44 45.03
N LEU D 716 27.71 -38.27 45.12
CA LEU D 716 26.43 -38.20 45.84
C LEU D 716 25.38 -39.13 45.24
N MET D 717 25.55 -39.53 43.98
CA MET D 717 24.61 -40.47 43.37
C MET D 717 24.49 -41.74 44.20
N THR D 718 25.55 -42.11 44.92
CA THR D 718 25.48 -43.29 45.78
C THR D 718 24.27 -43.23 46.70
N ASP D 719 23.98 -42.05 47.24
CA ASP D 719 22.77 -41.85 48.02
C ASP D 719 21.59 -41.43 47.15
N LEU D 720 21.85 -40.74 46.04
CA LEU D 720 20.76 -40.27 45.19
C LEU D 720 19.89 -41.41 44.69
N SER D 721 20.48 -42.60 44.51
CA SER D 721 19.69 -43.75 44.08
C SER D 721 18.52 -43.99 45.01
N LYS D 722 18.70 -43.77 46.31
CA LYS D 722 17.60 -43.93 47.25
C LYS D 722 16.48 -42.94 46.96
N LYS D 723 16.84 -41.69 46.68
CA LYS D 723 15.82 -40.68 46.39
C LYS D 723 15.07 -41.00 45.11
N GLY D 724 15.78 -41.47 44.08
CA GLY D 724 15.17 -41.75 42.80
C GLY D 724 16.06 -41.33 41.65
N TYR D 725 17.18 -40.68 41.97
CA TYR D 725 18.12 -40.26 40.96
C TYR D 725 18.88 -41.46 40.40
N ILE D 726 19.07 -41.49 39.09
CA ILE D 726 19.77 -42.57 38.40
C ILE D 726 20.95 -41.98 37.66
N LEU D 727 22.13 -42.56 37.89
CA LEU D 727 23.34 -42.10 37.21
C LEU D 727 23.38 -42.67 35.79
N TYR D 728 23.78 -41.84 34.84
CA TYR D 728 23.85 -42.25 33.44
C TYR D 728 24.94 -41.45 32.75
N ASP D 729 25.98 -42.14 32.28
CA ASP D 729 27.08 -41.51 31.57
C ASP D 729 27.69 -40.38 32.38
N ASN D 730 27.83 -40.61 33.69
CA ASN D 730 28.41 -39.64 34.62
C ASN D 730 27.52 -38.42 34.81
N VAL D 731 26.20 -38.61 34.78
CA VAL D 731 25.25 -37.53 35.01
C VAL D 731 24.06 -38.11 35.76
N VAL D 732 23.73 -37.51 36.90
CA VAL D 732 22.57 -37.92 37.69
C VAL D 732 21.35 -37.15 37.20
N THR D 733 20.32 -37.88 36.79
CA THR D 733 19.11 -37.26 36.24
C THR D 733 17.89 -38.03 36.73
N LEU D 734 16.71 -37.54 36.36
CA LEU D 734 15.45 -38.15 36.72
C LEU D 734 14.55 -38.25 35.49
N PRO D 735 13.69 -39.27 35.44
CA PRO D 735 12.76 -39.38 34.31
C PRO D 735 11.69 -38.31 34.37
N LEU D 736 11.05 -38.08 33.21
CA LEU D 736 10.07 -37.01 33.10
C LEU D 736 8.92 -37.20 34.07
N THR D 737 8.39 -38.43 34.18
CA THR D 737 7.30 -38.68 35.10
C THR D 737 7.72 -38.41 36.54
N THR D 738 8.92 -38.86 36.91
CA THR D 738 9.42 -38.58 38.26
C THR D 738 9.59 -37.09 38.49
N PHE D 739 10.09 -36.37 37.49
CA PHE D 739 10.24 -34.92 37.62
C PHE D 739 8.89 -34.25 37.84
N GLN D 740 7.88 -34.64 37.07
CA GLN D 740 6.55 -34.06 37.25
C GLN D 740 5.99 -34.38 38.63
N GLN D 741 6.14 -35.63 39.07
CA GLN D 741 5.63 -36.01 40.39
C GLN D 741 6.31 -35.21 41.49
N LYS D 742 7.63 -35.04 41.40
CA LYS D 742 8.34 -34.26 42.40
C LYS D 742 7.92 -32.80 42.38
N ILE D 743 7.77 -32.22 41.19
CA ILE D 743 7.40 -30.81 41.09
C ILE D 743 5.98 -30.58 41.60
N SER D 744 5.10 -31.57 41.45
CA SER D 744 3.71 -31.38 41.87
C SER D 744 3.60 -31.03 43.34
N LYS D 745 4.51 -31.52 44.18
CA LYS D 745 4.41 -31.27 45.61
C LYS D 745 4.53 -29.79 45.93
N TYR D 746 5.47 -29.09 45.30
CA TYR D 746 5.72 -27.69 45.64
C TYR D 746 4.66 -26.75 45.07
N PHE D 747 4.11 -27.05 43.90
CA PHE D 747 3.18 -26.16 43.22
C PHE D 747 1.86 -26.86 42.96
N ASN D 748 0.78 -26.09 43.00
CA ASN D 748 -0.52 -26.60 42.61
C ASN D 748 -0.60 -26.74 41.10
N SER D 749 -1.06 -27.91 40.64
CA SER D 749 -1.08 -28.17 39.20
C SER D 749 -2.00 -27.19 38.48
N ARG D 750 -3.17 -26.89 39.06
CA ARG D 750 -4.12 -26.02 38.38
C ARG D 750 -3.54 -24.63 38.12
N LEU D 751 -2.84 -24.07 39.11
CA LEU D 751 -2.27 -22.74 38.98
C LEU D 751 -0.86 -22.74 38.41
N PHE D 752 -0.24 -23.91 38.26
CA PHE D 752 1.14 -24.00 37.77
C PHE D 752 1.34 -25.06 36.69
N GLY D 753 0.29 -25.76 36.28
CA GLY D 753 0.48 -26.84 35.33
C GLY D 753 1.06 -26.37 34.00
N HIS D 754 0.51 -25.28 33.46
CA HIS D 754 0.94 -24.82 32.15
C HIS D 754 2.40 -24.37 32.15
N ASP D 755 2.78 -23.55 33.13
CA ASP D 755 4.16 -23.08 33.21
C ASP D 755 5.12 -24.23 33.44
N ILE D 756 4.75 -25.18 34.30
CA ILE D 756 5.61 -26.33 34.56
C ILE D 756 5.79 -27.15 33.29
N GLU D 757 4.70 -27.39 32.55
CA GLU D 757 4.80 -28.14 31.31
C GLU D 757 5.67 -27.42 30.29
N SER D 758 5.51 -26.10 30.17
CA SER D 758 6.32 -25.35 29.22
C SER D 758 7.80 -25.42 29.59
N PHE D 759 8.12 -25.29 30.88
CA PHE D 759 9.51 -25.39 31.31
C PHE D 759 10.06 -26.77 31.05
N ILE D 760 9.28 -27.81 31.32
CA ILE D 760 9.73 -29.18 31.07
C ILE D 760 10.02 -29.38 29.60
N ASN D 761 9.13 -28.90 28.73
CA ASN D 761 9.36 -29.03 27.30
C ASN D 761 10.61 -28.27 26.87
N ARG D 762 10.81 -27.06 27.40
CA ARG D 762 11.99 -26.28 27.03
C ARG D 762 13.27 -26.98 27.45
N HIS D 763 13.31 -27.52 28.67
CA HIS D 763 14.50 -28.13 29.21
C HIS D 763 14.53 -29.65 29.06
N LYS D 764 13.53 -30.23 28.40
CA LYS D 764 13.48 -31.68 28.24
C LYS D 764 14.67 -32.18 27.42
N LYS D 765 15.24 -33.30 27.84
CA LYS D 765 16.36 -33.91 27.12
C LYS D 765 15.93 -35.22 26.46
N GLU D 772 13.64 -39.34 27.12
CA GLU D 772 13.27 -38.09 27.76
C GLU D 772 13.71 -38.08 29.22
N TYR D 773 14.73 -37.29 29.53
CA TYR D 773 15.24 -37.19 30.89
C TYR D 773 15.57 -35.73 31.19
N LEU D 774 15.57 -35.40 32.48
CA LEU D 774 15.92 -34.08 32.96
C LEU D 774 17.14 -34.18 33.86
N GLN D 775 18.17 -33.40 33.55
CA GLN D 775 19.44 -33.44 34.28
C GLN D 775 19.48 -32.39 35.37
N TYR D 776 18.50 -32.46 36.27
CA TYR D 776 18.44 -31.57 37.42
C TYR D 776 18.09 -32.38 38.66
N ILE D 777 18.62 -31.96 39.80
CA ILE D 777 18.41 -32.64 41.08
C ILE D 777 17.77 -31.66 42.04
N PHE D 778 16.68 -32.08 42.69
CA PHE D 778 16.01 -31.23 43.66
C PHE D 778 16.97 -30.89 44.80
N ILE D 779 16.98 -29.60 45.19
CA ILE D 779 17.90 -29.16 46.23
C ILE D 779 17.59 -29.83 47.56
N GLU D 780 16.30 -30.07 47.85
CA GLU D 780 15.93 -30.66 49.13
C GLU D 780 16.55 -32.03 49.32
N ASP D 781 16.53 -32.86 48.26
CA ASP D 781 17.09 -34.20 48.38
C ASP D 781 18.58 -34.15 48.70
N ILE D 782 19.32 -33.26 48.05
CA ILE D 782 20.75 -33.12 48.29
C ILE D 782 20.99 -32.51 49.68
N GLY E 323 19.12 53.85 1.07
CA GLY E 323 19.70 52.69 0.44
C GLY E 323 18.82 51.45 0.52
N ASN E 324 18.59 50.81 -0.61
CA ASN E 324 17.75 49.62 -0.70
C ASN E 324 16.33 49.91 -0.19
N LYS E 325 15.65 50.78 -0.95
CA LYS E 325 14.29 51.16 -0.59
C LYS E 325 13.34 49.97 -0.58
N LEU E 326 13.68 48.88 -1.26
CA LEU E 326 12.86 47.67 -1.19
C LEU E 326 12.95 47.03 0.19
N PHE E 327 14.15 47.01 0.77
CA PHE E 327 14.29 46.53 2.14
C PHE E 327 13.57 47.43 3.12
N ASN E 328 13.60 48.75 2.88
CA ASN E 328 12.85 49.67 3.72
C ASN E 328 11.35 49.43 3.63
N ILE E 329 10.85 49.18 2.41
CA ILE E 329 9.44 48.86 2.23
C ILE E 329 9.09 47.57 2.98
N ALA E 330 9.95 46.57 2.89
CA ALA E 330 9.71 45.33 3.61
C ALA E 330 9.66 45.56 5.11
N GLN E 331 10.57 46.39 5.63
CA GLN E 331 10.57 46.69 7.06
C GLN E 331 9.31 47.43 7.47
N ARG E 332 8.88 48.40 6.66
CA ARG E 332 7.65 49.13 6.98
C ARG E 332 6.45 48.20 6.99
N ILE E 333 6.36 47.29 6.03
CA ILE E 333 5.26 46.33 6.01
C ILE E 333 5.32 45.43 7.23
N LEU E 334 6.53 44.97 7.59
CA LEU E 334 6.70 44.11 8.75
C LEU E 334 6.34 44.82 10.05
N ASP E 335 6.46 46.16 10.08
CA ASP E 335 6.11 46.90 11.28
C ASP E 335 4.63 46.77 11.61
N THR E 336 3.77 46.75 10.58
CA THR E 336 2.32 46.74 10.82
C THR E 336 1.82 45.41 11.34
N ASN E 337 2.64 44.36 11.37
CA ASN E 337 2.26 43.07 11.93
C ASN E 337 1.21 42.34 11.09
N SER E 338 1.18 42.62 9.78
CA SER E 338 0.19 41.99 8.91
C SER E 338 0.59 40.58 8.46
N VAL E 339 1.85 40.20 8.63
CA VAL E 339 2.33 38.88 8.24
C VAL E 339 2.94 38.22 9.48
N LEU E 340 2.51 37.00 9.76
CA LEU E 340 3.03 36.25 10.91
C LEU E 340 3.42 34.85 10.48
N LEU E 341 4.38 34.28 11.20
CA LEU E 341 4.85 32.92 10.94
C LEU E 341 4.31 32.01 12.03
N THR E 342 3.69 30.90 11.62
CA THR E 342 3.08 29.97 12.55
C THR E 342 3.96 28.75 12.74
N GLU E 343 3.81 28.10 13.90
CA GLU E 343 4.65 26.95 14.21
C GLU E 343 4.48 25.83 13.19
N ARG E 344 3.33 25.78 12.53
CA ARG E 344 3.08 24.74 11.53
C ARG E 344 3.95 24.91 10.29
N GLY E 345 4.63 26.05 10.13
CA GLY E 345 5.48 26.29 8.99
C GLY E 345 4.89 27.15 7.90
N ASP E 346 3.69 27.68 8.10
CA ASP E 346 3.03 28.53 7.12
C ASP E 346 3.08 29.99 7.58
N HIS E 347 2.55 30.87 6.73
CA HIS E 347 2.43 32.29 7.05
C HIS E 347 0.96 32.68 7.03
N ILE E 348 0.56 33.45 8.03
CA ILE E 348 -0.78 34.01 8.11
C ILE E 348 -0.72 35.48 7.73
N VAL E 349 -1.61 35.89 6.84
CA VAL E 349 -1.66 37.25 6.31
C VAL E 349 -2.97 37.89 6.71
N TRP E 350 -2.91 39.16 7.11
CA TRP E 350 -4.08 39.92 7.51
C TRP E 350 -4.53 40.77 6.33
N ILE E 351 -5.47 40.25 5.56
CA ILE E 351 -6.05 40.96 4.42
C ILE E 351 -7.55 40.71 4.43
N ASN E 352 -8.32 41.76 4.11
CA ASN E 352 -9.78 41.71 4.12
C ASN E 352 -10.35 41.62 5.54
N ASN E 353 -9.57 42.00 6.55
CA ASN E 353 -9.99 41.93 7.94
C ASN E 353 -10.18 40.49 8.39
N SER E 354 -9.20 39.65 8.06
CA SER E 354 -9.20 38.25 8.47
C SER E 354 -7.77 37.73 8.45
N TRP E 355 -7.56 36.57 9.05
CA TRP E 355 -6.26 35.91 9.10
C TRP E 355 -6.33 34.68 8.20
N LYS E 356 -5.77 34.81 7.00
CA LYS E 356 -5.78 33.75 6.00
C LYS E 356 -4.38 33.19 5.81
N PHE E 357 -4.31 32.05 5.11
CA PHE E 357 -3.04 31.47 4.71
C PHE E 357 -3.28 30.51 3.57
N ASN E 358 -2.18 30.09 2.94
CA ASN E 358 -2.25 29.10 1.86
C ASN E 358 -0.86 28.58 1.51
N GLU E 361 -1.06 30.15 -3.15
CA GLU E 361 -1.69 31.45 -3.37
C GLU E 361 -0.77 32.59 -2.95
N PRO E 362 -0.57 33.56 -3.83
CA PRO E 362 0.31 34.69 -3.50
C PRO E 362 -0.32 35.64 -2.50
N LEU E 363 -0.47 35.19 -1.25
CA LEU E 363 -1.14 36.01 -0.26
C LEU E 363 -0.26 37.18 0.19
N ILE E 364 1.06 36.95 0.27
CA ILE E 364 1.95 38.02 0.75
C ILE E 364 2.05 39.14 -0.28
N THR E 365 2.13 38.79 -1.56
CA THR E 365 2.17 39.83 -2.59
C THR E 365 0.82 40.51 -2.75
N LYS E 366 -0.26 39.78 -2.55
CA LYS E 366 -1.58 40.40 -2.45
C LYS E 366 -1.59 41.47 -1.36
N LEU E 367 -1.03 41.13 -0.19
CA LEU E 367 -0.98 42.08 0.91
C LEU E 367 -0.08 43.27 0.58
N ILE E 368 1.04 43.04 -0.10
CA ILE E 368 1.92 44.14 -0.47
C ILE E 368 1.18 45.12 -1.37
N LEU E 369 0.50 44.60 -2.39
CA LEU E 369 -0.27 45.47 -3.28
C LEU E 369 -1.38 46.18 -2.53
N SER E 370 -2.03 45.48 -1.58
CA SER E 370 -3.11 46.09 -0.81
C SER E 370 -2.61 47.24 0.05
N ILE E 371 -1.45 47.06 0.70
CA ILE E 371 -0.95 48.07 1.64
C ILE E 371 -0.12 49.15 0.97
N ARG E 372 0.15 49.04 -0.34
CA ARG E 372 0.92 50.08 -1.01
C ARG E 372 0.36 51.49 -0.77
N HIS E 373 -0.87 51.62 -0.29
CA HIS E 373 -1.49 52.93 -0.11
C HIS E 373 -1.16 53.58 1.23
N GLN E 374 -0.58 52.84 2.16
CA GLN E 374 -0.22 53.38 3.47
C GLN E 374 1.22 53.86 3.55
N LEU E 375 1.94 53.83 2.44
CA LEU E 375 3.33 54.25 2.36
C LEU E 375 3.45 55.57 1.60
N PRO E 376 4.63 56.18 1.60
CA PRO E 376 4.82 57.40 0.82
C PRO E 376 4.58 57.18 -0.67
N LYS E 377 4.61 58.26 -1.45
CA LYS E 377 4.32 58.14 -2.88
C LYS E 377 5.35 57.27 -3.59
N GLU E 378 6.63 57.47 -3.28
CA GLU E 378 7.68 56.75 -3.99
C GLU E 378 7.55 55.25 -3.79
N TYR E 379 7.33 54.82 -2.54
CA TYR E 379 7.22 53.39 -2.26
C TYR E 379 6.01 52.79 -2.98
N SER E 380 4.87 53.49 -2.92
CA SER E 380 3.67 52.98 -3.57
C SER E 380 3.88 52.84 -5.08
N SER E 381 4.54 53.82 -5.70
CA SER E 381 4.87 53.70 -7.11
C SER E 381 5.79 52.52 -7.36
N GLU E 382 6.74 52.29 -6.45
CA GLU E 382 7.66 51.16 -6.60
C GLU E 382 6.92 49.83 -6.59
N LEU E 383 5.87 49.73 -5.77
CA LEU E 383 5.19 48.45 -5.55
C LEU E 383 4.22 48.06 -6.66
N LEU E 384 4.31 48.67 -7.84
CA LEU E 384 3.42 48.33 -8.96
C LEU E 384 3.99 47.26 -9.88
N CYS E 385 5.24 46.82 -9.65
CA CYS E 385 5.89 45.80 -10.46
C CYS E 385 5.85 44.46 -9.76
N PRO E 386 5.36 43.39 -10.41
CA PRO E 386 5.34 42.08 -9.73
C PRO E 386 6.72 41.60 -9.31
N ARG E 387 7.77 41.94 -10.07
CA ARG E 387 9.12 41.53 -9.71
C ARG E 387 9.59 42.19 -8.41
N LYS E 388 9.33 43.50 -8.28
CA LYS E 388 9.70 44.18 -7.05
C LYS E 388 8.90 43.66 -5.86
N ARG E 389 7.63 43.33 -6.08
CA ARG E 389 6.83 42.73 -5.02
C ARG E 389 7.37 41.36 -4.62
N LYS E 390 7.87 40.59 -5.59
CA LYS E 390 8.53 39.34 -5.27
C LYS E 390 9.77 39.56 -4.40
N THR E 391 10.56 40.59 -4.74
CA THR E 391 11.74 40.91 -3.94
C THR E 391 11.35 41.30 -2.52
N VAL E 392 10.31 42.12 -2.37
CA VAL E 392 9.85 42.52 -1.04
C VAL E 392 9.36 41.31 -0.26
N GLU E 393 8.67 40.38 -0.94
CA GLU E 393 8.21 39.16 -0.27
C GLU E 393 9.40 38.34 0.22
N ALA E 394 10.46 38.24 -0.58
CA ALA E 394 11.65 37.52 -0.13
C ALA E 394 12.26 38.18 1.10
N ASN E 395 12.33 39.51 1.10
CA ASN E 395 12.85 40.21 2.27
C ASN E 395 11.99 39.91 3.51
N ILE E 396 10.67 39.97 3.36
CA ILE E 396 9.78 39.73 4.49
C ILE E 396 9.93 38.30 5.00
N ARG E 397 10.08 37.34 4.09
CA ARG E 397 10.27 35.96 4.50
C ARG E 397 11.57 35.80 5.27
N ASP E 398 12.63 36.51 4.86
CA ASP E 398 13.89 36.42 5.58
C ASP E 398 13.85 37.13 6.93
N MET E 399 12.97 38.12 7.10
CA MET E 399 12.92 38.85 8.36
C MET E 399 12.08 38.15 9.43
N LEU E 400 11.32 37.12 9.10
CA LEU E 400 10.42 36.47 10.05
C LEU E 400 11.12 35.24 10.62
N VAL E 401 11.73 35.41 11.80
CA VAL E 401 12.47 34.33 12.44
C VAL E 401 11.62 33.62 13.48
N ASP E 402 10.97 34.38 14.36
CA ASP E 402 10.21 33.78 15.46
C ASP E 402 8.83 33.35 14.99
N SER E 403 8.26 32.38 15.71
CA SER E 403 6.93 31.87 15.45
C SER E 403 5.94 32.46 16.46
N VAL E 404 4.65 32.22 16.19
CA VAL E 404 3.57 32.67 17.07
C VAL E 404 2.56 31.55 17.21
N GLU E 405 1.66 31.70 18.19
CA GLU E 405 0.59 30.76 18.44
C GLU E 405 -0.74 31.38 18.03
N THR E 406 -1.57 30.60 17.35
CA THR E 406 -2.86 31.06 16.85
C THR E 406 -3.99 30.36 17.59
N ASP E 407 -5.08 31.09 17.82
CA ASP E 407 -6.28 30.54 18.46
C ASP E 407 -5.97 30.17 19.91
N THR E 408 -5.32 31.08 20.62
CA THR E 408 -4.93 30.85 22.01
C THR E 408 -5.89 31.46 23.01
N TYR E 409 -6.96 32.12 22.56
CA TYR E 409 -7.92 32.72 23.47
C TYR E 409 -9.17 31.86 23.53
N PRO E 410 -9.45 31.20 24.66
CA PRO E 410 -10.71 30.46 24.78
C PRO E 410 -11.91 31.33 25.12
N ASP E 411 -11.68 32.60 25.44
CA ASP E 411 -12.75 33.53 25.82
C ASP E 411 -13.08 34.51 24.71
N LYS E 412 -13.03 34.05 23.45
CA LYS E 412 -13.31 34.91 22.31
C LYS E 412 -14.11 34.12 21.28
N LEU E 413 -15.10 34.77 20.69
CA LEU E 413 -15.94 34.16 19.67
C LEU E 413 -15.64 34.80 18.33
N PRO E 414 -15.02 34.08 17.39
CA PRO E 414 -14.70 34.68 16.08
C PRO E 414 -15.86 34.63 15.11
N PHE E 415 -16.39 35.79 14.74
CA PHE E 415 -17.40 35.90 13.70
C PHE E 415 -16.78 36.49 12.44
N LYS E 416 -17.42 36.23 11.30
CA LYS E 416 -16.86 36.62 10.01
C LYS E 416 -16.47 38.09 9.95
N ASN E 417 -16.96 38.93 10.87
CA ASN E 417 -16.67 40.35 10.84
C ASN E 417 -15.97 40.87 12.08
N GLY E 418 -15.64 40.02 13.04
CA GLY E 418 -14.96 40.51 14.23
C GLY E 418 -14.84 39.43 15.30
N VAL E 419 -14.66 39.88 16.53
CA VAL E 419 -14.48 39.01 17.68
C VAL E 419 -15.36 39.49 18.82
N LEU E 420 -16.07 38.56 19.45
CA LEU E 420 -16.93 38.87 20.59
C LEU E 420 -16.23 38.42 21.87
N ASP E 421 -16.10 39.34 22.81
CA ASP E 421 -15.52 39.04 24.12
C ASP E 421 -16.66 38.80 25.10
N LEU E 422 -16.78 37.56 25.58
CA LEU E 422 -17.87 37.20 26.48
C LEU E 422 -17.65 37.78 27.87
N VAL E 423 -16.41 37.85 28.33
CA VAL E 423 -16.12 38.35 29.67
C VAL E 423 -16.73 39.72 29.87
N ASP E 424 -16.81 40.52 28.80
CA ASP E 424 -17.47 41.82 28.85
C ASP E 424 -18.61 41.94 27.85
N GLY E 425 -18.85 40.92 27.02
CA GLY E 425 -19.91 40.97 26.03
C GLY E 425 -19.73 42.12 25.07
N MET E 426 -18.52 42.31 24.55
CA MET E 426 -18.20 43.45 23.70
C MET E 426 -17.73 42.97 22.33
N PHE E 427 -18.18 43.66 21.29
CA PHE E 427 -17.82 43.32 19.92
C PHE E 427 -16.67 44.18 19.44
N TYR E 428 -15.68 43.54 18.81
CA TYR E 428 -14.55 44.22 18.20
C TYR E 428 -14.56 43.94 16.71
N SER E 429 -14.54 44.99 15.90
CA SER E 429 -14.55 44.86 14.46
C SER E 429 -13.35 45.57 13.86
N GLY E 430 -12.75 44.95 12.85
CA GLY E 430 -11.61 45.55 12.19
C GLY E 430 -10.32 45.32 12.97
N ASP E 431 -9.50 46.37 13.04
CA ASP E 431 -8.18 46.23 13.64
C ASP E 431 -8.24 45.70 15.06
N ASP E 432 -9.35 45.96 15.78
CA ASP E 432 -9.47 45.46 17.14
C ASP E 432 -9.35 43.95 17.19
N ALA E 433 -9.98 43.25 16.25
CA ALA E 433 -9.91 41.79 16.20
C ALA E 433 -8.52 41.30 15.84
N LYS E 434 -7.63 42.19 15.38
CA LYS E 434 -6.30 41.76 14.95
C LYS E 434 -5.51 41.16 16.11
N LYS E 435 -5.74 41.64 17.33
CA LYS E 435 -4.97 41.15 18.48
C LYS E 435 -5.14 39.66 18.67
N TYR E 436 -6.38 39.17 18.54
CA TYR E 436 -6.68 37.75 18.71
C TYR E 436 -6.50 37.06 17.36
N THR E 437 -5.42 36.32 17.20
CA THR E 437 -5.09 35.67 15.94
C THR E 437 -6.02 34.47 15.77
N CYS E 438 -7.24 34.75 15.32
CA CYS E 438 -8.26 33.74 15.13
C CYS E 438 -8.32 33.37 13.65
N THR E 439 -8.18 32.08 13.35
CA THR E 439 -8.19 31.58 11.98
C THR E 439 -9.47 30.84 11.63
N VAL E 440 -10.48 30.88 12.50
CA VAL E 440 -11.76 30.25 12.24
C VAL E 440 -12.87 31.24 12.56
N SER E 441 -14.02 31.06 11.92
CA SER E 441 -15.13 31.98 12.10
C SER E 441 -16.45 31.23 11.91
N THR E 442 -17.50 31.79 12.50
CA THR E 442 -18.84 31.21 12.33
C THR E 442 -19.31 31.32 10.88
N GLY E 443 -19.07 32.45 10.24
CA GLY E 443 -19.51 32.69 8.88
C GLY E 443 -20.54 33.79 8.73
N PHE E 444 -20.99 34.37 9.83
CA PHE E 444 -21.96 35.45 9.81
C PHE E 444 -21.54 36.54 10.78
N LYS E 445 -22.04 37.75 10.55
CA LYS E 445 -21.68 38.90 11.36
C LYS E 445 -22.50 38.95 12.64
N PHE E 446 -22.15 39.87 13.53
CA PHE E 446 -22.86 40.08 14.78
C PHE E 446 -23.29 41.53 14.86
N ASP E 447 -24.56 41.76 15.18
CA ASP E 447 -25.13 43.10 15.25
C ASP E 447 -25.46 43.46 16.69
N ASP E 448 -25.20 44.72 17.05
CA ASP E 448 -25.51 45.18 18.40
C ASP E 448 -27.01 45.37 18.62
N THR E 449 -27.79 45.49 17.54
CA THR E 449 -29.22 45.69 17.70
C THR E 449 -29.88 44.51 18.38
N LYS E 450 -29.50 43.28 17.99
CA LYS E 450 -30.13 42.08 18.50
C LYS E 450 -29.53 41.58 19.81
N PHE E 451 -28.42 42.17 20.27
CA PHE E 451 -27.78 41.74 21.52
C PHE E 451 -28.39 42.51 22.68
N VAL E 452 -29.67 42.24 22.93
CA VAL E 452 -30.42 42.86 24.01
C VAL E 452 -31.30 41.79 24.67
N GLU E 453 -31.37 41.82 25.99
CA GLU E 453 -32.19 40.85 26.72
C GLU E 453 -33.66 41.00 26.35
N ASP E 454 -34.15 42.24 26.26
CA ASP E 454 -35.54 42.51 25.89
C ASP E 454 -35.67 42.44 24.38
N SER E 455 -35.87 41.23 23.88
CA SER E 455 -35.98 40.98 22.45
C SER E 455 -37.27 40.24 22.12
N PRO E 456 -37.79 40.40 20.91
CA PRO E 456 -39.03 39.68 20.56
C PRO E 456 -38.91 38.17 20.69
N GLU E 457 -37.74 37.61 20.37
CA GLU E 457 -37.52 36.18 20.52
C GLU E 457 -36.91 35.81 21.86
N MET E 458 -36.61 36.80 22.71
CA MET E 458 -36.06 36.49 24.03
C MET E 458 -37.12 35.92 24.97
N GLU E 459 -38.32 36.52 24.96
CA GLU E 459 -39.38 36.04 25.83
C GLU E 459 -39.80 34.62 25.48
N GLU E 460 -40.02 34.36 24.19
CA GLU E 460 -40.40 33.01 23.77
C GLU E 460 -39.29 32.01 24.03
N LEU E 461 -38.03 32.41 23.80
CA LEU E 461 -36.91 31.52 24.08
C LEU E 461 -36.85 31.17 25.56
N MET E 462 -37.00 32.16 26.43
CA MET E 462 -36.99 31.90 27.86
C MET E 462 -38.16 31.00 28.27
N ASN E 463 -39.34 31.23 27.69
CA ASN E 463 -40.49 30.40 28.00
C ASN E 463 -40.25 28.95 27.60
N ILE E 464 -39.69 28.75 26.40
CA ILE E 464 -39.39 27.39 25.94
C ILE E 464 -38.34 26.74 26.82
N ILE E 465 -37.33 27.51 27.24
CA ILE E 465 -36.29 26.97 28.11
C ILE E 465 -36.89 26.52 29.44
N ASN E 466 -37.76 27.35 30.01
CA ASN E 466 -38.42 26.99 31.26
C ASN E 466 -39.29 25.74 31.07
N ASP E 467 -39.99 25.66 29.94
CA ASP E 467 -40.84 24.50 29.69
C ASP E 467 -40.02 23.22 29.58
N ILE E 468 -38.88 23.28 28.88
CA ILE E 468 -38.07 22.08 28.70
C ILE E 468 -37.54 21.57 30.04
N GLN E 469 -36.95 22.46 30.83
CA GLN E 469 -36.41 22.12 32.14
C GLN E 469 -37.05 23.01 33.20
N PRO E 470 -38.09 22.56 33.89
CA PRO E 470 -38.73 23.41 34.89
C PRO E 470 -37.73 23.83 35.96
N LEU E 471 -37.86 25.06 36.43
CA LEU E 471 -36.97 25.62 37.44
C LEU E 471 -37.49 25.34 38.86
N THR E 472 -37.74 24.07 39.15
CA THR E 472 -38.25 23.66 40.45
C THR E 472 -37.10 23.19 41.34
N ASP E 473 -37.41 23.05 42.63
CA ASP E 473 -36.40 22.62 43.59
C ASP E 473 -35.87 21.23 43.24
N GLU E 474 -36.77 20.31 42.89
CA GLU E 474 -36.34 18.98 42.47
C GLU E 474 -35.55 19.04 41.17
N ASN E 475 -36.02 19.84 40.22
CA ASN E 475 -35.36 19.97 38.91
C ASN E 475 -34.33 21.09 38.88
N LYS E 476 -34.09 21.77 40.00
CA LYS E 476 -33.12 22.86 40.01
C LYS E 476 -31.72 22.35 39.68
N LYS E 477 -31.32 21.22 40.27
CA LYS E 477 -29.99 20.68 40.01
C LYS E 477 -29.85 20.27 38.54
N ASN E 478 -30.87 19.58 38.01
CA ASN E 478 -30.83 19.17 36.61
C ASN E 478 -30.80 20.37 35.69
N ARG E 479 -31.60 21.40 35.99
CA ARG E 479 -31.60 22.60 35.16
C ARG E 479 -30.25 23.29 35.19
N GLU E 480 -29.63 23.40 36.37
CA GLU E 480 -28.32 24.03 36.45
C GLU E 480 -27.27 23.23 35.69
N LEU E 481 -27.30 21.90 35.82
CA LEU E 481 -26.34 21.08 35.10
C LEU E 481 -26.52 21.21 33.59
N TYR E 482 -27.78 21.22 33.12
CA TYR E 482 -28.03 21.38 31.70
C TYR E 482 -27.57 22.75 31.21
N GLU E 483 -27.82 23.80 32.00
CA GLU E 483 -27.37 25.13 31.62
C GLU E 483 -25.86 25.20 31.51
N LYS E 484 -25.16 24.58 32.47
CA LYS E 484 -23.70 24.57 32.42
C LYS E 484 -23.20 23.81 31.21
N THR E 485 -23.78 22.63 30.94
CA THR E 485 -23.34 21.81 29.82
C THR E 485 -23.70 22.42 28.49
N LEU E 486 -24.67 23.33 28.45
CA LEU E 486 -25.00 24.03 27.21
C LEU E 486 -24.15 25.28 27.03
N SER E 487 -23.85 26.00 28.11
CA SER E 487 -23.00 27.18 28.01
C SER E 487 -21.54 26.84 27.81
N SER E 488 -21.11 25.64 28.21
CA SER E 488 -19.72 25.24 27.98
C SER E 488 -19.38 25.16 26.50
N CYS E 489 -20.38 24.99 25.63
CA CYS E 489 -20.13 24.86 24.20
C CYS E 489 -19.51 26.10 23.57
N LEU E 490 -19.55 27.24 24.26
CA LEU E 490 -18.91 28.45 23.76
C LEU E 490 -17.44 28.56 24.15
N CYS E 491 -16.95 27.66 25.00
CA CYS E 491 -15.56 27.67 25.40
C CYS E 491 -14.67 27.11 24.29
N GLY E 492 -13.47 27.67 24.16
CA GLY E 492 -12.53 27.21 23.16
C GLY E 492 -11.47 26.28 23.71
N ALA E 493 -11.74 25.68 24.86
CA ALA E 493 -10.80 24.79 25.54
C ALA E 493 -11.20 23.33 25.29
N THR E 494 -10.45 22.43 25.92
CA THR E 494 -10.72 21.00 25.83
C THR E 494 -11.74 20.60 26.88
N LYS E 495 -12.67 19.74 26.47
CA LYS E 495 -13.76 19.32 27.35
C LYS E 495 -13.28 18.21 28.27
N GLY E 496 -13.38 18.45 29.58
CA GLY E 496 -12.95 17.48 30.55
C GLY E 496 -13.88 16.30 30.73
N CYS E 497 -15.09 16.37 30.17
CA CYS E 497 -16.04 15.28 30.26
C CYS E 497 -17.04 15.41 29.13
N LEU E 498 -17.73 14.31 28.84
CA LEU E 498 -18.75 14.25 27.81
C LEU E 498 -20.11 14.11 28.48
N THR E 499 -21.02 15.02 28.17
CA THR E 499 -22.34 15.03 28.80
C THR E 499 -23.30 14.14 28.02
N PHE E 500 -24.29 13.60 28.74
CA PHE E 500 -25.30 12.73 28.16
C PHE E 500 -26.67 13.36 28.35
N PHE E 501 -27.54 13.22 27.34
CA PHE E 501 -28.88 13.77 27.36
C PHE E 501 -29.85 12.66 26.96
N PHE E 502 -30.50 12.05 27.97
CA PHE E 502 -31.48 11.00 27.76
C PHE E 502 -32.86 11.68 27.66
N GLY E 503 -33.15 12.22 26.50
CA GLY E 503 -34.39 12.95 26.26
C GLY E 503 -35.40 12.08 25.54
N GLU E 504 -36.59 11.97 26.13
CA GLU E 504 -37.66 11.20 25.52
C GLU E 504 -38.14 11.87 24.24
N THR E 505 -38.76 11.08 23.38
CA THR E 505 -39.25 11.60 22.10
C THR E 505 -40.19 12.77 22.33
N ALA E 506 -40.03 13.82 21.52
CA ALA E 506 -40.83 15.04 21.64
C ALA E 506 -40.56 15.73 22.97
N THR E 507 -39.28 15.97 23.27
CA THR E 507 -38.88 16.63 24.50
C THR E 507 -38.08 17.90 24.26
N GLY E 508 -37.88 18.31 23.01
CA GLY E 508 -37.14 19.51 22.70
C GLY E 508 -35.64 19.34 22.61
N LYS E 509 -35.12 18.12 22.78
CA LYS E 509 -33.68 17.91 22.67
C LYS E 509 -33.18 18.35 21.29
N SER E 510 -33.88 17.93 20.23
CA SER E 510 -33.54 18.42 18.90
C SER E 510 -33.77 19.92 18.79
N THR E 511 -34.75 20.46 19.52
CA THR E 511 -34.95 21.90 19.55
C THR E 511 -33.73 22.59 20.17
N THR E 512 -33.19 22.03 21.26
CA THR E 512 -31.97 22.57 21.84
C THR E 512 -30.81 22.48 20.87
N LYS E 513 -30.70 21.36 20.15
CA LYS E 513 -29.67 21.23 19.13
C LYS E 513 -29.78 22.34 18.10
N ARG E 514 -30.99 22.57 17.58
CA ARG E 514 -31.19 23.59 16.57
C ARG E 514 -30.85 24.97 17.10
N LEU E 515 -31.30 25.28 18.33
CA LEU E 515 -31.01 26.58 18.91
C LEU E 515 -29.50 26.80 19.05
N LEU E 516 -28.80 25.80 19.60
CA LEU E 516 -27.36 25.94 19.77
C LEU E 516 -26.65 26.09 18.44
N LYS E 517 -27.02 25.27 17.44
CA LYS E 517 -26.37 25.35 16.15
C LYS E 517 -26.61 26.71 15.50
N SER E 518 -27.84 27.22 15.57
CA SER E 518 -28.13 28.52 15.01
C SER E 518 -27.33 29.62 15.70
N ALA E 519 -27.24 29.55 17.03
CA ALA E 519 -26.54 30.61 17.76
C ALA E 519 -25.03 30.52 17.59
N ILE E 520 -24.51 29.33 17.26
CA ILE E 520 -23.06 29.15 17.18
C ILE E 520 -22.51 29.18 15.76
N GLY E 521 -23.36 29.02 14.74
CA GLY E 521 -22.84 29.07 13.40
C GLY E 521 -21.92 27.89 13.09
N ASP E 522 -20.92 28.15 12.25
CA ASP E 522 -20.01 27.11 11.79
C ASP E 522 -19.15 26.54 12.91
N LEU E 523 -19.05 27.22 14.06
CA LEU E 523 -18.30 26.68 15.18
C LEU E 523 -18.90 25.39 15.72
N PHE E 524 -20.17 25.14 15.44
CA PHE E 524 -20.85 23.94 15.91
C PHE E 524 -21.06 22.96 14.76
N VAL E 525 -21.15 21.68 15.11
CA VAL E 525 -21.35 20.61 14.13
C VAL E 525 -21.80 19.36 14.86
N GLU E 526 -22.63 18.54 14.20
CA GLU E 526 -23.12 17.30 14.77
C GLU E 526 -22.35 16.11 14.22
N THR E 527 -22.27 15.06 15.03
CA THR E 527 -21.57 13.84 14.66
C THR E 527 -22.47 12.64 14.94
N GLY E 528 -22.29 11.58 14.16
CA GLY E 528 -23.09 10.39 14.27
C GLY E 528 -22.58 9.43 15.33
N GLN E 529 -23.17 8.24 15.32
CA GLN E 529 -22.84 7.21 16.29
C GLN E 529 -21.67 6.34 15.84
N THR E 530 -21.13 6.57 14.64
CA THR E 530 -20.02 5.75 14.16
C THR E 530 -18.80 5.89 15.06
N ILE E 531 -18.48 7.11 15.48
CA ILE E 531 -17.27 7.35 16.26
C ILE E 531 -17.29 6.50 17.53
N LEU E 532 -18.45 6.39 18.18
CA LEU E 532 -18.55 5.63 19.42
C LEU E 532 -18.38 4.13 19.20
N THR E 533 -18.35 3.66 17.95
CA THR E 533 -18.21 2.23 17.67
C THR E 533 -17.12 1.94 16.65
N ASP E 534 -16.29 2.91 16.29
CA ASP E 534 -15.22 2.70 15.33
C ASP E 534 -13.92 3.28 15.87
N VAL E 535 -12.81 2.88 15.24
CA VAL E 535 -11.48 3.33 15.65
C VAL E 535 -11.13 4.61 14.90
N LEU E 536 -10.23 5.39 15.50
CA LEU E 536 -9.84 6.67 14.92
C LEU E 536 -8.77 6.52 13.84
N ASP E 537 -7.67 5.84 14.13
CA ASP E 537 -6.55 5.78 13.19
C ASP E 537 -7.01 5.24 11.84
N LYS E 538 -7.44 3.98 11.81
CA LYS E 538 -7.99 3.35 10.62
C LYS E 538 -7.34 3.86 9.33
N GLY E 539 -8.13 4.52 8.49
CA GLY E 539 -7.65 5.07 7.25
C GLY E 539 -8.13 6.49 7.03
N PRO E 540 -8.73 6.75 5.87
CA PRO E 540 -9.19 8.11 5.55
C PRO E 540 -10.54 8.40 6.20
N ASN E 541 -10.55 9.36 7.13
CA ASN E 541 -11.77 9.76 7.82
C ASN E 541 -11.82 11.27 7.99
N PRO E 542 -12.80 11.94 7.38
CA PRO E 542 -12.88 13.40 7.53
C PRO E 542 -13.62 13.87 8.77
N PHE E 543 -14.46 13.04 9.38
CA PHE E 543 -15.26 13.48 10.52
C PHE E 543 -14.36 13.89 11.69
N ILE E 544 -13.40 13.02 12.06
CA ILE E 544 -12.51 13.34 13.16
C ILE E 544 -11.63 14.54 12.80
N ALA E 545 -11.11 14.58 11.57
CA ALA E 545 -10.21 15.65 11.17
C ALA E 545 -10.90 17.01 11.23
N ASN E 546 -12.15 17.10 10.77
CA ASN E 546 -12.88 18.35 10.78
C ASN E 546 -13.14 18.86 12.19
N MET E 547 -12.78 18.09 13.22
CA MET E 547 -12.92 18.53 14.60
C MET E 547 -11.93 19.63 14.97
N HIS E 548 -10.95 19.91 14.10
CA HIS E 548 -9.92 20.89 14.41
C HIS E 548 -10.53 22.25 14.74
N LEU E 549 -10.45 22.66 16.00
CA LEU E 549 -10.91 23.97 16.44
C LEU E 549 -12.43 24.05 16.46
N LYS E 550 -13.11 23.00 15.99
CA LYS E 550 -14.56 22.96 16.11
C LYS E 550 -14.96 23.00 17.57
N ARG E 551 -15.91 23.88 17.90
CA ARG E 551 -16.19 24.22 19.28
C ARG E 551 -17.31 23.40 19.90
N SER E 552 -17.85 22.41 19.17
CA SER E 552 -18.90 21.57 19.74
C SER E 552 -19.07 20.32 18.88
N VAL E 553 -19.61 19.27 19.51
CA VAL E 553 -19.91 18.03 18.81
C VAL E 553 -20.97 17.27 19.61
N PHE E 554 -22.02 16.82 18.91
CA PHE E 554 -23.11 16.10 19.53
C PHE E 554 -23.35 14.80 18.76
N CYS E 555 -23.31 13.69 19.48
CA CYS E 555 -23.65 12.39 18.92
C CYS E 555 -25.17 12.22 19.03
N SER E 556 -25.85 12.31 17.90
CA SER E 556 -27.31 12.27 17.85
C SER E 556 -27.78 10.95 17.26
N GLU E 557 -29.08 10.70 17.43
CA GLU E 557 -29.72 9.48 16.94
C GLU E 557 -28.90 8.24 17.32
N LEU E 558 -28.76 8.05 18.62
CA LEU E 558 -27.90 6.99 19.13
C LEU E 558 -28.48 5.62 18.77
N PRO E 559 -27.62 4.64 18.48
CA PRO E 559 -28.09 3.28 18.24
C PRO E 559 -28.45 2.58 19.54
N ASP E 560 -29.70 2.73 19.98
CA ASP E 560 -30.14 2.30 21.29
C ASP E 560 -29.46 1.01 21.72
N PHE E 561 -28.88 1.03 22.91
CA PHE E 561 -28.05 -0.07 23.40
C PHE E 561 -28.87 -1.28 23.84
N ALA E 562 -30.18 -1.14 23.99
CA ALA E 562 -31.01 -2.27 24.36
C ALA E 562 -31.05 -3.35 23.29
N CYS E 563 -30.59 -3.04 22.08
CA CYS E 563 -30.58 -4.02 20.99
C CYS E 563 -29.48 -5.04 21.23
N SER E 564 -29.85 -6.19 21.81
CA SER E 564 -28.87 -7.24 22.06
C SER E 564 -28.29 -7.74 20.74
N GLY E 565 -27.01 -8.09 20.78
CA GLY E 565 -26.29 -8.50 19.60
C GLY E 565 -25.58 -7.38 18.86
N SER E 566 -25.86 -6.12 19.21
CA SER E 566 -25.15 -4.99 18.63
C SER E 566 -23.97 -4.61 19.50
N LYS E 567 -22.95 -4.05 18.87
CA LYS E 567 -21.74 -3.66 19.61
C LYS E 567 -22.10 -2.66 20.70
N LYS E 568 -21.57 -2.89 21.90
CA LYS E 568 -21.85 -2.03 23.04
C LYS E 568 -21.04 -0.74 22.93
N ILE E 569 -21.30 0.17 23.87
CA ILE E 569 -20.60 1.45 23.89
C ILE E 569 -19.17 1.24 24.39
N ARG E 570 -18.20 1.61 23.56
CA ARG E 570 -16.80 1.46 23.90
C ARG E 570 -16.34 2.60 24.81
N SER E 571 -15.53 2.25 25.82
CA SER E 571 -15.02 3.23 26.76
C SER E 571 -13.63 3.75 26.39
N ASP E 572 -12.87 2.98 25.61
CA ASP E 572 -11.55 3.45 25.19
C ASP E 572 -11.68 4.73 24.37
N ASN E 573 -12.63 4.77 23.44
CA ASN E 573 -12.86 5.99 22.66
C ASN E 573 -13.35 7.12 23.55
N ILE E 574 -14.20 6.81 24.54
CA ILE E 574 -14.66 7.84 25.47
C ILE E 574 -13.48 8.48 26.17
N LYS E 575 -12.53 7.66 26.64
CA LYS E 575 -11.36 8.21 27.32
C LYS E 575 -10.46 8.98 26.36
N LYS E 576 -10.25 8.45 25.15
CA LYS E 576 -9.28 9.04 24.23
C LYS E 576 -9.78 10.36 23.65
N LEU E 577 -11.04 10.41 23.22
CA LEU E 577 -11.55 11.59 22.53
C LEU E 577 -11.50 12.84 23.40
N THR E 578 -11.48 12.68 24.72
CA THR E 578 -11.41 13.82 25.62
C THR E 578 -10.00 14.39 25.75
N GLU E 579 -9.02 13.80 25.06
CA GLU E 579 -7.65 14.27 25.17
C GLU E 579 -7.52 15.66 24.58
N PRO E 580 -6.54 16.45 25.04
CA PRO E 580 -6.37 17.80 24.49
C PRO E 580 -6.11 17.81 23.00
N CYS E 581 -5.47 16.77 22.47
CA CYS E 581 -5.23 16.63 21.04
C CYS E 581 -6.08 15.50 20.48
N VAL E 582 -6.25 15.51 19.16
CA VAL E 582 -6.99 14.48 18.44
C VAL E 582 -6.05 13.83 17.45
N ILE E 583 -5.95 12.50 17.52
CA ILE E 583 -5.12 11.71 16.63
C ILE E 583 -5.99 11.15 15.51
N GLY E 584 -5.58 11.38 14.27
CA GLY E 584 -6.35 10.93 13.12
C GLY E 584 -5.94 11.67 11.87
N ARG E 585 -5.87 10.96 10.75
CA ARG E 585 -5.38 11.55 9.51
C ARG E 585 -6.51 12.26 8.79
N PRO E 586 -6.48 13.58 8.66
CA PRO E 586 -7.44 14.26 7.78
C PRO E 586 -7.29 13.76 6.35
N CYS E 587 -8.41 13.67 5.66
CA CYS E 587 -8.38 13.20 4.28
C CYS E 587 -7.47 14.09 3.44
N PHE E 588 -6.65 13.47 2.61
CA PHE E 588 -5.69 14.18 1.76
C PHE E 588 -4.81 15.11 2.59
N SER E 589 -4.31 14.60 3.71
CA SER E 589 -3.46 15.36 4.62
C SER E 589 -2.26 14.51 5.01
N ASN E 590 -1.37 15.09 5.82
CA ASN E 590 -0.17 14.39 6.26
C ASN E 590 0.14 14.64 7.72
N LYS E 591 -0.83 15.10 8.51
CA LYS E 591 -0.65 15.37 9.93
C LYS E 591 -1.64 14.53 10.74
N ILE E 592 -1.15 13.93 11.82
CA ILE E 592 -1.95 13.02 12.63
C ILE E 592 -2.28 13.63 13.99
N ASN E 593 -2.12 14.95 14.14
CA ASN E 593 -2.48 15.64 15.36
C ASN E 593 -3.30 16.88 15.01
N ASN E 594 -4.37 17.10 15.77
CA ASN E 594 -5.22 18.27 15.56
C ASN E 594 -5.72 18.79 16.91
N ARG E 595 -6.06 20.07 16.92
CA ARG E 595 -6.59 20.68 18.14
C ARG E 595 -7.99 20.16 18.42
N ASN E 596 -8.28 19.95 19.70
CA ASN E 596 -9.56 19.41 20.16
C ASN E 596 -10.20 20.43 21.10
N HIS E 597 -11.18 21.18 20.59
CA HIS E 597 -11.88 22.19 21.36
C HIS E 597 -13.37 21.88 21.53
N ALA E 598 -13.88 20.84 20.88
CA ALA E 598 -15.31 20.59 20.87
C ALA E 598 -15.82 20.21 22.26
N THR E 599 -17.01 20.70 22.59
CA THR E 599 -17.75 20.24 23.76
C THR E 599 -18.57 19.03 23.36
N ILE E 600 -18.45 17.95 24.12
CA ILE E 600 -18.99 16.65 23.73
C ILE E 600 -20.33 16.43 24.42
N ILE E 601 -21.39 16.31 23.63
CA ILE E 601 -22.72 16.01 24.13
C ILE E 601 -23.29 14.86 23.33
N ILE E 602 -23.82 13.85 24.01
CA ILE E 602 -24.40 12.67 23.39
C ILE E 602 -25.89 12.66 23.71
N ASP E 603 -26.73 12.88 22.69
CA ASP E 603 -28.17 12.96 22.87
C ASP E 603 -28.82 11.69 22.35
N THR E 604 -29.64 11.06 23.19
CA THR E 604 -30.31 9.83 22.82
C THR E 604 -31.54 9.66 23.67
N ASN E 605 -32.24 8.53 23.48
CA ASN E 605 -33.42 8.19 24.26
C ASN E 605 -33.19 7.01 25.20
N TYR E 606 -32.09 6.29 25.06
CA TYR E 606 -31.85 5.06 25.80
C TYR E 606 -30.65 5.23 26.72
N LYS E 607 -30.65 4.45 27.81
CA LYS E 607 -29.58 4.54 28.79
C LYS E 607 -28.26 4.04 28.20
N PRO E 608 -27.14 4.62 28.61
CA PRO E 608 -25.84 4.15 28.13
C PRO E 608 -25.33 2.99 28.98
N VAL E 609 -24.96 1.90 28.31
CA VAL E 609 -24.36 0.73 28.95
C VAL E 609 -22.99 0.53 28.33
N PHE E 610 -21.95 0.95 29.03
CA PHE E 610 -20.60 0.88 28.49
C PHE E 610 -20.18 -0.57 28.24
N ASP E 611 -19.41 -0.78 27.17
CA ASP E 611 -18.93 -2.12 26.87
C ASP E 611 -18.03 -2.66 27.98
N ARG E 612 -17.14 -1.81 28.50
CA ARG E 612 -16.28 -2.18 29.62
C ARG E 612 -16.36 -1.06 30.67
N ILE E 613 -16.61 -1.45 31.92
CA ILE E 613 -16.76 -0.51 33.02
C ILE E 613 -15.46 -0.46 33.80
N ASP E 614 -14.92 0.75 33.97
CA ASP E 614 -13.69 0.96 34.71
C ASP E 614 -13.79 2.28 35.45
N ASN E 615 -12.68 2.73 36.03
CA ASN E 615 -12.68 4.00 36.75
C ASN E 615 -12.69 5.19 35.80
N ALA E 616 -12.12 5.03 34.60
CA ALA E 616 -12.07 6.15 33.65
C ALA E 616 -13.47 6.59 33.25
N LEU E 617 -14.31 5.65 32.81
CA LEU E 617 -15.68 5.99 32.44
C LEU E 617 -16.48 6.45 33.64
N MET E 618 -16.21 5.87 34.82
CA MET E 618 -16.94 6.27 36.02
C MET E 618 -16.66 7.73 36.38
N ARG E 619 -15.41 8.17 36.25
CA ARG E 619 -15.03 9.52 36.62
C ARG E 619 -15.00 10.49 35.43
N ARG E 620 -15.38 10.04 34.24
CA ARG E 620 -15.37 10.89 33.04
C ARG E 620 -16.70 10.82 32.33
N ILE E 621 -17.79 10.99 33.08
CA ILE E 621 -19.15 10.98 32.52
C ILE E 621 -20.01 11.98 33.27
N ALA E 622 -21.21 12.21 32.74
CA ALA E 622 -22.19 13.09 33.35
C ALA E 622 -23.54 12.77 32.73
N VAL E 623 -24.58 13.43 33.24
CA VAL E 623 -25.94 13.18 32.76
C VAL E 623 -26.77 14.45 32.96
N VAL E 624 -27.59 14.77 31.96
CA VAL E 624 -28.55 15.87 32.02
C VAL E 624 -29.94 15.29 31.83
N ARG E 625 -30.87 15.67 32.71
CA ARG E 625 -32.21 15.10 32.73
C ARG E 625 -33.20 16.07 32.09
N PHE E 626 -34.02 15.54 31.18
CA PHE E 626 -35.08 16.30 30.54
C PHE E 626 -36.42 15.66 30.86
N ARG E 627 -37.36 16.45 31.37
CA ARG E 627 -38.68 15.94 31.72
C ARG E 627 -39.77 16.91 31.25
N THR E 628 -39.64 17.40 30.03
CA THR E 628 -40.65 18.24 29.40
C THR E 628 -41.27 17.48 28.24
N HIS E 629 -42.59 17.41 28.20
CA HIS E 629 -43.32 16.62 27.22
C HIS E 629 -44.09 17.57 26.29
N PHE E 630 -43.78 17.48 24.99
CA PHE E 630 -44.52 18.19 23.96
C PHE E 630 -45.44 17.18 23.28
N SER E 631 -46.74 17.28 23.56
CA SER E 631 -47.71 16.31 23.05
C SER E 631 -48.88 17.03 22.40
N GLN E 632 -49.43 16.39 21.38
CA GLN E 632 -50.58 16.94 20.65
C GLN E 632 -51.85 16.74 21.45
N PRO E 633 -52.89 17.54 21.16
CA PRO E 633 -54.17 17.36 21.88
C PRO E 633 -54.75 15.96 21.74
N SER E 634 -54.58 15.33 20.58
CA SER E 634 -55.15 14.01 20.38
C SER E 634 -54.54 12.99 21.33
N GLY E 635 -53.23 13.04 21.53
CA GLY E 635 -52.52 12.13 22.40
C GLY E 635 -52.18 12.66 23.78
N ARG E 636 -52.72 13.82 24.16
CA ARG E 636 -52.37 14.40 25.45
C ARG E 636 -52.78 13.50 26.60
N GLU E 637 -54.00 12.95 26.55
CA GLU E 637 -54.48 12.11 27.64
C GLU E 637 -53.62 10.87 27.81
N ALA E 638 -53.27 10.22 26.70
CA ALA E 638 -52.45 9.02 26.79
C ALA E 638 -51.03 9.35 27.24
N ALA E 639 -50.49 10.49 26.82
CA ALA E 639 -49.11 10.83 27.14
C ALA E 639 -48.97 11.26 28.60
N GLU E 640 -49.97 11.96 29.13
CA GLU E 640 -49.86 12.50 30.49
C GLU E 640 -49.69 11.39 31.51
N ASN E 641 -50.43 10.29 31.36
CA ASN E 641 -50.37 9.21 32.34
C ASN E 641 -48.98 8.57 32.41
N ASN E 642 -48.14 8.78 31.41
CA ASN E 642 -46.79 8.22 31.45
C ASN E 642 -46.03 8.77 32.64
N ASP E 643 -45.41 7.86 33.40
CA ASP E 643 -44.67 8.28 34.58
C ASP E 643 -43.42 9.08 34.21
N ALA E 644 -42.76 8.69 33.10
CA ALA E 644 -41.52 9.36 32.72
C ALA E 644 -41.74 10.85 32.47
N TYR E 645 -42.83 11.21 31.80
CA TYR E 645 -43.13 12.61 31.52
C TYR E 645 -43.79 13.23 32.75
N ASP E 646 -43.19 14.30 33.26
CA ASP E 646 -43.70 15.00 34.45
C ASP E 646 -44.60 16.17 34.10
N LYS E 647 -44.18 17.01 33.15
CA LYS E 647 -44.99 18.15 32.70
C LYS E 647 -45.32 17.94 31.23
N VAL E 648 -46.60 18.10 30.88
CA VAL E 648 -47.08 17.90 29.52
C VAL E 648 -47.68 19.22 29.04
N LYS E 649 -47.22 19.67 27.87
CA LYS E 649 -47.70 20.90 27.27
C LYS E 649 -48.13 20.63 25.83
N LEU E 650 -48.72 21.65 25.21
CA LEU E 650 -49.17 21.55 23.82
C LEU E 650 -48.03 21.89 22.89
N LEU E 651 -47.76 21.00 21.93
CA LEU E 651 -46.66 21.21 21.00
C LEU E 651 -46.88 22.49 20.18
N ASP E 652 -45.82 23.25 19.99
CA ASP E 652 -45.85 24.48 19.22
C ASP E 652 -45.32 24.20 17.82
N GLU E 653 -46.17 24.40 16.81
CA GLU E 653 -45.80 24.07 15.44
C GLU E 653 -44.82 25.06 14.84
N GLY E 654 -45.02 26.36 15.10
CA GLY E 654 -44.23 27.39 14.44
C GLY E 654 -42.82 27.53 14.96
N LEU E 655 -42.49 26.91 16.10
CA LEU E 655 -41.16 27.08 16.68
C LEU E 655 -40.08 26.70 15.68
N ASP E 656 -40.24 25.57 15.00
CA ASP E 656 -39.26 25.18 13.99
C ASP E 656 -39.10 26.27 12.94
N GLY E 657 -40.22 26.84 12.47
CA GLY E 657 -40.14 27.93 11.52
C GLY E 657 -39.37 29.12 12.07
N LYS E 658 -39.49 29.38 13.38
CA LYS E 658 -38.71 30.45 14.00
C LYS E 658 -37.25 30.07 14.17
N ILE E 659 -36.95 28.77 14.24
CA ILE E 659 -35.56 28.34 14.42
C ILE E 659 -34.74 28.66 13.17
N GLN E 660 -35.28 28.32 12.00
CA GLN E 660 -34.55 28.54 10.76
C GLN E 660 -34.38 30.02 10.45
N ASN E 661 -35.33 30.86 10.90
CA ASN E 661 -35.21 32.30 10.69
C ASN E 661 -34.08 32.92 11.50
N ASN E 662 -33.50 32.19 12.43
CA ASN E 662 -32.40 32.69 13.27
C ASN E 662 -32.83 33.92 14.07
N ARG E 663 -34.12 34.00 14.40
CA ARG E 663 -34.58 35.11 15.24
C ARG E 663 -34.02 35.00 16.65
N TYR E 664 -33.86 33.77 17.16
CA TYR E 664 -33.31 33.54 18.49
C TYR E 664 -31.79 33.43 18.47
N ARG E 665 -31.13 34.01 17.48
CA ARG E 665 -29.67 33.94 17.40
C ARG E 665 -29.02 34.80 18.47
N PHE E 666 -29.28 36.11 18.44
CA PHE E 666 -28.66 37.01 19.40
C PHE E 666 -29.17 36.78 20.82
N ALA E 667 -30.47 36.47 20.96
CA ALA E 667 -30.99 36.15 22.29
C ALA E 667 -30.31 34.91 22.86
N PHE E 668 -30.14 33.87 22.04
CA PHE E 668 -29.45 32.68 22.50
C PHE E 668 -28.00 32.99 22.86
N LEU E 669 -27.34 33.82 22.05
CA LEU E 669 -25.96 34.19 22.38
C LEU E 669 -25.88 34.93 23.70
N TYR E 670 -26.81 35.86 23.94
CA TYR E 670 -26.81 36.59 25.21
C TYR E 670 -27.06 35.65 26.38
N LEU E 671 -28.01 34.73 26.23
CA LEU E 671 -28.27 33.78 27.31
C LEU E 671 -27.06 32.90 27.58
N LEU E 672 -26.39 32.45 26.51
CA LEU E 672 -25.18 31.65 26.69
C LEU E 672 -24.09 32.43 27.40
N VAL E 673 -23.91 33.70 27.03
CA VAL E 673 -22.90 34.53 27.69
C VAL E 673 -23.24 34.70 29.16
N LYS E 674 -24.52 34.94 29.47
CA LYS E 674 -24.93 35.09 30.86
C LYS E 674 -24.67 33.82 31.65
N TRP E 675 -25.01 32.67 31.08
CA TRP E 675 -24.78 31.41 31.77
C TRP E 675 -23.29 31.16 32.00
N TYR E 676 -22.47 31.44 30.99
CA TYR E 676 -21.03 31.25 31.13
C TYR E 676 -20.47 32.15 32.22
N LYS E 677 -20.90 33.41 32.25
CA LYS E 677 -20.44 34.33 33.30
C LYS E 677 -20.88 33.85 34.67
N LYS E 678 -22.14 33.42 34.80
CA LYS E 678 -22.64 32.98 36.10
C LYS E 678 -21.90 31.75 36.60
N TYR E 679 -21.64 30.79 35.72
CA TYR E 679 -20.99 29.54 36.09
C TYR E 679 -19.46 29.65 36.15
N HIS E 680 -18.90 30.80 35.80
CA HIS E 680 -17.47 30.98 35.83
C HIS E 680 -17.09 32.32 36.46
N MET E 684 -14.24 26.74 36.02
CA MET E 684 -15.23 26.01 35.23
C MET E 684 -14.73 24.62 34.88
N LYS E 685 -15.60 23.63 35.01
CA LYS E 685 -15.28 22.25 34.68
C LYS E 685 -16.57 21.44 34.71
N LEU E 686 -16.46 20.15 34.41
CA LEU E 686 -17.58 19.23 34.41
C LEU E 686 -17.31 18.12 35.40
N TYR E 687 -18.21 17.95 36.38
CA TYR E 687 -18.00 16.91 37.38
C TYR E 687 -18.57 15.58 36.91
N PRO E 688 -18.02 14.47 37.41
CA PRO E 688 -18.56 13.16 37.05
C PRO E 688 -19.90 12.90 37.72
N THR E 689 -20.67 12.00 37.11
CA THR E 689 -21.99 11.60 37.61
C THR E 689 -22.11 10.08 37.62
N PRO E 690 -21.31 9.41 38.43
CA PRO E 690 -21.40 7.94 38.47
C PRO E 690 -22.78 7.44 38.85
N GLU E 691 -23.47 8.13 39.77
CA GLU E 691 -24.82 7.72 40.14
C GLU E 691 -25.81 7.98 39.02
N GLU E 692 -25.56 8.98 38.17
CA GLU E 692 -26.48 9.31 37.09
C GLU E 692 -26.58 8.20 36.05
N ILE E 693 -25.62 7.28 36.02
CA ILE E 693 -25.61 6.16 35.07
C ILE E 693 -25.93 4.89 35.85
N PRO E 694 -26.97 4.13 35.47
CA PRO E 694 -27.25 2.89 36.22
C PRO E 694 -26.10 1.91 36.23
N ASP E 695 -25.42 1.72 35.09
CA ASP E 695 -24.35 0.73 35.03
C ASP E 695 -23.19 1.07 35.96
N PHE E 696 -23.07 2.34 36.36
CA PHE E 696 -22.04 2.76 37.30
C PHE E 696 -22.48 2.58 38.75
N ALA E 697 -23.47 1.75 39.01
CA ALA E 697 -23.97 1.54 40.36
C ALA E 697 -23.16 0.48 41.11
N PHE E 698 -23.00 -0.70 40.52
CA PHE E 698 -22.38 -1.82 41.22
C PHE E 698 -21.04 -1.42 41.83
N TYR E 699 -20.19 -0.75 41.04
CA TYR E 699 -18.89 -0.35 41.54
C TYR E 699 -19.03 0.41 42.86
N LEU E 700 -19.90 1.43 42.88
CA LEU E 700 -20.12 2.16 44.12
C LEU E 700 -20.55 1.23 45.25
N LYS E 701 -21.50 0.34 44.96
CA LYS E 701 -21.92 -0.63 45.97
C LYS E 701 -20.73 -1.45 46.45
N ILE E 702 -19.82 -1.82 45.54
CA ILE E 702 -18.64 -2.57 45.93
C ILE E 702 -17.85 -1.82 46.99
N GLY E 703 -17.73 -0.50 46.81
CA GLY E 703 -17.03 0.29 47.81
C GLY E 703 -17.62 0.16 49.19
N THR E 704 -18.95 0.03 49.27
CA THR E 704 -19.64 -0.15 50.54
C THR E 704 -19.88 -1.61 50.87
N LEU E 705 -19.37 -2.55 50.07
CA LEU E 705 -19.61 -3.97 50.29
C LEU E 705 -18.55 -4.60 51.18
N LEU E 706 -17.29 -4.56 50.76
CA LEU E 706 -16.19 -5.13 51.53
C LEU E 706 -14.90 -4.43 51.13
N VAL E 707 -13.95 -4.38 52.06
CA VAL E 707 -12.69 -3.67 51.85
C VAL E 707 -11.55 -4.64 52.09
N SER E 708 -10.55 -4.62 51.21
CA SER E 708 -9.42 -5.55 51.33
C SER E 708 -8.76 -5.38 52.70
N SER E 709 -8.50 -6.50 53.37
CA SER E 709 -7.98 -6.46 54.73
C SER E 709 -6.59 -5.83 54.76
N SER E 710 -6.34 -5.03 55.80
CA SER E 710 -5.08 -4.34 55.98
C SER E 710 -4.21 -5.08 57.00
N VAL E 711 -2.99 -4.58 57.20
CA VAL E 711 -2.07 -5.19 58.14
C VAL E 711 -2.62 -5.07 59.57
N LYS E 712 -3.19 -3.92 59.91
CA LYS E 712 -3.69 -3.69 61.25
C LYS E 712 -4.86 -4.59 61.62
N HIS E 713 -5.30 -5.46 60.73
CA HIS E 713 -6.39 -6.40 61.00
C HIS E 713 -5.90 -7.72 61.56
N ILE E 714 -4.60 -7.86 61.81
CA ILE E 714 -4.08 -9.12 62.35
C ILE E 714 -4.75 -9.49 63.67
N PRO E 715 -4.87 -8.59 64.65
CA PRO E 715 -5.59 -8.96 65.87
C PRO E 715 -7.03 -9.37 65.63
N LEU E 716 -7.70 -8.73 64.65
CA LEU E 716 -9.09 -9.05 64.39
C LEU E 716 -9.28 -10.52 64.05
N MET E 717 -8.26 -11.16 63.47
CA MET E 717 -8.35 -12.57 63.15
C MET E 717 -8.71 -13.39 64.37
N THR E 718 -8.23 -13.00 65.55
CA THR E 718 -8.56 -13.73 66.78
C THR E 718 -10.07 -13.90 66.91
N ASP E 719 -10.83 -12.88 66.55
CA ASP E 719 -12.29 -12.99 66.52
C ASP E 719 -12.83 -13.25 65.12
N LEU E 720 -12.03 -13.04 64.07
CA LEU E 720 -12.52 -13.23 62.71
C LEU E 720 -13.01 -14.65 62.49
N SER E 721 -12.33 -15.63 63.10
CA SER E 721 -12.74 -17.01 62.95
C SER E 721 -14.18 -17.25 63.39
N LYS E 722 -14.69 -16.39 64.29
CA LYS E 722 -16.09 -16.53 64.70
C LYS E 722 -17.03 -16.37 63.51
N LYS E 723 -16.76 -15.39 62.65
CA LYS E 723 -17.58 -15.21 61.46
C LYS E 723 -17.28 -16.27 60.41
N GLY E 724 -16.02 -16.65 60.27
CA GLY E 724 -15.63 -17.63 59.28
C GLY E 724 -14.38 -17.21 58.52
N TYR E 725 -13.81 -16.08 58.91
CA TYR E 725 -12.60 -15.58 58.26
C TYR E 725 -11.40 -16.45 58.62
N ILE E 726 -10.42 -16.47 57.72
CA ILE E 726 -9.18 -17.21 57.91
C ILE E 726 -8.02 -16.26 57.61
N LEU E 727 -7.00 -16.30 58.47
CA LEU E 727 -5.81 -15.46 58.32
C LEU E 727 -4.66 -16.30 57.79
N TYR E 728 -4.11 -15.92 56.65
CA TYR E 728 -2.98 -16.61 56.04
C TYR E 728 -1.91 -15.58 55.69
N ASP E 729 -0.67 -15.86 56.09
CA ASP E 729 0.44 -14.94 55.87
C ASP E 729 0.10 -13.55 56.42
N ASN E 730 -0.53 -13.54 57.59
CA ASN E 730 -0.97 -12.29 58.23
C ASN E 730 -1.95 -11.52 57.35
N VAL E 731 -2.71 -12.24 56.53
CA VAL E 731 -3.69 -11.63 55.62
C VAL E 731 -5.03 -12.30 55.87
N VAL E 732 -6.03 -11.50 56.22
CA VAL E 732 -7.39 -12.01 56.44
C VAL E 732 -8.07 -12.19 55.09
N THR E 733 -8.73 -13.34 54.92
CA THR E 733 -9.39 -13.65 53.66
C THR E 733 -10.46 -14.70 53.90
N LEU E 734 -11.29 -14.91 52.88
CA LEU E 734 -12.36 -15.89 52.90
C LEU E 734 -12.26 -16.76 51.67
N PRO E 735 -12.78 -17.99 51.74
CA PRO E 735 -12.69 -18.88 50.58
C PRO E 735 -13.60 -18.42 49.45
N LEU E 736 -13.48 -19.10 48.31
CA LEU E 736 -14.33 -18.79 47.17
C LEU E 736 -15.80 -18.96 47.52
N THR E 737 -16.14 -20.04 48.22
CA THR E 737 -17.50 -20.19 48.71
C THR E 737 -17.85 -19.08 49.71
N THR E 738 -16.90 -18.74 50.58
CA THR E 738 -17.14 -17.64 51.53
C THR E 738 -17.36 -16.33 50.80
N PHE E 739 -16.54 -16.05 49.78
CA PHE E 739 -16.73 -14.82 49.01
C PHE E 739 -18.08 -14.80 48.29
N GLN E 740 -18.47 -15.93 47.72
CA GLN E 740 -19.77 -16.01 47.06
C GLN E 740 -20.90 -15.77 48.04
N GLN E 741 -20.82 -16.37 49.24
CA GLN E 741 -21.84 -16.15 50.25
C GLN E 741 -21.90 -14.69 50.68
N LYS E 742 -20.73 -14.07 50.87
CA LYS E 742 -20.70 -12.67 51.28
C LYS E 742 -21.30 -11.77 50.20
N ILE E 743 -21.02 -12.07 48.94
CA ILE E 743 -21.58 -11.28 47.85
C ILE E 743 -23.08 -11.48 47.77
N SER E 744 -23.55 -12.72 47.94
CA SER E 744 -24.97 -13.02 47.82
C SER E 744 -25.77 -12.39 48.95
N LYS E 745 -25.22 -12.39 50.17
CA LYS E 745 -25.97 -11.90 51.31
C LYS E 745 -26.44 -10.46 51.11
N TYR E 746 -25.62 -9.64 50.45
CA TYR E 746 -25.96 -8.24 50.20
C TYR E 746 -26.65 -8.05 48.86
N PHE E 747 -25.98 -8.45 47.78
CA PHE E 747 -26.50 -8.27 46.43
C PHE E 747 -26.75 -9.63 45.79
N ASN E 748 -27.95 -9.82 45.25
CA ASN E 748 -28.30 -11.06 44.60
C ASN E 748 -27.47 -11.25 43.33
N SER E 749 -27.09 -12.50 43.07
CA SER E 749 -26.30 -12.83 41.88
C SER E 749 -27.14 -13.00 40.63
N ARG E 750 -28.47 -12.96 40.74
CA ARG E 750 -29.32 -13.15 39.58
C ARG E 750 -29.08 -12.06 38.53
N LEU E 751 -28.94 -10.81 38.97
CA LEU E 751 -28.75 -9.69 38.07
C LEU E 751 -27.32 -9.15 38.09
N PHE E 752 -26.39 -9.85 38.76
CA PHE E 752 -25.01 -9.41 38.82
C PHE E 752 -24.04 -10.58 38.67
N GLY E 753 -24.44 -11.62 37.94
CA GLY E 753 -23.58 -12.78 37.81
C GLY E 753 -22.28 -12.47 37.08
N HIS E 754 -22.37 -11.75 35.95
CA HIS E 754 -21.19 -11.46 35.16
C HIS E 754 -20.23 -10.55 35.91
N ASP E 755 -20.74 -9.48 36.50
CA ASP E 755 -19.88 -8.55 37.23
C ASP E 755 -19.26 -9.22 38.45
N ILE E 756 -20.05 -10.03 39.17
CA ILE E 756 -19.52 -10.72 40.34
C ILE E 756 -18.42 -11.69 39.92
N GLU E 757 -18.64 -12.43 38.83
CA GLU E 757 -17.62 -13.37 38.35
C GLU E 757 -16.35 -12.64 37.93
N SER E 758 -16.50 -11.49 37.25
CA SER E 758 -15.33 -10.72 36.85
C SER E 758 -14.56 -10.23 38.07
N PHE E 759 -15.27 -9.73 39.08
CA PHE E 759 -14.62 -9.28 40.29
C PHE E 759 -13.88 -10.42 40.98
N ILE E 760 -14.52 -11.60 41.06
CA ILE E 760 -13.89 -12.75 41.69
C ILE E 760 -12.63 -13.15 40.93
N ASN E 761 -12.71 -13.17 39.60
CA ASN E 761 -11.54 -13.54 38.80
C ASN E 761 -10.41 -12.53 38.98
N ARG E 762 -10.73 -11.23 38.98
CA ARG E 762 -9.70 -10.22 39.16
C ARG E 762 -9.06 -10.31 40.54
N HIS E 763 -9.86 -10.55 41.58
CA HIS E 763 -9.36 -10.62 42.94
C HIS E 763 -8.98 -12.03 43.36
N LYS E 764 -9.08 -13.01 42.46
CA LYS E 764 -8.70 -14.37 42.81
C LYS E 764 -7.20 -14.48 43.04
N LYS E 765 -6.82 -15.20 44.09
CA LYS E 765 -5.44 -15.43 44.45
C LYS E 765 -5.05 -16.86 44.12
N PHE E 766 -3.82 -17.22 44.49
CA PHE E 766 -3.28 -18.56 44.26
C PHE E 766 -2.76 -19.14 45.56
N ALA E 767 -2.90 -20.46 45.70
CA ALA E 767 -2.45 -21.15 46.91
C ALA E 767 -2.57 -22.66 46.74
N ASP E 771 -6.14 -23.30 43.92
CA ASP E 771 -6.72 -22.55 45.03
C ASP E 771 -6.88 -21.08 44.67
N GLU E 772 -7.92 -20.44 45.21
CA GLU E 772 -8.18 -19.03 44.95
C GLU E 772 -8.91 -18.43 46.14
N TYR E 773 -8.34 -17.39 46.73
CA TYR E 773 -8.92 -16.70 47.86
C TYR E 773 -8.83 -15.20 47.66
N LEU E 774 -9.75 -14.47 48.27
CA LEU E 774 -9.80 -13.01 48.20
C LEU E 774 -9.54 -12.43 49.58
N GLN E 775 -8.62 -11.47 49.65
CA GLN E 775 -8.26 -10.83 50.91
C GLN E 775 -9.15 -9.59 51.13
N TYR E 776 -10.35 -9.86 51.62
CA TYR E 776 -11.33 -8.81 51.90
C TYR E 776 -11.99 -9.08 53.24
N ILE E 777 -12.48 -8.01 53.87
CA ILE E 777 -13.20 -8.09 55.13
C ILE E 777 -14.44 -7.20 55.03
N PHE E 778 -15.44 -7.54 55.84
CA PHE E 778 -16.69 -6.81 55.86
C PHE E 778 -16.67 -5.76 56.97
N ILE E 779 -17.30 -4.61 56.70
CA ILE E 779 -17.32 -3.53 57.67
C ILE E 779 -18.03 -3.96 58.94
N GLU E 780 -19.18 -4.63 58.81
CA GLU E 780 -19.92 -5.09 59.98
C GLU E 780 -19.13 -6.12 60.77
N ASP E 781 -18.51 -7.07 60.08
CA ASP E 781 -17.75 -8.10 60.77
C ASP E 781 -16.57 -7.51 61.53
N ILE E 782 -15.88 -6.56 60.93
CA ILE E 782 -14.74 -5.91 61.57
C ILE E 782 -15.23 -4.86 62.56
N GLY F 323 41.41 30.47 -24.74
CA GLY F 323 40.19 29.95 -25.34
C GLY F 323 39.30 29.22 -24.35
N ASN F 324 38.29 29.92 -23.84
CA ASN F 324 37.33 29.36 -22.90
C ASN F 324 38.04 28.86 -21.64
N LYS F 325 38.57 29.83 -20.90
CA LYS F 325 39.19 29.60 -19.60
C LYS F 325 38.49 28.54 -18.76
N LEU F 326 37.16 28.60 -18.70
CA LEU F 326 36.43 27.66 -17.86
C LEU F 326 36.53 26.23 -18.39
N PHE F 327 36.52 26.05 -19.71
CA PHE F 327 36.75 24.72 -20.26
C PHE F 327 38.14 24.22 -19.92
N ASN F 328 39.14 25.11 -19.95
CA ASN F 328 40.49 24.72 -19.58
C ASN F 328 40.55 24.29 -18.11
N ILE F 329 39.86 25.01 -17.23
CA ILE F 329 39.82 24.63 -15.83
C ILE F 329 39.17 23.26 -15.66
N ALA F 330 38.07 23.02 -16.37
CA ALA F 330 37.41 21.72 -16.31
C ALA F 330 38.34 20.61 -16.78
N GLN F 331 39.08 20.87 -17.87
CA GLN F 331 40.04 19.88 -18.37
C GLN F 331 41.13 19.59 -17.34
N ARG F 332 41.66 20.65 -16.71
CA ARG F 332 42.71 20.46 -15.71
C ARG F 332 42.20 19.65 -14.53
N ILE F 333 40.98 19.93 -14.08
CA ILE F 333 40.41 19.16 -12.97
C ILE F 333 40.19 17.71 -13.39
N LEU F 334 39.68 17.48 -14.59
CA LEU F 334 39.44 16.13 -15.06
C LEU F 334 40.74 15.35 -15.22
N ASP F 335 41.85 16.05 -15.48
CA ASP F 335 43.13 15.38 -15.64
C ASP F 335 43.63 14.75 -14.35
N THR F 336 43.19 15.25 -13.19
CA THR F 336 43.62 14.70 -11.91
C THR F 336 42.85 13.45 -11.51
N ASN F 337 41.75 13.15 -12.18
CA ASN F 337 40.97 11.93 -11.91
C ASN F 337 40.33 11.98 -10.52
N SER F 338 39.85 13.16 -10.12
CA SER F 338 39.19 13.34 -8.85
C SER F 338 37.67 13.23 -8.94
N VAL F 339 37.12 13.09 -10.14
CA VAL F 339 35.69 12.86 -10.34
C VAL F 339 35.54 11.64 -11.23
N LEU F 340 34.71 10.69 -10.81
CA LEU F 340 34.48 9.47 -11.56
C LEU F 340 32.99 9.18 -11.65
N LEU F 341 32.62 8.53 -12.75
CA LEU F 341 31.25 8.07 -12.97
C LEU F 341 31.19 6.57 -12.75
N THR F 342 30.22 6.13 -11.95
CA THR F 342 30.14 4.74 -11.52
C THR F 342 29.04 4.01 -12.28
N GLU F 343 29.13 2.67 -12.24
CA GLU F 343 28.17 1.84 -12.95
C GLU F 343 26.74 2.09 -12.47
N ARG F 344 26.57 2.55 -11.23
CA ARG F 344 25.25 2.81 -10.69
C ARG F 344 24.72 4.19 -11.04
N GLY F 345 25.50 5.00 -11.76
CA GLY F 345 25.05 6.32 -12.17
C GLY F 345 25.43 7.45 -11.24
N ASP F 346 26.29 7.21 -10.27
CA ASP F 346 26.68 8.23 -9.30
C ASP F 346 28.02 8.85 -9.71
N HIS F 347 28.20 10.11 -9.33
CA HIS F 347 29.47 10.80 -9.49
C HIS F 347 30.18 10.83 -8.14
N ILE F 348 31.35 10.22 -8.07
CA ILE F 348 32.15 10.17 -6.85
C ILE F 348 33.30 11.15 -6.99
N VAL F 349 33.50 11.97 -5.96
CA VAL F 349 34.56 12.97 -5.94
C VAL F 349 35.53 12.65 -4.82
N TRP F 350 36.79 13.06 -5.02
CA TRP F 350 37.86 12.80 -4.07
C TRP F 350 38.11 14.07 -3.26
N ILE F 351 37.44 14.17 -2.12
CA ILE F 351 37.59 15.32 -1.22
C ILE F 351 38.06 14.81 0.13
N ASN F 352 39.12 15.43 0.66
CA ASN F 352 39.61 15.14 2.00
C ASN F 352 40.07 13.70 2.14
N ASN F 353 40.67 13.14 1.08
CA ASN F 353 41.25 11.80 1.12
C ASN F 353 40.17 10.72 1.28
N SER F 354 39.10 10.85 0.51
CA SER F 354 38.02 9.86 0.57
C SER F 354 37.10 10.07 -0.62
N TRP F 355 36.59 8.96 -1.17
CA TRP F 355 35.61 9.02 -2.25
C TRP F 355 34.22 9.21 -1.66
N LYS F 356 33.55 10.28 -2.07
CA LYS F 356 32.24 10.63 -1.54
C LYS F 356 31.26 10.83 -2.68
N PHE F 357 29.98 10.57 -2.40
CA PHE F 357 28.93 10.85 -3.37
C PHE F 357 27.64 11.14 -2.63
N ASN F 358 26.77 11.91 -3.27
CA ASN F 358 25.44 12.20 -2.77
C ASN F 358 24.49 12.13 -3.96
N SER F 359 23.65 11.09 -3.98
CA SER F 359 22.78 10.86 -5.13
C SER F 359 21.85 12.04 -5.38
N GLU F 360 21.26 12.58 -4.31
CA GLU F 360 20.31 13.68 -4.44
C GLU F 360 20.98 15.04 -4.58
N GLU F 361 22.27 15.16 -4.28
CA GLU F 361 22.96 16.44 -4.34
C GLU F 361 24.44 16.19 -4.59
N PRO F 362 24.86 16.14 -5.85
CA PRO F 362 26.27 15.88 -6.16
C PRO F 362 27.20 16.90 -5.53
N LEU F 363 28.47 16.53 -5.41
CA LEU F 363 29.47 17.32 -4.72
C LEU F 363 30.56 17.81 -5.65
N ILE F 364 30.23 18.01 -6.93
CA ILE F 364 31.25 18.42 -7.90
C ILE F 364 31.69 19.85 -7.66
N THR F 365 30.75 20.74 -7.33
CA THR F 365 31.12 22.14 -7.05
C THR F 365 31.94 22.25 -5.77
N LYS F 366 31.63 21.42 -4.77
CA LYS F 366 32.45 21.37 -3.57
C LYS F 366 33.89 20.99 -3.92
N LEU F 367 34.04 19.98 -4.78
CA LEU F 367 35.37 19.57 -5.20
C LEU F 367 36.08 20.67 -5.98
N ILE F 368 35.35 21.38 -6.85
CA ILE F 368 35.95 22.47 -7.60
C ILE F 368 36.49 23.53 -6.66
N LEU F 369 35.68 23.94 -5.69
CA LEU F 369 36.13 24.95 -4.72
C LEU F 369 37.32 24.46 -3.93
N SER F 370 37.30 23.19 -3.48
CA SER F 370 38.39 22.67 -2.68
C SER F 370 39.69 22.58 -3.49
N ILE F 371 39.59 22.17 -4.76
CA ILE F 371 40.76 21.93 -5.60
C ILE F 371 41.29 23.19 -6.26
N ARG F 372 40.58 24.31 -6.16
CA ARG F 372 41.05 25.55 -6.77
C ARG F 372 42.47 25.92 -6.40
N HIS F 373 43.04 25.30 -5.35
CA HIS F 373 44.38 25.68 -4.90
C HIS F 373 45.48 25.05 -5.74
N GLN F 374 45.24 23.88 -6.34
CA GLN F 374 46.25 23.23 -7.17
C GLN F 374 46.30 23.77 -8.58
N LEU F 375 45.71 24.94 -8.84
CA LEU F 375 45.68 25.56 -10.13
C LEU F 375 46.40 26.90 -10.10
N PRO F 376 46.90 27.38 -11.23
CA PRO F 376 47.51 28.72 -11.26
C PRO F 376 46.60 29.78 -10.66
N LYS F 377 47.18 30.91 -10.25
CA LYS F 377 46.40 31.94 -9.58
C LYS F 377 45.29 32.46 -10.48
N GLU F 378 45.58 32.65 -11.77
CA GLU F 378 44.58 33.16 -12.69
C GLU F 378 43.37 32.24 -12.74
N TYR F 379 43.59 30.93 -12.71
CA TYR F 379 42.48 29.98 -12.74
C TYR F 379 41.79 29.90 -11.38
N SER F 380 42.55 30.01 -10.29
CA SER F 380 41.94 29.91 -8.96
C SER F 380 41.06 31.10 -8.65
N SER F 381 41.37 32.27 -9.21
CA SER F 381 40.55 33.45 -8.94
C SER F 381 39.13 33.27 -9.48
N GLU F 382 38.98 32.63 -10.63
CA GLU F 382 37.68 32.51 -11.28
C GLU F 382 36.71 31.64 -10.48
N LEU F 383 37.23 30.73 -9.66
CA LEU F 383 36.40 29.71 -9.03
C LEU F 383 35.74 30.17 -7.75
N LEU F 384 35.80 31.46 -7.43
CA LEU F 384 35.11 31.99 -6.26
C LEU F 384 33.67 32.40 -6.55
N CYS F 385 33.26 32.41 -7.81
CA CYS F 385 31.88 32.71 -8.21
C CYS F 385 31.10 31.41 -8.36
N PRO F 386 29.94 31.28 -7.71
CA PRO F 386 29.16 30.04 -7.85
C PRO F 386 28.74 29.74 -9.27
N ARG F 387 28.46 30.77 -10.07
CA ARG F 387 28.02 30.54 -11.45
C ARG F 387 29.13 29.93 -12.30
N LYS F 388 30.36 30.42 -12.14
CA LYS F 388 31.48 29.86 -12.88
C LYS F 388 31.75 28.43 -12.45
N ARG F 389 31.58 28.14 -11.16
CA ARG F 389 31.70 26.76 -10.68
C ARG F 389 30.64 25.88 -11.31
N LYS F 390 29.42 26.39 -11.46
CA LYS F 390 28.38 25.62 -12.13
C LYS F 390 28.74 25.34 -13.59
N THR F 391 29.30 26.35 -14.27
CA THR F 391 29.73 26.15 -15.65
C THR F 391 30.81 25.07 -15.75
N VAL F 392 31.79 25.12 -14.85
CA VAL F 392 32.85 24.11 -14.83
C VAL F 392 32.25 22.74 -14.56
N GLU F 393 31.27 22.66 -13.66
CA GLU F 393 30.61 21.38 -13.39
C GLU F 393 29.89 20.85 -14.61
N ALA F 394 29.25 21.73 -15.38
CA ALA F 394 28.60 21.30 -16.61
C ALA F 394 29.62 20.74 -17.61
N ASN F 395 30.75 21.43 -17.76
CA ASN F 395 31.80 20.92 -18.63
C ASN F 395 32.28 19.55 -18.18
N ILE F 396 32.51 19.39 -16.87
CA ILE F 396 33.00 18.12 -16.33
C ILE F 396 31.96 17.03 -16.57
N ARG F 397 30.68 17.34 -16.37
CA ARG F 397 29.64 16.33 -16.58
C ARG F 397 29.57 15.88 -18.03
N ASP F 398 29.72 16.82 -18.96
CA ASP F 398 29.73 16.44 -20.37
C ASP F 398 31.02 15.75 -20.78
N MET F 399 32.08 15.87 -19.97
CA MET F 399 33.36 15.23 -20.28
C MET F 399 33.37 13.75 -19.91
N LEU F 400 32.61 13.36 -18.89
CA LEU F 400 32.65 11.99 -18.36
C LEU F 400 31.62 11.15 -19.12
N VAL F 401 32.09 10.13 -19.84
CA VAL F 401 31.25 9.28 -20.65
C VAL F 401 31.28 7.83 -20.20
N ASP F 402 32.46 7.30 -19.87
CA ASP F 402 32.61 5.90 -19.51
C ASP F 402 32.59 5.74 -17.99
N SER F 403 31.95 4.66 -17.53
CA SER F 403 31.85 4.36 -16.13
C SER F 403 33.05 3.55 -15.65
N VAL F 404 33.16 3.40 -14.33
CA VAL F 404 34.21 2.62 -13.71
C VAL F 404 33.58 1.71 -12.67
N GLU F 405 34.32 0.67 -12.29
CA GLU F 405 33.91 -0.26 -11.26
C GLU F 405 34.66 0.04 -9.97
N THR F 406 33.95 0.09 -8.86
CA THR F 406 34.53 0.43 -7.56
C THR F 406 34.52 -0.77 -6.63
N ASP F 407 35.27 -0.66 -5.55
CA ASP F 407 35.27 -1.63 -4.46
C ASP F 407 35.65 -3.03 -4.96
N THR F 408 36.84 -3.12 -5.55
CA THR F 408 37.33 -4.37 -6.10
C THR F 408 38.51 -4.94 -5.33
N TYR F 409 38.87 -4.34 -4.19
CA TYR F 409 39.99 -4.82 -3.39
C TYR F 409 39.47 -5.34 -2.06
N PRO F 410 39.49 -6.65 -1.82
CA PRO F 410 38.96 -7.17 -0.55
C PRO F 410 39.88 -6.98 0.65
N ASP F 411 41.18 -6.78 0.44
CA ASP F 411 42.13 -6.67 1.53
C ASP F 411 42.54 -5.23 1.81
N LYS F 412 41.65 -4.28 1.58
CA LYS F 412 41.88 -2.88 1.90
C LYS F 412 40.77 -2.40 2.82
N LEU F 413 41.15 -1.73 3.92
CA LEU F 413 40.19 -1.21 4.88
C LEU F 413 40.10 0.30 4.72
N PRO F 414 38.99 0.84 4.21
CA PRO F 414 38.90 2.29 3.98
C PRO F 414 38.52 3.03 5.26
N PHE F 415 39.18 4.17 5.47
CA PHE F 415 38.88 5.08 6.56
C PHE F 415 38.46 6.43 5.96
N LYS F 416 38.27 7.42 6.83
CA LYS F 416 37.89 8.75 6.37
C LYS F 416 39.07 9.56 5.85
N ASN F 417 40.31 9.12 6.10
CA ASN F 417 41.48 9.87 5.68
C ASN F 417 42.53 8.99 5.01
N GLY F 418 42.20 7.76 4.65
CA GLY F 418 43.17 6.88 4.03
C GLY F 418 42.66 5.46 3.99
N VAL F 419 43.51 4.58 3.47
CA VAL F 419 43.19 3.17 3.31
C VAL F 419 44.29 2.36 3.98
N LEU F 420 43.90 1.45 4.87
CA LEU F 420 44.84 0.56 5.53
C LEU F 420 45.00 -0.72 4.72
N ASP F 421 46.24 -1.10 4.47
CA ASP F 421 46.56 -2.33 3.75
C ASP F 421 46.62 -3.47 4.77
N LEU F 422 45.68 -4.41 4.66
CA LEU F 422 45.61 -5.50 5.63
C LEU F 422 46.72 -6.53 5.43
N VAL F 423 47.35 -6.57 4.25
CA VAL F 423 48.39 -7.55 4.00
C VAL F 423 49.64 -7.22 4.81
N ASP F 424 50.05 -5.96 4.83
CA ASP F 424 51.28 -5.55 5.48
C ASP F 424 51.08 -4.53 6.59
N GLY F 425 49.86 -4.03 6.79
CA GLY F 425 49.60 -3.06 7.82
C GLY F 425 49.96 -1.64 7.49
N MET F 426 50.39 -1.36 6.25
CA MET F 426 50.72 -0.01 5.87
C MET F 426 49.45 0.83 5.70
N PHE F 427 49.54 2.10 6.09
CA PHE F 427 48.45 3.05 5.92
C PHE F 427 48.81 4.03 4.82
N TYR F 428 47.90 4.21 3.87
CA TYR F 428 48.12 5.07 2.72
C TYR F 428 47.19 6.27 2.78
N SER F 429 47.72 7.42 2.36
CA SER F 429 46.96 8.66 2.31
C SER F 429 47.24 9.36 1.00
N GLY F 430 46.29 10.20 0.59
CA GLY F 430 46.50 11.02 -0.61
C GLY F 430 46.36 10.19 -1.86
N ASP F 431 47.39 10.24 -2.71
CA ASP F 431 47.33 9.57 -4.01
C ASP F 431 47.45 8.06 -3.88
N ASP F 432 48.17 7.57 -2.87
CA ASP F 432 48.32 6.13 -2.71
C ASP F 432 46.99 5.47 -2.37
N ALA F 433 46.17 6.12 -1.55
CA ALA F 433 44.86 5.59 -1.21
C ALA F 433 43.82 5.84 -2.31
N LYS F 434 44.09 6.75 -3.24
CA LYS F 434 43.12 7.10 -4.26
C LYS F 434 42.97 5.99 -5.30
N LYS F 435 44.02 5.20 -5.51
CA LYS F 435 43.98 4.20 -6.57
C LYS F 435 42.97 3.08 -6.27
N TYR F 436 42.71 2.81 -5.00
CA TYR F 436 41.64 1.89 -4.61
C TYR F 436 40.35 2.70 -4.48
N THR F 437 39.43 2.51 -5.41
CA THR F 437 38.18 3.27 -5.44
C THR F 437 37.21 2.69 -4.42
N CYS F 438 37.50 2.96 -3.15
CA CYS F 438 36.67 2.52 -2.04
C CYS F 438 35.61 3.59 -1.77
N THR F 439 34.35 3.24 -2.01
CA THR F 439 33.23 4.14 -1.80
C THR F 439 32.55 3.93 -0.46
N VAL F 440 33.13 3.13 0.43
CA VAL F 440 32.64 2.94 1.78
C VAL F 440 33.79 3.19 2.74
N SER F 441 33.46 3.48 3.98
CA SER F 441 34.47 3.78 4.97
C SER F 441 33.91 3.57 6.37
N THR F 442 34.82 3.42 7.34
CA THR F 442 34.40 3.29 8.73
C THR F 442 33.67 4.54 9.21
N GLY F 443 33.98 5.70 8.62
CA GLY F 443 33.37 6.95 8.98
C GLY F 443 34.23 7.84 9.86
N PHE F 444 35.28 7.31 10.45
CA PHE F 444 36.19 8.08 11.28
C PHE F 444 37.60 8.02 10.69
N LYS F 445 38.52 8.74 11.32
CA LYS F 445 39.89 8.87 10.83
C LYS F 445 40.80 7.88 11.55
N PHE F 446 41.77 7.35 10.82
CA PHE F 446 42.76 6.45 11.39
C PHE F 446 43.68 7.22 12.33
N ASP F 447 44.12 6.55 13.39
CA ASP F 447 45.03 7.11 14.39
C ASP F 447 46.13 6.09 14.64
N ASP F 448 47.30 6.32 14.04
CA ASP F 448 48.41 5.38 14.17
C ASP F 448 49.09 5.45 15.53
N THR F 449 48.88 6.52 16.29
CA THR F 449 49.45 6.58 17.64
C THR F 449 48.75 5.62 18.58
N LYS F 450 47.45 5.41 18.40
CA LYS F 450 46.68 4.46 19.20
C LYS F 450 46.58 3.09 18.55
N PHE F 451 47.05 2.94 17.31
CA PHE F 451 47.04 1.65 16.62
C PHE F 451 48.32 0.89 16.97
N VAL F 452 48.43 0.54 18.26
CA VAL F 452 49.63 -0.09 18.79
C VAL F 452 49.23 -1.29 19.63
N GLU F 453 50.20 -2.18 19.84
CA GLU F 453 49.99 -3.40 20.62
C GLU F 453 50.34 -3.24 22.09
N ASP F 454 50.80 -2.07 22.51
CA ASP F 454 51.23 -1.84 23.89
C ASP F 454 50.57 -0.57 24.40
N SER F 455 49.60 -0.73 25.30
CA SER F 455 48.87 0.41 25.85
C SER F 455 47.98 -0.05 26.99
N PRO F 456 47.64 0.83 27.94
CA PRO F 456 46.67 0.44 28.97
C PRO F 456 45.33 0.01 28.39
N GLU F 457 44.90 0.66 27.31
CA GLU F 457 43.68 0.23 26.63
C GLU F 457 43.82 -1.18 26.10
N MET F 458 44.99 -1.52 25.55
CA MET F 458 45.22 -2.87 25.04
C MET F 458 45.36 -3.88 26.17
N GLU F 459 45.73 -3.45 27.38
CA GLU F 459 45.85 -4.40 28.48
C GLU F 459 44.49 -4.66 29.13
N GLU F 460 43.66 -3.64 29.25
CA GLU F 460 42.31 -3.82 29.76
C GLU F 460 41.31 -4.19 28.68
N LEU F 461 41.75 -4.30 27.43
CA LEU F 461 40.93 -4.85 26.36
C LEU F 461 41.20 -6.33 26.16
N MET F 462 42.45 -6.76 26.25
CA MET F 462 42.76 -8.19 26.27
C MET F 462 42.66 -8.75 27.69
N ASN F 463 41.62 -8.38 28.39
CA ASN F 463 41.09 -8.99 29.61
C ASN F 463 39.58 -9.17 29.52
N ILE F 464 38.89 -8.22 28.89
CA ILE F 464 37.48 -8.39 28.60
C ILE F 464 37.27 -9.55 27.62
N ILE F 465 38.12 -9.63 26.60
CA ILE F 465 38.01 -10.71 25.63
C ILE F 465 38.29 -12.05 26.28
N ASN F 466 39.33 -12.12 27.12
CA ASN F 466 39.61 -13.37 27.82
C ASN F 466 38.51 -13.73 28.80
N ASP F 467 37.79 -12.73 29.31
CA ASP F 467 36.63 -13.01 30.16
C ASP F 467 35.49 -13.61 29.34
N ILE F 468 35.17 -13.00 28.20
CA ILE F 468 34.05 -13.45 27.40
C ILE F 468 34.32 -14.83 26.81
N GLN F 469 35.52 -15.02 26.26
CA GLN F 469 35.91 -16.27 25.60
C GLN F 469 37.22 -16.74 26.21
N PRO F 470 37.17 -17.43 27.34
CA PRO F 470 38.40 -17.89 28.00
C PRO F 470 39.37 -18.58 27.06
N LEU F 471 40.64 -18.65 27.47
CA LEU F 471 41.70 -19.27 26.69
C LEU F 471 41.97 -20.71 27.12
N THR F 472 41.04 -21.33 27.85
CA THR F 472 41.22 -22.68 28.35
C THR F 472 41.31 -23.68 27.20
N ASP F 473 41.58 -24.94 27.52
CA ASP F 473 41.66 -25.98 26.51
C ASP F 473 40.29 -26.49 26.08
N GLU F 474 39.27 -26.34 26.93
CA GLU F 474 37.92 -26.74 26.58
C GLU F 474 37.24 -25.76 25.62
N ASN F 475 37.87 -24.60 25.38
CA ASN F 475 37.30 -23.57 24.52
C ASN F 475 38.21 -23.25 23.34
N LYS F 476 39.07 -24.19 22.95
CA LYS F 476 40.06 -23.93 21.91
C LYS F 476 39.39 -23.63 20.57
N LYS F 477 38.67 -24.61 20.03
CA LYS F 477 38.04 -24.44 18.72
C LYS F 477 36.98 -23.34 18.76
N ASN F 478 36.24 -23.26 19.86
CA ASN F 478 35.24 -22.20 19.99
C ASN F 478 35.88 -20.82 19.90
N ARG F 479 36.99 -20.62 20.60
CA ARG F 479 37.66 -19.32 20.57
C ARG F 479 38.30 -19.06 19.21
N GLU F 480 38.82 -20.12 18.57
CA GLU F 480 39.36 -19.95 17.22
C GLU F 480 38.27 -19.48 16.24
N LEU F 481 37.10 -20.11 16.31
CA LEU F 481 35.98 -19.68 15.48
C LEU F 481 35.56 -18.26 15.82
N TYR F 482 35.56 -17.93 17.12
CA TYR F 482 35.27 -16.58 17.56
C TYR F 482 36.17 -15.56 16.87
N GLU F 483 37.49 -15.80 16.91
CA GLU F 483 38.44 -14.88 16.31
C GLU F 483 38.29 -14.83 14.80
N LYS F 484 38.13 -15.99 14.15
CA LYS F 484 38.03 -16.01 12.69
C LYS F 484 36.79 -15.25 12.23
N THR F 485 35.65 -15.48 12.88
CA THR F 485 34.44 -14.73 12.54
C THR F 485 34.61 -13.24 12.82
N LEU F 486 35.26 -12.89 13.94
CA LEU F 486 35.60 -11.50 14.23
C LEU F 486 36.97 -11.21 13.65
N SER F 487 37.00 -11.02 12.33
CA SER F 487 38.21 -10.78 11.57
C SER F 487 37.89 -10.99 10.11
N SER F 488 36.98 -11.92 9.82
CA SER F 488 36.38 -11.96 8.48
C SER F 488 35.53 -10.73 8.22
N CYS F 489 35.18 -9.97 9.27
CA CYS F 489 34.45 -8.72 9.11
C CYS F 489 35.31 -7.63 8.48
N LEU F 490 36.63 -7.86 8.36
CA LEU F 490 37.51 -6.92 7.68
C LEU F 490 37.57 -7.16 6.18
N CYS F 491 37.33 -8.39 5.74
CA CYS F 491 37.43 -8.73 4.33
C CYS F 491 36.25 -8.15 3.56
N GLY F 492 36.54 -7.53 2.41
CA GLY F 492 35.51 -7.04 1.52
C GLY F 492 35.15 -8.04 0.44
N ALA F 493 34.63 -9.19 0.84
CA ALA F 493 34.32 -10.26 -0.10
C ALA F 493 33.09 -11.01 0.40
N THR F 494 32.60 -11.94 -0.43
CA THR F 494 31.41 -12.71 -0.11
C THR F 494 31.80 -13.94 0.71
N LYS F 495 31.11 -14.14 1.82
CA LYS F 495 31.36 -15.25 2.73
C LYS F 495 30.23 -16.27 2.61
N GLY F 496 30.59 -17.54 2.74
CA GLY F 496 29.66 -18.63 2.51
C GLY F 496 29.00 -19.25 3.72
N CYS F 497 29.06 -18.60 4.88
CA CYS F 497 28.45 -19.13 6.09
C CYS F 497 27.78 -18.02 6.88
N LEU F 498 26.69 -18.38 7.55
CA LEU F 498 26.03 -17.52 8.53
C LEU F 498 26.38 -18.04 9.93
N THR F 499 26.68 -17.13 10.85
CA THR F 499 27.17 -17.51 12.16
C THR F 499 26.18 -17.11 13.24
N PHE F 500 25.97 -18.01 14.20
CA PHE F 500 25.10 -17.77 15.34
C PHE F 500 25.95 -17.64 16.60
N PHE F 501 25.82 -16.50 17.27
CA PHE F 501 26.39 -16.29 18.60
C PHE F 501 25.34 -16.73 19.61
N PHE F 502 25.42 -17.99 20.05
CA PHE F 502 24.40 -18.57 20.91
C PHE F 502 24.86 -18.51 22.36
N GLY F 503 24.05 -17.92 23.22
CA GLY F 503 24.41 -17.86 24.62
C GLY F 503 23.24 -17.47 25.48
N GLU F 504 23.41 -17.66 26.79
CA GLU F 504 22.41 -17.30 27.77
C GLU F 504 22.52 -15.81 28.09
N THR F 505 21.65 -15.35 28.98
CA THR F 505 21.60 -13.93 29.29
C THR F 505 22.88 -13.46 29.97
N ALA F 506 23.31 -12.25 29.62
CA ALA F 506 24.47 -11.60 30.23
C ALA F 506 25.74 -12.46 30.07
N THR F 507 26.09 -12.71 28.80
CA THR F 507 27.28 -13.47 28.46
C THR F 507 28.24 -12.71 27.55
N GLY F 508 27.96 -11.46 27.23
CA GLY F 508 28.87 -10.63 26.47
C GLY F 508 28.58 -10.53 24.98
N LYS F 509 27.50 -11.13 24.49
CA LYS F 509 27.21 -11.08 23.05
C LYS F 509 27.02 -9.64 22.59
N SER F 510 26.17 -8.88 23.28
CA SER F 510 25.99 -7.48 22.92
C SER F 510 27.26 -6.66 23.14
N THR F 511 28.05 -7.03 24.14
CA THR F 511 29.32 -6.34 24.35
C THR F 511 30.26 -6.53 23.17
N THR F 512 30.37 -7.77 22.69
CA THR F 512 31.20 -8.02 21.51
C THR F 512 30.66 -7.30 20.28
N LYS F 513 29.34 -7.32 20.10
CA LYS F 513 28.74 -6.60 18.98
C LYS F 513 29.06 -5.11 19.04
N ARG F 514 28.97 -4.52 20.22
CA ARG F 514 29.26 -3.09 20.36
C ARG F 514 30.74 -2.80 20.15
N LEU F 515 31.62 -3.68 20.61
CA LEU F 515 33.04 -3.52 20.34
C LEU F 515 33.30 -3.52 18.84
N LEU F 516 32.71 -4.47 18.12
CA LEU F 516 32.89 -4.53 16.67
C LEU F 516 32.33 -3.29 15.99
N LYS F 517 31.16 -2.83 16.45
CA LYS F 517 30.57 -1.63 15.87
C LYS F 517 31.49 -0.43 16.07
N SER F 518 32.03 -0.26 17.26
CA SER F 518 32.95 0.84 17.56
C SER F 518 34.26 0.73 16.80
N ALA F 519 34.68 -0.50 16.47
CA ALA F 519 35.94 -0.67 15.74
C ALA F 519 35.81 -0.57 14.23
N ILE F 520 34.64 -0.82 13.63
CA ILE F 520 34.52 -0.75 12.18
C ILE F 520 33.50 0.29 11.70
N GLY F 521 32.93 1.09 12.60
CA GLY F 521 32.18 2.24 12.15
C GLY F 521 31.04 1.89 11.20
N ASP F 522 30.99 2.61 10.08
CA ASP F 522 29.89 2.46 9.12
C ASP F 522 29.93 1.14 8.35
N LEU F 523 31.03 0.40 8.41
CA LEU F 523 31.08 -0.91 7.78
C LEU F 523 30.21 -1.93 8.50
N PHE F 524 29.72 -1.60 9.69
CA PHE F 524 28.86 -2.44 10.49
C PHE F 524 27.42 -1.97 10.34
N VAL F 525 26.50 -2.92 10.18
CA VAL F 525 25.08 -2.59 10.02
C VAL F 525 24.23 -3.58 10.79
N GLU F 526 23.01 -3.14 11.10
CA GLU F 526 22.03 -3.95 11.81
C GLU F 526 20.74 -3.96 11.01
N THR F 527 20.09 -5.13 10.95
CA THR F 527 18.85 -5.31 10.21
C THR F 527 17.86 -6.07 11.07
N GLY F 528 16.60 -6.09 10.62
CA GLY F 528 15.56 -6.82 11.31
C GLY F 528 15.57 -8.29 10.97
N GLN F 529 14.74 -9.04 11.70
CA GLN F 529 14.64 -10.48 11.50
C GLN F 529 13.92 -10.87 10.22
N THR F 530 13.26 -9.92 9.56
CA THR F 530 12.50 -10.25 8.35
C THR F 530 13.39 -10.87 7.28
N ILE F 531 14.64 -10.42 7.18
CA ILE F 531 15.54 -10.96 6.17
C ILE F 531 15.75 -12.45 6.35
N LEU F 532 15.45 -12.99 7.54
CA LEU F 532 15.54 -14.42 7.78
C LEU F 532 14.23 -15.14 7.57
N THR F 533 13.08 -14.45 7.68
CA THR F 533 11.79 -15.12 7.68
C THR F 533 10.82 -14.61 6.61
N ASP F 534 11.14 -13.54 5.90
CA ASP F 534 10.24 -12.98 4.91
C ASP F 534 10.76 -13.24 3.50
N VAL F 535 9.83 -13.39 2.56
CA VAL F 535 10.20 -13.61 1.17
C VAL F 535 11.00 -12.40 0.67
N LEU F 536 12.18 -12.68 0.12
CA LEU F 536 13.08 -11.57 -0.25
C LEU F 536 12.58 -10.83 -1.48
N ASP F 537 12.16 -11.56 -2.51
CA ASP F 537 11.70 -10.91 -3.74
C ASP F 537 10.48 -10.05 -3.46
N LYS F 538 9.36 -10.69 -3.11
CA LYS F 538 8.14 -10.03 -2.65
C LYS F 538 7.96 -8.65 -3.27
N GLY F 539 7.86 -7.62 -2.42
CA GLY F 539 7.83 -6.25 -2.86
C GLY F 539 9.13 -5.55 -2.52
N PRO F 540 9.03 -4.38 -1.90
CA PRO F 540 10.24 -3.66 -1.48
C PRO F 540 10.79 -4.22 -0.17
N ASN F 541 12.11 -4.35 -0.12
CA ASN F 541 12.82 -4.84 1.07
C ASN F 541 13.96 -3.88 1.39
N PRO F 542 13.70 -2.83 2.16
CA PRO F 542 14.77 -1.88 2.50
C PRO F 542 15.92 -2.51 3.27
N PHE F 543 15.63 -3.52 4.11
CA PHE F 543 16.70 -4.15 4.89
C PHE F 543 17.73 -4.80 3.98
N ILE F 544 17.28 -5.51 2.95
CA ILE F 544 18.21 -6.15 2.02
C ILE F 544 19.01 -5.11 1.25
N ALA F 545 18.33 -4.05 0.77
CA ALA F 545 19.01 -3.03 0.00
C ALA F 545 19.96 -2.18 0.84
N ASN F 546 19.80 -2.19 2.16
CA ASN F 546 20.69 -1.43 3.04
C ASN F 546 21.99 -2.15 3.35
N MET F 547 22.12 -3.41 2.95
CA MET F 547 23.33 -4.20 3.20
C MET F 547 24.36 -4.08 2.08
N HIS F 548 24.11 -3.23 1.09
CA HIS F 548 24.99 -3.10 -0.07
C HIS F 548 26.38 -2.64 0.33
N LEU F 549 27.38 -3.48 0.12
CA LEU F 549 28.80 -3.23 0.34
C LEU F 549 29.19 -3.18 1.81
N LYS F 550 28.26 -3.46 2.74
CA LYS F 550 28.62 -3.53 4.14
C LYS F 550 29.42 -4.80 4.41
N ARG F 551 30.28 -4.73 5.43
CA ARG F 551 31.17 -5.84 5.75
C ARG F 551 30.75 -6.65 6.96
N SER F 552 29.79 -6.17 7.75
CA SER F 552 29.25 -6.95 8.86
C SER F 552 27.78 -6.62 9.02
N VAL F 553 26.95 -7.64 9.15
CA VAL F 553 25.51 -7.50 9.32
C VAL F 553 25.09 -8.30 10.55
N PHE F 554 24.47 -7.62 11.50
CA PHE F 554 24.05 -8.22 12.76
C PHE F 554 22.53 -8.32 12.85
N CYS F 555 22.05 -9.45 13.34
CA CYS F 555 20.67 -9.64 13.74
C CYS F 555 20.65 -10.16 15.16
N SER F 556 19.68 -9.69 15.96
CA SER F 556 19.68 -9.97 17.39
C SER F 556 18.30 -10.41 17.85
N GLU F 557 18.30 -11.14 18.97
CA GLU F 557 17.08 -11.54 19.67
C GLU F 557 16.16 -12.37 18.76
N LEU F 558 16.66 -13.53 18.36
CA LEU F 558 15.84 -14.46 17.62
C LEU F 558 14.72 -15.00 18.50
N PRO F 559 13.51 -15.13 17.99
CA PRO F 559 12.41 -15.66 18.80
C PRO F 559 12.72 -17.05 19.33
N ASP F 560 11.92 -17.48 20.30
CA ASP F 560 12.03 -18.83 20.85
C ASP F 560 11.12 -19.75 20.04
N PHE F 561 11.72 -20.54 19.14
CA PHE F 561 10.93 -21.38 18.26
C PHE F 561 10.24 -22.51 19.02
N ALA F 562 10.77 -22.88 20.17
CA ALA F 562 10.18 -23.99 20.93
C ALA F 562 8.74 -23.69 21.32
N CYS F 563 8.47 -22.46 21.78
CA CYS F 563 7.10 -22.06 22.08
C CYS F 563 6.27 -22.12 20.81
N SER F 564 5.08 -22.71 20.91
CA SER F 564 4.23 -22.89 19.75
C SER F 564 3.83 -21.54 19.16
N GLY F 565 3.77 -21.48 17.83
CA GLY F 565 3.39 -20.27 17.12
C GLY F 565 4.54 -19.50 16.51
N SER F 566 5.78 -19.79 16.91
CA SER F 566 6.93 -19.07 16.38
C SER F 566 7.20 -19.46 14.93
N LYS F 567 7.37 -18.45 14.08
CA LYS F 567 7.72 -18.71 12.69
C LYS F 567 9.13 -19.31 12.60
N LYS F 568 9.34 -20.12 11.57
CA LYS F 568 10.61 -20.82 11.37
C LYS F 568 11.46 -20.10 10.33
N ILE F 569 12.77 -20.32 10.45
CA ILE F 569 13.72 -19.71 9.51
C ILE F 569 13.58 -20.38 8.16
N ARG F 570 13.43 -19.58 7.11
CA ARG F 570 13.31 -20.10 5.75
C ARG F 570 14.67 -20.52 5.23
N SER F 571 14.83 -21.82 4.97
CA SER F 571 16.08 -22.30 4.38
C SER F 571 16.36 -21.64 3.04
N ASP F 572 15.34 -21.13 2.35
CA ASP F 572 15.53 -20.59 1.02
C ASP F 572 16.46 -19.37 1.02
N ASN F 573 16.26 -18.44 1.95
CA ASN F 573 17.05 -17.22 1.95
C ASN F 573 18.34 -17.34 2.77
N ILE F 574 18.57 -18.48 3.42
CA ILE F 574 19.92 -18.78 3.89
C ILE F 574 20.86 -18.95 2.70
N LYS F 575 20.39 -19.64 1.65
CA LYS F 575 21.18 -19.78 0.44
C LYS F 575 21.29 -18.46 -0.32
N LYS F 576 20.24 -17.64 -0.28
CA LYS F 576 20.25 -16.37 -1.00
C LYS F 576 21.10 -15.31 -0.32
N LEU F 577 21.41 -15.48 0.96
CA LEU F 577 22.27 -14.55 1.68
C LEU F 577 23.74 -14.97 1.62
N THR F 578 24.05 -16.08 0.98
CA THR F 578 25.41 -16.56 0.82
C THR F 578 25.94 -16.34 -0.59
N GLU F 579 25.15 -15.73 -1.47
CA GLU F 579 25.49 -15.51 -2.86
C GLU F 579 26.18 -14.15 -3.04
N PRO F 580 27.01 -14.02 -4.07
CA PRO F 580 27.70 -12.75 -4.30
C PRO F 580 26.75 -11.58 -4.51
N CYS F 581 25.59 -11.80 -5.08
CA CYS F 581 24.59 -10.76 -5.31
C CYS F 581 23.29 -11.14 -4.63
N VAL F 582 22.61 -10.16 -4.07
CA VAL F 582 21.32 -10.34 -3.42
C VAL F 582 20.28 -9.54 -4.19
N ILE F 583 19.16 -10.17 -4.50
CA ILE F 583 18.08 -9.55 -5.26
C ILE F 583 17.06 -8.97 -4.28
N GLY F 584 16.75 -7.70 -4.45
CA GLY F 584 15.82 -7.00 -3.58
C GLY F 584 15.88 -5.51 -3.79
N ARG F 585 14.73 -4.84 -3.80
CA ARG F 585 14.71 -3.43 -4.14
C ARG F 585 14.25 -2.59 -2.97
N PRO F 586 14.70 -1.34 -2.90
CA PRO F 586 14.21 -0.43 -1.86
C PRO F 586 12.77 0.01 -2.14
N CYS F 587 12.24 0.87 -1.28
CA CYS F 587 10.91 1.42 -1.53
C CYS F 587 10.97 2.44 -2.66
N PHE F 588 9.99 2.36 -3.56
CA PHE F 588 9.91 3.28 -4.69
C PHE F 588 11.15 3.21 -5.57
N SER F 589 11.62 2.00 -5.86
CA SER F 589 12.86 1.82 -6.59
C SER F 589 12.71 0.70 -7.61
N ASN F 590 13.56 0.76 -8.64
CA ASN F 590 13.59 -0.26 -9.69
C ASN F 590 14.89 -1.07 -9.69
N LYS F 591 15.80 -0.81 -8.75
CA LYS F 591 17.05 -1.55 -8.66
C LYS F 591 16.86 -2.77 -7.77
N ILE F 592 17.39 -3.92 -8.22
CA ILE F 592 17.11 -5.18 -7.56
C ILE F 592 18.39 -5.96 -7.27
N ASN F 593 19.55 -5.35 -7.51
CA ASN F 593 20.83 -6.03 -7.36
C ASN F 593 21.67 -5.32 -6.30
N ASN F 594 22.15 -6.07 -5.31
CA ASN F 594 23.04 -5.54 -4.28
C ASN F 594 24.23 -6.46 -4.10
N ARG F 595 25.40 -5.87 -3.87
CA ARG F 595 26.65 -6.61 -3.69
C ARG F 595 26.80 -7.04 -2.24
N ASN F 596 27.11 -8.31 -2.03
CA ASN F 596 27.14 -8.92 -0.70
C ASN F 596 28.59 -9.11 -0.27
N HIS F 597 29.02 -8.33 0.74
CA HIS F 597 30.35 -8.42 1.30
C HIS F 597 30.34 -8.70 2.79
N ALA F 598 29.20 -9.07 3.36
CA ALA F 598 28.98 -9.01 4.80
C ALA F 598 29.17 -10.35 5.46
N THR F 599 29.74 -10.32 6.67
CA THR F 599 29.69 -11.44 7.59
C THR F 599 28.40 -11.29 8.39
N ILE F 600 27.54 -12.32 8.34
CA ILE F 600 26.22 -12.25 8.92
C ILE F 600 26.22 -13.02 10.24
N ILE F 601 25.98 -12.30 11.33
CA ILE F 601 26.00 -12.86 12.67
C ILE F 601 24.65 -12.61 13.33
N ILE F 602 24.10 -13.63 13.96
CA ILE F 602 22.84 -13.56 14.69
C ILE F 602 23.12 -13.94 16.14
N ASP F 603 22.92 -12.99 17.06
CA ASP F 603 23.12 -13.25 18.47
C ASP F 603 21.80 -13.67 19.10
N THR F 604 21.81 -14.80 19.80
CA THR F 604 20.57 -15.45 20.19
C THR F 604 20.72 -16.11 21.55
N ASN F 605 19.57 -16.29 22.21
CA ASN F 605 19.46 -17.09 23.42
C ASN F 605 18.95 -18.49 23.15
N TYR F 606 18.39 -18.74 21.97
CA TYR F 606 17.77 -20.02 21.63
C TYR F 606 18.33 -20.52 20.30
N LYS F 607 18.42 -21.84 20.18
CA LYS F 607 18.94 -22.45 18.97
C LYS F 607 17.95 -22.21 17.82
N PRO F 608 18.46 -21.96 16.61
CA PRO F 608 17.56 -21.72 15.47
C PRO F 608 16.86 -23.00 15.03
N VAL F 609 15.69 -22.81 14.41
CA VAL F 609 14.88 -23.90 13.88
C VAL F 609 14.52 -23.56 12.44
N PHE F 610 14.72 -24.53 11.54
CA PHE F 610 14.53 -24.30 10.11
C PHE F 610 13.33 -25.10 9.60
N ASP F 611 12.66 -24.54 8.60
CA ASP F 611 11.47 -25.19 8.04
C ASP F 611 11.83 -26.44 7.27
N ARG F 612 12.95 -26.41 6.53
CA ARG F 612 13.35 -27.52 5.69
C ARG F 612 14.86 -27.74 5.84
N ILE F 613 15.25 -28.98 6.07
CA ILE F 613 16.65 -29.34 6.32
C ILE F 613 17.13 -30.24 5.19
N ASP F 614 18.23 -29.84 4.55
CA ASP F 614 18.86 -30.62 3.50
C ASP F 614 20.36 -30.43 3.57
N ASN F 615 21.08 -31.03 2.61
CA ASN F 615 22.54 -30.95 2.63
C ASN F 615 23.04 -29.57 2.22
N ALA F 616 22.28 -28.85 1.40
CA ALA F 616 22.71 -27.51 0.99
C ALA F 616 22.67 -26.54 2.17
N LEU F 617 21.69 -26.69 3.05
CA LEU F 617 21.59 -25.81 4.22
C LEU F 617 22.66 -26.14 5.26
N MET F 618 22.93 -27.43 5.45
CA MET F 618 23.89 -27.88 6.46
C MET F 618 25.30 -27.46 6.07
N ARG F 619 25.44 -26.96 4.84
CA ARG F 619 26.71 -26.52 4.29
C ARG F 619 27.02 -25.05 4.58
N ARG F 620 26.12 -24.34 5.29
CA ARG F 620 26.27 -22.89 5.43
C ARG F 620 25.92 -22.39 6.84
N ILE F 621 26.11 -23.21 7.86
CA ILE F 621 25.75 -22.82 9.23
C ILE F 621 26.92 -23.11 10.16
N ALA F 622 27.27 -22.11 10.99
CA ALA F 622 28.26 -22.26 12.04
C ALA F 622 27.79 -21.52 13.28
N VAL F 623 28.25 -21.97 14.45
CA VAL F 623 27.79 -21.43 15.73
C VAL F 623 28.98 -21.18 16.64
N VAL F 624 28.85 -20.14 17.48
CA VAL F 624 29.84 -19.80 18.49
C VAL F 624 29.15 -19.79 19.85
N ARG F 625 29.80 -20.41 20.84
CA ARG F 625 29.24 -20.52 22.18
C ARG F 625 29.68 -19.38 23.08
N PHE F 626 28.77 -18.96 23.97
CA PHE F 626 29.01 -17.91 24.96
C PHE F 626 28.64 -18.47 26.33
N ARG F 627 29.61 -19.05 27.02
CA ARG F 627 29.38 -19.66 28.33
C ARG F 627 30.22 -18.93 29.38
N THR F 628 29.70 -17.81 29.86
CA THR F 628 30.31 -17.06 30.94
C THR F 628 29.34 -16.00 31.44
N HIS F 629 29.04 -16.00 32.73
CA HIS F 629 28.05 -15.11 33.30
C HIS F 629 28.71 -13.90 33.95
N PHE F 630 28.09 -12.74 33.78
CA PHE F 630 28.51 -11.50 34.44
C PHE F 630 27.34 -11.06 35.32
N SER F 631 27.46 -11.29 36.63
CA SER F 631 26.34 -11.11 37.54
C SER F 631 26.70 -10.17 38.68
N GLN F 632 25.67 -9.61 39.30
CA GLN F 632 25.85 -8.85 40.51
C GLN F 632 26.22 -9.78 41.67
N PRO F 633 26.79 -9.25 42.74
CA PRO F 633 27.13 -10.11 43.87
C PRO F 633 25.95 -10.87 44.44
N SER F 634 24.77 -10.24 44.47
CA SER F 634 23.58 -10.91 45.00
C SER F 634 23.16 -12.07 44.11
N GLY F 635 23.03 -11.83 42.82
CA GLY F 635 22.59 -12.85 41.89
C GLY F 635 23.72 -13.65 41.29
N ARG F 636 24.61 -14.14 42.15
CA ARG F 636 25.77 -14.91 41.71
C ARG F 636 25.78 -16.35 42.22
N GLU F 637 25.15 -16.62 43.36
CA GLU F 637 25.11 -17.99 43.87
C GLU F 637 24.17 -18.86 43.03
N ALA F 638 22.99 -18.34 42.70
CA ALA F 638 22.05 -19.11 41.90
C ALA F 638 22.62 -19.42 40.52
N ALA F 639 23.34 -18.46 39.94
CA ALA F 639 23.95 -18.62 38.62
C ALA F 639 25.38 -19.14 38.70
N GLU F 640 25.88 -19.42 39.91
CA GLU F 640 27.28 -19.82 40.08
C GLU F 640 27.59 -21.12 39.34
N ASN F 641 26.97 -22.21 39.77
CA ASN F 641 27.24 -23.53 39.20
C ASN F 641 25.94 -24.30 39.00
N ASN F 642 24.90 -23.60 38.54
CA ASN F 642 23.57 -24.19 38.46
C ASN F 642 23.01 -24.27 37.05
N ASP F 643 23.60 -23.59 36.07
CA ASP F 643 23.04 -23.71 34.72
C ASP F 643 23.94 -23.04 33.70
N ALA F 644 24.09 -23.70 32.55
CA ALA F 644 24.46 -23.07 31.27
C ALA F 644 25.69 -22.18 31.38
N TYR F 645 26.52 -22.34 32.40
CA TYR F 645 27.70 -21.50 32.55
C TYR F 645 28.88 -22.36 32.97
N ASP F 646 30.07 -21.88 32.61
CA ASP F 646 31.32 -22.48 33.06
C ASP F 646 32.17 -21.52 33.88
N LYS F 647 31.76 -20.26 33.99
CA LYS F 647 32.51 -19.26 34.74
C LYS F 647 31.58 -18.11 35.08
N VAL F 648 31.70 -17.59 36.30
CA VAL F 648 30.90 -16.46 36.77
C VAL F 648 31.84 -15.36 37.21
N LYS F 649 31.50 -14.12 36.86
CA LYS F 649 32.32 -12.96 37.16
C LYS F 649 31.40 -11.81 37.57
N LEU F 650 32.02 -10.71 37.99
CA LEU F 650 31.29 -9.56 38.50
C LEU F 650 31.04 -8.56 37.38
N LEU F 651 29.84 -7.99 37.38
CA LEU F 651 29.47 -7.01 36.37
C LEU F 651 30.15 -5.67 36.62
N ASP F 652 30.78 -5.14 35.59
CA ASP F 652 31.39 -3.81 35.65
C ASP F 652 30.38 -2.79 35.18
N GLU F 653 30.01 -1.84 36.06
CA GLU F 653 28.93 -0.92 35.75
C GLU F 653 29.32 0.07 34.66
N GLY F 654 30.59 0.50 34.63
CA GLY F 654 31.02 1.51 33.69
C GLY F 654 31.52 1.02 32.36
N LEU F 655 31.45 -0.29 32.09
CA LEU F 655 31.98 -0.82 30.83
C LEU F 655 31.18 -0.30 29.64
N ASP F 656 29.86 -0.30 29.75
CA ASP F 656 29.02 0.11 28.62
C ASP F 656 29.28 1.56 28.24
N GLY F 657 29.38 2.44 29.23
CA GLY F 657 29.70 3.83 28.93
C GLY F 657 31.05 4.00 28.28
N LYS F 658 32.04 3.20 28.73
CA LYS F 658 33.36 3.26 28.12
C LYS F 658 33.30 2.84 26.66
N ILE F 659 32.61 1.74 26.36
CA ILE F 659 32.53 1.25 24.99
C ILE F 659 31.79 2.25 24.11
N GLN F 660 30.67 2.79 24.61
CA GLN F 660 29.91 3.77 23.83
C GLN F 660 30.72 5.01 23.54
N ASN F 661 31.79 5.25 24.29
CA ASN F 661 32.65 6.41 24.11
C ASN F 661 33.83 6.13 23.19
N ASN F 662 33.94 4.91 22.66
CA ASN F 662 35.01 4.54 21.74
C ASN F 662 36.37 4.54 22.42
N ARG F 663 36.47 3.83 23.54
CA ARG F 663 37.72 3.77 24.29
C ARG F 663 38.65 2.68 23.76
N TYR F 664 38.09 1.59 23.21
CA TYR F 664 38.87 0.46 22.74
C TYR F 664 38.82 0.31 21.22
N ARG F 665 38.50 1.39 20.51
CA ARG F 665 38.29 1.30 19.07
C ARG F 665 39.55 0.83 18.34
N PHE F 666 40.67 1.51 18.59
CA PHE F 666 41.89 1.18 17.86
C PHE F 666 42.59 -0.05 18.42
N ALA F 667 42.47 -0.32 19.73
CA ALA F 667 43.01 -1.56 20.27
C ALA F 667 42.28 -2.77 19.66
N PHE F 668 40.96 -2.70 19.58
CA PHE F 668 40.21 -3.79 18.97
C PHE F 668 40.49 -3.88 17.48
N LEU F 669 40.69 -2.74 16.81
CA LEU F 669 41.09 -2.78 15.40
C LEU F 669 42.42 -3.50 15.22
N TYR F 670 43.39 -3.20 16.09
CA TYR F 670 44.68 -3.87 16.02
C TYR F 670 44.54 -5.37 16.24
N LEU F 671 43.73 -5.77 17.23
CA LEU F 671 43.52 -7.19 17.48
C LEU F 671 42.87 -7.87 16.28
N LEU F 672 41.88 -7.21 15.68
CA LEU F 672 41.22 -7.78 14.51
C LEU F 672 42.19 -7.94 13.35
N VAL F 673 43.04 -6.96 13.11
CA VAL F 673 44.00 -7.06 12.02
C VAL F 673 44.99 -8.20 12.30
N LYS F 674 45.43 -8.34 13.55
CA LYS F 674 46.31 -9.44 13.89
C LYS F 674 45.64 -10.79 13.61
N TRP F 675 44.38 -10.94 14.02
CA TRP F 675 43.67 -12.18 13.76
C TRP F 675 43.51 -12.43 12.26
N TYR F 676 43.19 -11.38 11.50
CA TYR F 676 43.06 -11.51 10.06
C TYR F 676 44.35 -12.04 9.44
N LYS F 677 45.48 -11.46 9.84
CA LYS F 677 46.75 -11.98 9.37
C LYS F 677 46.98 -13.43 9.82
N LYS F 678 46.44 -13.79 10.99
CA LYS F 678 46.65 -15.14 11.50
C LYS F 678 45.86 -16.18 10.70
N TYR F 679 44.60 -15.90 10.40
CA TYR F 679 43.71 -16.89 9.81
C TYR F 679 43.63 -16.79 8.29
N HIS F 680 44.50 -15.99 7.67
CA HIS F 680 44.47 -15.81 6.21
C HIS F 680 45.57 -16.61 5.53
N ILE F 681 45.79 -17.85 5.94
CA ILE F 681 46.51 -18.80 5.11
C ILE F 681 45.91 -18.64 3.72
N PRO F 682 46.65 -18.93 2.64
CA PRO F 682 46.43 -18.22 1.36
C PRO F 682 45.01 -17.77 1.13
N ILE F 683 44.04 -18.64 1.40
CA ILE F 683 42.62 -18.30 1.28
C ILE F 683 41.98 -18.42 2.66
N MET F 684 41.21 -17.41 3.05
CA MET F 684 40.40 -17.45 4.25
C MET F 684 38.99 -17.90 3.89
N LYS F 685 38.56 -19.00 4.49
CA LYS F 685 37.26 -19.61 4.19
C LYS F 685 36.54 -19.94 5.48
N LEU F 686 35.24 -19.64 5.51
CA LEU F 686 34.39 -20.01 6.64
C LEU F 686 33.79 -21.38 6.39
N TYR F 687 33.86 -22.25 7.39
CA TYR F 687 33.37 -23.61 7.25
C TYR F 687 32.21 -23.87 8.20
N PRO F 688 31.31 -24.79 7.85
CA PRO F 688 30.15 -25.04 8.69
C PRO F 688 30.46 -25.97 9.85
N THR F 689 29.68 -25.81 10.93
CA THR F 689 29.76 -26.64 12.12
C THR F 689 28.37 -27.21 12.38
N PRO F 690 27.98 -28.27 11.67
CA PRO F 690 26.62 -28.79 11.78
C PRO F 690 26.36 -29.61 13.04
N GLU F 691 27.40 -30.02 13.76
CA GLU F 691 27.21 -30.81 14.97
C GLU F 691 26.64 -30.00 16.13
N GLU F 692 26.57 -28.68 16.00
CA GLU F 692 26.11 -27.82 17.08
C GLU F 692 24.66 -27.41 16.95
N ILE F 693 23.95 -27.88 15.92
CA ILE F 693 22.54 -27.59 15.73
C ILE F 693 21.76 -28.86 16.03
N PRO F 694 20.95 -28.89 17.10
CA PRO F 694 20.30 -30.15 17.49
C PRO F 694 19.43 -30.76 16.40
N ASP F 695 18.67 -29.94 15.66
CA ASP F 695 17.73 -30.52 14.69
C ASP F 695 18.42 -31.10 13.47
N PHE F 696 19.66 -30.70 13.18
CA PHE F 696 20.43 -31.40 12.16
C PHE F 696 20.76 -32.82 12.58
N ALA F 697 20.78 -33.09 13.88
CA ALA F 697 21.28 -34.35 14.42
C ALA F 697 20.81 -35.55 13.62
N PHE F 698 19.50 -35.75 13.55
CA PHE F 698 18.97 -36.94 12.89
C PHE F 698 19.57 -37.11 11.51
N TYR F 699 19.53 -36.05 10.69
CA TYR F 699 20.07 -36.16 9.34
C TYR F 699 21.51 -36.63 9.37
N LEU F 700 22.34 -35.96 10.19
CA LEU F 700 23.73 -36.39 10.33
C LEU F 700 23.79 -37.88 10.64
N LYS F 701 23.01 -38.31 11.63
CA LYS F 701 23.04 -39.71 12.03
C LYS F 701 22.70 -40.62 10.86
N ILE F 702 21.72 -40.23 10.04
CA ILE F 702 21.34 -41.06 8.90
C ILE F 702 22.54 -41.28 7.99
N GLY F 703 23.36 -40.24 7.79
CA GLY F 703 24.52 -40.37 6.93
C GLY F 703 25.50 -41.42 7.41
N THR F 704 25.49 -41.73 8.70
CA THR F 704 26.38 -42.74 9.25
C THR F 704 25.74 -44.13 9.32
N LEU F 705 24.48 -44.27 8.92
CA LEU F 705 23.77 -45.54 9.07
C LEU F 705 23.43 -46.21 7.75
N LEU F 706 23.23 -45.45 6.68
CA LEU F 706 22.74 -46.00 5.42
C LEU F 706 23.66 -45.60 4.28
N VAL F 707 23.72 -46.46 3.27
CA VAL F 707 24.46 -46.20 2.04
C VAL F 707 23.54 -46.47 0.86
N SER F 708 23.87 -45.86 -0.27
CA SER F 708 23.07 -46.02 -1.47
C SER F 708 23.43 -47.33 -2.16
N SER F 709 22.41 -48.15 -2.43
CA SER F 709 22.65 -49.44 -3.08
C SER F 709 23.20 -49.24 -4.48
N SER F 710 24.11 -50.13 -4.87
CA SER F 710 24.73 -50.07 -6.19
C SER F 710 24.94 -51.50 -6.69
N VAL F 711 25.58 -51.62 -7.85
CA VAL F 711 25.90 -52.94 -8.38
C VAL F 711 26.95 -53.63 -7.51
N LYS F 712 27.83 -52.86 -6.88
CA LYS F 712 28.88 -53.45 -6.04
C LYS F 712 28.30 -54.26 -4.88
N HIS F 713 27.05 -54.03 -4.52
CA HIS F 713 26.39 -54.78 -3.45
C HIS F 713 25.63 -55.99 -3.97
N ILE F 714 25.69 -56.27 -5.27
CA ILE F 714 24.94 -57.40 -5.84
C ILE F 714 25.36 -58.73 -5.22
N PRO F 715 26.64 -59.07 -5.15
CA PRO F 715 27.00 -60.36 -4.54
C PRO F 715 26.50 -60.51 -3.12
N LEU F 716 26.51 -59.43 -2.34
CA LEU F 716 26.02 -59.45 -0.97
C LEU F 716 24.58 -59.97 -0.92
N MET F 717 23.92 -60.00 -2.07
CA MET F 717 22.56 -60.53 -2.12
C MET F 717 22.48 -61.94 -1.56
N THR F 718 23.57 -62.71 -1.67
CA THR F 718 23.58 -64.05 -1.10
C THR F 718 23.12 -64.04 0.35
N ASP F 719 23.53 -63.03 1.10
CA ASP F 719 23.03 -62.82 2.46
C ASP F 719 21.96 -61.74 2.54
N LEU F 720 21.82 -60.91 1.51
CA LEU F 720 20.86 -59.81 1.56
C LEU F 720 19.45 -60.33 1.76
N SER F 721 19.06 -61.35 0.99
CA SER F 721 17.73 -61.93 1.16
C SER F 721 17.51 -62.39 2.58
N LYS F 722 18.56 -62.82 3.28
CA LYS F 722 18.43 -63.22 4.66
C LYS F 722 18.01 -62.05 5.54
N LYS F 723 18.61 -60.88 5.34
CA LYS F 723 18.31 -59.74 6.18
C LYS F 723 16.97 -59.09 5.83
N GLY F 724 16.54 -59.21 4.58
CA GLY F 724 15.28 -58.62 4.15
C GLY F 724 15.40 -57.89 2.83
N TYR F 725 16.62 -57.77 2.31
CA TYR F 725 16.85 -57.10 1.04
C TYR F 725 16.45 -58.02 -0.11
N ILE F 726 15.65 -57.48 -1.03
CA ILE F 726 15.18 -58.21 -2.20
C ILE F 726 15.58 -57.44 -3.45
N LEU F 727 16.25 -58.13 -4.38
CA LEU F 727 16.72 -57.50 -5.60
C LEU F 727 15.57 -57.24 -6.55
N TYR F 728 15.66 -56.13 -7.29
CA TYR F 728 14.64 -55.76 -8.27
C TYR F 728 15.33 -54.96 -9.37
N ASP F 729 15.50 -55.58 -10.54
CA ASP F 729 16.15 -54.92 -11.67
C ASP F 729 17.64 -54.69 -11.40
N ASN F 730 18.27 -55.67 -10.76
CA ASN F 730 19.70 -55.62 -10.46
C ASN F 730 20.06 -54.48 -9.51
N VAL F 731 19.08 -53.97 -8.76
CA VAL F 731 19.30 -52.91 -7.80
C VAL F 731 18.78 -53.39 -6.45
N VAL F 732 19.66 -53.48 -5.46
CA VAL F 732 19.25 -53.91 -4.13
C VAL F 732 18.30 -52.87 -3.53
N THR F 733 17.15 -53.33 -3.06
CA THR F 733 16.12 -52.46 -2.53
C THR F 733 15.58 -53.01 -1.23
N LEU F 734 14.76 -52.20 -0.56
CA LEU F 734 14.13 -52.59 0.69
C LEU F 734 12.65 -52.22 0.63
N PRO F 735 11.76 -53.16 0.95
CA PRO F 735 10.34 -52.80 1.06
C PRO F 735 10.14 -51.73 2.12
N LEU F 736 9.16 -50.85 1.89
CA LEU F 736 8.95 -49.70 2.76
C LEU F 736 8.76 -50.15 4.21
N THR F 737 7.94 -51.19 4.43
CA THR F 737 7.69 -51.65 5.79
C THR F 737 8.97 -52.13 6.47
N THR F 738 9.80 -52.87 5.73
CA THR F 738 11.06 -53.35 6.31
C THR F 738 11.97 -52.20 6.68
N PHE F 739 12.07 -51.18 5.81
CA PHE F 739 12.90 -50.03 6.10
C PHE F 739 12.38 -49.29 7.34
N GLN F 740 11.07 -49.11 7.43
CA GLN F 740 10.50 -48.43 8.60
C GLN F 740 10.81 -49.21 9.87
N GLN F 741 10.64 -50.54 9.83
CA GLN F 741 10.93 -51.35 11.00
C GLN F 741 12.39 -51.25 11.40
N LYS F 742 13.30 -51.29 10.43
CA LYS F 742 14.72 -51.18 10.74
C LYS F 742 15.06 -49.81 11.31
N ILE F 743 14.46 -48.75 10.76
CA ILE F 743 14.74 -47.41 11.25
C ILE F 743 14.22 -47.23 12.67
N SER F 744 13.09 -47.86 12.99
CA SER F 744 12.50 -47.68 14.31
C SER F 744 13.45 -48.09 15.43
N LYS F 745 14.44 -48.94 15.13
CA LYS F 745 15.40 -49.35 16.16
C LYS F 745 16.30 -48.20 16.56
N TYR F 746 16.87 -47.48 15.59
CA TYR F 746 17.87 -46.47 15.90
C TYR F 746 17.27 -45.20 16.49
N PHE F 747 16.07 -44.82 16.07
CA PHE F 747 15.47 -43.56 16.48
C PHE F 747 14.11 -43.81 17.12
N ASN F 748 13.88 -43.17 18.27
CA ASN F 748 12.56 -43.24 18.89
C ASN F 748 11.51 -42.64 17.96
N SER F 749 10.41 -43.36 17.78
CA SER F 749 9.39 -42.92 16.83
C SER F 749 8.77 -41.59 17.25
N ARG F 750 8.45 -41.45 18.53
CA ARG F 750 7.75 -40.24 18.99
C ARG F 750 8.59 -38.99 18.76
N LEU F 751 9.89 -39.05 19.09
CA LEU F 751 10.74 -37.87 18.99
C LEU F 751 11.26 -37.63 17.58
N PHE F 752 11.15 -38.60 16.67
CA PHE F 752 11.71 -38.47 15.33
C PHE F 752 10.73 -38.89 14.25
N GLY F 753 9.43 -38.88 14.54
CA GLY F 753 8.46 -39.33 13.54
C GLY F 753 8.44 -38.42 12.32
N HIS F 754 8.42 -37.11 12.53
CA HIS F 754 8.30 -36.18 11.41
C HIS F 754 9.49 -36.31 10.47
N ASP F 755 10.70 -36.32 11.01
CA ASP F 755 11.89 -36.41 10.17
C ASP F 755 11.95 -37.74 9.43
N ILE F 756 11.60 -38.83 10.12
CA ILE F 756 11.62 -40.15 9.47
C ILE F 756 10.63 -40.17 8.31
N GLU F 757 9.42 -39.68 8.53
CA GLU F 757 8.43 -39.65 7.47
C GLU F 757 8.87 -38.76 6.31
N SER F 758 9.45 -37.61 6.62
CA SER F 758 9.93 -36.72 5.57
C SER F 758 11.00 -37.39 4.74
N PHE F 759 11.95 -38.08 5.39
CA PHE F 759 13.00 -38.78 4.65
C PHE F 759 12.41 -39.88 3.77
N ILE F 760 11.48 -40.67 4.32
CA ILE F 760 10.90 -41.77 3.55
C ILE F 760 10.17 -41.25 2.34
N ASN F 761 9.37 -40.20 2.51
CA ASN F 761 8.62 -39.66 1.38
C ASN F 761 9.50 -38.86 0.42
N ARG F 762 10.69 -38.43 0.88
CA ARG F 762 11.63 -37.76 -0.01
C ARG F 762 12.39 -38.75 -0.87
N HIS F 763 12.65 -39.96 -0.36
CA HIS F 763 13.49 -40.92 -1.08
C HIS F 763 12.77 -42.17 -1.57
N LYS F 764 11.51 -42.38 -1.19
CA LYS F 764 10.82 -43.59 -1.57
C LYS F 764 10.63 -43.67 -3.08
N LYS F 765 10.73 -44.88 -3.62
CA LYS F 765 10.47 -45.14 -5.02
C LYS F 765 9.12 -45.85 -5.17
N PHE F 766 8.77 -46.14 -6.43
CA PHE F 766 7.50 -46.77 -6.74
C PHE F 766 7.72 -47.92 -7.71
N ALA F 767 6.82 -48.90 -7.65
CA ALA F 767 6.88 -50.06 -8.55
C ALA F 767 5.72 -51.01 -8.28
N ASP F 771 2.92 -49.87 -4.61
CA ASP F 771 4.17 -50.44 -4.10
C ASP F 771 5.28 -49.39 -4.09
N GLU F 772 6.06 -49.38 -3.02
CA GLU F 772 7.16 -48.43 -2.88
C GLU F 772 8.40 -49.17 -2.37
N TYR F 773 9.56 -48.71 -2.82
CA TYR F 773 10.83 -49.30 -2.43
C TYR F 773 11.83 -48.20 -2.09
N LEU F 774 12.84 -48.56 -1.31
CA LEU F 774 13.92 -47.65 -0.95
C LEU F 774 15.25 -48.29 -1.34
N GLN F 775 16.04 -47.57 -2.14
CA GLN F 775 17.32 -48.07 -2.62
C GLN F 775 18.44 -47.72 -1.63
N TYR F 776 18.30 -48.24 -0.41
CA TYR F 776 19.27 -47.99 0.65
C TYR F 776 19.63 -49.31 1.32
N ILE F 777 20.85 -49.37 1.85
CA ILE F 777 21.35 -50.54 2.55
C ILE F 777 21.96 -50.09 3.88
N PHE F 778 21.64 -50.83 4.94
CA PHE F 778 22.18 -50.51 6.25
C PHE F 778 23.61 -51.04 6.37
N ILE F 779 24.53 -50.17 6.79
CA ILE F 779 25.93 -50.56 6.86
C ILE F 779 26.14 -51.70 7.86
N GLU F 780 25.28 -51.81 8.87
CA GLU F 780 25.39 -52.90 9.82
C GLU F 780 25.21 -54.25 9.14
N ASP F 781 24.24 -54.35 8.23
CA ASP F 781 24.01 -55.61 7.54
C ASP F 781 25.20 -55.97 6.65
N ILE F 782 25.78 -54.99 5.97
CA ILE F 782 26.90 -55.24 5.08
C ILE F 782 28.15 -55.58 5.90
MG MG H . 0.91 -19.38 -28.34
PG ANP I . 0.15 -22.73 -27.87
O1G ANP I . -0.83 -23.86 -27.69
O2G ANP I . 1.50 -23.32 -28.21
O3G ANP I . 0.25 -21.99 -26.55
PB ANP I . -0.43 -21.92 -30.67
O1B ANP I . -0.61 -23.35 -31.04
O2B ANP I . -1.32 -20.90 -31.30
N3B ANP I . -0.36 -21.71 -29.05
PA ANP I . 1.83 -21.52 -32.56
O1A ANP I . 0.91 -21.01 -33.60
O2A ANP I . 3.11 -20.82 -32.31
O3A ANP I . 1.04 -21.53 -31.16
O5' ANP I . 2.07 -23.09 -32.78
C5' ANP I . 2.24 -23.54 -34.14
C4' ANP I . 3.71 -23.75 -34.47
O4' ANP I . 3.79 -24.39 -35.75
C3' ANP I . 4.53 -22.47 -34.61
O3' ANP I . 5.91 -22.74 -34.36
C2' ANP I . 4.27 -22.12 -36.07
O2' ANP I . 5.21 -21.20 -36.62
C1' ANP I . 4.37 -23.50 -36.70
N9 ANP I . 3.77 -23.73 -38.04
C8 ANP I . 4.23 -24.64 -38.96
N7 ANP I . 3.52 -24.65 -40.07
C5 ANP I . 2.56 -23.69 -39.88
C6 ANP I . 1.51 -23.21 -40.68
N6 ANP I . 1.25 -23.66 -41.90
N1 ANP I . 0.72 -22.24 -40.17
C2 ANP I . 0.98 -21.78 -38.93
N3 ANP I . 1.95 -22.15 -38.09
C4 ANP I . 2.70 -23.11 -38.63
MG MG J . 24.54 -22.72 -5.98
MG MG K . -26.43 -1.85 -21.99
PG ANP L . -28.11 -5.01 -21.69
O1G ANP L . -27.60 -6.30 -22.27
O2G ANP L . -26.94 -4.22 -21.16
O3G ANP L . -29.03 -5.32 -20.53
PB ANP L . -29.75 -2.77 -22.70
O1B ANP L . -31.06 -3.04 -22.01
O2B ANP L . -28.90 -1.64 -22.21
N3B ANP L . -28.89 -4.15 -22.85
PA ANP L . -29.35 -1.70 -25.40
O1A ANP L . -27.93 -1.58 -24.98
O2A ANP L . -30.03 -0.46 -25.86
O3A ANP L . -30.17 -2.35 -24.19
O5' ANP L . -29.46 -2.81 -26.53
C5' ANP L . -30.70 -2.88 -27.26
C4' ANP L . -30.39 -2.90 -28.74
O4' ANP L . -31.61 -2.71 -29.47
C3' ANP L . -29.45 -1.77 -29.21
O3' ANP L . -28.71 -2.21 -30.35
C2' ANP L . -30.45 -0.70 -29.63
O2' ANP L . -29.90 0.30 -30.48
C1' ANP L . -31.46 -1.59 -30.34
N9 ANP L . -32.78 -1.04 -30.69
C8 ANP L . -33.46 -1.27 -31.86
N7 ANP L . -34.62 -0.65 -31.93
C5 ANP L . -34.72 0.02 -30.73
C6 ANP L . -35.71 0.86 -30.18
N6 ANP L . -36.84 1.17 -30.80
N1 ANP L . -35.47 1.37 -28.95
C2 ANP L . -34.33 1.06 -28.33
N3 ANP L . -33.33 0.28 -28.74
C4 ANP L . -33.58 -0.21 -29.96
PG ANP M . -5.72 6.57 38.33
O1G ANP M . -7.15 6.65 37.84
O2G ANP M . -4.81 6.77 37.14
O3G ANP M . -5.47 5.20 38.92
PB ANP M . -4.14 8.00 40.40
O1B ANP M . -4.20 7.22 41.68
O2B ANP M . -2.85 8.01 39.62
N3B ANP M . -5.44 7.74 39.42
PA ANP M . -4.32 10.88 40.00
O1A ANP M . -4.90 10.64 38.66
O2A ANP M . -2.94 11.41 40.12
O3A ANP M . -4.40 9.51 40.84
O5' ANP M . -5.31 11.80 40.85
C5' ANP M . -5.07 11.85 42.28
C4' ANP M . -5.91 12.96 42.86
O4' ANP M . -5.53 13.14 44.24
C3' ANP M . -5.74 14.33 42.18
O3' ANP M . -7.00 14.97 42.06
C2' ANP M . -4.81 15.06 43.17
O2' ANP M . -4.88 16.47 43.07
C1' ANP M . -5.37 14.53 44.49
N9 ANP M . -4.59 14.75 45.70
C8 ANP M . -5.11 14.98 46.97
N7 ANP M . -4.18 15.14 47.89
C5 ANP M . -2.99 15.01 47.21
C6 ANP M . -1.64 15.08 47.62
N6 ANP M . -1.27 15.30 48.88
N1 ANP M . -0.69 14.90 46.66
C2 ANP M . -1.08 14.67 45.40
N3 ANP M . -2.31 14.59 44.90
C4 ANP M . -3.22 14.77 45.87
MG MG N . 21.99 -8.31 24.27
PG ANP O . 24.97 -25.59 -3.79
O1G ANP O . 26.23 -25.31 -2.99
O2G ANP O . 24.16 -24.33 -3.93
O3G ANP O . 24.14 -26.59 -3.02
PB ANP O . 26.19 -25.51 -6.49
O1B ANP O . 26.35 -26.45 -7.65
O2B ANP O . 25.72 -24.11 -6.78
N3B ANP O . 25.34 -26.18 -5.28
PA ANP O . 28.93 -24.47 -6.45
O1A ANP O . 29.37 -24.92 -7.79
O2A ANP O . 28.61 -23.04 -6.28
O3A ANP O . 27.68 -25.32 -5.92
O5' ANP O . 30.06 -24.84 -5.37
C5' ANP O . 30.94 -25.94 -5.68
C4' ANP O . 32.30 -25.66 -5.10
O4' ANP O . 33.27 -26.54 -5.74
C3' ANP O . 32.80 -24.24 -5.33
O3' ANP O . 33.55 -23.79 -4.21
C2' ANP O . 33.66 -24.40 -6.58
O2' ANP O . 34.59 -23.34 -6.77
C1' ANP O . 34.32 -25.73 -6.25
N9 ANP O . 35.04 -26.45 -7.33
C8 ANP O . 36.19 -27.20 -7.18
N7 ANP O . 36.62 -27.73 -8.31
C5 ANP O . 35.71 -27.30 -9.25
C6 ANP O . 35.62 -27.52 -10.64
N6 ANP O . 36.49 -28.26 -11.34
N1 ANP O . 34.58 -26.95 -11.29
C2 ANP O . 33.70 -26.21 -10.58
N3 ANP O . 33.69 -25.94 -9.28
C4 ANP O . 34.74 -26.52 -8.67
PG ANP P . 21.35 -10.69 26.78
O1G ANP P . 20.32 -10.38 27.84
O2G ANP P . 20.97 -9.96 25.51
O3G ANP P . 21.34 -12.17 26.51
PB ANP P . 24.27 -10.37 26.51
O1B ANP P . 24.77 -11.78 26.59
O2B ANP P . 24.26 -9.69 25.17
N3B ANP P . 22.83 -10.21 27.27
PA ANP P . 25.42 -7.94 27.66
O1A ANP P . 24.27 -7.28 26.98
O2A ANP P . 26.78 -7.49 27.32
O3A ANP P . 25.29 -9.52 27.40
O5' ANP P . 25.20 -7.86 29.24
C5' ANP P . 26.29 -8.36 30.06
C4' ANP P . 26.72 -7.27 31.01
O4' ANP P . 27.96 -7.68 31.63
C3' ANP P . 26.99 -5.90 30.37
O3' ANP P . 26.47 -4.88 31.20
C2' ANP P . 28.51 -5.87 30.30
O2' ANP P . 29.05 -4.56 30.21
C1' ANP P . 28.85 -6.58 31.61
N9 ANP P . 30.23 -7.04 31.82
C8 ANP P . 30.88 -7.09 33.05
N7 ANP P . 32.12 -7.55 32.95
C5 ANP P . 32.29 -7.82 31.61
C6 ANP P . 33.38 -8.32 30.88
N6 ANP P . 34.55 -8.66 31.42
N1 ANP P . 33.21 -8.46 29.54
C2 ANP P . 32.04 -8.12 29.00
N3 ANP P . 30.94 -7.64 29.59
C4 ANP P . 31.15 -7.50 30.91
#